data_9RAU
#
_entry.id   9RAU
#
_cell.length_a   97.764
_cell.length_b   98.946
_cell.length_c   103.032
_cell.angle_alpha   78.040
_cell.angle_beta   75.630
_cell.angle_gamma   67.010
#
_symmetry.space_group_name_H-M   'P 1'
#
loop_
_entity.id
_entity.type
_entity.pdbx_description
1 polymer 'NADP-dependent glyceraldehyde-3-phosphate dehydrogenase'
2 non-polymer 'SULFATE ION'
3 non-polymer pyrimidin-5-amine
4 non-polymer 2-[BIS-(2-HYDROXY-ETHYL)-AMINO]-2-HYDROXYMETHYL-PROPANE-1,3-DIOL
5 non-polymer GLYCEROL
6 non-polymer '4-(2-HYDROXYETHYL)-1-PIPERAZINE ETHANESULFONIC ACID'
7 non-polymer 'CHLORIDE ION'
8 water water
#
_entity_poly.entity_id   1
_entity_poly.type   'polypeptide(L)'
_entity_poly.pdbx_seq_one_letter_code
;ASWSHPQFEKIEGRRDRGPEFLAKQYKNLVNGEWKLSENEITIYAPATGEELGSVPAMTQAEVDAVYASAKKALSDWRTL
SYVERAAYLHKAADILVRDAEKIGAILSKEVAKGHKAAVSEVIRTAEIINYAAEEGLRMEGEVLEGGSFEAASKKKIAIV
RREPVGLVLAISPFNYPVNLAGSKIAPALIAGNVVALKPPTQGSISGLLLAEAFAEAGIPAGVFNTITGRGSVIGDYIVE
HEAVNFINFTGSTPIGEGIGKLAGMRPIMLELGGKDSAIVLEDADLALAAKNIVAGAFGYSGQRSTAVKRVLVMDKVADQ
LAAEIKTLVEKLSVGMPEDDADITPLIDTSAADFVEGLIKDATDKGATALTAFNREGNLISPVLFDHVTTDMRLAWEEPF
GPVLPIIRVTTVEEAIKISNESEYGLQASIFTTNFPKAFGIAEQLEVGTVHLNNKTQRGTDNFPFLGAKKSGAGVQGVKY
SIEAMTTVKSVVFDIQ
;
_entity_poly.pdbx_strand_id   A,B,C,D,E,F,G,H
#
# COMPACT_ATOMS: atom_id res chain seq x y z
N ALA A 23 -65.57 -22.12 5.75
CA ALA A 23 -65.28 -21.16 6.80
C ALA A 23 -65.62 -21.76 8.17
N LYS A 24 -64.61 -21.84 9.04
CA LYS A 24 -64.75 -22.45 10.35
C LYS A 24 -64.08 -21.57 11.41
N GLN A 25 -64.39 -21.85 12.66
CA GLN A 25 -63.76 -21.19 13.79
C GLN A 25 -62.47 -21.95 14.12
N TYR A 26 -61.33 -21.29 13.94
CA TYR A 26 -60.03 -21.90 14.20
C TYR A 26 -59.57 -21.62 15.63
N LYS A 27 -58.70 -22.50 16.13
CA LYS A 27 -58.30 -22.48 17.53
C LYS A 27 -56.78 -22.60 17.62
N ASN A 28 -56.23 -22.08 18.72
CA ASN A 28 -54.80 -22.17 18.97
C ASN A 28 -54.46 -23.49 19.63
N LEU A 29 -53.31 -24.05 19.26
CA LEU A 29 -52.76 -25.22 19.93
C LEU A 29 -52.06 -24.77 21.19
N VAL A 30 -52.63 -25.09 22.36
CA VAL A 30 -52.07 -24.69 23.63
C VAL A 30 -52.02 -25.91 24.55
N ASN A 31 -50.81 -26.32 24.91
CA ASN A 31 -50.61 -27.41 25.86
C ASN A 31 -51.44 -28.62 25.44
N GLY A 32 -51.35 -28.96 24.17
CA GLY A 32 -51.95 -30.18 23.66
C GLY A 32 -53.43 -30.11 23.35
N GLU A 33 -54.07 -28.96 23.58
CA GLU A 33 -55.49 -28.81 23.32
C GLU A 33 -55.73 -27.59 22.44
N TRP A 34 -56.85 -27.63 21.72
CA TRP A 34 -57.22 -26.56 20.79
C TRP A 34 -58.10 -25.57 21.54
N LYS A 35 -57.54 -24.42 21.91
CA LYS A 35 -58.20 -23.45 22.77
C LYS A 35 -58.82 -22.33 21.95
N LEU A 36 -60.03 -21.95 22.32
CA LEU A 36 -60.66 -20.75 21.78
C LEU A 36 -60.40 -19.56 22.70
N SER A 37 -60.63 -18.37 22.17
CA SER A 37 -60.56 -17.14 22.94
C SER A 37 -61.95 -16.51 23.00
N GLU A 38 -62.12 -15.59 23.95
CA GLU A 38 -63.39 -14.90 24.07
C GLU A 38 -63.68 -14.05 22.85
N ASN A 39 -62.66 -13.34 22.36
CA ASN A 39 -62.77 -12.56 21.13
C ASN A 39 -62.07 -13.28 20.00
N GLU A 40 -62.40 -12.89 18.77
CA GLU A 40 -61.84 -13.54 17.60
C GLU A 40 -61.76 -12.53 16.45
N ILE A 41 -60.96 -12.89 15.45
CA ILE A 41 -60.69 -12.06 14.28
C ILE A 41 -61.15 -12.83 13.06
N THR A 42 -62.01 -12.22 12.26
CA THR A 42 -62.46 -12.85 11.02
C THR A 42 -61.47 -12.54 9.91
N ILE A 43 -61.11 -13.58 9.15
CA ILE A 43 -60.14 -13.48 8.07
CA ILE A 43 -60.14 -13.49 8.07
C ILE A 43 -60.87 -13.54 6.74
N TYR A 44 -60.48 -12.68 5.81
CA TYR A 44 -61.08 -12.64 4.48
C TYR A 44 -59.99 -12.81 3.43
N ALA A 45 -60.33 -13.50 2.35
CA ALA A 45 -59.39 -13.66 1.25
C ALA A 45 -59.09 -12.31 0.63
N PRO A 46 -57.82 -11.91 0.49
CA PRO A 46 -57.52 -10.57 -0.04
C PRO A 46 -57.93 -10.38 -1.49
N ALA A 47 -58.09 -11.44 -2.25
CA ALA A 47 -58.44 -11.31 -3.67
C ALA A 47 -59.94 -11.31 -3.91
N THR A 48 -60.71 -12.04 -3.09
CA THR A 48 -62.13 -12.24 -3.32
C THR A 48 -63.03 -11.67 -2.24
N GLY A 49 -62.49 -11.36 -1.06
CA GLY A 49 -63.32 -10.99 0.06
C GLY A 49 -64.06 -12.13 0.72
N GLU A 50 -63.81 -13.37 0.27
CA GLU A 50 -64.45 -14.54 0.88
C GLU A 50 -64.03 -14.66 2.33
N GLU A 51 -65.01 -14.96 3.19
CA GLU A 51 -64.74 -15.20 4.61
C GLU A 51 -64.19 -16.61 4.79
N LEU A 52 -62.98 -16.71 5.34
CA LEU A 52 -62.31 -18.00 5.47
C LEU A 52 -62.46 -18.63 6.83
N GLY A 53 -62.88 -17.86 7.83
CA GLY A 53 -63.00 -18.32 9.19
C GLY A 53 -62.53 -17.25 10.14
N SER A 54 -62.23 -17.66 11.37
CA SER A 54 -61.80 -16.75 12.41
C SER A 54 -60.69 -17.40 13.22
N VAL A 55 -59.79 -16.57 13.72
CA VAL A 55 -58.70 -17.03 14.59
C VAL A 55 -58.87 -16.35 15.94
N PRO A 56 -58.37 -16.93 17.03
CA PRO A 56 -58.56 -16.32 18.34
C PRO A 56 -57.83 -14.99 18.44
N ALA A 57 -58.37 -14.12 19.28
CA ALA A 57 -57.73 -12.86 19.65
C ALA A 57 -57.31 -13.00 21.12
N MET A 58 -56.12 -13.54 21.32
CA MET A 58 -55.67 -13.87 22.66
C MET A 58 -55.44 -12.62 23.50
N THR A 59 -55.65 -12.77 24.81
CA THR A 59 -55.29 -11.79 25.81
C THR A 59 -53.86 -12.03 26.29
N GLN A 60 -53.32 -11.07 27.03
CA GLN A 60 -51.98 -11.24 27.58
C GLN A 60 -51.95 -12.39 28.59
N ALA A 61 -53.06 -12.64 29.29
CA ALA A 61 -53.11 -13.75 30.24
C ALA A 61 -53.03 -15.09 29.52
N GLU A 62 -53.68 -15.21 28.36
CA GLU A 62 -53.59 -16.44 27.57
C GLU A 62 -52.19 -16.63 27.00
N VAL A 63 -51.49 -15.54 26.68
CA VAL A 63 -50.07 -15.66 26.31
C VAL A 63 -49.28 -16.24 27.49
N ASP A 64 -49.49 -15.68 28.69
CA ASP A 64 -48.83 -16.22 29.88
C ASP A 64 -49.04 -17.72 30.02
N ALA A 65 -50.26 -18.19 29.77
CA ALA A 65 -50.55 -19.61 29.91
C ALA A 65 -49.82 -20.42 28.85
N VAL A 66 -49.73 -19.90 27.62
CA VAL A 66 -48.99 -20.60 26.58
C VAL A 66 -47.54 -20.76 27.00
N TYR A 67 -46.91 -19.68 27.46
CA TYR A 67 -45.50 -19.74 27.84
C TYR A 67 -45.30 -20.64 29.06
N ALA A 68 -46.19 -20.56 30.04
CA ALA A 68 -46.09 -21.44 31.21
C ALA A 68 -46.14 -22.90 30.79
N SER A 69 -47.00 -23.23 29.80
CA SER A 69 -47.06 -24.61 29.31
C SER A 69 -45.76 -25.01 28.64
N ALA A 70 -45.18 -24.09 27.86
CA ALA A 70 -43.95 -24.40 27.14
C ALA A 70 -42.80 -24.67 28.10
N LYS A 71 -42.61 -23.80 29.08
CA LYS A 71 -41.50 -23.98 30.01
C LYS A 71 -41.70 -25.22 30.86
N LYS A 72 -42.95 -25.53 31.22
CA LYS A 72 -43.20 -26.75 31.96
C LYS A 72 -42.92 -27.99 31.13
N ALA A 73 -43.12 -27.93 29.81
CA ALA A 73 -42.84 -29.08 28.97
C ALA A 73 -41.37 -29.16 28.54
N LEU A 74 -40.60 -28.09 28.75
CA LEU A 74 -39.22 -28.07 28.27
C LEU A 74 -38.39 -29.19 28.88
N SER A 75 -38.50 -29.40 30.21
CA SER A 75 -37.58 -30.30 30.89
C SER A 75 -37.65 -31.71 30.31
N ASP A 76 -38.86 -32.24 30.11
CA ASP A 76 -38.99 -33.58 29.56
C ASP A 76 -38.57 -33.62 28.09
N TRP A 77 -38.92 -32.59 27.33
CA TRP A 77 -38.59 -32.57 25.91
C TRP A 77 -37.09 -32.58 25.68
N ARG A 78 -36.35 -31.76 26.43
CA ARG A 78 -34.92 -31.68 26.19
C ARG A 78 -34.18 -32.94 26.64
N THR A 79 -34.76 -33.75 27.52
CA THR A 79 -34.11 -34.98 27.96
C THR A 79 -34.38 -36.17 27.04
N LEU A 80 -35.26 -36.03 26.07
CA LEU A 80 -35.42 -37.07 25.07
C LEU A 80 -34.13 -37.19 24.25
N SER A 81 -33.97 -38.36 23.63
CA SER A 81 -32.88 -38.56 22.70
C SER A 81 -33.15 -37.79 21.42
N TYR A 82 -32.08 -37.52 20.67
CA TYR A 82 -32.24 -36.85 19.38
C TYR A 82 -33.18 -37.65 18.47
N VAL A 83 -32.97 -38.97 18.37
CA VAL A 83 -33.77 -39.77 17.45
C VAL A 83 -35.24 -39.73 17.82
N GLU A 84 -35.55 -39.60 19.11
CA GLU A 84 -36.93 -39.47 19.54
C GLU A 84 -37.53 -38.14 19.09
N ARG A 85 -36.78 -37.05 19.23
CA ARG A 85 -37.29 -35.77 18.74
C ARG A 85 -37.44 -35.78 17.23
N ALA A 86 -36.51 -36.45 16.52
CA ALA A 86 -36.57 -36.48 15.06
C ALA A 86 -37.81 -37.22 14.56
N ALA A 87 -38.26 -38.23 15.31
CA ALA A 87 -39.42 -39.01 14.88
C ALA A 87 -40.67 -38.15 14.78
N TYR A 88 -40.85 -37.21 15.71
CA TYR A 88 -42.01 -36.33 15.65
C TYR A 88 -41.99 -35.47 14.40
N LEU A 89 -40.82 -34.93 14.06
CA LEU A 89 -40.73 -34.05 12.89
C LEU A 89 -41.01 -34.81 11.61
N HIS A 90 -40.45 -36.01 11.47
CA HIS A 90 -40.72 -36.80 10.28
C HIS A 90 -42.21 -37.07 10.12
N LYS A 91 -42.91 -37.41 11.23
CA LYS A 91 -44.34 -37.68 11.13
C LYS A 91 -45.11 -36.43 10.75
N ALA A 92 -44.74 -35.28 11.32
CA ALA A 92 -45.37 -34.03 10.94
C ALA A 92 -45.19 -33.76 9.46
N ALA A 93 -43.98 -33.99 8.94
CA ALA A 93 -43.75 -33.74 7.52
C ALA A 93 -44.53 -34.70 6.64
N ASP A 94 -44.61 -35.98 7.04
CA ASP A 94 -45.44 -36.92 6.31
C ASP A 94 -46.90 -36.47 6.28
N ILE A 95 -47.38 -35.89 7.39
CA ILE A 95 -48.76 -35.43 7.44
C ILE A 95 -48.97 -34.23 6.51
N LEU A 96 -47.98 -33.33 6.46
CA LEU A 96 -48.10 -32.16 5.58
C LEU A 96 -48.17 -32.58 4.12
N VAL A 97 -47.35 -33.53 3.71
CA VAL A 97 -47.39 -34.01 2.34
C VAL A 97 -48.77 -34.57 2.02
N ARG A 98 -49.35 -35.31 2.98
CA ARG A 98 -50.69 -35.86 2.77
C ARG A 98 -51.70 -34.75 2.55
N ASP A 99 -51.69 -33.73 3.41
CA ASP A 99 -52.69 -32.66 3.37
C ASP A 99 -52.19 -31.45 2.60
N ALA A 100 -51.27 -31.63 1.67
CA ALA A 100 -50.68 -30.49 0.96
C ALA A 100 -51.73 -29.77 0.12
N GLU A 101 -52.53 -30.54 -0.62
CA GLU A 101 -53.61 -29.93 -1.39
C GLU A 101 -54.57 -29.19 -0.47
N LYS A 102 -54.99 -29.83 0.62
CA LYS A 102 -55.95 -29.21 1.53
C LYS A 102 -55.42 -27.91 2.11
N ILE A 103 -54.18 -27.93 2.58
CA ILE A 103 -53.60 -26.75 3.23
C ILE A 103 -53.31 -25.66 2.19
N GLY A 104 -52.66 -26.04 1.09
CA GLY A 104 -52.36 -25.07 0.06
C GLY A 104 -53.60 -24.37 -0.47
N ALA A 105 -54.71 -25.09 -0.57
CA ALA A 105 -55.93 -24.50 -1.11
C ALA A 105 -56.41 -23.35 -0.23
N ILE A 106 -56.39 -23.54 1.09
CA ILE A 106 -56.76 -22.47 2.00
C ILE A 106 -55.65 -21.43 2.07
N LEU A 107 -54.39 -21.86 2.09
CA LEU A 107 -53.29 -20.91 2.09
C LEU A 107 -53.33 -20.01 0.85
N SER A 108 -53.71 -20.56 -0.29
CA SER A 108 -53.86 -19.74 -1.49
C SER A 108 -54.89 -18.63 -1.29
N LYS A 109 -56.03 -18.95 -0.67
CA LYS A 109 -57.04 -17.93 -0.43
C LYS A 109 -56.56 -16.88 0.58
N GLU A 110 -55.88 -17.32 1.63
CA GLU A 110 -55.65 -16.44 2.78
C GLU A 110 -54.70 -15.30 2.43
N VAL A 111 -53.73 -15.53 1.57
CA VAL A 111 -52.74 -14.51 1.24
C VAL A 111 -52.61 -14.36 -0.27
N ALA A 112 -53.65 -14.75 -0.99
CA ALA A 112 -53.74 -14.53 -2.43
C ALA A 112 -52.48 -15.02 -3.15
N LYS A 113 -52.10 -16.26 -2.85
CA LYS A 113 -51.00 -16.91 -3.53
C LYS A 113 -51.59 -17.88 -4.55
N GLY A 114 -50.92 -18.01 -5.68
CA GLY A 114 -51.33 -18.97 -6.69
C GLY A 114 -51.58 -20.33 -6.08
N HIS A 115 -52.64 -21.01 -6.52
CA HIS A 115 -53.02 -22.27 -5.91
C HIS A 115 -51.87 -23.27 -5.98
N LYS A 116 -51.27 -23.43 -7.16
CA LYS A 116 -50.18 -24.38 -7.30
C LYS A 116 -48.98 -23.96 -6.45
N ALA A 117 -48.68 -22.66 -6.41
CA ALA A 117 -47.56 -22.19 -5.61
C ALA A 117 -47.80 -22.39 -4.12
N ALA A 118 -49.05 -22.24 -3.68
CA ALA A 118 -49.39 -22.47 -2.28
C ALA A 118 -49.15 -23.92 -1.88
N VAL A 119 -49.54 -24.85 -2.75
CA VAL A 119 -49.30 -26.27 -2.46
C VAL A 119 -47.80 -26.55 -2.45
N SER A 120 -47.07 -25.95 -3.40
CA SER A 120 -45.62 -26.15 -3.44
C SER A 120 -44.96 -25.63 -2.17
N GLU A 121 -45.51 -24.56 -1.59
CA GLU A 121 -44.98 -24.08 -0.32
C GLU A 121 -45.08 -25.15 0.76
N VAL A 122 -46.24 -25.80 0.85
CA VAL A 122 -46.45 -26.82 1.88
C VAL A 122 -45.50 -28.00 1.66
N ILE A 123 -45.37 -28.45 0.42
CA ILE A 123 -44.45 -29.55 0.11
C ILE A 123 -43.03 -29.16 0.51
N ARG A 124 -42.62 -27.95 0.15
CA ARG A 124 -41.27 -27.49 0.50
C ARG A 124 -41.08 -27.45 2.02
N THR A 125 -42.13 -27.05 2.75
CA THR A 125 -42.02 -27.02 4.20
C THR A 125 -41.72 -28.39 4.77
N ALA A 126 -42.37 -29.43 4.22
CA ALA A 126 -42.10 -30.79 4.68
C ALA A 126 -40.67 -31.21 4.37
N GLU A 127 -40.17 -30.85 3.18
CA GLU A 127 -38.77 -31.09 2.87
C GLU A 127 -37.87 -30.46 3.92
N ILE A 128 -38.16 -29.22 4.32
CA ILE A 128 -37.33 -28.56 5.32
C ILE A 128 -37.44 -29.27 6.66
N ILE A 129 -38.66 -29.67 7.04
CA ILE A 129 -38.85 -30.30 8.34
C ILE A 129 -38.11 -31.64 8.43
N ASN A 130 -38.18 -32.45 7.36
CA ASN A 130 -37.43 -33.70 7.33
C ASN A 130 -35.93 -33.44 7.39
N TYR A 131 -35.46 -32.49 6.57
CA TYR A 131 -34.04 -32.19 6.54
C TYR A 131 -33.54 -31.67 7.88
N ALA A 132 -34.36 -30.85 8.56
CA ALA A 132 -33.96 -30.36 9.87
C ALA A 132 -33.82 -31.50 10.87
N ALA A 133 -34.77 -32.44 10.87
CA ALA A 133 -34.69 -33.56 11.79
C ALA A 133 -33.38 -34.33 11.64
N GLU A 134 -33.02 -34.66 10.40
CA GLU A 134 -31.82 -35.47 10.18
C GLU A 134 -30.55 -34.65 10.36
N GLU A 135 -30.59 -33.36 10.05
CA GLU A 135 -29.44 -32.50 10.33
C GLU A 135 -29.19 -32.42 11.84
N GLY A 136 -30.24 -32.15 12.61
CA GLY A 136 -30.06 -31.87 14.02
C GLY A 136 -29.72 -33.08 14.86
N LEU A 137 -30.22 -34.25 14.46
CA LEU A 137 -29.99 -35.43 15.30
C LEU A 137 -28.53 -35.88 15.29
N ARG A 138 -27.75 -35.48 14.28
CA ARG A 138 -26.31 -35.76 14.24
C ARG A 138 -25.49 -34.67 14.93
N MET A 139 -26.13 -33.85 15.76
CA MET A 139 -25.42 -32.86 16.57
C MET A 139 -24.20 -33.50 17.22
N GLU A 140 -23.05 -32.87 17.03
CA GLU A 140 -21.82 -33.32 17.65
C GLU A 140 -21.27 -32.25 18.58
N GLY A 141 -20.52 -32.69 19.59
CA GLY A 141 -19.76 -31.82 20.43
C GLY A 141 -18.29 -31.81 20.04
N GLU A 142 -17.49 -31.16 20.87
CA GLU A 142 -16.06 -31.10 20.63
C GLU A 142 -15.31 -31.32 21.93
N VAL A 143 -14.10 -31.84 21.80
CA VAL A 143 -13.19 -32.07 22.92
C VAL A 143 -11.97 -31.19 22.71
N LEU A 144 -11.73 -30.29 23.63
CA LEU A 144 -10.64 -29.32 23.53
C LEU A 144 -9.54 -29.67 24.53
N GLU A 145 -8.31 -29.44 24.12
CA GLU A 145 -7.14 -29.83 24.89
C GLU A 145 -6.56 -28.60 25.57
N GLY A 146 -6.46 -28.65 26.90
CA GLY A 146 -5.79 -27.58 27.62
C GLY A 146 -4.35 -27.42 27.16
N GLY A 147 -3.73 -28.50 26.69
CA GLY A 147 -2.37 -28.48 26.20
C GLY A 147 -2.21 -27.76 24.88
N SER A 148 -3.31 -27.42 24.21
CA SER A 148 -3.20 -26.57 23.04
C SER A 148 -2.79 -25.16 23.40
N PHE A 149 -3.10 -24.73 24.62
CA PHE A 149 -2.84 -23.36 25.05
C PHE A 149 -1.68 -23.24 26.03
N GLU A 150 -1.54 -24.16 26.98
CA GLU A 150 -0.42 -24.07 27.91
C GLU A 150 -0.05 -25.46 28.43
N ALA A 151 1.26 -25.66 28.62
CA ALA A 151 1.75 -26.98 28.97
C ALA A 151 1.20 -27.44 30.30
N ALA A 152 1.06 -26.51 31.25
CA ALA A 152 0.63 -26.88 32.59
C ALA A 152 -0.79 -27.45 32.63
N SER A 153 -1.59 -27.22 31.58
CA SER A 153 -2.97 -27.70 31.53
C SER A 153 -3.15 -28.85 30.55
N LYS A 154 -2.08 -29.60 30.25
CA LYS A 154 -2.18 -30.63 29.22
C LYS A 154 -3.10 -31.77 29.64
N LYS A 155 -3.31 -31.98 30.94
CA LYS A 155 -4.20 -33.03 31.41
C LYS A 155 -5.65 -32.56 31.53
N LYS A 156 -5.91 -31.28 31.27
CA LYS A 156 -7.25 -30.73 31.37
C LYS A 156 -7.88 -30.76 29.99
N ILE A 157 -9.11 -31.28 29.90
CA ILE A 157 -9.84 -31.30 28.65
C ILE A 157 -11.23 -30.74 28.92
N ALA A 158 -11.83 -30.20 27.87
CA ALA A 158 -13.18 -29.64 27.91
C ALA A 158 -14.07 -30.50 27.03
N ILE A 159 -15.16 -31.02 27.59
CA ILE A 159 -16.18 -31.73 26.84
C ILE A 159 -17.31 -30.74 26.58
N VAL A 160 -17.43 -30.28 25.34
CA VAL A 160 -18.37 -29.25 24.95
C VAL A 160 -19.49 -29.91 24.16
N ARG A 161 -20.71 -29.87 24.70
CA ARG A 161 -21.89 -30.44 24.07
C ARG A 161 -22.95 -29.38 23.86
N ARG A 162 -23.85 -29.64 22.91
CA ARG A 162 -24.88 -28.69 22.52
C ARG A 162 -26.13 -28.84 23.39
N GLU A 163 -26.77 -27.71 23.68
CA GLU A 163 -28.01 -27.68 24.45
C GLU A 163 -28.98 -26.70 23.80
N PRO A 164 -30.27 -26.87 24.06
CA PRO A 164 -31.25 -25.87 23.57
C PRO A 164 -31.17 -24.58 24.37
N VAL A 165 -31.66 -23.50 23.75
CA VAL A 165 -31.70 -22.19 24.42
C VAL A 165 -32.94 -22.04 25.28
N GLY A 166 -33.97 -22.84 25.07
CA GLY A 166 -35.14 -22.82 25.91
C GLY A 166 -36.43 -22.67 25.13
N LEU A 167 -37.17 -21.60 25.38
CA LEU A 167 -38.39 -21.32 24.64
C LEU A 167 -38.08 -20.41 23.47
N VAL A 168 -38.40 -20.86 22.26
CA VAL A 168 -38.21 -20.10 21.04
C VAL A 168 -39.57 -19.54 20.63
N LEU A 169 -39.65 -18.22 20.49
CA LEU A 169 -40.81 -17.56 19.89
C LEU A 169 -40.57 -17.43 18.39
N ALA A 170 -41.43 -18.09 17.60
CA ALA A 170 -41.33 -18.07 16.14
C ALA A 170 -42.43 -17.19 15.58
N ILE A 171 -42.05 -16.23 14.76
CA ILE A 171 -43.00 -15.29 14.15
C ILE A 171 -42.85 -15.43 12.64
N SER A 172 -43.89 -15.92 11.97
CA SER A 172 -43.84 -16.19 10.54
C SER A 172 -44.37 -15.00 9.77
N PRO A 173 -44.14 -14.95 8.45
CA PRO A 173 -44.63 -13.82 7.65
C PRO A 173 -45.83 -14.17 6.78
N PHE A 174 -46.61 -13.16 6.37
CA PHE A 174 -47.80 -13.44 5.59
C PHE A 174 -47.47 -14.10 4.25
N ASN A 175 -46.33 -13.75 3.64
CA ASN A 175 -46.01 -14.21 2.30
C ASN A 175 -45.41 -15.61 2.27
N TYR A 176 -45.08 -16.17 3.43
CA TYR A 176 -44.67 -17.58 3.53
C TYR A 176 -45.16 -18.15 4.86
N PRO A 177 -46.49 -18.12 5.09
CA PRO A 177 -46.99 -18.37 6.45
C PRO A 177 -46.81 -19.79 6.93
N VAL A 178 -46.46 -20.72 6.04
CA VAL A 178 -46.16 -22.09 6.41
C VAL A 178 -44.68 -22.39 6.26
N ASN A 179 -44.11 -22.09 5.09
CA ASN A 179 -42.70 -22.37 4.84
C ASN A 179 -41.82 -21.70 5.89
N LEU A 180 -42.04 -20.41 6.14
CA LEU A 180 -41.19 -19.69 7.08
C LEU A 180 -41.77 -19.69 8.49
N ALA A 181 -42.75 -20.56 8.75
CA ALA A 181 -43.06 -21.03 10.09
C ALA A 181 -42.30 -22.32 10.38
N GLY A 182 -42.38 -23.31 9.48
CA GLY A 182 -41.70 -24.56 9.69
C GLY A 182 -40.19 -24.44 9.63
N SER A 183 -39.69 -23.47 8.86
CA SER A 183 -38.25 -23.24 8.79
C SER A 183 -37.68 -22.82 10.14
N LYS A 184 -38.51 -22.35 11.06
CA LYS A 184 -38.10 -21.98 12.40
C LYS A 184 -38.43 -23.06 13.42
N ILE A 185 -39.58 -23.71 13.26
CA ILE A 185 -40.06 -24.65 14.28
C ILE A 185 -39.21 -25.92 14.28
N ALA A 186 -38.99 -26.51 13.10
CA ALA A 186 -38.25 -27.77 13.05
C ALA A 186 -36.83 -27.62 13.58
N PRO A 187 -36.02 -26.67 13.11
CA PRO A 187 -34.67 -26.54 13.69
C PRO A 187 -34.71 -26.30 15.20
N ALA A 188 -35.68 -25.53 15.69
CA ALA A 188 -35.79 -25.33 17.13
C ALA A 188 -36.06 -26.64 17.83
N LEU A 189 -37.08 -27.38 17.37
CA LEU A 189 -37.54 -28.57 18.08
C LEU A 189 -36.47 -29.66 18.10
N ILE A 190 -35.83 -29.93 16.96
CA ILE A 190 -34.87 -31.04 16.93
C ILE A 190 -33.77 -30.81 17.96
N ALA A 191 -33.44 -29.55 18.24
CA ALA A 191 -32.40 -29.19 19.20
C ALA A 191 -32.86 -29.23 20.65
N GLY A 192 -34.10 -29.61 20.92
CA GLY A 192 -34.58 -29.68 22.29
C GLY A 192 -35.20 -28.41 22.83
N ASN A 193 -35.43 -27.40 22.00
CA ASN A 193 -36.20 -26.25 22.41
C ASN A 193 -37.69 -26.56 22.35
N VAL A 194 -38.46 -25.77 23.09
CA VAL A 194 -39.91 -25.70 22.91
C VAL A 194 -40.19 -24.42 22.11
N VAL A 195 -41.37 -24.37 21.51
CA VAL A 195 -41.68 -23.34 20.52
C VAL A 195 -43.09 -22.79 20.73
N ALA A 196 -43.23 -21.48 20.54
CA ALA A 196 -44.51 -20.81 20.38
C ALA A 196 -44.49 -20.11 19.03
N LEU A 197 -45.45 -20.43 18.18
CA LEU A 197 -45.57 -19.83 16.85
C LEU A 197 -46.60 -18.71 16.88
N LYS A 198 -46.17 -17.49 16.58
CA LYS A 198 -47.07 -16.35 16.40
C LYS A 198 -47.16 -16.06 14.91
N PRO A 199 -48.19 -16.55 14.21
CA PRO A 199 -48.31 -16.23 12.80
C PRO A 199 -48.82 -14.81 12.63
N PRO A 200 -48.77 -14.27 11.42
CA PRO A 200 -49.43 -12.99 11.15
C PRO A 200 -50.93 -13.22 11.09
N THR A 201 -51.69 -12.23 11.59
CA THR A 201 -53.15 -12.36 11.56
C THR A 201 -53.64 -12.77 10.18
N GLN A 202 -53.24 -12.03 9.14
CA GLN A 202 -53.50 -12.47 7.77
C GLN A 202 -52.45 -13.52 7.43
N GLY A 203 -52.82 -14.79 7.64
CA GLY A 203 -51.87 -15.88 7.56
C GLY A 203 -51.90 -16.76 8.80
N SER A 204 -52.81 -16.45 9.72
CA SER A 204 -52.92 -17.23 10.95
C SER A 204 -53.60 -18.58 10.70
N ILE A 205 -54.59 -18.62 9.80
CA ILE A 205 -55.24 -19.90 9.51
C ILE A 205 -54.20 -20.88 8.97
N SER A 206 -53.38 -20.43 8.02
CA SER A 206 -52.35 -21.29 7.46
C SER A 206 -51.37 -21.73 8.53
N GLY A 207 -51.00 -20.81 9.43
CA GLY A 207 -50.10 -21.19 10.51
C GLY A 207 -50.72 -22.19 11.46
N LEU A 208 -52.03 -22.05 11.71
CA LEU A 208 -52.73 -23.01 12.56
C LEU A 208 -52.95 -24.33 11.83
N LEU A 209 -53.17 -24.31 10.51
CA LEU A 209 -53.23 -25.57 9.77
C LEU A 209 -51.90 -26.30 9.84
N LEU A 210 -50.78 -25.58 9.72
CA LEU A 210 -49.48 -26.19 9.95
C LEU A 210 -49.41 -26.82 11.33
N ALA A 211 -49.90 -26.12 12.36
CA ALA A 211 -49.83 -26.65 13.72
C ALA A 211 -50.60 -27.96 13.85
N GLU A 212 -51.72 -28.11 13.13
CA GLU A 212 -52.46 -29.37 13.19
C GLU A 212 -51.59 -30.54 12.82
N ALA A 213 -50.72 -30.38 11.81
CA ALA A 213 -49.82 -31.45 11.40
C ALA A 213 -48.92 -31.86 12.56
N PHE A 214 -48.44 -30.89 13.34
CA PHE A 214 -47.60 -31.24 14.47
C PHE A 214 -48.42 -31.88 15.58
N ALA A 215 -49.63 -31.37 15.80
CA ALA A 215 -50.51 -32.00 16.79
C ALA A 215 -50.78 -33.46 16.44
N GLU A 216 -51.18 -33.72 15.19
CA GLU A 216 -51.49 -35.09 14.78
C GLU A 216 -50.24 -35.98 14.83
N ALA A 217 -49.05 -35.39 14.68
CA ALA A 217 -47.81 -36.16 14.81
C ALA A 217 -47.53 -36.57 16.25
N GLY A 218 -48.28 -36.06 17.21
CA GLY A 218 -48.11 -36.44 18.59
C GLY A 218 -47.11 -35.63 19.38
N ILE A 219 -46.79 -34.43 18.93
CA ILE A 219 -45.83 -33.59 19.67
C ILE A 219 -46.34 -33.41 21.10
N PRO A 220 -45.50 -33.62 22.11
CA PRO A 220 -46.00 -33.57 23.49
C PRO A 220 -46.64 -32.23 23.83
N ALA A 221 -47.63 -32.28 24.70
CA ALA A 221 -48.36 -31.07 25.08
C ALA A 221 -47.40 -30.02 25.64
N GLY A 222 -47.48 -28.81 25.09
CA GLY A 222 -46.65 -27.71 25.52
C GLY A 222 -45.36 -27.57 24.77
N VAL A 223 -44.90 -28.62 24.08
CA VAL A 223 -43.66 -28.54 23.34
C VAL A 223 -43.80 -27.61 22.14
N PHE A 224 -44.98 -27.57 21.54
CA PHE A 224 -45.27 -26.67 20.42
C PHE A 224 -46.64 -26.07 20.62
N ASN A 225 -46.72 -24.74 20.57
CA ASN A 225 -47.96 -24.02 20.78
C ASN A 225 -48.04 -22.88 19.76
N THR A 226 -49.25 -22.34 19.60
CA THR A 226 -49.47 -21.21 18.71
C THR A 226 -50.09 -20.06 19.50
N ILE A 227 -49.80 -18.84 19.05
CA ILE A 227 -50.40 -17.62 19.56
C ILE A 227 -51.01 -16.88 18.37
N THR A 228 -52.21 -16.35 18.54
CA THR A 228 -52.82 -15.46 17.56
C THR A 228 -53.46 -14.29 18.30
N GLY A 229 -53.50 -13.15 17.64
CA GLY A 229 -54.15 -11.99 18.22
C GLY A 229 -53.72 -10.70 17.53
N ARG A 230 -54.19 -9.59 18.09
CA ARG A 230 -53.94 -8.27 17.55
C ARG A 230 -52.63 -7.71 18.08
N GLY A 231 -51.86 -7.05 17.21
CA GLY A 231 -50.57 -6.50 17.61
C GLY A 231 -50.67 -5.45 18.71
N SER A 232 -51.80 -4.73 18.77
CA SER A 232 -51.94 -3.67 19.75
C SER A 232 -52.15 -4.21 21.16
N VAL A 233 -52.61 -5.45 21.28
CA VAL A 233 -52.85 -6.08 22.58
C VAL A 233 -51.66 -6.92 23.02
N ILE A 234 -51.15 -7.77 22.12
CA ILE A 234 -50.15 -8.76 22.47
C ILE A 234 -48.86 -8.60 21.68
N GLY A 235 -48.81 -7.69 20.71
CA GLY A 235 -47.63 -7.50 19.88
C GLY A 235 -46.31 -7.46 20.63
N ASP A 236 -46.09 -6.37 21.38
CA ASP A 236 -44.85 -6.27 22.13
C ASP A 236 -44.82 -7.22 23.32
N TYR A 237 -46.00 -7.54 23.87
CA TYR A 237 -46.06 -8.38 25.05
C TYR A 237 -45.44 -9.75 24.81
N ILE A 238 -45.71 -10.36 23.65
CA ILE A 238 -45.20 -11.70 23.40
C ILE A 238 -43.68 -11.67 23.27
N VAL A 239 -43.11 -10.58 22.78
CA VAL A 239 -41.67 -10.51 22.58
C VAL A 239 -40.94 -10.21 23.88
N GLU A 240 -41.41 -9.20 24.63
CA GLU A 240 -40.68 -8.78 25.83
C GLU A 240 -40.88 -9.75 27.00
N HIS A 241 -41.84 -10.68 26.90
CA HIS A 241 -42.09 -11.64 27.96
C HIS A 241 -40.80 -12.35 28.38
N GLU A 242 -40.60 -12.48 29.68
CA GLU A 242 -39.35 -13.02 30.19
C GLU A 242 -39.23 -14.53 30.03
N ALA A 243 -40.33 -15.23 29.70
CA ALA A 243 -40.23 -16.66 29.46
C ALA A 243 -39.57 -16.99 28.12
N VAL A 244 -39.55 -16.04 27.19
CA VAL A 244 -39.00 -16.28 25.85
C VAL A 244 -37.49 -16.16 25.90
N ASN A 245 -36.80 -17.20 25.43
CA ASN A 245 -35.35 -17.23 25.46
C ASN A 245 -34.72 -16.92 24.11
N PHE A 246 -35.51 -16.86 23.03
CA PHE A 246 -35.03 -16.67 21.68
C PHE A 246 -36.20 -16.17 20.85
N ILE A 247 -35.97 -15.15 20.01
CA ILE A 247 -37.00 -14.64 19.10
C ILE A 247 -36.50 -14.84 17.68
N ASN A 248 -37.30 -15.52 16.87
CA ASN A 248 -36.97 -15.86 15.48
C ASN A 248 -38.08 -15.28 14.61
N PHE A 249 -37.77 -14.21 13.87
CA PHE A 249 -38.77 -13.39 13.23
C PHE A 249 -38.47 -13.19 11.75
N THR A 250 -39.50 -13.29 10.92
CA THR A 250 -39.46 -12.85 9.54
C THR A 250 -40.62 -11.86 9.33
N GLY A 251 -40.30 -10.69 8.77
CA GLY A 251 -41.33 -9.69 8.48
C GLY A 251 -40.71 -8.40 7.95
N SER A 252 -41.40 -7.29 8.23
CA SER A 252 -40.93 -6.00 7.71
C SER A 252 -39.79 -5.45 8.56
N THR A 253 -38.96 -4.62 7.93
CA THR A 253 -37.82 -4.06 8.64
C THR A 253 -38.21 -3.16 9.81
N PRO A 254 -39.21 -2.29 9.70
CA PRO A 254 -39.60 -1.51 10.88
C PRO A 254 -40.10 -2.36 12.03
N ILE A 255 -40.80 -3.47 11.74
CA ILE A 255 -41.24 -4.36 12.80
C ILE A 255 -40.06 -5.08 13.43
N GLY A 256 -39.15 -5.59 12.60
CA GLY A 256 -37.96 -6.23 13.13
C GLY A 256 -37.14 -5.30 13.98
N GLU A 257 -36.96 -4.05 13.54
CA GLU A 257 -36.26 -3.08 14.35
C GLU A 257 -36.91 -2.94 15.72
N GLY A 258 -38.24 -2.89 15.77
CA GLY A 258 -38.92 -2.86 17.05
C GLY A 258 -38.64 -4.09 17.90
N ILE A 259 -38.47 -5.24 17.27
CA ILE A 259 -38.22 -6.47 18.02
C ILE A 259 -36.81 -6.46 18.61
N GLY A 260 -35.83 -5.97 17.85
CA GLY A 260 -34.47 -5.91 18.36
C GLY A 260 -34.36 -5.08 19.63
N LYS A 261 -35.15 -4.02 19.73
CA LYS A 261 -35.15 -3.20 20.93
C LYS A 261 -35.74 -3.95 22.12
N LEU A 262 -36.79 -4.74 21.88
CA LEU A 262 -37.44 -5.48 22.95
C LEU A 262 -36.71 -6.76 23.31
N ALA A 263 -35.68 -7.13 22.54
CA ALA A 263 -34.99 -8.40 22.77
C ALA A 263 -34.06 -8.31 23.97
N GLY A 264 -33.55 -7.13 24.27
CA GLY A 264 -32.59 -7.01 25.36
C GLY A 264 -31.33 -7.80 25.05
N MET A 265 -30.98 -8.70 25.95
CA MET A 265 -29.81 -9.56 25.79
C MET A 265 -30.10 -10.83 25.02
N ARG A 266 -31.35 -11.18 24.84
CA ARG A 266 -31.67 -12.49 24.31
C ARG A 266 -31.28 -12.60 22.84
N PRO A 267 -30.81 -13.77 22.41
CA PRO A 267 -30.48 -13.95 21.00
C PRO A 267 -31.71 -13.83 20.11
N ILE A 268 -31.49 -13.29 18.91
CA ILE A 268 -32.55 -13.09 17.94
C ILE A 268 -32.09 -13.62 16.59
N MET A 269 -33.07 -13.84 15.71
CA MET A 269 -32.83 -14.01 14.29
C MET A 269 -33.92 -13.21 13.59
N LEU A 270 -33.51 -12.33 12.68
CA LEU A 270 -34.44 -11.45 11.98
C LEU A 270 -34.24 -11.60 10.48
N GLU A 271 -35.32 -11.87 9.76
CA GLU A 271 -35.33 -11.88 8.29
C GLU A 271 -36.21 -10.70 7.87
N LEU A 272 -35.58 -9.60 7.46
CA LEU A 272 -36.33 -8.38 7.23
C LEU A 272 -36.42 -8.05 5.74
N GLY A 273 -36.36 -6.77 5.40
CA GLY A 273 -36.58 -6.38 4.03
C GLY A 273 -35.37 -6.59 3.16
N GLY A 274 -35.58 -6.45 1.85
CA GLY A 274 -34.49 -6.48 0.90
C GLY A 274 -34.76 -5.52 -0.24
N LYS A 275 -33.68 -5.15 -0.91
CA LYS A 275 -33.74 -4.40 -2.16
C LYS A 275 -32.65 -4.99 -3.08
N ASP A 276 -32.72 -6.31 -3.29
CA ASP A 276 -31.64 -7.01 -3.99
C ASP A 276 -31.39 -6.37 -5.35
N SER A 277 -30.13 -6.09 -5.63
CA SER A 277 -29.73 -5.54 -6.92
C SER A 277 -29.32 -6.68 -7.86
N ALA A 278 -29.59 -6.47 -9.14
CA ALA A 278 -29.13 -7.35 -10.21
C ALA A 278 -28.16 -6.55 -11.06
N ILE A 279 -26.87 -6.85 -10.93
CA ILE A 279 -25.84 -6.15 -11.68
C ILE A 279 -25.62 -6.91 -12.99
N VAL A 280 -25.83 -6.22 -14.11
CA VAL A 280 -25.72 -6.80 -15.45
C VAL A 280 -24.58 -6.09 -16.16
N LEU A 281 -23.49 -6.80 -16.39
CA LEU A 281 -22.31 -6.23 -17.02
C LEU A 281 -22.41 -6.36 -18.54
N GLU A 282 -21.43 -5.78 -19.23
CA GLU A 282 -21.51 -5.68 -20.68
C GLU A 282 -21.37 -7.03 -21.37
N ASP A 283 -20.63 -7.97 -20.77
CA ASP A 283 -20.44 -9.28 -21.35
C ASP A 283 -21.50 -10.29 -20.90
N ALA A 284 -22.60 -9.81 -20.33
CA ALA A 284 -23.62 -10.72 -19.81
C ALA A 284 -24.43 -11.33 -20.94
N ASP A 285 -24.98 -12.51 -20.67
CA ASP A 285 -26.05 -13.08 -21.49
C ASP A 285 -27.32 -12.32 -21.16
N LEU A 286 -27.67 -11.34 -22.02
CA LEU A 286 -28.77 -10.44 -21.70
C LEU A 286 -30.10 -11.17 -21.66
N ALA A 287 -30.32 -12.12 -22.57
CA ALA A 287 -31.55 -12.88 -22.55
C ALA A 287 -31.67 -13.71 -21.28
N LEU A 288 -30.58 -14.35 -20.88
CA LEU A 288 -30.59 -15.13 -19.63
C LEU A 288 -30.77 -14.21 -18.43
N ALA A 289 -30.12 -13.05 -18.43
CA ALA A 289 -30.31 -12.10 -17.34
C ALA A 289 -31.77 -11.69 -17.23
N ALA A 290 -32.40 -11.35 -18.35
CA ALA A 290 -33.79 -10.91 -18.34
C ALA A 290 -34.72 -12.00 -17.80
N LYS A 291 -34.51 -13.24 -18.24
CA LYS A 291 -35.32 -14.34 -17.73
C LYS A 291 -35.23 -14.43 -16.21
N ASN A 292 -34.01 -14.41 -15.66
CA ASN A 292 -33.85 -14.52 -14.22
C ASN A 292 -34.36 -13.28 -13.49
N ILE A 293 -34.14 -12.10 -14.07
CA ILE A 293 -34.55 -10.87 -13.40
C ILE A 293 -36.07 -10.82 -13.29
N VAL A 294 -36.78 -11.19 -14.36
CA VAL A 294 -38.23 -11.13 -14.33
C VAL A 294 -38.79 -12.19 -13.40
N ALA A 295 -38.25 -13.41 -13.48
CA ALA A 295 -38.69 -14.48 -12.58
C ALA A 295 -38.53 -14.07 -11.12
N GLY A 296 -37.38 -13.51 -10.76
CA GLY A 296 -37.13 -13.17 -9.38
C GLY A 296 -37.87 -11.93 -8.91
N ALA A 297 -38.11 -10.97 -9.80
CA ALA A 297 -38.67 -9.69 -9.41
C ALA A 297 -40.17 -9.76 -9.18
N PHE A 298 -40.88 -10.49 -10.02
CA PHE A 298 -42.34 -10.48 -10.02
C PHE A 298 -42.96 -11.73 -9.42
N GLY A 299 -42.16 -12.67 -8.92
CA GLY A 299 -42.70 -13.82 -8.23
C GLY A 299 -43.55 -13.39 -7.05
N TYR A 300 -44.75 -13.96 -6.93
CA TYR A 300 -45.69 -13.58 -5.88
C TYR A 300 -45.92 -12.07 -5.88
N SER A 301 -46.00 -11.49 -7.07
CA SER A 301 -46.28 -10.07 -7.27
C SER A 301 -45.22 -9.19 -6.60
N GLY A 302 -44.02 -9.72 -6.43
CA GLY A 302 -42.95 -8.99 -5.78
C GLY A 302 -43.02 -8.93 -4.27
N GLN A 303 -43.92 -9.69 -3.64
CA GLN A 303 -44.05 -9.66 -2.18
C GLN A 303 -43.11 -10.67 -1.54
N ARG A 304 -41.82 -10.48 -1.77
CA ARG A 304 -40.79 -11.34 -1.22
C ARG A 304 -39.57 -10.51 -0.85
N SER A 305 -38.94 -10.86 0.27
CA SER A 305 -37.75 -10.12 0.70
C SER A 305 -36.58 -10.37 -0.24
N THR A 306 -36.40 -11.61 -0.67
CA THR A 306 -35.34 -11.98 -1.61
C THR A 306 -35.94 -12.01 -3.01
N ALA A 307 -35.62 -10.99 -3.79
CA ALA A 307 -36.19 -10.78 -5.11
C ALA A 307 -35.41 -9.64 -5.73
N VAL A 308 -35.13 -9.74 -7.03
CA VAL A 308 -34.51 -8.62 -7.72
C VAL A 308 -35.46 -7.45 -7.58
N LYS A 309 -34.99 -6.38 -6.93
CA LYS A 309 -35.79 -5.18 -6.77
C LYS A 309 -35.19 -3.95 -7.44
N ARG A 310 -34.06 -4.10 -8.12
CA ARG A 310 -33.46 -3.00 -8.87
C ARG A 310 -32.40 -3.58 -9.78
N VAL A 311 -32.36 -3.08 -11.01
CA VAL A 311 -31.42 -3.55 -12.03
C VAL A 311 -30.37 -2.47 -12.21
N LEU A 312 -29.10 -2.85 -11.98
CA LEU A 312 -27.96 -1.97 -12.21
C LEU A 312 -27.24 -2.50 -13.46
N VAL A 313 -27.52 -1.87 -14.60
CA VAL A 313 -27.05 -2.37 -15.89
C VAL A 313 -26.12 -1.35 -16.53
N MET A 314 -25.06 -1.83 -17.14
CA MET A 314 -24.13 -0.96 -17.85
C MET A 314 -24.82 -0.36 -19.08
N ASP A 315 -24.52 0.92 -19.33
CA ASP A 315 -25.24 1.65 -20.39
C ASP A 315 -25.28 0.88 -21.70
N LYS A 316 -24.15 0.29 -22.09
CA LYS A 316 -24.03 -0.24 -23.44
C LYS A 316 -25.08 -1.31 -23.71
N VAL A 317 -25.41 -2.12 -22.71
CA VAL A 317 -26.38 -3.19 -22.90
C VAL A 317 -27.73 -2.86 -22.30
N ALA A 318 -27.89 -1.66 -21.74
CA ALA A 318 -29.14 -1.31 -21.07
C ALA A 318 -30.33 -1.40 -22.03
N ASP A 319 -30.25 -0.73 -23.18
CA ASP A 319 -31.38 -0.69 -24.09
C ASP A 319 -31.84 -2.10 -24.47
N GLN A 320 -30.90 -2.97 -24.82
CA GLN A 320 -31.29 -4.32 -25.24
C GLN A 320 -31.83 -5.12 -24.06
N LEU A 321 -31.23 -4.94 -22.87
CA LEU A 321 -31.74 -5.63 -21.69
C LEU A 321 -33.16 -5.19 -21.39
N ALA A 322 -33.41 -3.88 -21.39
CA ALA A 322 -34.76 -3.38 -21.11
C ALA A 322 -35.77 -3.98 -22.07
N ALA A 323 -35.43 -4.07 -23.36
CA ALA A 323 -36.33 -4.66 -24.33
C ALA A 323 -36.62 -6.12 -24.00
N GLU A 324 -35.58 -6.88 -23.65
CA GLU A 324 -35.78 -8.29 -23.32
C GLU A 324 -36.57 -8.46 -22.02
N ILE A 325 -36.38 -7.56 -21.06
CA ILE A 325 -37.17 -7.61 -19.83
C ILE A 325 -38.61 -7.23 -20.12
N LYS A 326 -38.82 -6.15 -20.88
CA LYS A 326 -40.17 -5.70 -21.21
C LYS A 326 -41.00 -6.83 -21.81
N THR A 327 -40.48 -7.48 -22.86
CA THR A 327 -41.25 -8.53 -23.52
C THR A 327 -41.65 -9.63 -22.56
N LEU A 328 -40.80 -9.93 -21.58
CA LEU A 328 -41.14 -10.98 -20.61
C LEU A 328 -42.17 -10.50 -19.60
N VAL A 329 -42.08 -9.24 -19.16
CA VAL A 329 -43.08 -8.69 -18.25
C VAL A 329 -44.45 -8.70 -18.90
N GLU A 330 -44.51 -8.50 -20.22
CA GLU A 330 -45.80 -8.47 -20.92
C GLU A 330 -46.45 -9.85 -20.98
N LYS A 331 -45.67 -10.92 -20.85
CA LYS A 331 -46.23 -12.27 -20.88
C LYS A 331 -46.74 -12.71 -19.51
N LEU A 332 -46.47 -11.96 -18.45
CA LEU A 332 -46.93 -12.34 -17.12
C LEU A 332 -48.45 -12.29 -17.06
N SER A 333 -49.06 -13.35 -16.56
CA SER A 333 -50.50 -13.37 -16.36
C SER A 333 -50.86 -12.55 -15.12
N VAL A 334 -52.01 -11.87 -15.18
CA VAL A 334 -52.47 -10.99 -14.12
C VAL A 334 -53.91 -11.35 -13.80
N GLY A 335 -54.16 -11.85 -12.60
CA GLY A 335 -55.49 -12.30 -12.25
C GLY A 335 -55.60 -12.92 -10.87
N MET A 336 -56.44 -13.92 -10.75
CA MET A 336 -56.81 -14.45 -9.45
C MET A 336 -55.92 -15.61 -9.03
N PRO A 337 -55.70 -15.78 -7.73
CA PRO A 337 -54.86 -16.90 -7.27
C PRO A 337 -55.35 -18.26 -7.73
N GLU A 338 -56.66 -18.50 -7.70
CA GLU A 338 -57.18 -19.82 -8.07
C GLU A 338 -56.88 -20.16 -9.52
N ASP A 339 -56.58 -19.17 -10.34
CA ASP A 339 -56.21 -19.40 -11.73
C ASP A 339 -54.69 -19.44 -11.93
N ASP A 340 -53.92 -19.43 -10.84
CA ASP A 340 -52.45 -19.52 -10.91
C ASP A 340 -51.86 -18.36 -11.72
N ALA A 341 -52.44 -17.18 -11.57
CA ALA A 341 -51.89 -16.01 -12.21
C ALA A 341 -50.52 -15.69 -11.63
N ASP A 342 -49.58 -15.33 -12.49
CA ASP A 342 -48.27 -14.87 -12.02
C ASP A 342 -48.44 -13.68 -11.08
N ILE A 343 -49.25 -12.70 -11.47
CA ILE A 343 -49.47 -11.48 -10.70
C ILE A 343 -50.87 -11.58 -10.09
N THR A 344 -50.92 -11.66 -8.77
CA THR A 344 -52.15 -11.76 -7.99
C THR A 344 -52.37 -10.49 -7.18
N PRO A 345 -53.59 -10.30 -6.66
CA PRO A 345 -53.84 -9.10 -5.86
C PRO A 345 -52.95 -9.07 -4.63
N LEU A 346 -52.52 -7.86 -4.27
CA LEU A 346 -51.63 -7.70 -3.13
C LEU A 346 -52.38 -7.95 -1.82
N ILE A 347 -51.61 -8.02 -0.74
CA ILE A 347 -52.09 -8.59 0.52
C ILE A 347 -53.22 -7.74 1.11
N ASP A 348 -53.14 -6.42 0.97
CA ASP A 348 -54.21 -5.55 1.45
C ASP A 348 -54.10 -4.20 0.74
N THR A 349 -55.14 -3.38 0.95
CA THR A 349 -55.23 -2.11 0.22
C THR A 349 -54.07 -1.18 0.59
N SER A 350 -53.63 -1.20 1.85
CA SER A 350 -52.49 -0.40 2.24
C SER A 350 -51.25 -0.77 1.43
N ALA A 351 -51.08 -2.07 1.13
CA ALA A 351 -49.94 -2.51 0.36
C ALA A 351 -50.00 -1.95 -1.06
N ALA A 352 -51.16 -2.07 -1.70
CA ALA A 352 -51.32 -1.57 -3.06
C ALA A 352 -51.22 -0.05 -3.10
N ASP A 353 -51.78 0.63 -2.10
CA ASP A 353 -51.67 2.08 -2.04
C ASP A 353 -50.20 2.50 -2.01
N PHE A 354 -49.40 1.81 -1.20
CA PHE A 354 -47.99 2.16 -1.09
C PHE A 354 -47.26 1.96 -2.41
N VAL A 355 -47.57 0.87 -3.11
CA VAL A 355 -46.93 0.61 -4.39
C VAL A 355 -47.37 1.62 -5.44
N GLU A 356 -48.67 1.96 -5.44
CA GLU A 356 -49.15 2.98 -6.37
C GLU A 356 -48.40 4.29 -6.18
N GLY A 357 -48.09 4.65 -4.93
CA GLY A 357 -47.38 5.88 -4.68
C GLY A 357 -45.96 5.87 -5.21
N LEU A 358 -45.29 4.71 -5.14
CA LEU A 358 -43.95 4.59 -5.69
C LEU A 358 -43.97 4.66 -7.22
N ILE A 359 -44.95 4.03 -7.85
CA ILE A 359 -45.09 4.13 -9.30
C ILE A 359 -45.33 5.58 -9.71
N LYS A 360 -46.20 6.27 -8.98
CA LYS A 360 -46.52 7.65 -9.31
C LYS A 360 -45.31 8.56 -9.13
N ASP A 361 -44.54 8.34 -8.06
CA ASP A 361 -43.37 9.18 -7.81
C ASP A 361 -42.31 8.99 -8.89
N ALA A 362 -42.18 7.77 -9.41
CA ALA A 362 -41.23 7.55 -10.50
C ALA A 362 -41.72 8.17 -11.79
N THR A 363 -43.01 8.03 -12.10
CA THR A 363 -43.55 8.64 -13.31
C THR A 363 -43.43 10.15 -13.25
N ASP A 364 -43.73 10.75 -12.09
CA ASP A 364 -43.68 12.20 -11.95
C ASP A 364 -42.26 12.74 -12.01
N LYS A 365 -41.26 11.91 -11.72
CA LYS A 365 -39.87 12.33 -11.80
C LYS A 365 -39.22 11.98 -13.14
N GLY A 366 -39.97 11.39 -14.07
CA GLY A 366 -39.51 11.23 -15.42
C GLY A 366 -39.01 9.86 -15.81
N ALA A 367 -39.40 8.82 -15.08
CA ALA A 367 -39.03 7.46 -15.45
C ALA A 367 -39.93 6.99 -16.59
N THR A 368 -39.36 6.16 -17.46
CA THR A 368 -40.06 5.64 -18.63
C THR A 368 -40.75 4.34 -18.25
N ALA A 369 -42.07 4.35 -18.22
CA ALA A 369 -42.85 3.15 -17.93
C ALA A 369 -42.88 2.28 -19.17
N LEU A 370 -42.05 1.25 -19.18
CA LEU A 370 -42.06 0.30 -20.29
C LEU A 370 -43.31 -0.58 -20.28
N THR A 371 -43.97 -0.72 -19.13
CA THR A 371 -45.24 -1.41 -19.04
C THR A 371 -46.24 -0.54 -18.30
N ALA A 372 -47.51 -0.77 -18.56
CA ALA A 372 -48.56 0.14 -18.13
C ALA A 372 -49.00 -0.17 -16.71
N PHE A 373 -49.16 0.90 -15.92
CA PHE A 373 -49.71 0.78 -14.57
C PHE A 373 -51.23 0.73 -14.63
N ASN A 374 -51.80 -0.39 -14.21
CA ASN A 374 -53.25 -0.55 -14.13
C ASN A 374 -53.55 -1.20 -12.79
N ARG A 375 -54.52 -0.65 -12.07
CA ARG A 375 -54.92 -1.16 -10.77
C ARG A 375 -56.43 -1.40 -10.76
N GLU A 376 -56.83 -2.61 -10.37
CA GLU A 376 -58.23 -3.00 -10.26
C GLU A 376 -58.39 -3.56 -8.84
N GLY A 377 -58.99 -2.77 -7.96
CA GLY A 377 -58.99 -3.11 -6.55
C GLY A 377 -57.58 -3.03 -6.01
N ASN A 378 -57.04 -4.18 -5.57
CA ASN A 378 -55.64 -4.27 -5.16
C ASN A 378 -54.80 -5.09 -6.14
N LEU A 379 -55.34 -5.42 -7.31
CA LEU A 379 -54.62 -6.15 -8.34
C LEU A 379 -53.91 -5.15 -9.23
N ILE A 380 -52.61 -4.95 -9.00
CA ILE A 380 -51.80 -4.03 -9.79
C ILE A 380 -51.07 -4.82 -10.87
N SER A 381 -51.05 -4.27 -12.07
CA SER A 381 -50.35 -4.91 -13.18
C SER A 381 -48.84 -4.71 -13.03
N PRO A 382 -48.05 -5.64 -13.57
CA PRO A 382 -46.59 -5.52 -13.45
C PRO A 382 -46.07 -4.29 -14.19
N VAL A 383 -45.39 -3.42 -13.46
CA VAL A 383 -44.89 -2.15 -13.97
C VAL A 383 -43.37 -2.25 -14.07
N LEU A 384 -42.84 -2.02 -15.26
CA LEU A 384 -41.40 -1.98 -15.51
C LEU A 384 -41.01 -0.56 -15.86
N PHE A 385 -40.10 0.01 -15.08
CA PHE A 385 -39.59 1.35 -15.32
C PHE A 385 -38.15 1.29 -15.83
N ASP A 386 -37.83 2.16 -16.77
CA ASP A 386 -36.46 2.36 -17.23
C ASP A 386 -36.02 3.78 -16.90
N HIS A 387 -34.72 4.03 -17.03
CA HIS A 387 -34.16 5.35 -16.77
C HIS A 387 -34.50 5.85 -15.37
N VAL A 388 -34.44 4.95 -14.39
CA VAL A 388 -34.66 5.33 -13.00
C VAL A 388 -33.37 5.90 -12.43
N THR A 389 -33.50 6.92 -11.58
CA THR A 389 -32.36 7.59 -10.99
C THR A 389 -32.50 7.61 -9.48
N THR A 390 -31.36 7.81 -8.79
CA THR A 390 -31.32 7.76 -7.33
C THR A 390 -32.13 8.87 -6.67
N ASP A 391 -32.71 9.78 -7.45
CA ASP A 391 -33.61 10.79 -6.90
C ASP A 391 -34.97 10.20 -6.56
N MET A 392 -35.33 9.06 -7.15
CA MET A 392 -36.66 8.50 -7.04
C MET A 392 -36.75 7.53 -5.87
N ARG A 393 -37.92 7.49 -5.25
CA ARG A 393 -38.14 6.55 -4.14
C ARG A 393 -37.95 5.11 -4.59
N LEU A 394 -38.46 4.77 -5.78
CA LEU A 394 -38.41 3.40 -6.29
C LEU A 394 -37.00 2.85 -6.40
N ALA A 395 -35.98 3.71 -6.36
CA ALA A 395 -34.61 3.23 -6.43
C ALA A 395 -34.11 2.67 -5.11
N TRP A 396 -34.86 2.85 -4.00
CA TRP A 396 -34.37 2.51 -2.68
C TRP A 396 -35.41 1.79 -1.83
N GLU A 397 -36.64 2.30 -1.79
CA GLU A 397 -37.65 1.76 -0.90
C GLU A 397 -38.14 0.40 -1.40
N GLU A 398 -38.39 -0.51 -0.46
CA GLU A 398 -38.88 -1.84 -0.82
C GLU A 398 -40.36 -1.77 -1.13
N PRO A 399 -40.81 -2.07 -2.37
CA PRO A 399 -42.23 -1.89 -2.68
C PRO A 399 -43.12 -2.99 -2.14
N PHE A 400 -42.63 -4.23 -2.13
CA PHE A 400 -43.47 -5.39 -1.93
C PHE A 400 -44.68 -5.32 -2.87
N GLY A 401 -44.36 -5.13 -4.15
CA GLY A 401 -45.35 -5.08 -5.20
C GLY A 401 -44.69 -5.25 -6.55
N PRO A 402 -45.50 -5.48 -7.59
CA PRO A 402 -44.93 -5.82 -8.92
C PRO A 402 -44.49 -4.58 -9.69
N VAL A 403 -43.37 -4.00 -9.25
CA VAL A 403 -42.76 -2.84 -9.91
C VAL A 403 -41.25 -2.99 -9.83
N LEU A 404 -40.58 -2.81 -10.96
CA LEU A 404 -39.15 -3.09 -11.08
C LEU A 404 -38.43 -1.93 -11.76
N PRO A 405 -37.56 -1.21 -11.05
CA PRO A 405 -36.79 -0.15 -11.70
C PRO A 405 -35.52 -0.65 -12.35
N ILE A 406 -35.19 -0.02 -13.48
CA ILE A 406 -33.93 -0.25 -14.19
C ILE A 406 -33.10 1.01 -14.02
N ILE A 407 -31.91 0.88 -13.44
CA ILE A 407 -31.02 1.99 -13.20
C ILE A 407 -29.78 1.78 -14.06
N ARG A 408 -29.49 2.75 -14.91
CA ARG A 408 -28.32 2.68 -15.79
C ARG A 408 -27.09 3.22 -15.07
N VAL A 409 -25.98 2.52 -15.22
CA VAL A 409 -24.70 2.88 -14.63
C VAL A 409 -23.63 2.86 -15.71
N THR A 410 -22.52 3.54 -15.43
CA THR A 410 -21.43 3.69 -16.39
C THR A 410 -20.20 2.86 -16.07
N THR A 411 -20.02 2.45 -14.81
CA THR A 411 -18.87 1.67 -14.40
C THR A 411 -19.30 0.63 -13.37
N VAL A 412 -18.49 -0.43 -13.23
CA VAL A 412 -18.76 -1.42 -12.20
C VAL A 412 -18.66 -0.78 -10.82
N GLU A 413 -17.73 0.16 -10.65
CA GLU A 413 -17.60 0.85 -9.38
C GLU A 413 -18.90 1.56 -9.01
N GLU A 414 -19.57 2.16 -10.00
CA GLU A 414 -20.82 2.86 -9.75
C GLU A 414 -21.92 1.89 -9.32
N ALA A 415 -22.03 0.74 -10.01
CA ALA A 415 -23.02 -0.26 -9.62
C ALA A 415 -22.77 -0.74 -8.18
N ILE A 416 -21.50 -0.95 -7.81
CA ILE A 416 -21.20 -1.40 -6.46
C ILE A 416 -21.57 -0.33 -5.44
N LYS A 417 -21.22 0.92 -5.72
CA LYS A 417 -21.56 2.01 -4.81
C LYS A 417 -23.06 2.14 -4.65
N ILE A 418 -23.81 2.20 -5.76
CA ILE A 418 -25.26 2.31 -5.67
C ILE A 418 -25.83 1.10 -4.93
N SER A 419 -25.30 -0.09 -5.20
CA SER A 419 -25.81 -1.28 -4.52
C SER A 419 -25.63 -1.13 -3.01
N ASN A 420 -24.41 -0.82 -2.56
CA ASN A 420 -24.14 -0.73 -1.12
C ASN A 420 -24.72 0.50 -0.45
N GLU A 421 -25.13 1.52 -1.20
CA GLU A 421 -25.75 2.68 -0.57
C GLU A 421 -27.11 2.35 0.03
N SER A 422 -27.75 1.27 -0.40
CA SER A 422 -29.02 0.85 0.17
C SER A 422 -28.85 0.44 1.63
N GLU A 423 -29.87 0.74 2.44
CA GLU A 423 -29.88 0.27 3.82
C GLU A 423 -30.15 -1.22 3.91
N TYR A 424 -30.56 -1.85 2.81
CA TYR A 424 -30.79 -3.28 2.75
C TYR A 424 -29.58 -3.97 2.14
N GLY A 425 -29.38 -5.23 2.54
CA GLY A 425 -28.26 -6.00 2.03
C GLY A 425 -28.49 -7.48 2.17
N LEU A 426 -29.49 -7.99 1.48
CA LEU A 426 -29.93 -9.38 1.63
C LEU A 426 -29.18 -10.25 0.62
N GLN A 427 -29.48 -10.08 -0.67
CA GLN A 427 -28.79 -10.81 -1.71
C GLN A 427 -28.50 -9.87 -2.88
N ALA A 428 -27.73 -10.39 -3.83
CA ALA A 428 -27.45 -9.70 -5.08
C ALA A 428 -27.23 -10.75 -6.16
N SER A 429 -27.52 -10.37 -7.40
CA SER A 429 -27.22 -11.15 -8.58
C SER A 429 -26.18 -10.41 -9.42
N ILE A 430 -25.26 -11.16 -10.00
CA ILE A 430 -24.29 -10.62 -10.97
C ILE A 430 -24.43 -11.43 -12.25
N PHE A 431 -24.63 -10.75 -13.37
CA PHE A 431 -24.73 -11.39 -14.67
C PHE A 431 -23.53 -10.98 -15.51
N THR A 432 -22.70 -11.95 -15.87
CA THR A 432 -21.44 -11.72 -16.56
C THR A 432 -20.89 -13.07 -16.96
N THR A 433 -19.98 -13.06 -17.94
CA THR A 433 -19.22 -14.24 -18.32
C THR A 433 -17.85 -14.29 -17.67
N ASN A 434 -17.48 -13.27 -16.91
CA ASN A 434 -16.16 -13.19 -16.26
C ASN A 434 -16.36 -13.49 -14.78
N PHE A 435 -16.11 -14.74 -14.39
CA PHE A 435 -16.42 -15.20 -13.06
C PHE A 435 -15.40 -14.72 -12.04
N PRO A 436 -14.10 -14.71 -12.36
CA PRO A 436 -13.16 -14.10 -11.41
C PRO A 436 -13.53 -12.67 -11.07
N LYS A 437 -13.97 -11.91 -12.07
CA LYS A 437 -14.42 -10.53 -11.80
C LYS A 437 -15.69 -10.52 -10.97
N ALA A 438 -16.64 -11.41 -11.27
CA ALA A 438 -17.85 -11.50 -10.47
C ALA A 438 -17.53 -11.81 -9.02
N PHE A 439 -16.54 -12.68 -8.79
CA PHE A 439 -16.16 -12.97 -7.42
C PHE A 439 -15.60 -11.73 -6.74
N GLY A 440 -14.73 -11.00 -7.42
CA GLY A 440 -14.20 -9.78 -6.85
C GLY A 440 -15.29 -8.78 -6.52
N ILE A 441 -16.31 -8.68 -7.38
CA ILE A 441 -17.44 -7.81 -7.11
C ILE A 441 -18.24 -8.31 -5.92
N ALA A 442 -18.49 -9.63 -5.85
CA ALA A 442 -19.24 -10.18 -4.73
C ALA A 442 -18.56 -9.88 -3.40
N GLU A 443 -17.23 -9.87 -3.36
CA GLU A 443 -16.53 -9.56 -2.11
C GLU A 443 -16.79 -8.14 -1.64
N GLN A 444 -17.14 -7.23 -2.55
CA GLN A 444 -17.38 -5.84 -2.20
C GLN A 444 -18.84 -5.54 -1.92
N LEU A 445 -19.75 -6.42 -2.32
CA LEU A 445 -21.18 -6.20 -2.12
C LEU A 445 -21.56 -6.51 -0.67
N GLU A 446 -22.29 -5.60 -0.04
CA GLU A 446 -22.70 -5.74 1.35
C GLU A 446 -24.02 -6.54 1.42
N VAL A 447 -23.92 -7.83 1.09
CA VAL A 447 -25.06 -8.72 1.07
C VAL A 447 -24.68 -10.04 1.72
N GLY A 448 -25.69 -10.83 2.04
CA GLY A 448 -25.44 -12.16 2.57
C GLY A 448 -25.02 -13.12 1.49
N THR A 449 -25.75 -13.14 0.38
CA THR A 449 -25.53 -14.10 -0.70
C THR A 449 -25.47 -13.40 -2.04
N VAL A 450 -24.53 -13.84 -2.88
CA VAL A 450 -24.39 -13.32 -4.24
C VAL A 450 -24.59 -14.50 -5.19
N HIS A 451 -25.57 -14.37 -6.09
CA HIS A 451 -25.88 -15.38 -7.08
C HIS A 451 -25.27 -14.99 -8.41
N LEU A 452 -24.53 -15.91 -9.03
CA LEU A 452 -23.86 -15.67 -10.29
C LEU A 452 -24.72 -16.20 -11.43
N ASN A 453 -25.10 -15.32 -12.34
CA ASN A 453 -25.89 -15.66 -13.51
C ASN A 453 -27.17 -16.40 -13.11
N ASN A 454 -27.87 -15.85 -12.13
CA ASN A 454 -29.12 -16.43 -11.65
C ASN A 454 -29.80 -15.42 -10.72
N LYS A 455 -31.11 -15.55 -10.62
CA LYS A 455 -31.88 -14.68 -9.73
C LYS A 455 -31.47 -14.91 -8.28
N THR A 456 -31.73 -13.91 -7.44
CA THR A 456 -31.57 -14.09 -6.01
C THR A 456 -32.64 -15.04 -5.51
N GLN A 457 -32.26 -15.89 -4.55
CA GLN A 457 -33.19 -16.89 -4.03
C GLN A 457 -32.70 -17.36 -2.67
N ARG A 458 -33.64 -17.82 -1.85
CA ARG A 458 -33.30 -18.33 -0.53
C ARG A 458 -32.66 -19.71 -0.62
N GLY A 459 -33.04 -20.51 -1.63
CA GLY A 459 -32.64 -21.90 -1.69
C GLY A 459 -31.27 -22.10 -2.33
N THR A 460 -30.78 -23.34 -2.22
CA THR A 460 -31.47 -24.45 -1.56
C THR A 460 -31.44 -24.25 -0.04
N ASP A 461 -32.48 -24.78 0.63
CA ASP A 461 -32.68 -24.49 2.05
C ASP A 461 -31.56 -24.99 2.95
N ASN A 462 -30.64 -25.81 2.44
CA ASN A 462 -29.45 -26.15 3.21
C ASN A 462 -28.38 -25.05 3.16
N PHE A 463 -28.46 -24.14 2.18
CA PHE A 463 -27.47 -23.07 2.07
C PHE A 463 -27.71 -22.01 3.12
N PRO A 464 -26.68 -21.28 3.53
CA PRO A 464 -26.89 -20.17 4.47
C PRO A 464 -27.77 -19.12 3.83
N PHE A 465 -28.60 -18.50 4.68
CA PHE A 465 -29.47 -17.41 4.28
C PHE A 465 -29.34 -16.34 5.35
N LEU A 466 -28.83 -15.17 4.97
CA LEU A 466 -28.62 -14.09 5.91
C LEU A 466 -28.68 -12.77 5.16
N GLY A 467 -28.86 -11.70 5.91
CA GLY A 467 -28.86 -10.37 5.36
C GLY A 467 -28.02 -9.45 6.20
N ALA A 468 -27.37 -8.51 5.52
CA ALA A 468 -26.61 -7.46 6.17
C ALA A 468 -27.47 -6.21 6.36
N LYS A 469 -26.99 -5.33 7.23
CA LYS A 469 -27.57 -4.01 7.49
C LYS A 469 -29.02 -4.18 7.94
N LYS A 470 -29.97 -3.44 7.40
CA LYS A 470 -31.34 -3.54 7.87
C LYS A 470 -32.07 -4.77 7.34
N SER A 471 -31.36 -5.67 6.66
CA SER A 471 -31.99 -6.88 6.15
C SER A 471 -32.18 -7.95 7.23
N GLY A 472 -31.59 -7.76 8.41
CA GLY A 472 -31.89 -8.64 9.53
C GLY A 472 -30.64 -9.00 10.32
N ALA A 473 -30.75 -10.08 11.07
CA ALA A 473 -29.66 -10.51 11.94
C ALA A 473 -29.68 -12.04 12.04
N GLY A 474 -28.50 -12.62 12.23
CA GLY A 474 -28.37 -14.06 12.34
C GLY A 474 -28.38 -14.75 10.98
N VAL A 475 -28.10 -16.05 11.00
CA VAL A 475 -27.93 -16.83 9.78
C VAL A 475 -28.92 -17.99 9.78
N GLN A 476 -29.70 -18.09 8.70
CA GLN A 476 -30.68 -19.14 8.49
C GLN A 476 -30.13 -20.13 7.46
N GLY A 477 -31.01 -20.95 6.89
CA GLY A 477 -30.55 -22.21 6.36
C GLY A 477 -30.52 -23.26 7.47
N VAL A 478 -30.84 -24.51 7.12
CA VAL A 478 -31.19 -25.50 8.14
C VAL A 478 -30.12 -25.60 9.20
N LYS A 479 -28.91 -26.05 8.83
CA LYS A 479 -27.92 -26.30 9.87
C LYS A 479 -27.56 -25.01 10.61
N TYR A 480 -27.61 -23.87 9.93
CA TYR A 480 -27.30 -22.58 10.57
C TYR A 480 -28.39 -22.20 11.57
N SER A 481 -29.65 -22.47 11.24
CA SER A 481 -30.74 -22.23 12.18
C SER A 481 -30.55 -23.06 13.44
N ILE A 482 -30.25 -24.34 13.28
CA ILE A 482 -30.09 -25.22 14.44
C ILE A 482 -29.00 -24.69 15.35
N GLU A 483 -27.88 -24.26 14.77
CA GLU A 483 -26.77 -23.75 15.58
CA GLU A 483 -26.77 -23.75 15.58
C GLU A 483 -27.16 -22.46 16.29
N ALA A 484 -27.92 -21.60 15.63
CA ALA A 484 -28.33 -20.34 16.25
C ALA A 484 -29.22 -20.59 17.46
N MET A 485 -30.11 -21.58 17.38
CA MET A 485 -31.06 -21.86 18.46
C MET A 485 -30.56 -22.95 19.40
N THR A 486 -29.25 -23.15 19.47
CA THR A 486 -28.62 -23.93 20.52
C THR A 486 -27.52 -23.10 21.17
N THR A 487 -27.11 -23.54 22.36
CA THR A 487 -25.92 -23.01 23.03
C THR A 487 -25.04 -24.21 23.38
N VAL A 488 -23.98 -23.99 24.15
CA VAL A 488 -23.09 -25.07 24.53
C VAL A 488 -23.02 -25.15 26.05
N LYS A 489 -22.71 -26.35 26.53
CA LYS A 489 -22.41 -26.66 27.92
C LYS A 489 -21.05 -27.35 27.94
N SER A 490 -20.09 -26.75 28.62
CA SER A 490 -18.74 -27.29 28.71
C SER A 490 -18.55 -27.94 30.07
N VAL A 491 -18.03 -29.17 30.07
CA VAL A 491 -17.64 -29.85 31.29
C VAL A 491 -16.14 -30.10 31.24
N VAL A 492 -15.42 -29.50 32.18
CA VAL A 492 -13.96 -29.54 32.22
C VAL A 492 -13.52 -30.37 33.40
N PHE A 493 -12.50 -31.20 33.20
CA PHE A 493 -11.96 -32.02 34.27
C PHE A 493 -10.53 -32.40 33.93
N ASP A 494 -9.81 -32.86 34.95
CA ASP A 494 -8.39 -33.17 34.82
C ASP A 494 -8.20 -34.69 34.76
N ILE A 495 -7.53 -35.15 33.70
CA ILE A 495 -7.16 -36.54 33.61
C ILE A 495 -6.06 -36.84 34.63
N GLN A 496 -6.18 -37.99 35.31
CA GLN A 496 -5.21 -38.34 36.34
C GLN A 496 -4.46 -39.61 35.98
N ALA B 23 3.84 10.14 36.56
CA ALA B 23 2.49 10.53 36.19
C ALA B 23 2.50 11.38 34.92
N LYS B 24 1.98 10.82 33.83
CA LYS B 24 1.95 11.49 32.54
C LYS B 24 0.53 11.86 32.16
N GLN B 25 0.42 12.62 31.09
CA GLN B 25 -0.85 12.99 30.48
C GLN B 25 -1.06 12.04 29.30
N TYR B 26 -1.88 11.02 29.48
CA TYR B 26 -2.00 9.97 28.47
C TYR B 26 -2.92 10.40 27.33
N LYS B 27 -2.71 9.76 26.17
CA LYS B 27 -3.40 10.13 24.93
C LYS B 27 -4.07 8.92 24.32
N ASN B 28 -5.15 9.18 23.58
CA ASN B 28 -5.82 8.14 22.82
C ASN B 28 -5.12 7.91 21.50
N LEU B 29 -5.29 6.70 20.97
CA LEU B 29 -4.83 6.37 19.63
C LEU B 29 -6.00 6.57 18.68
N VAL B 30 -5.84 7.53 17.76
CA VAL B 30 -6.92 7.91 16.86
C VAL B 30 -6.31 8.05 15.47
N ASN B 31 -6.70 7.17 14.55
CA ASN B 31 -6.28 7.24 13.16
C ASN B 31 -4.76 7.38 13.05
N GLY B 32 -4.06 6.54 13.81
CA GLY B 32 -2.61 6.51 13.75
C GLY B 32 -1.90 7.62 14.51
N GLU B 33 -2.64 8.51 15.15
CA GLU B 33 -2.07 9.64 15.89
C GLU B 33 -2.46 9.53 17.35
N TRP B 34 -1.66 10.15 18.20
CA TRP B 34 -1.94 10.22 19.63
C TRP B 34 -2.56 11.57 19.95
N LYS B 35 -3.79 11.55 20.45
CA LYS B 35 -4.61 12.75 20.61
C LYS B 35 -4.98 12.95 22.08
N LEU B 36 -4.69 14.13 22.61
CA LEU B 36 -5.32 14.60 23.84
C LEU B 36 -6.71 15.14 23.51
N SER B 37 -7.50 15.40 24.56
CA SER B 37 -8.77 16.09 24.44
C SER B 37 -8.69 17.39 25.24
N GLU B 38 -9.71 18.25 25.06
CA GLU B 38 -9.73 19.51 25.78
CA GLU B 38 -9.72 19.51 25.78
C GLU B 38 -9.65 19.28 27.29
N ASN B 39 -10.50 18.39 27.79
CA ASN B 39 -10.57 18.05 29.20
C ASN B 39 -9.98 16.66 29.41
N GLU B 40 -9.61 16.38 30.66
CA GLU B 40 -8.98 15.11 31.02
C GLU B 40 -9.54 14.62 32.34
N ILE B 41 -9.27 13.36 32.64
CA ILE B 41 -9.72 12.70 33.86
C ILE B 41 -8.48 12.21 34.61
N THR B 42 -8.25 12.73 35.81
CA THR B 42 -7.12 12.31 36.62
C THR B 42 -7.43 10.99 37.32
N ILE B 43 -6.47 10.08 37.31
CA ILE B 43 -6.69 8.70 37.76
C ILE B 43 -5.76 8.43 38.94
N TYR B 44 -6.34 7.91 40.03
CA TYR B 44 -5.62 7.69 41.27
C TYR B 44 -5.58 6.21 41.61
N ALA B 45 -4.50 5.79 42.25
CA ALA B 45 -4.34 4.41 42.69
C ALA B 45 -5.34 4.11 43.81
N PRO B 46 -6.20 3.11 43.66
CA PRO B 46 -7.20 2.85 44.71
C PRO B 46 -6.61 2.50 46.06
N ALA B 47 -5.44 1.86 46.08
CA ALA B 47 -4.88 1.39 47.34
C ALA B 47 -4.13 2.47 48.11
N THR B 48 -3.66 3.52 47.42
CA THR B 48 -2.81 4.52 48.03
C THR B 48 -3.21 5.96 47.75
N GLY B 49 -4.15 6.21 46.84
CA GLY B 49 -4.46 7.57 46.42
C GLY B 49 -3.42 8.21 45.54
N GLU B 50 -2.34 7.51 45.20
CA GLU B 50 -1.30 8.08 44.37
C GLU B 50 -1.85 8.49 43.01
N GLU B 51 -1.53 9.72 42.59
CA GLU B 51 -1.95 10.19 41.27
C GLU B 51 -1.11 9.53 40.19
N LEU B 52 -1.77 8.82 39.27
CA LEU B 52 -1.06 8.05 38.25
C LEU B 52 -0.98 8.76 36.91
N GLY B 53 -1.86 9.72 36.66
CA GLY B 53 -1.88 10.42 35.40
C GLY B 53 -3.31 10.80 35.06
N SER B 54 -3.48 11.27 33.83
CA SER B 54 -4.79 11.66 33.34
C SER B 54 -5.05 10.95 32.02
N VAL B 55 -6.33 10.80 31.71
CA VAL B 55 -6.73 10.30 30.40
C VAL B 55 -7.74 11.27 29.78
N PRO B 56 -7.86 11.33 28.47
CA PRO B 56 -8.76 12.32 27.86
C PRO B 56 -10.22 12.08 28.18
N ALA B 57 -10.97 13.18 28.26
CA ALA B 57 -12.43 13.13 28.37
C ALA B 57 -13.02 13.46 27.00
N MET B 58 -13.12 12.43 26.16
CA MET B 58 -13.57 12.63 24.80
C MET B 58 -15.00 13.13 24.75
N THR B 59 -15.28 13.98 23.77
CA THR B 59 -16.62 14.43 23.45
C THR B 59 -17.29 13.46 22.47
N GLN B 60 -18.60 13.63 22.32
CA GLN B 60 -19.35 12.82 21.36
C GLN B 60 -18.84 13.01 19.94
N ALA B 61 -18.43 14.24 19.59
CA ALA B 61 -17.89 14.47 18.25
C ALA B 61 -16.53 13.79 18.08
N GLU B 62 -15.70 13.81 19.13
CA GLU B 62 -14.45 13.07 19.07
C GLU B 62 -14.70 11.59 18.89
N VAL B 63 -15.77 11.06 19.47
CA VAL B 63 -16.14 9.66 19.24
C VAL B 63 -16.48 9.46 17.76
N ASP B 64 -17.29 10.36 17.20
CA ASP B 64 -17.61 10.26 15.77
C ASP B 64 -16.34 10.16 14.93
N ALA B 65 -15.34 10.96 15.26
CA ALA B 65 -14.12 10.98 14.45
C ALA B 65 -13.38 9.65 14.52
N VAL B 66 -13.31 9.06 15.71
CA VAL B 66 -12.72 7.72 15.84
C VAL B 66 -13.44 6.74 14.93
N TYR B 67 -14.77 6.65 15.07
CA TYR B 67 -15.53 5.72 14.25
C TYR B 67 -15.38 6.02 12.76
N ALA B 68 -15.28 7.31 12.41
CA ALA B 68 -15.13 7.65 11.00
C ALA B 68 -13.79 7.16 10.46
N SER B 69 -12.71 7.35 11.24
CA SER B 69 -11.40 6.91 10.82
C SER B 69 -11.34 5.39 10.69
N ALA B 70 -12.01 4.68 11.61
CA ALA B 70 -11.97 3.23 11.58
C ALA B 70 -12.70 2.69 10.35
N LYS B 71 -13.87 3.24 10.04
CA LYS B 71 -14.60 2.76 8.88
C LYS B 71 -13.88 3.06 7.59
N LYS B 72 -13.11 4.16 7.55
CA LYS B 72 -12.30 4.47 6.37
C LYS B 72 -11.17 3.46 6.22
N ALA B 73 -10.55 3.06 7.33
CA ALA B 73 -9.45 2.10 7.27
C ALA B 73 -9.93 0.68 7.01
N LEU B 74 -11.23 0.41 7.19
CA LEU B 74 -11.74 -0.96 7.14
C LEU B 74 -11.52 -1.59 5.77
N SER B 75 -11.65 -0.83 4.70
CA SER B 75 -11.58 -1.41 3.36
C SER B 75 -10.20 -1.99 3.09
N ASP B 76 -9.15 -1.21 3.34
CA ASP B 76 -7.80 -1.71 3.09
C ASP B 76 -7.41 -2.79 4.10
N TRP B 77 -7.96 -2.74 5.31
CA TRP B 77 -7.58 -3.71 6.33
C TRP B 77 -8.14 -5.08 6.02
N ARG B 78 -9.40 -5.16 5.61
CA ARG B 78 -10.02 -6.45 5.35
C ARG B 78 -9.48 -7.10 4.08
N THR B 79 -8.87 -6.33 3.17
CA THR B 79 -8.35 -6.89 1.93
C THR B 79 -6.89 -7.32 2.04
N LEU B 80 -6.24 -7.08 3.17
CA LEU B 80 -4.96 -7.71 3.41
C LEU B 80 -5.15 -9.22 3.52
N SER B 81 -4.03 -9.93 3.47
CA SER B 81 -4.06 -11.37 3.72
C SER B 81 -4.20 -11.63 5.22
N TYR B 82 -4.63 -12.85 5.56
CA TYR B 82 -4.59 -13.29 6.95
C TYR B 82 -3.17 -13.28 7.48
N VAL B 83 -2.21 -13.72 6.66
CA VAL B 83 -0.81 -13.76 7.10
C VAL B 83 -0.34 -12.38 7.55
N GLU B 84 -0.71 -11.35 6.78
CA GLU B 84 -0.25 -10.00 7.09
C GLU B 84 -0.90 -9.47 8.37
N ARG B 85 -2.20 -9.71 8.53
CA ARG B 85 -2.88 -9.29 9.76
C ARG B 85 -2.35 -10.05 10.97
N ALA B 86 -2.08 -11.34 10.82
CA ALA B 86 -1.49 -12.09 11.92
C ALA B 86 -0.13 -11.52 12.32
N ALA B 87 0.64 -11.03 11.35
CA ALA B 87 1.98 -10.52 11.62
C ALA B 87 1.95 -9.33 12.58
N TYR B 88 1.03 -8.38 12.36
CA TYR B 88 0.89 -7.26 13.28
C TYR B 88 0.57 -7.74 14.70
N LEU B 89 -0.39 -8.66 14.82
CA LEU B 89 -0.78 -9.16 16.14
C LEU B 89 0.39 -9.82 16.84
N HIS B 90 1.14 -10.67 16.12
CA HIS B 90 2.32 -11.29 16.72
C HIS B 90 3.34 -10.23 17.16
N LYS B 91 3.56 -9.21 16.33
CA LYS B 91 4.49 -8.16 16.71
C LYS B 91 4.01 -7.42 17.96
N ALA B 92 2.72 -7.09 18.02
CA ALA B 92 2.19 -6.46 19.22
C ALA B 92 2.38 -7.32 20.46
N ALA B 93 2.16 -8.64 20.33
CA ALA B 93 2.32 -9.53 21.47
C ALA B 93 3.77 -9.58 21.94
N ASP B 94 4.72 -9.54 21.00
CA ASP B 94 6.13 -9.52 21.37
C ASP B 94 6.46 -8.26 22.17
N ILE B 95 5.90 -7.12 21.76
CA ILE B 95 6.19 -5.88 22.47
C ILE B 95 5.56 -5.90 23.86
N LEU B 96 4.37 -6.49 23.99
CA LEU B 96 3.74 -6.62 25.30
C LEU B 96 4.61 -7.44 26.25
N VAL B 97 5.14 -8.57 25.76
CA VAL B 97 6.05 -9.39 26.58
C VAL B 97 7.26 -8.58 26.99
N ARG B 98 7.84 -7.83 26.05
CA ARG B 98 9.00 -7.00 26.36
C ARG B 98 8.67 -6.00 27.46
N ASP B 99 7.48 -5.39 27.40
CA ASP B 99 7.09 -4.33 28.32
C ASP B 99 6.19 -4.85 29.44
N ALA B 100 6.25 -6.15 29.74
CA ALA B 100 5.34 -6.73 30.72
C ALA B 100 5.53 -6.11 32.09
N GLU B 101 6.79 -5.90 32.50
CA GLU B 101 7.04 -5.31 33.82
C GLU B 101 6.58 -3.86 33.88
N LYS B 102 6.95 -3.07 32.87
CA LYS B 102 6.54 -1.67 32.83
C LYS B 102 5.02 -1.55 32.92
N ILE B 103 4.29 -2.27 32.07
CA ILE B 103 2.84 -2.16 32.03
C ILE B 103 2.24 -2.72 33.31
N GLY B 104 2.71 -3.88 33.75
CA GLY B 104 2.15 -4.51 34.93
C GLY B 104 2.28 -3.65 36.17
N ALA B 105 3.41 -2.93 36.30
CA ALA B 105 3.61 -2.06 37.44
C ALA B 105 2.53 -0.98 37.50
N ILE B 106 2.17 -0.41 36.35
CA ILE B 106 1.14 0.63 36.34
C ILE B 106 -0.24 0.00 36.51
N LEU B 107 -0.50 -1.12 35.84
CA LEU B 107 -1.78 -1.81 36.01
C LEU B 107 -2.01 -2.17 37.47
N SER B 108 -0.96 -2.65 38.14
CA SER B 108 -1.06 -3.00 39.55
C SER B 108 -1.59 -1.83 40.37
N LYS B 109 -1.05 -0.63 40.13
CA LYS B 109 -1.49 0.55 40.87
C LYS B 109 -2.89 0.99 40.44
N GLU B 110 -3.20 0.89 39.15
CA GLU B 110 -4.43 1.50 38.65
C GLU B 110 -5.67 0.81 39.18
N VAL B 111 -5.62 -0.52 39.37
CA VAL B 111 -6.79 -1.27 39.80
C VAL B 111 -6.53 -2.05 41.08
N ALA B 112 -5.48 -1.68 41.81
CA ALA B 112 -5.15 -2.32 43.08
C ALA B 112 -5.11 -3.84 42.92
N LYS B 113 -4.38 -4.28 41.91
CA LYS B 113 -4.13 -5.69 41.67
C LYS B 113 -2.71 -6.01 42.08
N GLY B 114 -2.53 -7.15 42.77
CA GLY B 114 -1.19 -7.57 43.14
C GLY B 114 -0.21 -7.36 42.01
N HIS B 115 1.00 -6.92 42.34
CA HIS B 115 1.97 -6.59 41.30
C HIS B 115 2.29 -7.79 40.42
N LYS B 116 2.64 -8.92 41.05
CA LYS B 116 2.98 -10.10 40.26
C LYS B 116 1.80 -10.57 39.43
N ALA B 117 0.59 -10.51 39.99
CA ALA B 117 -0.60 -10.87 39.24
C ALA B 117 -0.83 -9.92 38.06
N ALA B 118 -0.52 -8.64 38.25
CA ALA B 118 -0.71 -7.68 37.17
C ALA B 118 0.23 -7.98 35.99
N VAL B 119 1.50 -8.28 36.28
CA VAL B 119 2.43 -8.63 35.22
C VAL B 119 1.98 -9.91 34.52
N SER B 120 1.49 -10.89 35.30
CA SER B 120 0.99 -12.13 34.72
C SER B 120 -0.22 -11.87 33.82
N GLU B 121 -1.03 -10.86 34.15
CA GLU B 121 -2.13 -10.50 33.27
C GLU B 121 -1.62 -10.03 31.91
N VAL B 122 -0.53 -9.26 31.90
CA VAL B 122 0.03 -8.77 30.63
C VAL B 122 0.58 -9.94 29.82
N ILE B 123 1.24 -10.89 30.47
CA ILE B 123 1.79 -12.05 29.76
C ILE B 123 0.65 -12.88 29.17
N ARG B 124 -0.42 -13.08 29.94
CA ARG B 124 -1.55 -13.86 29.44
C ARG B 124 -2.21 -13.16 28.26
N THR B 125 -2.29 -11.83 28.29
CA THR B 125 -2.80 -11.09 27.15
C THR B 125 -1.96 -11.35 25.91
N ALA B 126 -0.63 -11.37 26.05
CA ALA B 126 0.22 -11.67 24.91
C ALA B 126 -0.04 -13.08 24.38
N GLU B 127 -0.15 -14.06 25.27
CA GLU B 127 -0.43 -15.42 24.83
C GLU B 127 -1.75 -15.48 24.06
N ILE B 128 -2.76 -14.75 24.52
CA ILE B 128 -4.05 -14.78 23.84
C ILE B 128 -3.95 -14.13 22.46
N ILE B 129 -3.21 -13.02 22.36
CA ILE B 129 -3.08 -12.33 21.08
C ILE B 129 -2.41 -13.26 20.06
N ASN B 130 -1.31 -13.89 20.46
CA ASN B 130 -0.61 -14.82 19.57
C ASN B 130 -1.53 -15.97 19.17
N TYR B 131 -2.25 -16.53 20.13
CA TYR B 131 -3.14 -17.65 19.85
C TYR B 131 -4.27 -17.20 18.92
N ALA B 132 -4.81 -16.00 19.12
CA ALA B 132 -5.88 -15.54 18.25
C ALA B 132 -5.38 -15.36 16.83
N ALA B 133 -4.16 -14.85 16.67
CA ALA B 133 -3.60 -14.64 15.34
C ALA B 133 -3.51 -15.95 14.57
N GLU B 134 -2.95 -16.99 15.21
CA GLU B 134 -2.78 -18.27 14.52
C GLU B 134 -4.10 -19.00 14.36
N GLU B 135 -5.05 -18.80 15.27
CA GLU B 135 -6.37 -19.40 15.11
C GLU B 135 -7.12 -18.77 13.96
N GLY B 136 -7.10 -17.43 13.89
CA GLY B 136 -7.86 -16.73 12.88
C GLY B 136 -7.29 -16.89 11.48
N LEU B 137 -5.98 -17.06 11.36
CA LEU B 137 -5.37 -17.04 10.04
C LEU B 137 -5.71 -18.28 9.24
N ARG B 138 -6.00 -19.40 9.91
CA ARG B 138 -6.45 -20.61 9.26
C ARG B 138 -7.97 -20.67 9.16
N MET B 139 -8.62 -19.51 9.09
CA MET B 139 -10.06 -19.43 8.84
C MET B 139 -10.43 -20.20 7.59
N GLU B 140 -11.46 -21.03 7.68
CA GLU B 140 -11.88 -21.85 6.56
C GLU B 140 -13.35 -21.60 6.27
N GLY B 141 -13.70 -21.71 4.98
CA GLY B 141 -15.06 -21.68 4.54
C GLY B 141 -15.56 -23.07 4.17
N GLU B 142 -16.76 -23.11 3.62
CA GLU B 142 -17.40 -24.38 3.30
C GLU B 142 -18.02 -24.30 1.92
N VAL B 143 -18.08 -25.46 1.28
CA VAL B 143 -18.75 -25.65 -0.01
C VAL B 143 -19.92 -26.58 0.23
N LEU B 144 -21.13 -26.08 0.00
CA LEU B 144 -22.35 -26.84 0.19
C LEU B 144 -22.90 -27.28 -1.14
N GLU B 145 -23.44 -28.50 -1.18
CA GLU B 145 -23.96 -29.12 -2.40
C GLU B 145 -25.47 -28.93 -2.46
N GLY B 146 -25.95 -28.29 -3.53
CA GLY B 146 -27.40 -28.22 -3.74
C GLY B 146 -28.04 -29.59 -3.82
N GLY B 147 -27.33 -30.58 -4.34
CA GLY B 147 -27.83 -31.95 -4.45
C GLY B 147 -28.02 -32.66 -3.13
N SER B 148 -27.55 -32.08 -2.03
CA SER B 148 -27.86 -32.61 -0.70
C SER B 148 -29.31 -32.37 -0.32
N PHE B 149 -29.98 -31.42 -0.98
CA PHE B 149 -31.35 -31.05 -0.63
C PHE B 149 -32.37 -31.37 -1.72
N GLU B 150 -32.07 -31.11 -2.99
CA GLU B 150 -32.99 -31.48 -4.06
C GLU B 150 -32.24 -31.85 -5.32
N ALA B 151 -32.69 -32.93 -5.96
CA ALA B 151 -31.96 -33.47 -7.11
C ALA B 151 -31.82 -32.44 -8.22
N ALA B 152 -32.83 -31.59 -8.40
CA ALA B 152 -32.82 -30.65 -9.51
C ALA B 152 -31.74 -29.58 -9.36
N SER B 153 -31.23 -29.38 -8.14
CA SER B 153 -30.19 -28.39 -7.89
C SER B 153 -28.83 -29.02 -7.66
N LYS B 154 -28.61 -30.26 -8.14
CA LYS B 154 -27.35 -30.93 -7.89
C LYS B 154 -26.16 -30.22 -8.52
N LYS B 155 -26.39 -29.41 -9.56
CA LYS B 155 -25.32 -28.64 -10.18
C LYS B 155 -25.06 -27.31 -9.47
N LYS B 156 -25.88 -26.94 -8.49
CA LYS B 156 -25.73 -25.68 -7.79
C LYS B 156 -24.92 -25.88 -6.52
N ILE B 157 -23.85 -25.10 -6.37
CA ILE B 157 -23.05 -25.15 -5.15
C ILE B 157 -22.95 -23.76 -4.56
N ALA B 158 -22.73 -23.72 -3.25
CA ALA B 158 -22.54 -22.48 -2.50
C ALA B 158 -21.13 -22.47 -1.95
N ILE B 159 -20.37 -21.45 -2.32
CA ILE B 159 -19.03 -21.20 -1.79
C ILE B 159 -19.19 -20.20 -0.66
N VAL B 160 -19.04 -20.66 0.57
CA VAL B 160 -19.35 -19.86 1.76
C VAL B 160 -18.03 -19.49 2.45
N ARG B 161 -17.72 -18.20 2.44
CA ARG B 161 -16.50 -17.68 3.04
C ARG B 161 -16.85 -16.73 4.18
N ARG B 162 -15.94 -16.60 5.14
CA ARG B 162 -16.14 -15.73 6.29
C ARG B 162 -15.66 -14.32 5.96
N GLU B 163 -16.30 -13.34 6.60
CA GLU B 163 -15.96 -11.94 6.44
C GLU B 163 -16.09 -11.26 7.80
N PRO B 164 -15.38 -10.15 8.01
CA PRO B 164 -15.54 -9.42 9.27
C PRO B 164 -16.91 -8.74 9.33
N VAL B 165 -17.33 -8.44 10.56
CA VAL B 165 -18.60 -7.73 10.71
C VAL B 165 -18.45 -6.24 10.45
N GLY B 166 -17.24 -5.70 10.61
CA GLY B 166 -16.98 -4.29 10.34
C GLY B 166 -16.25 -3.61 11.48
N LEU B 167 -16.95 -2.73 12.20
CA LEU B 167 -16.38 -2.01 13.33
C LEU B 167 -16.83 -2.70 14.61
N VAL B 168 -15.85 -3.17 15.37
CA VAL B 168 -16.09 -3.78 16.67
C VAL B 168 -15.76 -2.76 17.76
N LEU B 169 -16.72 -2.52 18.64
CA LEU B 169 -16.50 -1.75 19.86
C LEU B 169 -16.20 -2.74 20.98
N ALA B 170 -14.98 -2.68 21.51
CA ALA B 170 -14.55 -3.51 22.62
C ALA B 170 -14.54 -2.64 23.88
N ILE B 171 -15.28 -3.08 24.90
CA ILE B 171 -15.33 -2.41 26.20
C ILE B 171 -14.75 -3.36 27.24
N SER B 172 -13.58 -3.02 27.79
CA SER B 172 -12.93 -3.90 28.76
C SER B 172 -13.35 -3.51 30.18
N PRO B 173 -13.09 -4.40 31.17
CA PRO B 173 -13.50 -4.11 32.55
C PRO B 173 -12.34 -3.74 33.47
N PHE B 174 -12.64 -3.15 34.63
CA PHE B 174 -11.55 -2.69 35.49
C PHE B 174 -10.72 -3.85 36.04
N ASN B 175 -11.33 -5.03 36.21
CA ASN B 175 -10.64 -6.14 36.88
C ASN B 175 -9.74 -6.93 35.93
N TYR B 176 -9.84 -6.70 34.63
CA TYR B 176 -8.93 -7.26 33.64
C TYR B 176 -8.79 -6.25 32.51
N PRO B 177 -8.26 -5.06 32.79
CA PRO B 177 -8.29 -3.98 31.80
C PRO B 177 -7.38 -4.21 30.61
N VAL B 178 -6.42 -5.11 30.71
CA VAL B 178 -5.58 -5.49 29.57
C VAL B 178 -5.97 -6.85 29.02
N ASN B 179 -6.16 -7.85 29.90
CA ASN B 179 -6.48 -9.20 29.43
C ASN B 179 -7.81 -9.22 28.68
N LEU B 180 -8.84 -8.58 29.23
CA LEU B 180 -10.14 -8.58 28.59
C LEU B 180 -10.34 -7.39 27.67
N ALA B 181 -9.25 -6.70 27.31
CA ALA B 181 -9.21 -5.89 26.11
C ALA B 181 -8.63 -6.69 24.95
N GLY B 182 -7.46 -7.29 25.14
CA GLY B 182 -6.85 -8.08 24.09
C GLY B 182 -7.66 -9.29 23.67
N SER B 183 -8.39 -9.89 24.63
CA SER B 183 -9.24 -11.03 24.32
C SER B 183 -10.35 -10.67 23.36
N LYS B 184 -10.68 -9.38 23.25
CA LYS B 184 -11.64 -8.88 22.28
C LYS B 184 -10.97 -8.34 21.03
N ILE B 185 -9.87 -7.60 21.21
CA ILE B 185 -9.22 -6.90 20.11
C ILE B 185 -8.60 -7.88 19.12
N ALA B 186 -7.82 -8.84 19.64
CA ALA B 186 -7.05 -9.71 18.74
C ALA B 186 -7.96 -10.60 17.91
N PRO B 187 -8.96 -11.28 18.46
CA PRO B 187 -9.89 -12.04 17.60
C PRO B 187 -10.60 -11.18 16.57
N ALA B 188 -10.94 -9.94 16.91
CA ALA B 188 -11.59 -9.08 15.93
C ALA B 188 -10.64 -8.69 14.81
N LEU B 189 -9.40 -8.33 15.14
CA LEU B 189 -8.49 -7.83 14.11
C LEU B 189 -8.10 -8.92 13.13
N ILE B 190 -7.80 -10.12 13.61
CA ILE B 190 -7.32 -11.16 12.70
C ILE B 190 -8.35 -11.44 11.62
N ALA B 191 -9.63 -11.35 11.97
CA ALA B 191 -10.70 -11.63 11.02
C ALA B 191 -10.98 -10.47 10.08
N GLY B 192 -10.26 -9.36 10.20
CA GLY B 192 -10.44 -8.24 9.30
C GLY B 192 -11.30 -7.11 9.82
N ASN B 193 -11.78 -7.20 11.06
CA ASN B 193 -12.52 -6.10 11.68
C ASN B 193 -11.56 -5.01 12.10
N VAL B 194 -12.07 -3.78 12.11
CA VAL B 194 -11.40 -2.66 12.75
C VAL B 194 -12.04 -2.50 14.12
N VAL B 195 -11.32 -1.83 15.03
CA VAL B 195 -11.63 -1.90 16.45
C VAL B 195 -11.49 -0.53 17.09
N ALA B 196 -12.42 -0.23 18.00
CA ALA B 196 -12.29 0.89 18.93
C ALA B 196 -12.44 0.32 20.33
N LEU B 197 -11.42 0.52 21.17
CA LEU B 197 -11.41 0.04 22.54
C LEU B 197 -11.81 1.19 23.47
N LYS B 198 -12.88 0.98 24.24
CA LYS B 198 -13.26 1.87 25.33
C LYS B 198 -12.88 1.18 26.64
N PRO B 199 -11.77 1.51 27.27
CA PRO B 199 -11.45 0.94 28.57
C PRO B 199 -12.32 1.56 29.65
N PRO B 200 -12.38 0.96 30.83
CA PRO B 200 -12.99 1.65 31.96
C PRO B 200 -12.10 2.81 32.36
N THR B 201 -12.72 3.88 32.85
CA THR B 201 -11.95 5.02 33.32
C THR B 201 -10.89 4.56 34.33
N GLN B 202 -11.32 3.82 35.35
CA GLN B 202 -10.36 3.20 36.27
C GLN B 202 -9.83 1.95 35.58
N GLY B 203 -8.66 2.08 34.97
CA GLY B 203 -8.14 1.10 34.04
C GLY B 203 -7.83 1.64 32.67
N SER B 204 -8.18 2.91 32.40
CA SER B 204 -7.94 3.47 31.07
C SER B 204 -6.47 3.68 30.80
N ILE B 205 -5.67 3.96 31.83
CA ILE B 205 -4.23 4.04 31.60
C ILE B 205 -3.70 2.71 31.10
N SER B 206 -4.12 1.61 31.74
CA SER B 206 -3.66 0.28 31.31
C SER B 206 -4.10 -0.04 29.89
N GLY B 207 -5.33 0.33 29.52
CA GLY B 207 -5.78 0.10 28.16
C GLY B 207 -5.00 0.89 27.13
N LEU B 208 -4.65 2.14 27.46
CA LEU B 208 -3.81 2.92 26.56
C LEU B 208 -2.39 2.33 26.47
N LEU B 209 -1.87 1.79 27.58
CA LEU B 209 -0.55 1.17 27.52
C LEU B 209 -0.57 -0.08 26.63
N LEU B 210 -1.69 -0.81 26.62
CA LEU B 210 -1.88 -1.89 25.66
C LEU B 210 -1.93 -1.36 24.24
N ALA B 211 -2.57 -0.21 24.04
CA ALA B 211 -2.67 0.34 22.70
C ALA B 211 -1.29 0.66 22.14
N GLU B 212 -0.38 1.14 22.98
CA GLU B 212 0.94 1.53 22.51
C GLU B 212 1.64 0.36 21.83
N ALA B 213 1.49 -0.85 22.37
CA ALA B 213 2.14 -2.00 21.78
C ALA B 213 1.61 -2.25 20.37
N PHE B 214 0.31 -2.04 20.17
CA PHE B 214 -0.27 -2.20 18.83
C PHE B 214 0.19 -1.07 17.91
N ALA B 215 0.30 0.15 18.43
CA ALA B 215 0.81 1.26 17.64
C ALA B 215 2.24 0.99 17.18
N GLU B 216 3.10 0.61 18.13
CA GLU B 216 4.50 0.33 17.80
C GLU B 216 4.64 -0.87 16.87
N ALA B 217 3.71 -1.81 16.92
CA ALA B 217 3.72 -2.92 15.96
C ALA B 217 3.44 -2.45 14.55
N GLY B 218 2.99 -1.21 14.37
CA GLY B 218 2.73 -0.67 13.06
C GLY B 218 1.33 -0.87 12.55
N ILE B 219 0.38 -1.21 13.42
CA ILE B 219 -1.01 -1.46 13.01
C ILE B 219 -1.49 -0.25 12.20
N PRO B 220 -2.05 -0.46 11.01
CA PRO B 220 -2.38 0.68 10.15
C PRO B 220 -3.31 1.69 10.81
N ALA B 221 -3.16 2.96 10.42
CA ALA B 221 -3.94 4.04 10.99
C ALA B 221 -5.44 3.76 10.89
N GLY B 222 -6.13 3.88 12.03
CA GLY B 222 -7.57 3.70 12.07
C GLY B 222 -8.05 2.28 12.19
N VAL B 223 -7.20 1.28 11.98
CA VAL B 223 -7.63 -0.09 12.17
C VAL B 223 -7.92 -0.36 13.64
N PHE B 224 -7.11 0.21 14.52
CA PHE B 224 -7.28 0.08 15.96
C PHE B 224 -7.21 1.48 16.57
N ASN B 225 -8.18 1.80 17.41
CA ASN B 225 -8.27 3.10 18.06
C ASN B 225 -8.75 2.90 19.48
N THR B 226 -8.65 3.96 20.28
CA THR B 226 -9.09 3.95 21.67
C THR B 226 -10.02 5.13 21.93
N ILE B 227 -10.93 4.96 22.89
CA ILE B 227 -11.85 5.99 23.35
C ILE B 227 -11.79 6.02 24.86
N THR B 228 -11.68 7.22 25.45
CA THR B 228 -11.75 7.37 26.89
C THR B 228 -12.67 8.53 27.24
N GLY B 229 -13.30 8.44 28.40
CA GLY B 229 -14.21 9.46 28.86
C GLY B 229 -15.15 8.91 29.90
N ARG B 230 -15.91 9.81 30.52
CA ARG B 230 -16.86 9.41 31.54
C ARG B 230 -18.15 8.91 30.89
N GLY B 231 -18.72 7.86 31.47
CA GLY B 231 -19.92 7.23 30.94
C GLY B 231 -21.13 8.14 30.85
N SER B 232 -21.10 9.30 31.52
CA SER B 232 -22.22 10.23 31.39
C SER B 232 -22.19 10.93 30.03
N VAL B 233 -21.01 11.34 29.59
CA VAL B 233 -20.89 12.06 28.32
C VAL B 233 -21.04 11.12 27.14
N ILE B 234 -20.33 9.99 27.18
CA ILE B 234 -20.18 9.14 26.00
C ILE B 234 -20.69 7.71 26.22
N GLY B 235 -21.04 7.34 27.45
CA GLY B 235 -21.40 5.97 27.75
C GLY B 235 -22.40 5.36 26.79
N ASP B 236 -23.64 5.86 26.81
CA ASP B 236 -24.64 5.36 25.87
C ASP B 236 -24.29 5.74 24.43
N TYR B 237 -23.61 6.86 24.22
CA TYR B 237 -23.38 7.34 22.86
C TYR B 237 -22.53 6.35 22.07
N ILE B 238 -21.44 5.87 22.67
CA ILE B 238 -20.53 5.00 21.92
C ILE B 238 -21.22 3.72 21.47
N VAL B 239 -22.23 3.28 22.23
CA VAL B 239 -22.92 2.03 21.93
C VAL B 239 -24.04 2.22 20.93
N GLU B 240 -24.77 3.33 21.03
CA GLU B 240 -25.87 3.60 20.11
C GLU B 240 -25.38 3.89 18.69
N HIS B 241 -24.15 4.36 18.55
CA HIS B 241 -23.68 4.89 17.27
C HIS B 241 -23.87 3.87 16.15
N GLU B 242 -24.52 4.30 15.07
CA GLU B 242 -24.82 3.43 13.94
C GLU B 242 -23.56 2.96 13.22
N ALA B 243 -22.42 3.60 13.46
CA ALA B 243 -21.17 3.15 12.84
C ALA B 243 -20.71 1.82 13.43
N VAL B 244 -21.10 1.52 14.66
CA VAL B 244 -20.64 0.31 15.34
C VAL B 244 -21.45 -0.89 14.85
N ASN B 245 -20.73 -1.95 14.47
CA ASN B 245 -21.35 -3.14 13.93
C ASN B 245 -21.38 -4.30 14.91
N PHE B 246 -20.58 -4.23 15.98
CA PHE B 246 -20.54 -5.26 17.00
C PHE B 246 -20.07 -4.62 18.29
N ILE B 247 -20.73 -4.97 19.39
CA ILE B 247 -20.40 -4.48 20.72
C ILE B 247 -19.96 -5.67 21.55
N ASN B 248 -18.74 -5.61 22.06
CA ASN B 248 -18.12 -6.70 22.84
C ASN B 248 -17.76 -6.14 24.21
N PHE B 249 -18.55 -6.49 25.23
CA PHE B 249 -18.52 -5.82 26.52
C PHE B 249 -18.31 -6.80 27.65
N THR B 250 -17.47 -6.40 28.62
CA THR B 250 -17.34 -7.08 29.90
C THR B 250 -17.55 -6.04 31.00
N GLY B 251 -18.43 -6.35 31.93
CA GLY B 251 -18.70 -5.44 33.03
C GLY B 251 -19.90 -5.89 33.83
N SER B 252 -20.49 -4.94 34.54
CA SER B 252 -21.56 -5.26 35.47
C SER B 252 -22.84 -5.59 34.73
N THR B 253 -23.67 -6.42 35.36
CA THR B 253 -24.94 -6.82 34.73
C THR B 253 -25.82 -5.62 34.44
N PRO B 254 -26.03 -4.67 35.35
CA PRO B 254 -26.92 -3.54 35.01
C PRO B 254 -26.45 -2.73 33.81
N ILE B 255 -25.14 -2.44 33.72
CA ILE B 255 -24.63 -1.75 32.54
C ILE B 255 -24.82 -2.61 31.30
N GLY B 256 -24.58 -3.92 31.43
CA GLY B 256 -24.69 -4.80 30.28
C GLY B 256 -26.11 -4.97 29.78
N GLU B 257 -27.09 -4.98 30.71
CA GLU B 257 -28.48 -5.02 30.30
C GLU B 257 -28.85 -3.75 29.53
N GLY B 258 -28.35 -2.60 29.99
CA GLY B 258 -28.56 -1.37 29.23
C GLY B 258 -28.01 -1.44 27.82
N ILE B 259 -26.84 -2.08 27.67
CA ILE B 259 -26.25 -2.23 26.34
C ILE B 259 -27.16 -3.05 25.44
N GLY B 260 -27.74 -4.12 25.98
CA GLY B 260 -28.60 -4.96 25.16
C GLY B 260 -29.73 -4.19 24.51
N LYS B 261 -30.26 -3.19 25.21
CA LYS B 261 -31.34 -2.38 24.65
C LYS B 261 -30.82 -1.52 23.50
N LEU B 262 -29.69 -0.85 23.72
CA LEU B 262 -29.14 0.07 22.73
C LEU B 262 -28.52 -0.64 21.55
N ALA B 263 -28.32 -1.96 21.63
CA ALA B 263 -27.71 -2.70 20.52
C ALA B 263 -28.66 -2.84 19.34
N GLY B 264 -29.96 -2.96 19.60
CA GLY B 264 -30.89 -3.18 18.50
C GLY B 264 -30.68 -4.55 17.90
N MET B 265 -30.60 -4.60 16.56
CA MET B 265 -30.37 -5.85 15.86
C MET B 265 -28.91 -6.22 15.76
N ARG B 266 -28.01 -5.38 16.27
CA ARG B 266 -26.59 -5.61 16.08
C ARG B 266 -26.12 -6.76 16.96
N PRO B 267 -25.15 -7.55 16.50
CA PRO B 267 -24.62 -8.63 17.34
C PRO B 267 -23.85 -8.08 18.52
N ILE B 268 -23.88 -8.83 19.62
CA ILE B 268 -23.24 -8.41 20.86
C ILE B 268 -22.58 -9.61 21.54
N MET B 269 -21.61 -9.30 22.37
CA MET B 269 -21.01 -10.24 23.30
C MET B 269 -21.01 -9.53 24.64
N LEU B 270 -21.66 -10.12 25.64
CA LEU B 270 -21.73 -9.57 26.98
C LEU B 270 -21.20 -10.58 27.98
N GLU B 271 -20.25 -10.15 28.80
CA GLU B 271 -19.72 -10.93 29.92
C GLU B 271 -20.09 -10.14 31.18
N LEU B 272 -21.10 -10.61 31.90
CA LEU B 272 -21.72 -9.85 32.98
C LEU B 272 -21.38 -10.52 34.32
N GLY B 273 -22.30 -10.43 35.28
CA GLY B 273 -22.04 -10.94 36.60
C GLY B 273 -22.10 -12.45 36.71
N GLY B 274 -21.70 -12.93 37.89
CA GLY B 274 -21.77 -14.34 38.19
C GLY B 274 -22.01 -14.55 39.67
N LYS B 275 -22.49 -15.73 39.99
CA LYS B 275 -22.66 -16.18 41.38
C LYS B 275 -22.40 -17.69 41.37
N ASP B 276 -21.21 -18.07 40.91
CA ASP B 276 -20.90 -19.46 40.66
C ASP B 276 -21.05 -20.30 41.93
N SER B 277 -21.75 -21.42 41.82
CA SER B 277 -21.92 -22.33 42.94
CA SER B 277 -21.91 -22.31 42.94
C SER B 277 -20.81 -23.37 42.94
N ALA B 278 -20.39 -23.77 44.13
CA ALA B 278 -19.46 -24.87 44.34
C ALA B 278 -20.24 -25.92 45.11
N ILE B 279 -20.71 -26.94 44.39
CA ILE B 279 -21.50 -28.01 44.97
C ILE B 279 -20.55 -29.09 45.50
N VAL B 280 -20.64 -29.37 46.79
CA VAL B 280 -19.78 -30.35 47.45
C VAL B 280 -20.67 -31.48 47.96
N LEU B 281 -20.53 -32.66 47.36
CA LEU B 281 -21.30 -33.82 47.74
C LEU B 281 -20.63 -34.58 48.90
N GLU B 282 -21.33 -35.60 49.40
CA GLU B 282 -20.87 -36.31 50.60
C GLU B 282 -19.56 -37.07 50.38
N ASP B 283 -19.29 -37.52 49.17
CA ASP B 283 -18.11 -38.30 48.87
C ASP B 283 -16.95 -37.46 48.37
N ALA B 284 -17.02 -36.15 48.56
CA ALA B 284 -16.01 -35.27 48.00
C ALA B 284 -14.72 -35.34 48.80
N ASP B 285 -13.63 -34.97 48.13
CA ASP B 285 -12.30 -34.80 48.73
C ASP B 285 -12.28 -33.41 49.37
N LEU B 286 -12.62 -33.35 50.67
CA LEU B 286 -12.86 -32.05 51.29
C LEU B 286 -11.64 -31.15 51.27
N ALA B 287 -10.44 -31.72 51.38
CA ALA B 287 -9.23 -30.90 51.32
C ALA B 287 -9.06 -30.27 49.95
N LEU B 288 -9.28 -31.05 48.88
CA LEU B 288 -9.21 -30.49 47.54
CA LEU B 288 -9.22 -30.50 47.53
C LEU B 288 -10.31 -29.46 47.32
N ALA B 289 -11.52 -29.75 47.81
CA ALA B 289 -12.61 -28.79 47.68
C ALA B 289 -12.25 -27.47 48.37
N ALA B 290 -11.79 -27.54 49.62
CA ALA B 290 -11.51 -26.32 50.37
C ALA B 290 -10.41 -25.51 49.69
N LYS B 291 -9.36 -26.17 49.21
CA LYS B 291 -8.28 -25.46 48.53
C LYS B 291 -8.80 -24.72 47.30
N ASN B 292 -9.59 -25.39 46.46
CA ASN B 292 -10.06 -24.76 45.23
C ASN B 292 -11.07 -23.66 45.53
N ILE B 293 -11.96 -23.90 46.51
CA ILE B 293 -12.99 -22.91 46.85
C ILE B 293 -12.34 -21.61 47.34
N VAL B 294 -11.33 -21.72 48.21
CA VAL B 294 -10.74 -20.49 48.74
C VAL B 294 -9.96 -19.76 47.64
N ALA B 295 -9.20 -20.48 46.83
CA ALA B 295 -8.45 -19.84 45.75
C ALA B 295 -9.39 -19.13 44.78
N GLY B 296 -10.47 -19.82 44.37
CA GLY B 296 -11.36 -19.23 43.40
C GLY B 296 -12.24 -18.13 43.97
N ALA B 297 -12.58 -18.23 45.25
CA ALA B 297 -13.51 -17.27 45.84
C ALA B 297 -12.82 -15.95 46.18
N PHE B 298 -11.57 -16.00 46.61
CA PHE B 298 -10.89 -14.82 47.14
C PHE B 298 -9.80 -14.30 46.23
N GLY B 299 -9.55 -14.94 45.10
CA GLY B 299 -8.63 -14.38 44.13
C GLY B 299 -9.03 -12.97 43.77
N TYR B 300 -8.07 -12.04 43.83
CA TYR B 300 -8.31 -10.62 43.54
C TYR B 300 -9.45 -10.07 44.39
N SER B 301 -9.47 -10.49 45.66
CA SER B 301 -10.47 -10.04 46.65
C SER B 301 -11.90 -10.35 46.21
N GLY B 302 -12.08 -11.38 45.39
CA GLY B 302 -13.40 -11.75 44.93
C GLY B 302 -13.96 -10.86 43.84
N GLN B 303 -13.12 -10.04 43.21
CA GLN B 303 -13.56 -9.11 42.18
C GLN B 303 -13.44 -9.74 40.80
N ARG B 304 -14.17 -10.84 40.62
CA ARG B 304 -14.13 -11.59 39.38
C ARG B 304 -15.50 -12.19 39.13
N SER B 305 -15.92 -12.17 37.86
CA SER B 305 -17.20 -12.78 37.50
C SER B 305 -17.14 -14.29 37.66
N THR B 306 -16.02 -14.89 37.30
CA THR B 306 -15.84 -16.35 37.35
C THR B 306 -15.12 -16.72 38.65
N ALA B 307 -15.83 -16.59 39.74
CA ALA B 307 -15.32 -16.92 41.05
C ALA B 307 -16.36 -17.76 41.77
N VAL B 308 -15.88 -18.69 42.60
CA VAL B 308 -16.77 -19.36 43.53
C VAL B 308 -17.37 -18.29 44.45
N LYS B 309 -18.71 -18.19 44.45
CA LYS B 309 -19.38 -17.16 45.24
C LYS B 309 -20.44 -17.74 46.17
N ARG B 310 -20.65 -19.06 46.16
CA ARG B 310 -21.53 -19.68 47.14
C ARG B 310 -21.25 -21.18 47.17
N VAL B 311 -21.11 -21.71 48.37
CA VAL B 311 -20.86 -23.14 48.56
C VAL B 311 -22.19 -23.79 48.87
N LEU B 312 -22.60 -24.75 48.04
CA LEU B 312 -23.77 -25.58 48.31
C LEU B 312 -23.23 -26.94 48.74
N VAL B 313 -23.24 -27.20 50.05
CA VAL B 313 -22.56 -28.36 50.62
C VAL B 313 -23.57 -29.26 51.31
N MET B 314 -23.50 -30.55 51.00
CA MET B 314 -24.31 -31.55 51.69
C MET B 314 -24.05 -31.47 53.19
N ASP B 315 -25.14 -31.50 53.95
N ASP B 315 -25.11 -31.47 53.98
CA ASP B 315 -25.09 -31.25 55.38
CA ASP B 315 -24.92 -31.13 55.38
C ASP B 315 -24.12 -32.18 56.08
C ASP B 315 -24.17 -32.22 56.17
N LYS B 316 -24.03 -33.42 55.63
CA LYS B 316 -23.24 -34.43 56.34
C LYS B 316 -21.76 -34.09 56.37
N VAL B 317 -21.28 -33.29 55.40
CA VAL B 317 -19.87 -32.91 55.35
C VAL B 317 -19.68 -31.40 55.54
N ALA B 318 -20.72 -30.68 55.96
CA ALA B 318 -20.62 -29.22 55.97
C ALA B 318 -19.71 -28.74 57.09
N ASP B 319 -19.84 -29.30 58.29
CA ASP B 319 -19.05 -28.82 59.42
C ASP B 319 -17.56 -28.90 59.11
N GLN B 320 -17.11 -30.07 58.64
CA GLN B 320 -15.69 -30.27 58.35
C GLN B 320 -15.23 -29.41 57.19
N LEU B 321 -16.02 -29.36 56.11
CA LEU B 321 -15.66 -28.52 54.98
C LEU B 321 -15.49 -27.07 55.40
N ALA B 322 -16.46 -26.56 56.18
CA ALA B 322 -16.38 -25.17 56.60
C ALA B 322 -15.12 -24.92 57.43
N ALA B 323 -14.70 -25.90 58.25
CA ALA B 323 -13.52 -25.71 59.09
C ALA B 323 -12.24 -25.69 58.25
N GLU B 324 -12.18 -26.51 57.21
CA GLU B 324 -10.99 -26.50 56.35
C GLU B 324 -10.97 -25.25 55.47
N ILE B 325 -12.13 -24.78 55.02
CA ILE B 325 -12.18 -23.50 54.31
C ILE B 325 -11.71 -22.38 55.23
N LYS B 326 -12.21 -22.38 56.48
CA LYS B 326 -11.84 -21.35 57.44
C LYS B 326 -10.33 -21.31 57.67
N THR B 327 -9.70 -22.48 57.80
CA THR B 327 -8.25 -22.52 58.00
C THR B 327 -7.52 -21.82 56.85
N LEU B 328 -7.94 -22.06 55.61
CA LEU B 328 -7.26 -21.48 54.47
C LEU B 328 -7.54 -19.98 54.35
N VAL B 329 -8.77 -19.56 54.67
CA VAL B 329 -9.07 -18.13 54.61
C VAL B 329 -8.20 -17.36 55.59
N GLU B 330 -7.98 -17.91 56.79
CA GLU B 330 -7.19 -17.22 57.80
C GLU B 330 -5.73 -17.06 57.40
N LYS B 331 -5.24 -17.86 56.45
CA LYS B 331 -3.88 -17.72 55.97
C LYS B 331 -3.75 -16.71 54.83
N LEU B 332 -4.87 -16.26 54.25
CA LEU B 332 -4.79 -15.27 53.18
C LEU B 332 -4.20 -13.97 53.71
N SER B 333 -3.22 -13.43 52.99
CA SER B 333 -2.64 -12.15 53.37
C SER B 333 -3.60 -11.02 53.02
N VAL B 334 -3.56 -9.98 53.84
CA VAL B 334 -4.42 -8.81 53.70
C VAL B 334 -3.51 -7.59 53.75
N GLY B 335 -3.47 -6.85 52.64
CA GLY B 335 -2.53 -5.75 52.51
C GLY B 335 -2.56 -5.09 51.15
N MET B 336 -1.39 -4.57 50.71
CA MET B 336 -1.29 -3.65 49.57
C MET B 336 -0.93 -4.38 48.29
N PRO B 337 -1.32 -3.83 47.12
CA PRO B 337 -0.99 -4.50 45.86
C PRO B 337 0.50 -4.67 45.63
N GLU B 338 1.31 -3.66 46.00
CA GLU B 338 2.74 -3.74 45.77
CA GLU B 338 2.74 -3.76 45.74
C GLU B 338 3.40 -4.89 46.52
N ASP B 339 2.76 -5.36 47.59
CA ASP B 339 3.29 -6.45 48.39
C ASP B 339 2.68 -7.80 48.02
N ASP B 340 1.98 -7.87 46.89
CA ASP B 340 1.42 -9.13 46.37
C ASP B 340 0.46 -9.78 47.36
N ALA B 341 -0.28 -8.96 48.10
CA ALA B 341 -1.21 -9.50 49.08
C ALA B 341 -2.36 -10.23 48.39
N ASP B 342 -2.78 -11.35 48.98
CA ASP B 342 -3.94 -12.07 48.45
C ASP B 342 -5.16 -11.16 48.38
N ILE B 343 -5.43 -10.43 49.45
CA ILE B 343 -6.61 -9.59 49.59
C ILE B 343 -6.12 -8.14 49.55
N THR B 344 -6.48 -7.41 48.51
CA THR B 344 -6.14 -6.02 48.32
C THR B 344 -7.36 -5.12 48.48
N PRO B 345 -7.16 -3.81 48.57
CA PRO B 345 -8.31 -2.91 48.71
C PRO B 345 -9.20 -2.95 47.47
N LEU B 346 -10.50 -2.82 47.69
CA LEU B 346 -11.44 -2.91 46.59
C LEU B 346 -11.33 -1.67 45.69
N ILE B 347 -11.99 -1.75 44.54
CA ILE B 347 -11.73 -0.81 43.44
C ILE B 347 -12.11 0.62 43.84
N ASP B 348 -13.21 0.80 44.57
CA ASP B 348 -13.55 2.13 45.06
C ASP B 348 -14.45 1.99 46.29
N THR B 349 -14.74 3.15 46.90
CA THR B 349 -15.46 3.16 48.17
C THR B 349 -16.86 2.57 48.03
N SER B 350 -17.54 2.87 46.93
CA SER B 350 -18.88 2.32 46.70
C SER B 350 -18.85 0.80 46.64
N ALA B 351 -17.80 0.22 46.05
CA ALA B 351 -17.67 -1.24 46.01
C ALA B 351 -17.60 -1.81 47.42
N ALA B 352 -16.75 -1.23 48.28
CA ALA B 352 -16.62 -1.77 49.62
C ALA B 352 -17.86 -1.50 50.46
N ASP B 353 -18.52 -0.34 50.26
CA ASP B 353 -19.76 -0.07 50.97
C ASP B 353 -20.82 -1.10 50.64
N PHE B 354 -20.91 -1.50 49.37
CA PHE B 354 -21.87 -2.53 48.98
C PHE B 354 -21.53 -3.88 49.60
N VAL B 355 -20.24 -4.21 49.69
CA VAL B 355 -19.83 -5.48 50.31
C VAL B 355 -20.14 -5.46 51.80
N GLU B 356 -19.90 -4.33 52.47
CA GLU B 356 -20.20 -4.22 53.89
C GLU B 356 -21.70 -4.40 54.16
N GLY B 357 -22.54 -3.80 53.31
CA GLY B 357 -23.98 -3.97 53.49
C GLY B 357 -24.43 -5.40 53.42
N LEU B 358 -23.88 -6.16 52.46
CA LEU B 358 -24.20 -7.59 52.37
C LEU B 358 -23.74 -8.33 53.61
N ILE B 359 -22.54 -8.03 54.11
CA ILE B 359 -22.03 -8.67 55.32
C ILE B 359 -22.97 -8.39 56.49
N LYS B 360 -23.42 -7.13 56.61
CA LYS B 360 -24.29 -6.79 57.73
C LYS B 360 -25.61 -7.53 57.65
N ASP B 361 -26.20 -7.59 56.45
CA ASP B 361 -27.48 -8.29 56.26
C ASP B 361 -27.37 -9.77 56.63
N ALA B 362 -26.25 -10.40 56.30
CA ALA B 362 -26.07 -11.80 56.70
C ALA B 362 -25.98 -11.92 58.22
N THR B 363 -25.19 -11.06 58.85
CA THR B 363 -25.05 -11.11 60.30
C THR B 363 -26.39 -10.87 60.97
N ASP B 364 -27.14 -9.89 60.50
CA ASP B 364 -28.42 -9.54 61.10
C ASP B 364 -29.43 -10.68 61.00
N LYS B 365 -29.35 -11.49 59.94
CA LYS B 365 -30.27 -12.61 59.74
C LYS B 365 -29.77 -13.91 60.33
N GLY B 366 -28.64 -13.90 61.03
CA GLY B 366 -28.22 -15.01 61.85
C GLY B 366 -27.05 -15.84 61.35
N ALA B 367 -26.39 -15.43 60.27
CA ALA B 367 -25.30 -16.22 59.73
C ALA B 367 -24.15 -16.29 60.72
N THR B 368 -23.36 -17.35 60.61
CA THR B 368 -22.22 -17.55 61.47
C THR B 368 -20.97 -16.99 60.81
N ALA B 369 -20.36 -15.99 61.44
CA ALA B 369 -19.13 -15.38 60.93
C ALA B 369 -17.96 -16.22 61.38
N LEU B 370 -17.49 -17.10 60.49
CA LEU B 370 -16.33 -17.93 60.82
C LEU B 370 -15.04 -17.12 60.78
N THR B 371 -15.01 -16.04 60.00
CA THR B 371 -13.94 -15.04 60.06
C THR B 371 -14.60 -13.68 60.23
N ALA B 372 -13.87 -12.76 60.86
CA ALA B 372 -14.46 -11.50 61.30
C ALA B 372 -14.35 -10.42 60.23
N PHE B 373 -15.41 -9.63 60.09
CA PHE B 373 -15.36 -8.49 59.20
C PHE B 373 -14.50 -7.38 59.81
N ASN B 374 -13.53 -6.91 59.04
CA ASN B 374 -12.75 -5.72 59.36
C ASN B 374 -12.59 -4.91 58.08
N ARG B 375 -12.54 -3.60 58.23
CA ARG B 375 -12.37 -2.69 57.10
C ARG B 375 -11.51 -1.52 57.53
N GLU B 376 -10.41 -1.31 56.81
CA GLU B 376 -9.56 -0.13 56.95
C GLU B 376 -9.54 0.55 55.59
N GLY B 377 -10.20 1.69 55.47
CA GLY B 377 -10.41 2.30 54.17
C GLY B 377 -11.32 1.42 53.34
N ASN B 378 -10.85 0.99 52.17
CA ASN B 378 -11.59 0.06 51.32
C ASN B 378 -10.98 -1.33 51.34
N LEU B 379 -10.12 -1.61 52.31
CA LEU B 379 -9.49 -2.91 52.47
C LEU B 379 -10.34 -3.70 53.47
N ILE B 380 -11.12 -4.64 52.95
CA ILE B 380 -11.98 -5.50 53.75
C ILE B 380 -11.27 -6.84 53.93
N SER B 381 -11.17 -7.29 55.17
CA SER B 381 -10.62 -8.61 55.43
C SER B 381 -11.57 -9.68 54.92
N PRO B 382 -11.06 -10.85 54.56
CA PRO B 382 -11.92 -11.88 53.97
C PRO B 382 -12.89 -12.47 55.00
N VAL B 383 -14.17 -12.45 54.66
CA VAL B 383 -15.24 -12.87 55.55
C VAL B 383 -15.83 -14.17 55.05
N LEU B 384 -15.88 -15.18 55.92
CA LEU B 384 -16.48 -16.46 55.62
C LEU B 384 -17.71 -16.63 56.50
N PHE B 385 -18.86 -16.85 55.89
CA PHE B 385 -20.12 -17.05 56.60
C PHE B 385 -20.56 -18.50 56.43
N ASP B 386 -21.01 -19.10 57.53
CA ASP B 386 -21.63 -20.41 57.49
C ASP B 386 -23.10 -20.25 57.87
N HIS B 387 -23.89 -21.27 57.54
CA HIS B 387 -25.31 -21.27 57.87
C HIS B 387 -26.02 -20.09 57.21
N VAL B 388 -25.59 -19.76 55.99
CA VAL B 388 -26.30 -18.77 55.18
C VAL B 388 -27.58 -19.39 54.64
N THR B 389 -28.63 -18.59 54.61
CA THR B 389 -29.94 -19.03 54.14
C THR B 389 -30.42 -18.13 53.01
N THR B 390 -31.43 -18.62 52.28
CA THR B 390 -31.84 -17.97 51.04
C THR B 390 -32.59 -16.67 51.26
N ASP B 391 -32.95 -16.34 52.49
CA ASP B 391 -33.53 -15.02 52.77
C ASP B 391 -32.46 -13.94 52.88
N MET B 392 -31.18 -14.32 52.91
CA MET B 392 -30.08 -13.36 53.01
C MET B 392 -29.64 -12.91 51.63
N ARG B 393 -29.40 -11.61 51.49
CA ARG B 393 -28.94 -11.05 50.23
C ARG B 393 -27.67 -11.74 49.75
N LEU B 394 -26.78 -12.09 50.68
CA LEU B 394 -25.50 -12.71 50.33
C LEU B 394 -25.67 -14.04 49.62
N ALA B 395 -26.83 -14.68 49.75
CA ALA B 395 -27.03 -15.94 49.04
C ALA B 395 -27.12 -15.72 47.53
N TRP B 396 -27.54 -14.54 47.09
CA TRP B 396 -27.87 -14.30 45.69
C TRP B 396 -27.10 -13.16 45.04
N GLU B 397 -26.87 -12.06 45.75
CA GLU B 397 -26.31 -10.87 45.12
C GLU B 397 -24.80 -11.05 44.92
N GLU B 398 -24.31 -10.59 43.77
CA GLU B 398 -22.88 -10.67 43.51
C GLU B 398 -22.15 -9.57 44.27
N PRO B 399 -21.26 -9.91 45.24
CA PRO B 399 -20.63 -8.85 46.04
C PRO B 399 -19.51 -8.10 45.33
N PHE B 400 -18.74 -8.80 44.50
CA PHE B 400 -17.48 -8.29 44.00
C PHE B 400 -16.61 -7.80 45.17
N GLY B 401 -16.49 -8.67 46.18
CA GLY B 401 -15.67 -8.42 47.35
C GLY B 401 -15.36 -9.72 48.06
N PRO B 402 -14.46 -9.67 49.05
CA PRO B 402 -13.97 -10.90 49.70
C PRO B 402 -14.91 -11.43 50.78
N VAL B 403 -16.07 -11.92 50.37
CA VAL B 403 -17.02 -12.55 51.29
C VAL B 403 -17.61 -13.78 50.60
N LEU B 404 -17.63 -14.91 51.32
CA LEU B 404 -18.10 -16.17 50.77
C LEU B 404 -19.17 -16.76 51.68
N PRO B 405 -20.37 -17.04 51.16
CA PRO B 405 -21.37 -17.77 51.96
C PRO B 405 -21.30 -19.28 51.78
N ILE B 406 -21.53 -20.00 52.88
CA ILE B 406 -21.73 -21.43 52.86
C ILE B 406 -23.20 -21.69 53.12
N ILE B 407 -23.86 -22.36 52.18
CA ILE B 407 -25.27 -22.73 52.26
C ILE B 407 -25.32 -24.24 52.35
N ARG B 408 -25.93 -24.75 53.41
CA ARG B 408 -26.08 -26.19 53.61
C ARG B 408 -27.34 -26.68 52.94
N VAL B 409 -27.24 -27.84 52.30
CA VAL B 409 -28.36 -28.48 51.61
C VAL B 409 -28.44 -29.92 52.11
N THR B 410 -29.61 -30.54 51.92
CA THR B 410 -29.84 -31.90 52.38
C THR B 410 -29.89 -32.93 51.25
N THR B 411 -30.13 -32.50 50.02
CA THR B 411 -30.15 -33.39 48.87
C THR B 411 -29.44 -32.72 47.71
N VAL B 412 -28.98 -33.52 46.75
CA VAL B 412 -28.37 -32.94 45.56
C VAL B 412 -29.44 -32.23 44.74
N GLU B 413 -30.67 -32.72 44.79
CA GLU B 413 -31.76 -32.05 44.09
C GLU B 413 -31.98 -30.64 44.64
N GLU B 414 -31.87 -30.47 45.95
CA GLU B 414 -31.95 -29.14 46.54
C GLU B 414 -30.79 -28.27 46.07
N ALA B 415 -29.57 -28.82 46.04
CA ALA B 415 -28.42 -28.06 45.55
C ALA B 415 -28.61 -27.59 44.12
N ILE B 416 -29.17 -28.45 43.25
CA ILE B 416 -29.37 -28.05 41.87
C ILE B 416 -30.41 -26.95 41.78
N LYS B 417 -31.49 -27.07 42.57
CA LYS B 417 -32.55 -26.08 42.50
C LYS B 417 -32.09 -24.72 43.03
N ILE B 418 -31.34 -24.71 44.13
CA ILE B 418 -30.82 -23.46 44.65
C ILE B 418 -29.81 -22.86 43.68
N SER B 419 -28.93 -23.70 43.11
CA SER B 419 -27.98 -23.20 42.12
C SER B 419 -28.72 -22.52 40.98
N ASN B 420 -29.75 -23.19 40.43
CA ASN B 420 -30.47 -22.68 39.26
C ASN B 420 -31.41 -21.53 39.58
N GLU B 421 -31.79 -21.34 40.85
CA GLU B 421 -32.65 -20.22 41.21
C GLU B 421 -31.96 -18.88 41.05
N SER B 422 -30.63 -18.87 40.94
CA SER B 422 -29.88 -17.63 40.74
C SER B 422 -30.17 -17.05 39.36
N GLU B 423 -30.20 -15.73 39.29
CA GLU B 423 -30.32 -15.05 38.01
CA GLU B 423 -30.33 -15.08 37.98
C GLU B 423 -29.05 -15.20 37.18
N TYR B 424 -27.95 -15.62 37.80
CA TYR B 424 -26.69 -15.80 37.14
C TYR B 424 -26.50 -17.27 36.80
N GLY B 425 -25.69 -17.51 35.77
CA GLY B 425 -25.34 -18.86 35.39
C GLY B 425 -24.08 -18.88 34.55
N LEU B 426 -22.98 -18.40 35.12
CA LEU B 426 -21.72 -18.37 34.38
C LEU B 426 -21.02 -19.72 34.46
N GLN B 427 -20.60 -20.13 35.66
CA GLN B 427 -19.97 -21.41 35.84
C GLN B 427 -20.45 -22.04 37.14
N ALA B 428 -19.99 -23.26 37.36
CA ALA B 428 -20.24 -24.00 38.58
C ALA B 428 -19.16 -25.05 38.74
N SER B 429 -18.91 -25.43 39.99
CA SER B 429 -17.98 -26.50 40.35
C SER B 429 -18.76 -27.61 41.04
N ILE B 430 -18.35 -28.85 40.80
CA ILE B 430 -18.91 -30.02 41.46
C ILE B 430 -17.75 -30.82 42.04
N PHE B 431 -17.75 -30.99 43.36
CA PHE B 431 -16.73 -31.77 44.04
CA PHE B 431 -16.73 -31.77 44.04
C PHE B 431 -17.35 -33.08 44.49
N THR B 432 -16.85 -34.18 43.94
CA THR B 432 -17.41 -35.50 44.14
C THR B 432 -16.49 -36.52 43.48
N THR B 433 -16.49 -37.73 44.02
CA THR B 433 -15.73 -38.83 43.44
C THR B 433 -16.55 -39.66 42.48
N ASN B 434 -17.81 -39.30 42.23
CA ASN B 434 -18.70 -40.01 41.31
C ASN B 434 -18.81 -39.14 40.05
N PHE B 435 -17.96 -39.47 39.07
CA PHE B 435 -17.92 -38.60 37.90
CA PHE B 435 -17.87 -38.66 37.84
C PHE B 435 -19.11 -38.84 36.99
N PRO B 436 -19.63 -40.05 36.78
CA PRO B 436 -20.88 -40.17 36.01
C PRO B 436 -22.02 -39.38 36.63
N LYS B 437 -22.19 -39.43 37.96
CA LYS B 437 -23.23 -38.63 38.60
C LYS B 437 -22.95 -37.14 38.45
N ALA B 438 -21.68 -36.75 38.50
CA ALA B 438 -21.30 -35.35 38.31
C ALA B 438 -21.67 -34.85 36.92
N PHE B 439 -21.51 -35.69 35.90
CA PHE B 439 -21.92 -35.32 34.55
C PHE B 439 -23.42 -35.16 34.46
N GLY B 440 -24.17 -36.05 35.11
CA GLY B 440 -25.62 -35.89 35.16
C GLY B 440 -26.04 -34.62 35.85
N ILE B 441 -25.39 -34.28 36.97
CA ILE B 441 -25.66 -33.01 37.64
C ILE B 441 -25.31 -31.84 36.72
N ALA B 442 -24.19 -31.94 36.02
CA ALA B 442 -23.75 -30.85 35.15
C ALA B 442 -24.80 -30.53 34.09
N GLU B 443 -25.44 -31.57 33.55
CA GLU B 443 -26.45 -31.38 32.53
C GLU B 443 -27.61 -30.52 33.03
N GLN B 444 -27.95 -30.63 34.31
CA GLN B 444 -29.09 -29.93 34.88
C GLN B 444 -28.76 -28.52 35.36
N LEU B 445 -27.48 -28.19 35.52
CA LEU B 445 -27.09 -26.85 35.95
C LEU B 445 -27.22 -25.86 34.80
N GLU B 446 -27.82 -24.70 35.08
CA GLU B 446 -28.04 -23.67 34.08
C GLU B 446 -26.84 -22.71 34.08
N VAL B 447 -25.73 -23.20 33.53
CA VAL B 447 -24.47 -22.49 33.47
C VAL B 447 -23.80 -22.78 32.14
N GLY B 448 -22.78 -22.00 31.82
CA GLY B 448 -21.99 -22.24 30.64
C GLY B 448 -20.98 -23.35 30.78
N THR B 449 -20.27 -23.40 31.92
CA THR B 449 -19.20 -24.34 32.15
C THR B 449 -19.30 -24.93 33.55
N VAL B 450 -19.13 -26.24 33.66
CA VAL B 450 -19.06 -26.94 34.93
C VAL B 450 -17.67 -27.54 35.07
N HIS B 451 -16.97 -27.18 36.13
CA HIS B 451 -15.65 -27.71 36.44
C HIS B 451 -15.81 -28.81 37.49
N LEU B 452 -15.28 -30.00 37.18
CA LEU B 452 -15.32 -31.13 38.10
C LEU B 452 -14.08 -31.16 38.97
N ASN B 453 -14.28 -31.17 40.28
CA ASN B 453 -13.19 -31.23 41.25
C ASN B 453 -12.15 -30.14 41.01
N ASN B 454 -12.62 -28.95 40.66
CA ASN B 454 -11.75 -27.81 40.45
CA ASN B 454 -11.75 -27.81 40.40
C ASN B 454 -12.57 -26.54 40.58
N LYS B 455 -11.88 -25.45 40.86
CA LYS B 455 -12.55 -24.15 40.95
C LYS B 455 -13.05 -23.73 39.57
N THR B 456 -14.03 -22.82 39.56
CA THR B 456 -14.44 -22.23 38.30
C THR B 456 -13.34 -21.30 37.78
N GLN B 457 -13.29 -21.15 36.45
CA GLN B 457 -12.28 -20.36 35.77
C GLN B 457 -12.63 -20.28 34.29
N ARG B 458 -12.23 -19.20 33.64
CA ARG B 458 -12.49 -19.13 32.20
C ARG B 458 -11.40 -19.82 31.39
N GLY B 459 -10.26 -20.15 32.01
CA GLY B 459 -9.19 -20.82 31.29
C GLY B 459 -9.46 -22.30 31.10
N THR B 460 -8.68 -22.90 30.20
CA THR B 460 -7.69 -22.25 29.34
C THR B 460 -8.40 -21.44 28.27
N ASP B 461 -7.72 -20.41 27.75
CA ASP B 461 -8.40 -19.43 26.92
C ASP B 461 -8.84 -19.95 25.56
N ASN B 462 -8.47 -21.19 25.20
CA ASN B 462 -9.05 -21.80 24.01
C ASN B 462 -10.42 -22.41 24.27
N PHE B 463 -10.73 -22.74 25.52
CA PHE B 463 -12.02 -23.32 25.87
C PHE B 463 -13.13 -22.28 25.73
N PRO B 464 -14.36 -22.71 25.48
CA PRO B 464 -15.47 -21.75 25.43
C PRO B 464 -15.71 -21.14 26.80
N PHE B 465 -16.11 -19.87 26.80
CA PHE B 465 -16.47 -19.16 28.02
C PHE B 465 -17.78 -18.44 27.78
N LEU B 466 -18.82 -18.83 28.51
CA LEU B 466 -20.14 -18.27 28.29
C LEU B 466 -20.94 -18.38 29.58
N GLY B 467 -22.08 -17.70 29.60
CA GLY B 467 -22.96 -17.75 30.75
C GLY B 467 -24.42 -17.68 30.32
N ALA B 468 -25.27 -18.28 31.13
CA ALA B 468 -26.71 -18.27 30.92
C ALA B 468 -27.36 -17.14 31.71
N LYS B 469 -28.62 -16.87 31.38
CA LYS B 469 -29.46 -15.92 32.12
C LYS B 469 -28.76 -14.56 32.15
N LYS B 470 -28.74 -13.88 33.29
CA LYS B 470 -28.22 -12.52 33.33
C LYS B 470 -26.70 -12.46 33.25
N SER B 471 -26.03 -13.60 33.11
CA SER B 471 -24.56 -13.60 33.04
C SER B 471 -24.03 -13.12 31.70
N GLY B 472 -24.88 -12.94 30.69
CA GLY B 472 -24.46 -12.31 29.46
C GLY B 472 -24.96 -13.05 28.24
N ALA B 473 -24.25 -12.86 27.12
CA ALA B 473 -24.66 -13.37 25.82
C ALA B 473 -23.44 -13.56 24.94
N GLY B 474 -23.52 -14.52 24.04
CA GLY B 474 -22.42 -14.85 23.16
C GLY B 474 -21.41 -15.77 23.81
N VAL B 475 -20.58 -16.40 22.98
CA VAL B 475 -19.61 -17.38 23.42
C VAL B 475 -18.21 -16.82 23.17
N GLN B 476 -17.45 -16.67 24.25
CA GLN B 476 -16.06 -16.24 24.22
C GLN B 476 -15.16 -17.48 24.32
N GLY B 477 -13.86 -17.25 24.53
CA GLY B 477 -12.86 -18.23 24.17
C GLY B 477 -12.38 -17.92 22.77
N VAL B 478 -11.09 -18.14 22.46
CA VAL B 478 -10.48 -17.48 21.31
C VAL B 478 -11.21 -17.84 20.01
N LYS B 479 -11.31 -19.12 19.68
CA LYS B 479 -11.94 -19.47 18.41
C LYS B 479 -13.41 -19.04 18.39
N TYR B 480 -14.06 -19.03 19.56
CA TYR B 480 -15.47 -18.65 19.61
C TYR B 480 -15.64 -17.13 19.46
N SER B 481 -14.70 -16.36 19.98
CA SER B 481 -14.73 -14.92 19.74
C SER B 481 -14.54 -14.60 18.28
N ILE B 482 -13.59 -15.29 17.61
CA ILE B 482 -13.39 -15.07 16.18
C ILE B 482 -14.68 -15.35 15.43
N GLU B 483 -15.29 -16.51 15.67
CA GLU B 483 -16.53 -16.83 14.98
C GLU B 483 -17.60 -15.79 15.28
N ALA B 484 -17.71 -15.34 16.53
CA ALA B 484 -18.75 -14.39 16.89
C ALA B 484 -18.60 -13.08 16.13
N MET B 485 -17.37 -12.65 15.89
CA MET B 485 -17.12 -11.37 15.23
C MET B 485 -16.84 -11.52 13.74
N THR B 486 -17.37 -12.58 13.13
CA THR B 486 -17.41 -12.70 11.69
C THR B 486 -18.82 -13.05 11.26
N THR B 487 -19.09 -12.84 9.99
CA THR B 487 -20.30 -13.31 9.32
C THR B 487 -19.84 -14.15 8.13
N VAL B 488 -20.78 -14.54 7.29
CA VAL B 488 -20.46 -15.31 6.10
C VAL B 488 -20.95 -14.55 4.87
N LYS B 489 -20.24 -14.75 3.78
CA LYS B 489 -20.62 -14.29 2.45
C LYS B 489 -20.71 -15.54 1.59
N SER B 490 -21.88 -15.82 1.04
CA SER B 490 -22.12 -16.96 0.18
C SER B 490 -22.16 -16.54 -1.29
N VAL B 491 -21.38 -17.23 -2.14
CA VAL B 491 -21.43 -17.05 -3.58
C VAL B 491 -21.94 -18.35 -4.21
N VAL B 492 -23.04 -18.25 -4.95
CA VAL B 492 -23.76 -19.41 -5.47
C VAL B 492 -23.74 -19.37 -6.98
N PHE B 493 -23.35 -20.49 -7.60
CA PHE B 493 -23.40 -20.58 -9.05
C PHE B 493 -23.69 -22.02 -9.47
N ASP B 494 -24.08 -22.17 -10.73
CA ASP B 494 -24.41 -23.47 -11.30
C ASP B 494 -23.23 -23.96 -12.13
N ILE B 495 -22.73 -25.16 -11.79
CA ILE B 495 -21.74 -25.82 -12.62
C ILE B 495 -22.38 -26.20 -13.95
N GLN B 496 -21.63 -26.01 -15.03
CA GLN B 496 -22.12 -26.35 -16.36
C GLN B 496 -21.30 -27.48 -16.97
N LEU C 22 -36.52 -76.74 0.05
CA LEU C 22 -36.20 -75.45 0.72
C LEU C 22 -34.76 -75.05 0.41
N ALA C 23 -33.94 -76.01 -0.03
CA ALA C 23 -32.54 -75.78 -0.39
C ALA C 23 -32.49 -75.17 -1.79
N LYS C 24 -32.68 -73.86 -1.84
CA LYS C 24 -32.71 -73.14 -3.11
C LYS C 24 -31.33 -73.13 -3.76
N GLN C 25 -31.32 -72.81 -5.05
CA GLN C 25 -30.09 -72.59 -5.80
C GLN C 25 -29.94 -71.08 -5.98
N TYR C 26 -28.97 -70.48 -5.27
CA TYR C 26 -28.86 -69.03 -5.23
C TYR C 26 -28.00 -68.51 -6.37
N LYS C 27 -28.21 -67.22 -6.69
CA LYS C 27 -27.60 -66.59 -7.84
C LYS C 27 -26.92 -65.30 -7.41
N ASN C 28 -25.94 -64.89 -8.20
CA ASN C 28 -25.25 -63.63 -7.96
C ASN C 28 -25.95 -62.50 -8.70
N LEU C 29 -25.97 -61.33 -8.08
CA LEU C 29 -26.45 -60.10 -8.71
C LEU C 29 -25.32 -59.51 -9.52
N VAL C 30 -25.46 -59.47 -10.84
CA VAL C 30 -24.42 -58.98 -11.73
C VAL C 30 -25.08 -58.06 -12.76
N ASN C 31 -24.74 -56.78 -12.71
CA ASN C 31 -25.25 -55.79 -13.65
C ASN C 31 -26.77 -55.89 -13.79
N GLY C 32 -27.44 -55.98 -12.64
CA GLY C 32 -28.89 -55.98 -12.60
C GLY C 32 -29.56 -57.30 -12.89
N GLU C 33 -28.80 -58.33 -13.24
CA GLU C 33 -29.32 -59.66 -13.53
C GLU C 33 -28.84 -60.63 -12.46
N TRP C 34 -29.57 -61.74 -12.32
CA TRP C 34 -29.22 -62.81 -11.39
C TRP C 34 -28.60 -63.95 -12.18
N LYS C 35 -27.36 -64.29 -11.85
CA LYS C 35 -26.57 -65.22 -12.66
C LYS C 35 -26.12 -66.42 -11.85
N LEU C 36 -26.41 -67.61 -12.37
CA LEU C 36 -25.76 -68.81 -11.90
C LEU C 36 -24.38 -68.92 -12.55
N SER C 37 -23.58 -69.85 -12.05
CA SER C 37 -22.33 -70.25 -12.68
C SER C 37 -22.39 -71.73 -13.01
N GLU C 38 -21.44 -72.19 -13.82
CA GLU C 38 -21.44 -73.58 -14.24
C GLU C 38 -21.22 -74.52 -13.07
N ASN C 39 -20.44 -74.12 -12.07
CA ASN C 39 -20.23 -74.92 -10.86
C ASN C 39 -20.79 -74.16 -9.66
N GLU C 40 -20.99 -74.89 -8.56
CA GLU C 40 -21.63 -74.34 -7.38
C GLU C 40 -20.99 -74.87 -6.11
N ILE C 41 -21.33 -74.21 -4.99
CA ILE C 41 -20.82 -74.57 -3.68
C ILE C 41 -22.02 -74.78 -2.77
N THR C 42 -22.15 -76.00 -2.22
CA THR C 42 -23.26 -76.29 -1.32
C THR C 42 -22.92 -75.78 0.08
N ILE C 43 -23.89 -75.12 0.70
CA ILE C 43 -23.74 -74.55 2.03
C ILE C 43 -24.53 -75.40 3.01
N TYR C 44 -23.90 -75.78 4.12
CA TYR C 44 -24.50 -76.62 5.14
C TYR C 44 -24.57 -75.87 6.46
N ALA C 45 -25.61 -76.15 7.24
CA ALA C 45 -25.77 -75.52 8.54
C ALA C 45 -24.74 -76.08 9.52
N PRO C 46 -23.85 -75.26 10.09
CA PRO C 46 -22.82 -75.82 10.97
C PRO C 46 -23.35 -76.52 12.20
N ALA C 47 -24.57 -76.20 12.64
CA ALA C 47 -25.09 -76.78 13.87
C ALA C 47 -25.74 -78.13 13.66
N THR C 48 -26.28 -78.38 12.46
CA THR C 48 -27.00 -79.62 12.17
C THR C 48 -26.47 -80.39 10.97
N GLY C 49 -25.70 -79.76 10.09
CA GLY C 49 -25.36 -80.38 8.83
C GLY C 49 -26.43 -80.27 7.76
N GLU C 50 -27.55 -79.63 8.06
CA GLU C 50 -28.64 -79.47 7.11
C GLU C 50 -28.17 -78.71 5.86
N GLU C 51 -28.53 -79.23 4.69
CA GLU C 51 -28.20 -78.56 3.44
C GLU C 51 -29.14 -77.36 3.25
N LEU C 52 -28.55 -76.16 3.14
CA LEU C 52 -29.32 -74.93 3.03
C LEU C 52 -29.48 -74.44 1.59
N GLY C 53 -28.61 -74.86 0.69
CA GLY C 53 -28.66 -74.39 -0.68
C GLY C 53 -27.26 -74.37 -1.26
N SER C 54 -27.16 -73.75 -2.43
CA SER C 54 -25.90 -73.64 -3.13
C SER C 54 -25.72 -72.21 -3.62
N VAL C 55 -24.46 -71.82 -3.82
CA VAL C 55 -24.14 -70.50 -4.36
C VAL C 55 -23.15 -70.69 -5.50
N PRO C 56 -23.12 -69.77 -6.46
CA PRO C 56 -22.25 -69.96 -7.64
C PRO C 56 -20.78 -69.98 -7.29
N ALA C 57 -20.03 -70.81 -8.01
CA ALA C 57 -18.57 -70.86 -7.91
C ALA C 57 -18.01 -70.11 -9.12
N MET C 58 -17.90 -68.79 -8.98
CA MET C 58 -17.56 -67.95 -10.10
C MET C 58 -16.15 -68.23 -10.62
N THR C 59 -15.98 -68.07 -11.93
CA THR C 59 -14.66 -68.09 -12.54
C THR C 59 -14.06 -66.69 -12.51
N GLN C 60 -12.75 -66.62 -12.76
CA GLN C 60 -12.10 -65.32 -12.83
C GLN C 60 -12.66 -64.47 -13.96
N ALA C 61 -13.11 -65.12 -15.05
CA ALA C 61 -13.71 -64.37 -16.16
C ALA C 61 -15.06 -63.80 -15.77
N GLU C 62 -15.80 -64.49 -14.91
CA GLU C 62 -17.08 -63.96 -14.43
C GLU C 62 -16.86 -62.81 -13.46
N VAL C 63 -15.80 -62.86 -12.65
CA VAL C 63 -15.43 -61.72 -11.83
C VAL C 63 -15.10 -60.52 -12.71
N ASP C 64 -14.34 -60.74 -13.79
CA ASP C 64 -14.05 -59.66 -14.73
C ASP C 64 -15.33 -58.97 -15.20
N ALA C 65 -16.39 -59.76 -15.45
CA ALA C 65 -17.65 -59.19 -15.91
C ALA C 65 -18.29 -58.35 -14.81
N VAL C 66 -18.24 -58.81 -13.57
CA VAL C 66 -18.76 -58.02 -12.46
C VAL C 66 -18.03 -56.67 -12.40
N TYR C 67 -16.70 -56.71 -12.41
CA TYR C 67 -15.94 -55.47 -12.27
C TYR C 67 -16.12 -54.55 -13.49
N ALA C 68 -16.22 -55.12 -14.69
CA ALA C 68 -16.46 -54.29 -15.87
C ALA C 68 -17.83 -53.63 -15.78
N SER C 69 -18.83 -54.37 -15.32
CA SER C 69 -20.17 -53.78 -15.17
C SER C 69 -20.17 -52.68 -14.11
N ALA C 70 -19.37 -52.83 -13.06
CA ALA C 70 -19.36 -51.82 -12.00
C ALA C 70 -18.73 -50.53 -12.50
N LYS C 71 -17.59 -50.62 -13.16
CA LYS C 71 -16.91 -49.41 -13.63
C LYS C 71 -17.75 -48.70 -14.68
N LYS C 72 -18.45 -49.46 -15.52
CA LYS C 72 -19.36 -48.82 -16.47
C LYS C 72 -20.43 -48.02 -15.74
N ALA C 73 -20.97 -48.56 -14.66
CA ALA C 73 -22.07 -47.89 -13.97
C ALA C 73 -21.61 -46.71 -13.14
N LEU C 74 -20.32 -46.66 -12.80
CA LEU C 74 -19.82 -45.63 -11.89
C LEU C 74 -20.06 -44.22 -12.43
N SER C 75 -19.83 -44.02 -13.73
CA SER C 75 -19.93 -42.67 -14.28
C SER C 75 -21.32 -42.06 -14.05
N ASP C 76 -22.38 -42.83 -14.33
CA ASP C 76 -23.73 -42.30 -14.14
C ASP C 76 -24.15 -42.29 -12.66
N TRP C 77 -23.57 -43.16 -11.84
CA TRP C 77 -23.93 -43.20 -10.42
C TRP C 77 -23.31 -42.06 -9.65
N ARG C 78 -22.04 -41.74 -9.91
CA ARG C 78 -21.39 -40.67 -9.17
C ARG C 78 -21.95 -39.30 -9.55
N THR C 79 -22.62 -39.19 -10.69
CA THR C 79 -23.19 -37.92 -11.12
C THR C 79 -24.64 -37.74 -10.69
N LEU C 80 -25.24 -38.73 -10.04
CA LEU C 80 -26.53 -38.50 -9.42
C LEU C 80 -26.37 -37.57 -8.22
N SER C 81 -27.48 -36.97 -7.79
CA SER C 81 -27.46 -36.18 -6.57
C SER C 81 -27.38 -37.08 -5.36
N TYR C 82 -26.92 -36.52 -4.24
CA TYR C 82 -26.91 -37.25 -2.97
C TYR C 82 -28.33 -37.69 -2.59
N VAL C 83 -29.32 -36.83 -2.84
CA VAL C 83 -30.70 -37.15 -2.48
C VAL C 83 -31.16 -38.40 -3.22
N GLU C 84 -30.80 -38.50 -4.50
CA GLU C 84 -31.22 -39.64 -5.31
C GLU C 84 -30.55 -40.93 -4.84
N ARG C 85 -29.26 -40.89 -4.53
CA ARG C 85 -28.59 -42.07 -4.02
C ARG C 85 -29.15 -42.48 -2.66
N ALA C 86 -29.45 -41.49 -1.80
CA ALA C 86 -30.00 -41.79 -0.49
C ALA C 86 -31.35 -42.48 -0.59
N ALA C 87 -32.16 -42.13 -1.60
CA ALA C 87 -33.48 -42.74 -1.74
C ALA C 87 -33.39 -44.24 -1.97
N TYR C 88 -32.39 -44.68 -2.76
CA TYR C 88 -32.21 -46.11 -2.96
C TYR C 88 -31.84 -46.81 -1.65
N LEU C 89 -30.94 -46.20 -0.87
CA LEU C 89 -30.54 -46.81 0.40
C LEU C 89 -31.71 -46.93 1.36
N HIS C 90 -32.51 -45.87 1.48
CA HIS C 90 -33.67 -45.93 2.36
C HIS C 90 -34.64 -47.02 1.93
N LYS C 91 -34.85 -47.17 0.63
CA LYS C 91 -35.76 -48.22 0.14
C LYS C 91 -35.23 -49.60 0.51
N ALA C 92 -33.93 -49.84 0.26
CA ALA C 92 -33.34 -51.13 0.58
C ALA C 92 -33.47 -51.45 2.06
N ALA C 93 -33.29 -50.46 2.91
CA ALA C 93 -33.43 -50.68 4.35
C ALA C 93 -34.86 -51.03 4.71
N ASP C 94 -35.83 -50.34 4.09
CA ASP C 94 -37.23 -50.67 4.32
C ASP C 94 -37.49 -52.14 4.00
N ILE C 95 -36.97 -52.61 2.87
CA ILE C 95 -37.22 -53.98 2.46
C ILE C 95 -36.56 -54.96 3.43
N LEU C 96 -35.40 -54.61 3.97
CA LEU C 96 -34.75 -55.48 4.94
C LEU C 96 -35.59 -55.64 6.19
N VAL C 97 -36.18 -54.54 6.68
CA VAL C 97 -37.04 -54.61 7.85
C VAL C 97 -38.25 -55.48 7.55
N ARG C 98 -38.82 -55.35 6.36
CA ARG C 98 -39.94 -56.19 5.98
C ARG C 98 -39.58 -57.66 6.04
N ASP C 99 -38.39 -58.01 5.54
CA ASP C 99 -37.98 -59.40 5.39
C ASP C 99 -37.00 -59.84 6.49
N ALA C 100 -37.02 -59.16 7.64
CA ALA C 100 -36.03 -59.45 8.68
C ALA C 100 -36.19 -60.85 9.24
N GLU C 101 -37.45 -61.30 9.43
CA GLU C 101 -37.68 -62.66 9.93
C GLU C 101 -37.28 -63.69 8.88
N LYS C 102 -37.65 -63.47 7.62
CA LYS C 102 -37.27 -64.38 6.55
C LYS C 102 -35.75 -64.53 6.46
N ILE C 103 -35.04 -63.40 6.46
CA ILE C 103 -33.60 -63.45 6.28
C ILE C 103 -32.92 -64.00 7.54
N GLY C 104 -33.31 -63.49 8.71
CA GLY C 104 -32.71 -63.97 9.95
C GLY C 104 -32.87 -65.46 10.17
N ALA C 105 -33.98 -66.03 9.70
CA ALA C 105 -34.18 -67.47 9.84
C ALA C 105 -33.10 -68.26 9.12
N ILE C 106 -32.72 -67.81 7.92
CA ILE C 106 -31.67 -68.48 7.15
C ILE C 106 -30.28 -68.09 7.67
N LEU C 107 -30.10 -66.82 8.03
CA LEU C 107 -28.82 -66.40 8.60
C LEU C 107 -28.48 -67.24 9.82
N SER C 108 -29.46 -67.48 10.69
CA SER C 108 -29.25 -68.29 11.88
C SER C 108 -28.69 -69.66 11.52
N LYS C 109 -29.29 -70.33 10.53
CA LYS C 109 -28.83 -71.66 10.14
C LYS C 109 -27.44 -71.59 9.49
N GLU C 110 -27.20 -70.60 8.64
CA GLU C 110 -25.96 -70.59 7.86
C GLU C 110 -24.74 -70.43 8.75
N VAL C 111 -24.83 -69.62 9.81
CA VAL C 111 -23.68 -69.36 10.66
C VAL C 111 -23.92 -69.78 12.11
N ALA C 112 -24.97 -70.57 12.36
CA ALA C 112 -25.27 -71.10 13.70
C ALA C 112 -25.35 -69.98 14.74
N LYS C 113 -26.05 -68.92 14.37
CA LYS C 113 -26.34 -67.81 15.26
C LYS C 113 -27.77 -67.94 15.77
N GLY C 114 -27.96 -67.64 17.05
CA GLY C 114 -29.29 -67.67 17.63
C GLY C 114 -30.31 -67.04 16.71
N HIS C 115 -31.50 -67.65 16.62
N HIS C 115 -31.50 -67.64 16.64
CA HIS C 115 -32.51 -67.14 15.72
CA HIS C 115 -32.52 -67.14 15.72
C HIS C 115 -32.83 -65.68 16.02
C HIS C 115 -32.85 -65.68 16.01
N LYS C 116 -33.11 -65.36 17.28
CA LYS C 116 -33.43 -63.98 17.63
C LYS C 116 -32.24 -63.06 17.35
N ALA C 117 -31.03 -63.51 17.67
CA ALA C 117 -29.84 -62.70 17.36
C ALA C 117 -29.73 -62.43 15.88
N ALA C 118 -30.04 -63.44 15.04
CA ALA C 118 -29.89 -63.29 13.59
C ALA C 118 -30.87 -62.27 13.04
N VAL C 119 -32.13 -62.30 13.51
CA VAL C 119 -33.12 -61.30 13.11
C VAL C 119 -32.67 -59.91 13.54
N SER C 120 -32.17 -59.78 14.77
CA SER C 120 -31.67 -58.50 15.26
C SER C 120 -30.51 -57.98 14.41
N GLU C 121 -29.69 -58.89 13.88
CA GLU C 121 -28.62 -58.47 12.98
C GLU C 121 -29.20 -57.80 11.74
N VAL C 122 -30.29 -58.35 11.19
CA VAL C 122 -30.86 -57.78 9.97
C VAL C 122 -31.46 -56.41 10.28
N ILE C 123 -32.11 -56.28 11.44
CA ILE C 123 -32.67 -54.99 11.81
C ILE C 123 -31.56 -53.95 12.02
N ARG C 124 -30.51 -54.33 12.74
CA ARG C 124 -29.40 -53.41 12.94
C ARG C 124 -28.81 -52.97 11.61
N THR C 125 -28.79 -53.85 10.61
CA THR C 125 -28.24 -53.50 9.31
C THR C 125 -29.08 -52.42 8.64
N ALA C 126 -30.41 -52.53 8.75
CA ALA C 126 -31.28 -51.53 8.17
C ALA C 126 -31.08 -50.17 8.84
N GLU C 127 -30.88 -50.17 10.15
CA GLU C 127 -30.62 -48.91 10.84
C GLU C 127 -29.31 -48.30 10.39
N ILE C 128 -28.28 -49.12 10.17
CA ILE C 128 -27.01 -48.60 9.69
C ILE C 128 -27.16 -48.01 8.29
N ILE C 129 -27.91 -48.70 7.42
CA ILE C 129 -28.11 -48.24 6.04
C ILE C 129 -28.83 -46.90 6.02
N ASN C 130 -29.95 -46.80 6.76
CA ASN C 130 -30.67 -45.53 6.85
C ASN C 130 -29.75 -44.43 7.37
N TYR C 131 -28.96 -44.72 8.40
CA TYR C 131 -28.11 -43.70 9.00
C TYR C 131 -27.01 -43.26 8.04
N ALA C 132 -26.45 -44.21 7.29
CA ALA C 132 -25.41 -43.86 6.33
C ALA C 132 -25.94 -42.95 5.24
N ALA C 133 -27.17 -43.20 4.78
CA ALA C 133 -27.73 -42.39 3.70
C ALA C 133 -27.87 -40.94 4.14
N GLU C 134 -28.46 -40.71 5.31
CA GLU C 134 -28.64 -39.35 5.79
C GLU C 134 -27.31 -38.72 6.20
N GLU C 135 -26.38 -39.52 6.74
CA GLU C 135 -25.06 -39.00 7.07
C GLU C 135 -24.30 -38.57 5.82
N GLY C 136 -24.38 -39.37 4.76
CA GLY C 136 -23.58 -39.09 3.58
C GLY C 136 -24.12 -37.97 2.71
N LEU C 137 -25.43 -37.75 2.73
CA LEU C 137 -25.99 -36.79 1.79
C LEU C 137 -25.74 -35.34 2.20
N ARG C 138 -25.51 -35.08 3.48
CA ARG C 138 -25.16 -33.74 3.94
C ARG C 138 -23.65 -33.54 4.05
N MET C 139 -22.88 -34.40 3.38
CA MET C 139 -21.45 -34.19 3.19
C MET C 139 -21.19 -32.78 2.70
N GLU C 140 -20.10 -32.18 3.17
CA GLU C 140 -19.74 -30.82 2.80
C GLU C 140 -18.31 -30.74 2.30
N GLY C 141 -18.07 -29.74 1.44
CA GLY C 141 -16.73 -29.37 1.05
C GLY C 141 -16.20 -28.22 1.89
N GLU C 142 -15.02 -27.74 1.49
CA GLU C 142 -14.39 -26.64 2.21
C GLU C 142 -13.75 -25.67 1.23
N VAL C 143 -13.65 -24.42 1.68
CA VAL C 143 -12.99 -23.35 0.94
C VAL C 143 -11.77 -22.92 1.73
N LEU C 144 -10.61 -23.00 1.10
CA LEU C 144 -9.36 -22.63 1.74
C LEU C 144 -8.82 -21.35 1.10
N GLU C 145 -8.16 -20.55 1.92
CA GLU C 145 -7.66 -19.23 1.53
C GLU C 145 -6.16 -19.31 1.30
N GLY C 146 -5.72 -18.95 0.10
CA GLY C 146 -4.28 -18.86 -0.13
C GLY C 146 -3.60 -17.91 0.82
N GLY C 147 -4.31 -16.85 1.24
CA GLY C 147 -3.76 -15.85 2.14
C GLY C 147 -3.55 -16.35 3.56
N SER C 148 -4.04 -17.54 3.88
CA SER C 148 -3.69 -18.16 5.15
C SER C 148 -2.22 -18.51 5.22
N PHE C 149 -1.57 -18.71 4.07
CA PHE C 149 -0.19 -19.18 4.01
C PHE C 149 0.79 -18.15 3.48
N GLU C 150 0.45 -17.41 2.43
CA GLU C 150 1.36 -16.39 1.90
C GLU C 150 0.56 -15.22 1.34
N ALA C 151 1.01 -14.01 1.68
CA ALA C 151 0.28 -12.81 1.28
C ALA C 151 0.12 -12.72 -0.23
N ALA C 152 1.11 -13.19 -0.99
CA ALA C 152 1.05 -13.08 -2.43
C ALA C 152 -0.11 -13.86 -3.04
N SER C 153 -0.62 -14.89 -2.37
CA SER C 153 -1.71 -15.70 -2.89
C SER C 153 -3.04 -15.40 -2.22
N LYS C 154 -3.19 -14.20 -1.64
CA LYS C 154 -4.40 -13.92 -0.90
C LYS C 154 -5.65 -13.95 -1.78
N LYS C 155 -5.50 -13.80 -3.09
CA LYS C 155 -6.63 -13.87 -4.01
C LYS C 155 -6.88 -15.28 -4.54
N LYS C 156 -6.04 -16.24 -4.18
CA LYS C 156 -6.15 -17.62 -4.64
C LYS C 156 -6.92 -18.42 -3.60
N ILE C 157 -8.01 -19.07 -4.02
CA ILE C 157 -8.80 -19.91 -3.13
C ILE C 157 -8.90 -21.30 -3.74
N ALA C 158 -9.11 -22.29 -2.87
CA ALA C 158 -9.29 -23.68 -3.24
C ALA C 158 -10.70 -24.08 -2.87
N ILE C 159 -11.46 -24.53 -3.85
CA ILE C 159 -12.80 -25.07 -3.63
C ILE C 159 -12.66 -26.58 -3.62
N VAL C 160 -12.82 -27.18 -2.44
CA VAL C 160 -12.51 -28.58 -2.20
C VAL C 160 -13.83 -29.33 -1.97
N ARG C 161 -14.10 -30.31 -2.82
CA ARG C 161 -15.35 -31.05 -2.80
C ARG C 161 -15.06 -32.54 -2.77
N ARG C 162 -15.99 -33.28 -2.15
CA ARG C 162 -15.86 -34.72 -1.99
C ARG C 162 -16.21 -35.46 -3.27
N GLU C 163 -15.49 -36.56 -3.51
CA GLU C 163 -15.74 -37.45 -4.63
C GLU C 163 -15.55 -38.89 -4.17
N PRO C 164 -16.18 -39.84 -4.85
CA PRO C 164 -15.95 -41.26 -4.51
C PRO C 164 -14.58 -41.73 -4.97
N VAL C 165 -14.16 -42.87 -4.41
CA VAL C 165 -12.89 -43.46 -4.84
C VAL C 165 -13.07 -44.33 -6.08
N GLY C 166 -14.27 -44.88 -6.31
CA GLY C 166 -14.52 -45.68 -7.50
C GLY C 166 -15.24 -46.98 -7.17
N LEU C 167 -14.58 -48.09 -7.44
CA LEU C 167 -15.13 -49.41 -7.15
C LEU C 167 -14.61 -49.88 -5.79
N VAL C 168 -15.53 -50.22 -4.91
CA VAL C 168 -15.20 -50.70 -3.57
C VAL C 168 -15.49 -52.19 -3.53
N LEU C 169 -14.46 -52.97 -3.20
CA LEU C 169 -14.63 -54.39 -2.91
C LEU C 169 -14.95 -54.52 -1.44
N ALA C 170 -16.15 -54.98 -1.12
CA ALA C 170 -16.58 -55.22 0.25
C ALA C 170 -16.54 -56.72 0.49
N ILE C 171 -15.77 -57.12 1.50
CA ILE C 171 -15.65 -58.52 1.91
C ILE C 171 -16.21 -58.62 3.33
N SER C 172 -17.35 -59.29 3.47
CA SER C 172 -18.03 -59.43 4.76
C SER C 172 -17.51 -60.65 5.50
N PRO C 173 -17.84 -60.79 6.81
CA PRO C 173 -17.36 -61.94 7.57
C PRO C 173 -18.46 -62.94 7.92
N PHE C 174 -18.09 -64.16 8.31
CA PHE C 174 -19.11 -65.16 8.59
C PHE C 174 -19.94 -64.79 9.82
N ASN C 175 -19.35 -64.12 10.80
CA ASN C 175 -20.05 -63.89 12.06
C ASN C 175 -21.00 -62.70 11.99
N TYR C 176 -20.95 -61.92 10.92
CA TYR C 176 -21.88 -60.82 10.70
C TYR C 176 -22.10 -60.67 9.20
N PRO C 177 -22.65 -61.70 8.54
CA PRO C 177 -22.67 -61.70 7.08
C PRO C 177 -23.62 -60.68 6.47
N VAL C 178 -24.54 -60.12 7.24
CA VAL C 178 -25.42 -59.06 6.75
C VAL C 178 -25.05 -57.71 7.38
N ASN C 179 -24.83 -57.68 8.70
CA ASN C 179 -24.48 -56.44 9.40
C ASN C 179 -23.17 -55.85 8.86
N LEU C 180 -22.11 -56.65 8.81
CA LEU C 180 -20.85 -56.15 8.29
C LEU C 180 -20.72 -56.37 6.78
N ALA C 181 -21.82 -56.67 6.10
CA ALA C 181 -21.93 -56.36 4.69
C ALA C 181 -22.48 -54.95 4.49
N GLY C 182 -23.63 -54.66 5.14
CA GLY C 182 -24.26 -53.35 4.97
C GLY C 182 -23.42 -52.21 5.51
N SER C 183 -22.61 -52.48 6.53
CA SER C 183 -21.72 -51.46 7.08
C SER C 183 -20.70 -50.97 6.06
N LYS C 184 -20.45 -51.75 5.02
CA LYS C 184 -19.55 -51.33 3.95
C LYS C 184 -20.31 -50.81 2.75
N ILE C 185 -21.37 -51.50 2.36
CA ILE C 185 -22.09 -51.18 1.14
C ILE C 185 -22.71 -49.79 1.22
N ALA C 186 -23.44 -49.51 2.32
CA ALA C 186 -24.23 -48.27 2.35
C ALA C 186 -23.34 -47.04 2.43
N PRO C 187 -22.31 -47.00 3.28
CA PRO C 187 -21.40 -45.84 3.25
C PRO C 187 -20.70 -45.68 1.91
N ALA C 188 -20.37 -46.78 1.25
CA ALA C 188 -19.74 -46.66 -0.06
C ALA C 188 -20.71 -46.08 -1.07
N LEU C 189 -21.96 -46.56 -1.07
CA LEU C 189 -22.90 -46.17 -2.12
C LEU C 189 -23.31 -44.70 -2.00
N ILE C 190 -23.49 -44.19 -0.78
CA ILE C 190 -24.00 -42.83 -0.63
C ILE C 190 -23.00 -41.83 -1.20
N ALA C 191 -21.71 -42.08 -0.99
CA ALA C 191 -20.64 -41.20 -1.47
C ALA C 191 -20.40 -41.29 -2.97
N GLY C 192 -21.13 -42.14 -3.69
CA GLY C 192 -20.98 -42.24 -5.12
C GLY C 192 -20.11 -43.37 -5.62
N ASN C 193 -19.65 -44.25 -4.74
CA ASN C 193 -18.90 -45.42 -5.16
C ASN C 193 -19.85 -46.47 -5.71
N VAL C 194 -19.31 -47.36 -6.54
CA VAL C 194 -19.96 -48.61 -6.89
C VAL C 194 -19.33 -49.70 -6.03
N VAL C 195 -20.04 -50.81 -5.84
CA VAL C 195 -19.65 -51.83 -4.87
C VAL C 195 -19.79 -53.21 -5.47
N ALA C 196 -18.84 -54.09 -5.13
CA ALA C 196 -18.98 -55.53 -5.32
C ALA C 196 -18.80 -56.18 -3.95
N LEU C 197 -19.81 -56.97 -3.54
CA LEU C 197 -19.79 -57.67 -2.27
C LEU C 197 -19.35 -59.11 -2.51
N LYS C 198 -18.25 -59.50 -1.87
CA LYS C 198 -17.79 -60.87 -1.80
C LYS C 198 -18.03 -61.39 -0.39
N PRO C 199 -19.08 -62.16 -0.14
CA PRO C 199 -19.26 -62.74 1.19
C PRO C 199 -18.28 -63.87 1.40
N PRO C 200 -18.13 -64.35 2.63
CA PRO C 200 -17.49 -65.64 2.84
C PRO C 200 -18.41 -66.76 2.40
N THR C 201 -17.82 -67.87 1.98
CA THR C 201 -18.64 -69.01 1.56
C THR C 201 -19.69 -69.32 2.63
N GLN C 202 -19.25 -69.48 3.88
CA GLN C 202 -20.18 -69.64 4.99
C GLN C 202 -20.69 -68.24 5.36
N GLY C 203 -21.88 -67.91 4.88
CA GLY C 203 -22.39 -66.56 4.91
C GLY C 203 -22.71 -66.00 3.53
N SER C 204 -22.50 -66.77 2.45
CA SER C 204 -22.79 -66.29 1.11
C SER C 204 -24.28 -66.21 0.83
N ILE C 205 -25.05 -67.17 1.36
CA ILE C 205 -26.49 -67.11 1.17
C ILE C 205 -27.05 -65.84 1.81
N SER C 206 -26.64 -65.57 3.05
CA SER C 206 -27.10 -64.37 3.74
CA SER C 206 -27.12 -64.37 3.73
C SER C 206 -26.69 -63.11 2.98
N GLY C 207 -25.51 -63.12 2.37
CA GLY C 207 -25.09 -61.96 1.59
C GLY C 207 -25.92 -61.76 0.33
N LEU C 208 -26.27 -62.87 -0.34
CA LEU C 208 -27.12 -62.78 -1.52
C LEU C 208 -28.54 -62.37 -1.16
N LEU C 209 -29.06 -62.87 -0.03
CA LEU C 209 -30.35 -62.39 0.45
C LEU C 209 -30.33 -60.88 0.70
N LEU C 210 -29.25 -60.38 1.30
CA LEU C 210 -29.11 -58.93 1.45
C LEU C 210 -29.08 -58.24 0.09
N ALA C 211 -28.46 -58.88 -0.90
CA ALA C 211 -28.41 -58.31 -2.24
C ALA C 211 -29.82 -58.18 -2.83
N GLU C 212 -30.70 -59.16 -2.55
CA GLU C 212 -32.07 -59.08 -3.04
C GLU C 212 -32.73 -57.76 -2.65
N ALA C 213 -32.52 -57.31 -1.41
CA ALA C 213 -33.17 -56.08 -0.96
C ALA C 213 -32.70 -54.88 -1.78
N PHE C 214 -31.41 -54.84 -2.12
CA PHE C 214 -30.91 -53.72 -2.93
C PHE C 214 -31.44 -53.81 -4.35
N ALA C 215 -31.50 -55.01 -4.92
CA ALA C 215 -32.07 -55.19 -6.26
C ALA C 215 -33.53 -54.75 -6.28
N GLU C 216 -34.33 -55.23 -5.32
CA GLU C 216 -35.74 -54.84 -5.28
C GLU C 216 -35.89 -53.35 -5.02
N ALA C 217 -34.93 -52.73 -4.33
CA ALA C 217 -34.93 -51.28 -4.15
C ALA C 217 -34.66 -50.52 -5.44
N GLY C 218 -34.28 -51.21 -6.52
CA GLY C 218 -34.08 -50.57 -7.79
C GLY C 218 -32.71 -49.98 -8.01
N ILE C 219 -31.72 -50.39 -7.22
CA ILE C 219 -30.35 -49.89 -7.36
C ILE C 219 -29.96 -50.08 -8.82
N PRO C 220 -29.33 -49.09 -9.46
CA PRO C 220 -29.05 -49.22 -10.90
C PRO C 220 -28.13 -50.39 -11.21
N ALA C 221 -28.33 -50.98 -12.38
CA ALA C 221 -27.56 -52.13 -12.79
C ALA C 221 -26.06 -51.84 -12.74
N GLY C 222 -25.32 -52.69 -12.03
CA GLY C 222 -23.89 -52.57 -11.93
C GLY C 222 -23.41 -51.70 -10.79
N VAL C 223 -24.29 -50.92 -10.17
CA VAL C 223 -23.89 -50.09 -9.04
C VAL C 223 -23.57 -50.96 -7.84
N PHE C 224 -24.30 -52.06 -7.68
CA PHE C 224 -24.06 -53.01 -6.61
C PHE C 224 -24.13 -54.41 -7.20
N ASN C 225 -23.08 -55.19 -6.95
CA ASN C 225 -22.95 -56.54 -7.49
C ASN C 225 -22.44 -57.45 -6.39
N THR C 226 -22.58 -58.76 -6.59
CA THR C 226 -22.06 -59.74 -5.67
C THR C 226 -21.11 -60.68 -6.40
N ILE C 227 -20.20 -61.29 -5.63
CA ILE C 227 -19.27 -62.30 -6.12
C ILE C 227 -19.27 -63.44 -5.11
N THR C 228 -19.35 -64.68 -5.59
CA THR C 228 -19.18 -65.85 -4.74
C THR C 228 -18.30 -66.85 -5.50
N GLY C 229 -17.53 -67.64 -4.76
CA GLY C 229 -16.71 -68.66 -5.38
C GLY C 229 -15.68 -69.21 -4.41
N ARG C 230 -14.92 -70.18 -4.92
CA ARG C 230 -13.90 -70.85 -4.13
C ARG C 230 -12.64 -69.99 -4.03
N GLY C 231 -12.02 -70.01 -2.84
CA GLY C 231 -10.83 -69.19 -2.63
C GLY C 231 -9.66 -69.58 -3.51
N SER C 232 -9.55 -70.87 -3.82
CA SER C 232 -8.45 -71.32 -4.66
C SER C 232 -8.59 -70.85 -6.10
N VAL C 233 -9.78 -70.44 -6.51
CA VAL C 233 -10.02 -69.99 -7.88
C VAL C 233 -9.96 -68.47 -7.98
N ILE C 234 -10.62 -67.76 -7.06
CA ILE C 234 -10.77 -66.31 -7.17
C ILE C 234 -10.35 -65.57 -5.92
N GLY C 235 -9.84 -66.26 -4.90
CA GLY C 235 -9.50 -65.63 -3.65
C GLY C 235 -8.63 -64.41 -3.77
N ASP C 236 -7.42 -64.59 -4.31
CA ASP C 236 -6.54 -63.45 -4.57
C ASP C 236 -6.99 -62.65 -5.78
N TYR C 237 -7.63 -63.31 -6.75
CA TYR C 237 -7.93 -62.63 -8.01
C TYR C 237 -8.82 -61.41 -7.79
N ILE C 238 -9.83 -61.52 -6.93
CA ILE C 238 -10.76 -60.41 -6.74
C ILE C 238 -10.07 -59.22 -6.10
N VAL C 239 -8.99 -59.44 -5.34
CA VAL C 239 -8.29 -58.35 -4.68
C VAL C 239 -7.28 -57.69 -5.61
N GLU C 240 -6.54 -58.50 -6.38
CA GLU C 240 -5.47 -57.98 -7.21
C GLU C 240 -5.99 -57.25 -8.45
N HIS C 241 -7.26 -57.40 -8.79
CA HIS C 241 -7.79 -56.82 -10.00
C HIS C 241 -7.61 -55.31 -10.01
N GLU C 242 -7.02 -54.78 -11.07
CA GLU C 242 -6.80 -53.34 -11.20
C GLU C 242 -8.09 -52.55 -11.28
N ALA C 243 -9.23 -53.18 -11.53
CA ALA C 243 -10.48 -52.44 -11.52
C ALA C 243 -10.86 -51.99 -10.12
N VAL C 244 -10.37 -52.66 -9.07
CA VAL C 244 -10.76 -52.35 -7.70
C VAL C 244 -9.95 -51.17 -7.20
N ASN C 245 -10.64 -50.15 -6.70
CA ASN C 245 -9.96 -48.96 -6.17
C ASN C 245 -9.91 -48.93 -4.64
N PHE C 246 -10.59 -49.85 -3.97
CA PHE C 246 -10.71 -49.80 -2.51
C PHE C 246 -11.14 -51.16 -2.02
N ILE C 247 -10.49 -51.67 -0.97
CA ILE C 247 -10.82 -52.96 -0.37
C ILE C 247 -11.22 -52.73 1.07
N ASN C 248 -12.43 -53.18 1.42
CA ASN C 248 -13.01 -53.01 2.75
C ASN C 248 -13.32 -54.40 3.28
N PHE C 249 -12.50 -54.88 4.21
CA PHE C 249 -12.49 -56.29 4.61
C PHE C 249 -12.73 -56.45 6.11
N THR C 250 -13.51 -57.46 6.47
CA THR C 250 -13.63 -57.93 7.84
C THR C 250 -13.41 -59.44 7.85
N GLY C 251 -12.61 -59.90 8.80
CA GLY C 251 -12.23 -61.29 8.86
C GLY C 251 -11.06 -61.50 9.80
N SER C 252 -10.33 -62.57 9.56
CA SER C 252 -9.26 -62.96 10.47
C SER C 252 -8.00 -62.13 10.20
N THR C 253 -7.17 -62.01 11.23
CA THR C 253 -5.91 -61.28 11.09
C THR C 253 -5.04 -61.87 9.99
N PRO C 254 -4.68 -63.17 10.01
CA PRO C 254 -3.83 -63.69 8.93
C PRO C 254 -4.40 -63.43 7.54
N ILE C 255 -5.72 -63.59 7.35
CA ILE C 255 -6.32 -63.33 6.05
C ILE C 255 -6.26 -61.84 5.73
N GLY C 256 -6.38 -60.99 6.75
CA GLY C 256 -6.25 -59.55 6.51
C GLY C 256 -4.83 -59.14 6.17
N GLU C 257 -3.84 -59.77 6.79
CA GLU C 257 -2.46 -59.45 6.46
C GLU C 257 -2.19 -59.73 4.99
N GLY C 258 -2.69 -60.87 4.48
CA GLY C 258 -2.51 -61.18 3.08
C GLY C 258 -3.07 -60.09 2.17
N ILE C 259 -4.29 -59.62 2.47
CA ILE C 259 -4.91 -58.60 1.65
C ILE C 259 -4.06 -57.33 1.62
N GLY C 260 -3.35 -57.04 2.71
CA GLY C 260 -2.52 -55.84 2.75
C GLY C 260 -1.44 -55.84 1.68
N LYS C 261 -0.86 -57.02 1.41
CA LYS C 261 0.16 -57.09 0.37
C LYS C 261 -0.46 -56.99 -1.02
N LEU C 262 -1.59 -57.68 -1.24
CA LEU C 262 -2.24 -57.68 -2.54
C LEU C 262 -2.87 -56.34 -2.89
N ALA C 263 -3.05 -55.45 -1.92
CA ALA C 263 -3.68 -54.16 -2.17
C ALA C 263 -2.79 -53.18 -2.91
N GLY C 264 -1.47 -53.35 -2.82
CA GLY C 264 -0.57 -52.42 -3.48
C GLY C 264 -0.67 -51.05 -2.84
N MET C 265 -0.89 -50.03 -3.67
CA MET C 265 -1.08 -48.66 -3.22
C MET C 265 -2.53 -48.31 -2.93
N ARG C 266 -3.46 -49.21 -3.26
CA ARG C 266 -4.87 -48.87 -3.14
C ARG C 266 -5.27 -48.78 -1.67
N PRO C 267 -6.15 -47.85 -1.31
CA PRO C 267 -6.57 -47.74 0.09
C PRO C 267 -7.33 -48.97 0.55
N ILE C 268 -7.24 -49.23 1.85
CA ILE C 268 -7.89 -50.40 2.44
C ILE C 268 -8.44 -50.03 3.81
N MET C 269 -9.44 -50.80 4.24
CA MET C 269 -9.93 -50.84 5.60
C MET C 269 -9.95 -52.30 6.01
N LEU C 270 -9.35 -52.60 7.15
CA LEU C 270 -9.28 -53.96 7.66
C LEU C 270 -9.88 -53.99 9.07
N GLU C 271 -10.86 -54.88 9.27
CA GLU C 271 -11.40 -55.21 10.58
C GLU C 271 -11.01 -56.65 10.89
N LEU C 272 -10.02 -56.83 11.77
CA LEU C 272 -9.40 -58.11 12.06
C LEU C 272 -9.77 -58.55 13.47
N GLY C 273 -8.90 -59.33 14.12
CA GLY C 273 -9.21 -59.91 15.40
C GLY C 273 -8.87 -59.00 16.57
N GLY C 274 -9.16 -59.52 17.77
CA GLY C 274 -8.91 -58.79 18.99
C GLY C 274 -8.70 -59.74 20.16
N LYS C 275 -8.23 -59.15 21.26
CA LYS C 275 -8.04 -59.83 22.54
C LYS C 275 -8.32 -58.80 23.63
N ASP C 276 -9.52 -58.23 23.59
CA ASP C 276 -9.89 -57.11 24.46
C ASP C 276 -9.69 -57.45 25.93
N SER C 277 -9.02 -56.56 26.65
CA SER C 277 -8.82 -56.76 28.08
C SER C 277 -9.90 -56.04 28.89
N ALA C 278 -10.29 -56.65 29.99
CA ALA C 278 -11.16 -56.05 31.00
C ALA C 278 -10.29 -55.82 32.24
N ILE C 279 -9.96 -54.57 32.51
CA ILE C 279 -9.16 -54.21 33.68
C ILE C 279 -10.12 -53.92 34.83
N VAL C 280 -10.02 -54.72 35.90
CA VAL C 280 -10.90 -54.57 37.07
C VAL C 280 -10.05 -54.08 38.24
N LEU C 281 -10.32 -52.86 38.71
CA LEU C 281 -9.58 -52.25 39.79
C LEU C 281 -10.25 -52.54 41.13
N GLU C 282 -9.52 -52.23 42.21
CA GLU C 282 -9.97 -52.63 43.54
C GLU C 282 -11.31 -51.99 43.93
N ASP C 283 -11.64 -50.84 43.35
CA ASP C 283 -12.85 -50.12 43.73
C ASP C 283 -14.02 -50.41 42.79
N ALA C 284 -13.90 -51.41 41.93
CA ALA C 284 -14.91 -51.68 40.92
C ALA C 284 -16.13 -52.33 41.54
N ASP C 285 -17.28 -52.08 40.93
CA ASP C 285 -18.50 -52.83 41.24
C ASP C 285 -18.33 -54.22 40.65
N LEU C 286 -17.95 -55.18 41.48
CA LEU C 286 -17.56 -56.50 40.98
C LEU C 286 -18.72 -57.22 40.32
N ALA C 287 -19.93 -57.12 40.91
CA ALA C 287 -21.10 -57.76 40.31
C ALA C 287 -21.40 -57.20 38.92
N LEU C 288 -21.34 -55.87 38.78
CA LEU C 288 -21.56 -55.24 37.48
C LEU C 288 -20.44 -55.59 36.52
N ALA C 289 -19.20 -55.57 37.00
CA ALA C 289 -18.08 -55.97 36.16
C ALA C 289 -18.26 -57.40 35.67
N ALA C 290 -18.72 -58.31 36.54
CA ALA C 290 -18.89 -59.69 36.13
C ALA C 290 -20.00 -59.82 35.10
N LYS C 291 -21.12 -59.13 35.31
CA LYS C 291 -22.19 -59.16 34.32
C LYS C 291 -21.70 -58.73 32.95
N ASN C 292 -21.01 -57.58 32.88
CA ASN C 292 -20.55 -57.09 31.60
C ASN C 292 -19.51 -58.01 30.98
N ILE C 293 -18.59 -58.52 31.80
CA ILE C 293 -17.52 -59.38 31.29
C ILE C 293 -18.12 -60.62 30.63
N VAL C 294 -19.08 -61.26 31.30
CA VAL C 294 -19.63 -62.50 30.77
C VAL C 294 -20.47 -62.25 29.53
N ALA C 295 -21.29 -61.19 29.54
CA ALA C 295 -22.10 -60.90 28.36
C ALA C 295 -21.22 -60.63 27.14
N GLY C 296 -20.15 -59.86 27.32
CA GLY C 296 -19.25 -59.56 26.21
C GLY C 296 -18.37 -60.73 25.82
N ALA C 297 -17.94 -61.54 26.78
CA ALA C 297 -17.01 -62.61 26.44
C ALA C 297 -17.70 -63.75 25.69
N PHE C 298 -18.93 -64.10 26.08
CA PHE C 298 -19.55 -65.32 25.61
C PHE C 298 -20.69 -65.08 24.63
N GLY C 299 -20.99 -63.84 24.29
CA GLY C 299 -21.92 -63.58 23.21
C GLY C 299 -21.47 -64.27 21.93
N TYR C 300 -22.43 -64.91 21.24
CA TYR C 300 -22.16 -65.66 20.01
C TYR C 300 -21.00 -66.65 20.22
N SER C 301 -20.94 -67.23 21.41
CA SER C 301 -19.94 -68.24 21.79
C SER C 301 -18.51 -67.69 21.72
N GLY C 302 -18.35 -66.37 21.83
CA GLY C 302 -17.03 -65.75 21.74
C GLY C 302 -16.53 -65.51 20.34
N GLN C 303 -17.34 -65.76 19.31
CA GLN C 303 -16.92 -65.58 17.93
C GLN C 303 -17.11 -64.12 17.49
N ARG C 304 -16.41 -63.23 18.19
CA ARG C 304 -16.52 -61.80 17.95
C ARG C 304 -15.16 -61.16 18.19
N SER C 305 -14.71 -60.34 17.24
CA SER C 305 -13.45 -59.63 17.41
C SER C 305 -13.51 -58.65 18.58
N THR C 306 -14.65 -57.98 18.73
CA THR C 306 -14.90 -57.10 19.87
C THR C 306 -15.58 -57.94 20.93
N ALA C 307 -14.88 -58.20 22.03
CA ALA C 307 -15.37 -59.06 23.09
C ALA C 307 -14.30 -59.14 24.17
N VAL C 308 -14.71 -59.10 25.44
CA VAL C 308 -13.76 -59.32 26.50
C VAL C 308 -13.17 -60.71 26.33
N LYS C 309 -11.86 -60.78 26.13
CA LYS C 309 -11.18 -62.06 25.97
C LYS C 309 -10.12 -62.32 27.03
N ARG C 310 -9.92 -61.39 27.97
CA ARG C 310 -9.00 -61.63 29.07
C ARG C 310 -9.28 -60.64 30.19
N VAL C 311 -9.44 -61.15 31.40
CA VAL C 311 -9.68 -60.32 32.58
C VAL C 311 -8.35 -60.06 33.25
N LEU C 312 -8.03 -58.79 33.46
CA LEU C 312 -6.84 -58.38 34.21
C LEU C 312 -7.35 -57.74 35.50
N VAL C 313 -7.30 -58.49 36.59
CA VAL C 313 -7.97 -58.10 37.83
C VAL C 313 -6.94 -57.94 38.94
N MET C 314 -7.04 -56.83 39.67
CA MET C 314 -6.19 -56.61 40.84
C MET C 314 -6.44 -57.69 41.88
N ASP C 315 -5.36 -58.28 42.40
CA ASP C 315 -5.47 -59.52 43.17
C ASP C 315 -6.42 -59.38 44.37
N LYS C 316 -6.53 -58.17 44.93
CA LYS C 316 -7.33 -57.98 46.15
C LYS C 316 -8.80 -58.37 45.94
N VAL C 317 -9.32 -58.17 44.73
CA VAL C 317 -10.73 -58.44 44.44
C VAL C 317 -10.89 -59.62 43.49
N ALA C 318 -9.80 -60.31 43.17
CA ALA C 318 -9.87 -61.37 42.16
C ALA C 318 -10.72 -62.55 42.61
N ASP C 319 -10.59 -62.96 43.89
CA ASP C 319 -11.37 -64.09 44.37
C ASP C 319 -12.87 -63.82 44.24
N GLN C 320 -13.32 -62.67 44.76
CA GLN C 320 -14.73 -62.31 44.66
C GLN C 320 -15.16 -62.18 43.20
N LEU C 321 -14.34 -61.54 42.37
CA LEU C 321 -14.71 -61.40 40.96
C LEU C 321 -14.82 -62.75 40.28
N ALA C 322 -13.82 -63.63 40.50
CA ALA C 322 -13.89 -64.95 39.90
C ALA C 322 -15.17 -65.68 40.30
N ALA C 323 -15.58 -65.54 41.57
CA ALA C 323 -16.82 -66.15 42.04
C ALA C 323 -18.03 -65.56 41.34
N GLU C 324 -18.06 -64.23 41.17
CA GLU C 324 -19.16 -63.58 40.48
C GLU C 324 -19.23 -64.00 39.01
N ILE C 325 -18.07 -64.09 38.35
CA ILE C 325 -18.06 -64.52 36.95
C ILE C 325 -18.48 -65.98 36.83
N LYS C 326 -17.91 -66.84 37.69
CA LYS C 326 -18.20 -68.27 37.61
C LYS C 326 -19.69 -68.55 37.71
N THR C 327 -20.41 -67.87 38.60
CA THR C 327 -21.82 -68.19 38.77
C THR C 327 -22.60 -67.84 37.52
N LEU C 328 -22.24 -66.74 36.85
CA LEU C 328 -22.92 -66.36 35.61
C LEU C 328 -22.61 -67.34 34.49
N VAL C 329 -21.35 -67.80 34.40
CA VAL C 329 -21.00 -68.72 33.31
C VAL C 329 -21.78 -70.02 33.45
N GLU C 330 -21.97 -70.48 34.69
CA GLU C 330 -22.74 -71.70 34.92
C GLU C 330 -24.18 -71.58 34.45
N LYS C 331 -24.70 -70.35 34.37
CA LYS C 331 -26.08 -70.14 33.96
C LYS C 331 -26.25 -69.98 32.46
N LEU C 332 -25.16 -69.81 31.72
CA LEU C 332 -25.27 -69.72 30.26
C LEU C 332 -25.88 -70.99 29.68
N SER C 333 -26.85 -70.82 28.80
CA SER C 333 -27.42 -71.96 28.10
C SER C 333 -26.49 -72.41 26.98
N VAL C 334 -26.54 -73.71 26.70
CA VAL C 334 -25.68 -74.35 25.71
C VAL C 334 -26.57 -75.23 24.85
N GLY C 335 -26.69 -74.88 23.57
CA GLY C 335 -27.58 -75.62 22.70
C GLY C 335 -27.60 -75.10 21.28
N MET C 336 -28.76 -75.20 20.66
CA MET C 336 -28.90 -75.02 19.23
C MET C 336 -29.37 -73.61 18.87
N PRO C 337 -29.03 -73.16 17.66
CA PRO C 337 -29.45 -71.80 17.26
C PRO C 337 -30.95 -71.57 17.38
N GLU C 338 -31.76 -72.51 16.91
N GLU C 338 -31.77 -72.51 16.90
CA GLU C 338 -33.21 -72.30 16.91
CA GLU C 338 -33.21 -72.30 16.91
C GLU C 338 -33.78 -72.23 18.32
C GLU C 338 -33.76 -72.19 18.32
N ASP C 339 -33.01 -72.62 19.33
CA ASP C 339 -33.42 -72.48 20.73
C ASP C 339 -32.90 -71.21 21.37
N ASP C 340 -32.18 -70.37 20.63
CA ASP C 340 -31.65 -69.10 21.14
C ASP C 340 -30.72 -69.32 22.33
N ALA C 341 -29.95 -70.41 22.28
CA ALA C 341 -28.98 -70.68 23.33
C ALA C 341 -27.90 -69.60 23.33
N ASP C 342 -27.39 -69.31 24.53
CA ASP C 342 -26.26 -68.39 24.65
C ASP C 342 -25.04 -68.92 23.91
N ILE C 343 -24.74 -70.20 24.11
CA ILE C 343 -23.58 -70.86 23.51
C ILE C 343 -24.12 -71.82 22.47
N THR C 344 -23.83 -71.54 21.21
CA THR C 344 -24.19 -72.36 20.07
C THR C 344 -22.96 -73.04 19.51
N PRO C 345 -23.13 -73.97 18.57
CA PRO C 345 -21.96 -74.65 17.99
C PRO C 345 -21.08 -73.69 17.19
N LEU C 346 -19.78 -73.94 17.24
CA LEU C 346 -18.82 -73.08 16.57
C LEU C 346 -18.84 -73.32 15.07
N ILE C 347 -18.21 -72.39 14.34
CA ILE C 347 -18.48 -72.24 12.91
C ILE C 347 -18.07 -73.48 12.14
N ASP C 348 -17.00 -74.16 12.55
CA ASP C 348 -16.61 -75.40 11.90
C ASP C 348 -15.67 -76.17 12.81
N THR C 349 -15.27 -77.36 12.35
CA THR C 349 -14.53 -78.28 13.19
C THR C 349 -13.15 -77.75 13.51
N SER C 350 -12.50 -77.09 12.54
CA SER C 350 -11.20 -76.49 12.80
C SER C 350 -11.29 -75.46 13.93
N ALA C 351 -12.33 -74.63 13.91
CA ALA C 351 -12.45 -73.61 14.96
C ALA C 351 -12.57 -74.25 16.33
N ALA C 352 -13.35 -75.32 16.44
CA ALA C 352 -13.55 -75.96 17.74
C ALA C 352 -12.29 -76.69 18.19
N ASP C 353 -11.60 -77.37 17.27
CA ASP C 353 -10.33 -78.00 17.62
C ASP C 353 -9.37 -76.96 18.20
N PHE C 354 -9.28 -75.79 17.54
CA PHE C 354 -8.37 -74.74 18.01
C PHE C 354 -8.74 -74.31 19.43
N VAL C 355 -10.03 -74.12 19.71
CA VAL C 355 -10.43 -73.69 21.03
C VAL C 355 -10.11 -74.78 22.05
N GLU C 356 -10.34 -76.04 21.70
CA GLU C 356 -10.01 -77.12 22.61
C GLU C 356 -8.51 -77.14 22.89
N GLY C 357 -7.70 -76.82 21.88
CA GLY C 357 -6.26 -76.76 22.09
C GLY C 357 -5.85 -75.72 23.11
N LEU C 358 -6.45 -74.53 23.03
CA LEU C 358 -6.16 -73.50 24.03
C LEU C 358 -6.62 -73.94 25.42
N ILE C 359 -7.77 -74.60 25.50
CA ILE C 359 -8.25 -75.08 26.78
C ILE C 359 -7.29 -76.11 27.36
N LYS C 360 -6.74 -76.98 26.51
CA LYS C 360 -5.87 -78.03 26.99
C LYS C 360 -4.51 -77.49 27.43
N ASP C 361 -3.99 -76.49 26.70
CA ASP C 361 -2.73 -75.85 27.09
C ASP C 361 -2.86 -75.16 28.43
N ALA C 362 -3.99 -74.47 28.66
CA ALA C 362 -4.19 -73.82 29.96
C ALA C 362 -4.26 -74.86 31.08
N THR C 363 -5.07 -75.90 30.88
CA THR C 363 -5.21 -76.93 31.90
C THR C 363 -3.86 -77.57 32.20
N ASP C 364 -3.11 -77.93 31.15
CA ASP C 364 -1.84 -78.61 31.35
C ASP C 364 -0.83 -77.71 32.07
N LYS C 365 -0.90 -76.41 31.84
CA LYS C 365 0.03 -75.50 32.50
C LYS C 365 -0.43 -75.09 33.89
N GLY C 366 -1.57 -75.59 34.35
CA GLY C 366 -1.97 -75.46 35.73
C GLY C 366 -3.02 -74.42 36.02
N ALA C 367 -3.75 -73.95 35.02
CA ALA C 367 -4.85 -73.03 35.28
C ALA C 367 -5.99 -73.76 35.98
N THR C 368 -6.79 -72.99 36.71
CA THR C 368 -7.93 -73.51 37.45
C THR C 368 -9.18 -73.39 36.57
N ALA C 369 -9.75 -74.53 36.19
CA ALA C 369 -10.98 -74.54 35.42
C ALA C 369 -12.15 -74.35 36.37
N LEU C 370 -12.80 -73.19 36.29
CA LEU C 370 -13.92 -72.90 37.19
C LEU C 370 -15.23 -73.44 36.66
N THR C 371 -15.30 -73.75 35.38
CA THR C 371 -16.46 -74.43 34.79
C THR C 371 -15.94 -75.59 33.94
N ALA C 372 -16.83 -76.55 33.71
CA ALA C 372 -16.44 -77.82 33.10
C ALA C 372 -16.38 -77.73 31.59
N PHE C 373 -15.29 -78.20 31.00
CA PHE C 373 -15.19 -78.32 29.56
C PHE C 373 -16.03 -79.50 29.09
N ASN C 374 -16.76 -79.28 28.00
CA ASN C 374 -17.58 -80.32 27.39
C ASN C 374 -17.67 -79.99 25.90
N ARG C 375 -17.73 -81.02 25.07
CA ARG C 375 -17.79 -80.82 23.63
C ARG C 375 -18.61 -81.94 23.01
N GLU C 376 -19.70 -81.56 22.32
CA GLU C 376 -20.54 -82.47 21.56
C GLU C 376 -20.52 -82.00 20.11
N GLY C 377 -19.81 -82.72 19.25
CA GLY C 377 -19.57 -82.25 17.90
C GLY C 377 -18.64 -81.05 17.93
N ASN C 378 -19.13 -79.90 17.49
CA ASN C 378 -18.40 -78.64 17.62
C ASN C 378 -19.05 -77.70 18.61
N LEU C 379 -19.92 -78.22 19.47
CA LEU C 379 -20.59 -77.42 20.51
C LEU C 379 -19.77 -77.53 21.78
N ILE C 380 -18.99 -76.49 22.06
CA ILE C 380 -18.14 -76.45 23.24
C ILE C 380 -18.87 -75.70 24.35
N SER C 381 -18.88 -76.28 25.55
CA SER C 381 -19.46 -75.63 26.71
C SER C 381 -18.53 -74.53 27.22
N PRO C 382 -19.08 -73.49 27.86
CA PRO C 382 -18.26 -72.35 28.26
C PRO C 382 -17.30 -72.69 29.38
N VAL C 383 -16.03 -72.34 29.20
CA VAL C 383 -14.97 -72.68 30.13
C VAL C 383 -14.38 -71.38 30.67
N LEU C 384 -14.44 -71.22 31.99
CA LEU C 384 -13.83 -70.11 32.69
C LEU C 384 -12.59 -70.63 33.40
N PHE C 385 -11.46 -69.96 33.16
CA PHE C 385 -10.19 -70.29 33.81
C PHE C 385 -9.78 -69.15 34.73
N ASP C 386 -9.33 -69.51 35.93
CA ASP C 386 -8.72 -68.57 36.87
C ASP C 386 -7.26 -68.95 37.03
N HIS C 387 -6.47 -68.00 37.55
CA HIS C 387 -5.04 -68.22 37.77
C HIS C 387 -4.31 -68.51 36.46
N VAL C 388 -4.69 -67.81 35.41
CA VAL C 388 -3.98 -67.90 34.14
C VAL C 388 -2.73 -67.04 34.21
N THR C 389 -1.63 -67.54 33.67
CA THR C 389 -0.38 -66.80 33.62
C THR C 389 0.03 -66.61 32.16
N THR C 390 0.90 -65.64 31.92
CA THR C 390 1.16 -65.17 30.56
C THR C 390 2.06 -66.10 29.77
N ASP C 391 2.45 -67.24 30.34
CA ASP C 391 3.10 -68.30 29.58
C ASP C 391 2.08 -69.20 28.88
N MET C 392 0.80 -68.99 29.13
CA MET C 392 -0.27 -69.81 28.56
C MET C 392 -0.75 -69.19 27.26
N ARG C 393 -1.02 -70.05 26.27
CA ARG C 393 -1.51 -69.55 24.99
C ARG C 393 -2.81 -68.78 25.16
N LEU C 394 -3.68 -69.27 26.05
CA LEU C 394 -4.98 -68.65 26.26
C LEU C 394 -4.85 -67.20 26.69
N ALA C 395 -3.67 -66.79 27.18
CA ALA C 395 -3.49 -65.40 27.59
C ALA C 395 -3.39 -64.44 26.42
N TRP C 396 -3.04 -64.93 25.22
CA TRP C 396 -2.73 -64.07 24.09
C TRP C 396 -3.52 -64.39 22.83
N GLU C 397 -3.72 -65.66 22.51
CA GLU C 397 -4.28 -66.02 21.21
C GLU C 397 -5.79 -65.86 21.21
N GLU C 398 -6.31 -65.28 20.13
CA GLU C 398 -7.76 -65.10 20.00
C GLU C 398 -8.42 -66.46 19.79
N PRO C 399 -9.27 -66.93 20.71
CA PRO C 399 -9.86 -68.26 20.50
C PRO C 399 -10.95 -68.29 19.45
N PHE C 400 -11.81 -67.29 19.41
CA PHE C 400 -13.09 -67.38 18.70
C PHE C 400 -13.85 -68.63 19.17
N GLY C 401 -13.99 -68.72 20.49
CA GLY C 401 -14.73 -69.77 21.14
C GLY C 401 -15.05 -69.40 22.58
N PRO C 402 -15.90 -70.19 23.24
CA PRO C 402 -16.41 -69.80 24.57
C PRO C 402 -15.46 -70.20 25.70
N VAL C 403 -14.33 -69.50 25.79
CA VAL C 403 -13.35 -69.72 26.85
C VAL C 403 -12.80 -68.35 27.27
N LEU C 404 -12.64 -68.15 28.57
CA LEU C 404 -12.23 -66.86 29.12
C LEU C 404 -11.20 -67.05 30.22
N PRO C 405 -10.02 -66.42 30.11
CA PRO C 405 -9.05 -66.46 31.20
C PRO C 405 -9.16 -65.26 32.13
N ILE C 406 -8.89 -65.53 33.40
CA ILE C 406 -8.74 -64.50 34.41
C ILE C 406 -7.27 -64.47 34.81
N ILE C 407 -6.65 -63.29 34.70
CA ILE C 407 -5.24 -63.10 34.98
C ILE C 407 -5.11 -62.10 36.11
N ARG C 408 -4.45 -62.51 37.18
CA ARG C 408 -4.31 -61.67 38.35
C ARG C 408 -3.06 -60.79 38.24
N VAL C 409 -3.20 -59.53 38.65
CA VAL C 409 -2.11 -58.56 38.66
C VAL C 409 -2.14 -57.87 40.02
N THR C 410 -1.02 -57.24 40.37
CA THR C 410 -0.94 -56.51 41.64
C THR C 410 -0.81 -55.01 41.48
N THR C 411 -0.63 -54.50 40.26
CA THR C 411 -0.58 -53.07 40.03
C THR C 411 -1.28 -52.73 38.72
N VAL C 412 -1.73 -51.48 38.61
N VAL C 412 -1.74 -51.48 38.62
CA VAL C 412 -2.33 -51.04 37.36
CA VAL C 412 -2.32 -51.00 37.37
C VAL C 412 -1.26 -50.94 36.28
C VAL C 412 -1.25 -50.96 36.29
N GLU C 413 -0.01 -50.64 36.66
CA GLU C 413 1.06 -50.60 35.69
C GLU C 413 1.31 -51.96 35.06
N GLU C 414 1.21 -53.02 35.86
CA GLU C 414 1.38 -54.37 35.33
C GLU C 414 0.25 -54.73 34.38
N ALA C 415 -0.99 -54.34 34.72
CA ALA C 415 -2.12 -54.63 33.85
C ALA C 415 -1.98 -53.90 32.52
N ILE C 416 -1.51 -52.66 32.55
CA ILE C 416 -1.30 -51.90 31.31
C ILE C 416 -0.24 -52.58 30.45
N LYS C 417 0.85 -53.05 31.07
CA LYS C 417 1.91 -53.69 30.31
C LYS C 417 1.45 -55.00 29.68
N ILE C 418 0.68 -55.80 30.43
CA ILE C 418 0.20 -57.07 29.89
C ILE C 418 -0.84 -56.82 28.81
N SER C 419 -1.69 -55.82 29.00
CA SER C 419 -2.69 -55.49 28.00
C SER C 419 -2.04 -55.06 26.70
N ASN C 420 -1.05 -54.16 26.78
CA ASN C 420 -0.37 -53.63 25.61
C ASN C 420 0.62 -54.61 24.99
N GLU C 421 1.03 -55.66 25.71
CA GLU C 421 1.94 -56.64 25.13
C GLU C 421 1.27 -57.44 24.02
N SER C 422 -0.06 -57.46 23.97
CA SER C 422 -0.77 -58.19 22.92
C SER C 422 -0.57 -57.54 21.56
N GLU C 423 -0.47 -58.39 20.54
CA GLU C 423 -0.44 -57.87 19.17
C GLU C 423 -1.80 -57.32 18.74
N TYR C 424 -2.85 -57.53 19.53
CA TYR C 424 -4.15 -56.97 19.27
C TYR C 424 -4.37 -55.71 20.09
N GLY C 425 -5.15 -54.79 19.52
CA GLY C 425 -5.50 -53.55 20.19
C GLY C 425 -6.82 -53.01 19.69
N LEU C 426 -7.89 -53.77 19.89
CA LEU C 426 -9.21 -53.38 19.37
C LEU C 426 -9.91 -52.48 20.39
N GLN C 427 -10.31 -53.06 21.52
CA GLN C 427 -10.97 -52.30 22.58
C GLN C 427 -10.49 -52.80 23.95
N ALA C 428 -10.86 -52.05 24.98
CA ALA C 428 -10.62 -52.41 26.37
C ALA C 428 -11.76 -51.89 27.24
N SER C 429 -12.01 -52.59 28.34
CA SER C 429 -12.94 -52.18 29.39
C SER C 429 -12.14 -51.89 30.65
N ILE C 430 -12.53 -50.83 31.36
CA ILE C 430 -11.98 -50.49 32.66
C ILE C 430 -13.14 -50.39 33.62
N PHE C 431 -13.11 -51.20 34.67
CA PHE C 431 -14.13 -51.18 35.72
C PHE C 431 -13.52 -50.55 36.96
N THR C 432 -14.07 -49.42 37.37
CA THR C 432 -13.55 -48.65 38.50
C THR C 432 -14.56 -47.55 38.80
N THR C 433 -14.42 -46.95 39.97
CA THR C 433 -15.21 -45.77 40.30
C THR C 433 -14.41 -44.48 40.17
N ASN C 434 -13.14 -44.57 39.78
CA ASN C 434 -12.26 -43.41 39.65
C ASN C 434 -12.10 -43.12 38.15
N PHE C 435 -12.95 -42.25 37.62
CA PHE C 435 -12.96 -42.03 36.18
C PHE C 435 -11.77 -41.19 35.71
N PRO C 436 -11.36 -40.15 36.44
CA PRO C 436 -10.11 -39.48 36.07
C PRO C 436 -8.94 -40.45 35.92
N LYS C 437 -8.81 -41.40 36.84
CA LYS C 437 -7.79 -42.44 36.72
C LYS C 437 -8.04 -43.31 35.49
N ALA C 438 -9.29 -43.74 35.32
CA ALA C 438 -9.63 -44.55 34.15
C ALA C 438 -9.24 -43.86 32.84
N PHE C 439 -9.43 -42.53 32.77
CA PHE C 439 -9.03 -41.80 31.57
C PHE C 439 -7.52 -41.79 31.40
N GLY C 440 -6.78 -41.63 32.50
CA GLY C 440 -5.34 -41.74 32.42
C GLY C 440 -4.89 -43.11 31.94
N ILE C 441 -5.58 -44.16 32.40
CA ILE C 441 -5.27 -45.51 31.94
C ILE C 441 -5.60 -45.66 30.47
N ALA C 442 -6.77 -45.14 30.04
CA ALA C 442 -7.17 -45.26 28.64
C ALA C 442 -6.15 -44.60 27.72
N GLU C 443 -5.54 -43.49 28.15
CA GLU C 443 -4.53 -42.84 27.32
C GLU C 443 -3.34 -43.76 27.05
N GLN C 444 -3.00 -44.63 28.00
CA GLN C 444 -1.87 -45.54 27.85
C GLN C 444 -2.22 -46.83 27.13
N LEU C 445 -3.50 -47.20 27.07
CA LEU C 445 -3.88 -48.46 26.43
C LEU C 445 -3.80 -48.31 24.92
N GLU C 446 -3.13 -49.26 24.26
CA GLU C 446 -2.98 -49.28 22.81
C GLU C 446 -4.18 -49.98 22.19
N VAL C 447 -5.30 -49.25 22.15
CA VAL C 447 -6.56 -49.72 21.63
C VAL C 447 -7.25 -48.57 20.92
N GLY C 448 -8.28 -48.89 20.14
CA GLY C 448 -9.10 -47.88 19.51
C GLY C 448 -10.11 -47.27 20.45
N THR C 449 -10.75 -48.11 21.27
CA THR C 449 -11.84 -47.64 22.13
C THR C 449 -11.74 -48.27 23.51
N VAL C 450 -11.94 -47.45 24.55
CA VAL C 450 -11.99 -47.89 25.92
C VAL C 450 -13.39 -47.62 26.46
N HIS C 451 -14.03 -48.65 27.00
CA HIS C 451 -15.36 -48.54 27.59
C HIS C 451 -15.24 -48.52 29.10
N LEU C 452 -15.87 -47.54 29.74
CA LEU C 452 -15.77 -47.36 31.19
C LEU C 452 -16.97 -47.99 31.86
N ASN C 453 -16.72 -49.00 32.72
CA ASN C 453 -17.76 -49.69 33.46
C ASN C 453 -18.81 -50.31 32.53
N ASN C 454 -18.34 -50.80 31.39
CA ASN C 454 -19.20 -51.49 30.44
C ASN C 454 -18.34 -52.40 29.59
N LYS C 455 -18.98 -53.40 29.01
CA LYS C 455 -18.28 -54.32 28.13
C LYS C 455 -17.79 -53.59 26.89
N THR C 456 -16.77 -54.15 26.24
CA THR C 456 -16.39 -53.65 24.94
C THR C 456 -17.52 -53.92 23.94
N GLN C 457 -17.63 -53.06 22.93
CA GLN C 457 -18.70 -53.20 21.95
C GLN C 457 -18.43 -52.26 20.80
N ARG C 458 -18.99 -52.60 19.64
CA ARG C 458 -18.82 -51.76 18.46
C ARG C 458 -19.76 -50.55 18.52
N GLY C 459 -20.96 -50.74 19.06
CA GLY C 459 -21.97 -49.69 19.02
C GLY C 459 -21.66 -48.55 19.98
N THR C 460 -22.47 -47.49 19.88
CA THR C 460 -23.47 -47.29 18.84
C THR C 460 -22.74 -47.04 17.53
N ASP C 461 -23.38 -47.40 16.41
CA ASP C 461 -22.68 -47.45 15.13
C ASP C 461 -22.30 -46.07 14.59
N ASN C 462 -22.70 -44.98 15.23
CA ASN C 462 -22.17 -43.68 14.84
C ASN C 462 -20.81 -43.42 15.49
N PHE C 463 -20.48 -44.12 16.57
CA PHE C 463 -19.18 -43.95 17.22
C PHE C 463 -18.09 -44.54 16.33
N PRO C 464 -16.85 -44.07 16.48
CA PRO C 464 -15.75 -44.67 15.72
C PRO C 464 -15.49 -46.10 16.16
N PHE C 465 -15.09 -46.93 15.19
CA PHE C 465 -14.73 -48.32 15.45
C PHE C 465 -13.42 -48.59 14.71
N LEU C 466 -12.35 -48.79 15.48
CA LEU C 466 -11.03 -48.99 14.91
C LEU C 466 -10.19 -49.85 15.84
N GLY C 467 -9.16 -50.47 15.28
CA GLY C 467 -8.20 -51.22 16.08
C GLY C 467 -6.78 -50.78 15.80
N ALA C 468 -5.96 -50.87 16.83
CA ALA C 468 -4.53 -50.62 16.69
C ALA C 468 -3.79 -51.94 16.40
N LYS C 469 -2.56 -51.80 15.94
CA LYS C 469 -1.65 -52.94 15.71
C LYS C 469 -2.36 -53.94 14.80
N LYS C 470 -2.40 -55.22 15.16
CA LYS C 470 -2.93 -56.23 14.25
C LYS C 470 -4.45 -56.28 14.23
N SER C 471 -5.12 -55.40 14.97
CA SER C 471 -6.59 -55.44 15.00
C SER C 471 -7.22 -54.82 13.76
N GLY C 472 -6.47 -54.06 12.96
CA GLY C 472 -6.99 -53.62 11.69
C GLY C 472 -6.33 -52.34 11.21
N ALA C 473 -6.96 -51.76 10.20
CA ALA C 473 -6.51 -50.52 9.59
C ALA C 473 -7.73 -49.72 9.18
N GLY C 474 -7.68 -48.42 9.44
CA GLY C 474 -8.77 -47.53 9.11
C GLY C 474 -9.78 -47.40 10.23
N VAL C 475 -10.62 -46.37 10.12
CA VAL C 475 -11.62 -46.04 11.14
C VAL C 475 -13.00 -46.28 10.54
N GLN C 476 -13.78 -47.13 11.20
CA GLN C 476 -15.15 -47.38 10.81
C GLN C 476 -16.09 -46.72 11.84
N GLY C 477 -17.34 -47.15 11.87
CA GLY C 477 -18.39 -46.26 12.28
C GLY C 477 -18.88 -45.44 11.10
N VAL C 478 -20.16 -45.07 11.10
CA VAL C 478 -20.82 -44.66 9.86
C VAL C 478 -20.08 -43.50 9.22
N LYS C 479 -20.01 -42.34 9.89
CA LYS C 479 -19.42 -41.18 9.23
C LYS C 479 -17.96 -41.42 8.88
N TYR C 480 -17.24 -42.15 9.73
CA TYR C 480 -15.84 -42.42 9.46
C TYR C 480 -15.68 -43.36 8.26
N SER C 481 -16.58 -44.33 8.12
CA SER C 481 -16.54 -45.23 6.98
CA SER C 481 -16.51 -45.23 6.98
C SER C 481 -16.75 -44.46 5.67
N ILE C 482 -17.66 -43.49 5.70
CA ILE C 482 -17.93 -42.67 4.51
C ILE C 482 -16.70 -41.86 4.14
N GLU C 483 -16.07 -41.22 5.13
CA GLU C 483 -14.90 -40.40 4.84
C GLU C 483 -13.77 -41.26 4.26
N ALA C 484 -13.58 -42.47 4.79
CA ALA C 484 -12.51 -43.33 4.29
C ALA C 484 -12.70 -43.68 2.83
N MET C 485 -13.95 -43.83 2.38
CA MET C 485 -14.23 -44.23 1.01
C MET C 485 -14.60 -43.06 0.12
N THR C 486 -14.17 -41.85 0.48
CA THR C 486 -14.25 -40.70 -0.40
C THR C 486 -12.87 -40.07 -0.49
N THR C 487 -12.62 -39.40 -1.60
CA THR C 487 -11.43 -38.60 -1.79
C THR C 487 -11.88 -37.16 -1.99
N VAL C 488 -10.95 -36.33 -2.45
CA VAL C 488 -11.18 -34.90 -2.61
C VAL C 488 -10.80 -34.48 -4.01
N LYS C 489 -11.54 -33.50 -4.54
CA LYS C 489 -11.27 -32.84 -5.81
C LYS C 489 -11.19 -31.36 -5.52
N SER C 490 -10.03 -30.76 -5.77
CA SER C 490 -9.77 -29.36 -5.49
C SER C 490 -9.76 -28.56 -6.79
N VAL C 491 -10.45 -27.43 -6.79
CA VAL C 491 -10.47 -26.49 -7.91
C VAL C 491 -9.98 -25.15 -7.38
N VAL C 492 -8.87 -24.67 -7.94
CA VAL C 492 -8.18 -23.48 -7.46
C VAL C 492 -8.24 -22.43 -8.55
N PHE C 493 -8.64 -21.21 -8.17
CA PHE C 493 -8.67 -20.11 -9.13
C PHE C 493 -8.33 -18.83 -8.38
N ASP C 494 -8.04 -17.78 -9.14
CA ASP C 494 -7.66 -16.48 -8.61
C ASP C 494 -8.79 -15.50 -8.80
N ILE C 495 -9.16 -14.81 -7.73
CA ILE C 495 -10.17 -13.77 -7.77
C ILE C 495 -9.53 -12.51 -8.33
N GLN C 496 -10.26 -11.81 -9.19
CA GLN C 496 -9.73 -10.60 -9.82
C GLN C 496 -10.62 -9.41 -9.52
N LEU D 22 36.57 -28.25 1.89
CA LEU D 22 35.39 -27.92 1.03
C LEU D 22 34.40 -29.08 1.02
N ALA D 23 34.89 -30.30 0.77
CA ALA D 23 34.07 -31.49 0.86
C ALA D 23 34.10 -32.01 2.31
N LYS D 24 32.94 -32.05 2.94
CA LYS D 24 32.82 -32.42 4.35
C LYS D 24 32.30 -33.85 4.49
N GLN D 25 32.75 -34.52 5.54
CA GLN D 25 32.22 -35.82 5.93
C GLN D 25 31.02 -35.59 6.84
N TYR D 26 29.85 -36.09 6.43
CA TYR D 26 28.62 -35.88 7.19
C TYR D 26 28.25 -37.12 8.00
N LYS D 27 27.37 -36.91 8.97
CA LYS D 27 26.98 -37.95 9.91
C LYS D 27 25.47 -37.99 10.06
N ASN D 28 24.96 -39.14 10.49
CA ASN D 28 23.54 -39.28 10.76
C ASN D 28 23.23 -38.88 12.19
N LEU D 29 22.01 -38.38 12.40
CA LEU D 29 21.50 -38.05 13.73
C LEU D 29 20.83 -39.29 14.28
N VAL D 30 21.42 -39.88 15.31
CA VAL D 30 20.97 -41.14 15.89
C VAL D 30 20.85 -40.93 17.39
N ASN D 31 19.61 -40.89 17.88
CA ASN D 31 19.35 -40.80 19.31
C ASN D 31 20.13 -39.65 19.93
N GLY D 32 20.05 -38.48 19.30
CA GLY D 32 20.68 -37.29 19.81
C GLY D 32 22.18 -37.21 19.63
N GLU D 33 22.78 -38.19 18.94
CA GLU D 33 24.20 -38.22 18.68
C GLU D 33 24.45 -38.28 17.18
N TRP D 34 25.64 -37.85 16.76
CA TRP D 34 26.06 -37.88 15.37
C TRP D 34 26.99 -39.07 15.13
N LYS D 35 26.60 -39.96 14.23
CA LYS D 35 27.27 -41.23 14.04
C LYS D 35 27.76 -41.40 12.60
N LEU D 36 29.00 -41.83 12.46
CA LEU D 36 29.50 -42.28 11.17
C LEU D 36 29.22 -43.78 11.02
N SER D 37 29.46 -44.28 9.82
CA SER D 37 29.40 -45.70 9.51
C SER D 37 30.75 -46.12 8.94
N GLU D 38 31.00 -47.43 8.95
CA GLU D 38 32.28 -47.93 8.48
C GLU D 38 32.50 -47.62 6.99
N ASN D 39 31.43 -47.63 6.21
CA ASN D 39 31.46 -47.21 4.81
C ASN D 39 30.64 -45.95 4.63
N GLU D 40 30.89 -45.25 3.54
CA GLU D 40 30.21 -44.00 3.24
C GLU D 40 29.95 -43.92 1.73
N ILE D 41 29.17 -42.92 1.36
CA ILE D 41 28.81 -42.66 -0.03
C ILE D 41 29.21 -41.23 -0.35
N THR D 42 30.06 -41.05 -1.36
CA THR D 42 30.48 -39.73 -1.78
C THR D 42 29.46 -39.16 -2.76
N ILE D 43 29.07 -37.91 -2.54
CA ILE D 43 28.07 -37.23 -3.36
C ILE D 43 28.80 -36.20 -4.22
N TYR D 44 28.41 -36.11 -5.49
CA TYR D 44 29.01 -35.19 -6.45
C TYR D 44 27.94 -34.28 -7.02
N ALA D 45 28.38 -33.08 -7.41
CA ALA D 45 27.46 -32.12 -8.02
C ALA D 45 27.04 -32.59 -9.41
N PRO D 46 25.75 -32.80 -9.66
CA PRO D 46 25.34 -33.30 -10.99
C PRO D 46 25.66 -32.35 -12.13
N ALA D 47 25.83 -31.05 -11.86
CA ALA D 47 26.09 -30.10 -12.93
C ALA D 47 27.57 -29.98 -13.28
N THR D 48 28.47 -30.28 -12.34
CA THR D 48 29.89 -30.04 -12.52
C THR D 48 30.79 -31.22 -12.17
N GLY D 49 30.27 -32.25 -11.50
CA GLY D 49 31.12 -33.32 -11.03
C GLY D 49 31.89 -33.01 -9.77
N GLU D 50 31.75 -31.80 -9.23
CA GLU D 50 32.48 -31.42 -8.02
C GLU D 50 32.12 -32.33 -6.85
N GLU D 51 33.14 -32.79 -6.14
CA GLU D 51 32.92 -33.59 -4.93
C GLU D 51 32.33 -32.70 -3.85
N LEU D 52 31.16 -33.05 -3.33
CA LEU D 52 30.49 -32.22 -2.33
C LEU D 52 30.69 -32.70 -0.91
N GLY D 53 30.90 -33.99 -0.70
CA GLY D 53 31.03 -34.55 0.63
C GLY D 53 30.63 -36.01 0.59
N SER D 54 30.52 -36.60 1.78
CA SER D 54 30.13 -38.00 1.90
C SER D 54 29.12 -38.14 3.02
N VAL D 55 28.29 -39.17 2.91
CA VAL D 55 27.28 -39.49 3.92
C VAL D 55 27.45 -40.96 4.30
N PRO D 56 27.10 -41.36 5.52
CA PRO D 56 27.32 -42.75 5.92
C PRO D 56 26.49 -43.72 5.07
N ALA D 57 27.02 -44.93 4.91
CA ALA D 57 26.33 -46.03 4.24
C ALA D 57 25.91 -47.01 5.34
N MET D 58 24.77 -46.72 5.97
CA MET D 58 24.35 -47.49 7.13
C MET D 58 24.13 -48.95 6.78
N THR D 59 24.44 -49.80 7.74
CA THR D 59 24.09 -51.22 7.68
C THR D 59 22.71 -51.44 8.26
N GLN D 60 22.20 -52.66 8.11
CA GLN D 60 20.88 -52.98 8.65
C GLN D 60 20.89 -52.92 10.18
N ALA D 61 21.98 -53.33 10.82
CA ALA D 61 22.07 -53.23 12.27
C ALA D 61 22.04 -51.78 12.73
N GLU D 62 22.67 -50.89 11.98
CA GLU D 62 22.61 -49.48 12.32
C GLU D 62 21.21 -48.92 12.13
N VAL D 63 20.46 -49.45 11.15
CA VAL D 63 19.05 -49.09 11.01
C VAL D 63 18.26 -49.56 12.23
N ASP D 64 18.55 -50.77 12.73
CA ASP D 64 17.86 -51.26 13.92
C ASP D 64 18.03 -50.28 15.09
N ALA D 65 19.24 -49.72 15.24
CA ALA D 65 19.50 -48.85 16.38
C ALA D 65 18.72 -47.54 16.25
N VAL D 66 18.61 -47.00 15.04
CA VAL D 66 17.80 -45.81 14.82
C VAL D 66 16.37 -46.05 15.27
N TYR D 67 15.75 -47.12 14.76
CA TYR D 67 14.34 -47.38 15.07
C TYR D 67 14.14 -47.73 16.53
N ALA D 68 15.07 -48.47 17.14
CA ALA D 68 14.95 -48.75 18.57
C ALA D 68 15.00 -47.48 19.39
N SER D 69 15.90 -46.54 19.03
CA SER D 69 15.94 -45.28 19.74
CA SER D 69 15.95 -45.29 19.75
C SER D 69 14.66 -44.48 19.53
N ALA D 70 14.10 -44.53 18.33
CA ALA D 70 12.87 -43.78 18.07
C ALA D 70 11.71 -44.33 18.89
N LYS D 71 11.57 -45.66 18.94
CA LYS D 71 10.47 -46.24 19.71
C LYS D 71 10.61 -45.96 21.19
N LYS D 72 11.85 -45.88 21.69
CA LYS D 72 12.03 -45.58 23.11
C LYS D 72 11.64 -44.15 23.43
N ALA D 73 11.89 -43.21 22.51
CA ALA D 73 11.56 -41.82 22.75
C ALA D 73 10.07 -41.52 22.59
N LEU D 74 9.33 -42.43 21.94
CA LEU D 74 7.93 -42.14 21.60
C LEU D 74 7.07 -41.87 22.83
N SER D 75 7.25 -42.68 23.87
CA SER D 75 6.42 -42.52 25.07
C SER D 75 6.56 -41.12 25.66
N ASP D 76 7.80 -40.66 25.86
CA ASP D 76 7.99 -39.35 26.47
C ASP D 76 7.55 -38.22 25.53
N TRP D 77 7.65 -38.43 24.22
CA TRP D 77 7.33 -37.36 23.26
C TRP D 77 5.82 -37.16 23.14
N ARG D 78 5.06 -38.25 23.00
CA ARG D 78 3.62 -38.15 22.83
C ARG D 78 2.90 -37.65 24.08
N THR D 79 3.51 -37.75 25.26
CA THR D 79 2.89 -37.25 26.48
C THR D 79 3.22 -35.79 26.76
N LEU D 80 4.11 -35.19 25.98
CA LEU D 80 4.28 -33.74 26.04
C LEU D 80 3.00 -33.05 25.59
N SER D 81 2.86 -31.79 26.00
CA SER D 81 1.76 -30.97 25.52
C SER D 81 2.02 -30.56 24.07
N TYR D 82 0.94 -30.21 23.38
CA TYR D 82 1.08 -29.70 22.01
C TYR D 82 1.99 -28.48 21.97
N VAL D 83 1.83 -27.54 22.92
CA VAL D 83 2.62 -26.31 22.90
CA VAL D 83 2.62 -26.32 22.87
C VAL D 83 4.10 -26.62 23.01
N GLU D 84 4.45 -27.60 23.84
CA GLU D 84 5.85 -27.99 23.98
C GLU D 84 6.42 -28.54 22.68
N ARG D 85 5.66 -29.41 22.00
CA ARG D 85 6.14 -29.93 20.72
C ARG D 85 6.20 -28.83 19.68
N ALA D 86 5.22 -27.92 19.67
CA ALA D 86 5.25 -26.82 18.70
C ALA D 86 6.48 -25.95 18.89
N ALA D 87 6.89 -25.74 20.14
CA ALA D 87 8.04 -24.86 20.39
C ALA D 87 9.30 -25.39 19.74
N TYR D 88 9.53 -26.70 19.83
CA TYR D 88 10.68 -27.31 19.15
C TYR D 88 10.61 -27.06 17.66
N LEU D 89 9.42 -27.21 17.06
CA LEU D 89 9.29 -27.01 15.62
C LEU D 89 9.60 -25.56 15.24
N HIS D 90 9.09 -24.60 16.01
CA HIS D 90 9.35 -23.20 15.69
C HIS D 90 10.83 -22.86 15.81
N LYS D 91 11.50 -23.41 16.84
CA LYS D 91 12.93 -23.19 16.97
C LYS D 91 13.69 -23.73 15.76
N ALA D 92 13.36 -24.95 15.33
CA ALA D 92 14.06 -25.53 14.19
C ALA D 92 13.88 -24.64 12.95
N ALA D 93 12.65 -24.17 12.71
CA ALA D 93 12.41 -23.31 11.56
C ALA D 93 13.22 -22.03 11.65
N ASP D 94 13.25 -21.39 12.83
CA ASP D 94 14.06 -20.20 13.01
C ASP D 94 15.50 -20.46 12.60
N ILE D 95 16.06 -21.59 13.05
CA ILE D 95 17.43 -21.95 12.66
C ILE D 95 17.52 -22.16 11.15
N LEU D 96 16.49 -22.73 10.55
CA LEU D 96 16.49 -22.96 9.11
C LEU D 96 16.51 -21.65 8.34
N VAL D 97 15.73 -20.66 8.79
CA VAL D 97 15.77 -19.35 8.14
C VAL D 97 17.14 -18.74 8.30
N ARG D 98 17.75 -18.90 9.48
CA ARG D 98 19.08 -18.34 9.70
C ARG D 98 20.08 -18.94 8.72
N ASP D 99 20.10 -20.27 8.60
CA ASP D 99 21.06 -20.96 7.76
C ASP D 99 20.57 -21.22 6.35
N ALA D 100 19.57 -20.47 5.88
CA ALA D 100 18.99 -20.78 4.59
C ALA D 100 20.01 -20.66 3.47
N GLU D 101 20.93 -19.68 3.56
CA GLU D 101 21.94 -19.50 2.52
C GLU D 101 23.03 -20.58 2.61
N LYS D 102 23.45 -20.93 3.82
CA LYS D 102 24.38 -22.05 3.99
C LYS D 102 23.81 -23.34 3.42
N ILE D 103 22.56 -23.66 3.75
CA ILE D 103 21.95 -24.91 3.30
C ILE D 103 21.59 -24.82 1.82
N GLY D 104 21.05 -23.69 1.39
CA GLY D 104 20.64 -23.55 -0.01
C GLY D 104 21.80 -23.70 -0.97
N ALA D 105 22.97 -23.15 -0.62
CA ALA D 105 24.11 -23.21 -1.52
C ALA D 105 24.54 -24.65 -1.77
N ILE D 106 24.50 -25.50 -0.74
CA ILE D 106 24.89 -26.90 -0.91
C ILE D 106 23.80 -27.68 -1.63
N LEU D 107 22.54 -27.45 -1.26
CA LEU D 107 21.43 -28.09 -1.96
C LEU D 107 21.47 -27.76 -3.45
N SER D 108 21.72 -26.49 -3.78
CA SER D 108 21.85 -26.10 -5.19
C SER D 108 22.82 -27.01 -5.92
N LYS D 109 24.01 -27.22 -5.34
CA LYS D 109 25.01 -28.06 -5.97
C LYS D 109 24.57 -29.53 -6.00
N GLU D 110 23.94 -29.99 -4.93
CA GLU D 110 23.71 -31.43 -4.77
C GLU D 110 22.70 -31.97 -5.77
N VAL D 111 21.71 -31.17 -6.15
CA VAL D 111 20.68 -31.67 -7.05
C VAL D 111 20.54 -30.72 -8.24
N ALA D 112 21.58 -29.94 -8.50
CA ALA D 112 21.64 -29.09 -9.69
C ALA D 112 20.40 -28.24 -9.81
N LYS D 113 20.00 -27.63 -8.69
CA LYS D 113 18.92 -26.66 -8.65
C LYS D 113 19.50 -25.25 -8.61
N GLY D 114 18.82 -24.33 -9.28
CA GLY D 114 19.26 -22.95 -9.27
C GLY D 114 19.54 -22.47 -7.85
N HIS D 115 20.64 -21.72 -7.68
CA HIS D 115 21.05 -21.30 -6.35
C HIS D 115 19.94 -20.56 -5.63
N LYS D 116 19.33 -19.57 -6.29
CA LYS D 116 18.25 -18.81 -5.67
C LYS D 116 17.08 -19.72 -5.34
N ALA D 117 16.70 -20.60 -6.27
CA ALA D 117 15.59 -21.51 -6.02
C ALA D 117 15.88 -22.46 -4.86
N ALA D 118 17.15 -22.81 -4.67
CA ALA D 118 17.52 -23.69 -3.57
C ALA D 118 17.34 -23.00 -2.22
N VAL D 119 17.85 -21.77 -2.10
CA VAL D 119 17.62 -21.01 -0.88
C VAL D 119 16.13 -20.87 -0.61
N SER D 120 15.34 -20.58 -1.64
CA SER D 120 13.91 -20.44 -1.45
C SER D 120 13.27 -21.73 -0.96
N GLU D 121 13.80 -22.89 -1.37
CA GLU D 121 13.25 -24.16 -0.91
C GLU D 121 13.43 -24.31 0.59
N VAL D 122 14.59 -23.90 1.11
CA VAL D 122 14.82 -23.94 2.55
C VAL D 122 13.87 -22.99 3.27
N ILE D 123 13.70 -21.78 2.74
CA ILE D 123 12.79 -20.82 3.35
C ILE D 123 11.37 -21.37 3.37
N ARG D 124 10.93 -21.96 2.25
CA ARG D 124 9.61 -22.56 2.19
C ARG D 124 9.45 -23.69 3.19
N THR D 125 10.53 -24.44 3.45
CA THR D 125 10.49 -25.50 4.45
C THR D 125 10.23 -24.92 5.84
N ALA D 126 10.98 -23.87 6.21
CA ALA D 126 10.72 -23.20 7.48
C ALA D 126 9.26 -22.77 7.57
N GLU D 127 8.73 -22.17 6.49
CA GLU D 127 7.34 -21.75 6.49
C GLU D 127 6.40 -22.93 6.73
N ILE D 128 6.66 -24.06 6.07
CA ILE D 128 5.79 -25.23 6.26
C ILE D 128 5.90 -25.77 7.68
N ILE D 129 7.11 -25.78 8.25
CA ILE D 129 7.29 -26.28 9.61
C ILE D 129 6.49 -25.42 10.58
N ASN D 130 6.61 -24.10 10.46
CA ASN D 130 5.89 -23.21 11.35
C ASN D 130 4.38 -23.41 11.22
N TYR D 131 3.89 -23.53 9.98
CA TYR D 131 2.46 -23.70 9.77
C TYR D 131 1.97 -25.01 10.38
N ALA D 132 2.75 -26.09 10.22
CA ALA D 132 2.35 -27.38 10.79
C ALA D 132 2.31 -27.34 12.31
N ALA D 133 3.26 -26.62 12.91
CA ALA D 133 3.27 -26.50 14.37
C ALA D 133 1.98 -25.88 14.88
N GLU D 134 1.54 -24.78 14.24
CA GLU D 134 0.34 -24.09 14.66
C GLU D 134 -0.94 -24.77 14.18
N GLU D 135 -0.88 -25.46 13.03
CA GLU D 135 -2.04 -26.25 12.64
C GLU D 135 -2.25 -27.40 13.62
N GLY D 136 -1.17 -28.09 13.98
CA GLY D 136 -1.30 -29.30 14.77
C GLY D 136 -1.71 -29.04 16.21
N LEU D 137 -1.22 -27.94 16.79
CA LEU D 137 -1.42 -27.75 18.23
C LEU D 137 -2.87 -27.47 18.60
N ARG D 138 -3.69 -27.01 17.67
CA ARG D 138 -5.08 -26.68 17.98
C ARG D 138 -6.06 -27.66 17.35
N MET D 139 -5.60 -28.85 16.99
CA MET D 139 -6.56 -29.87 16.55
C MET D 139 -7.38 -30.32 17.75
N GLU D 140 -8.61 -30.73 17.45
CA GLU D 140 -9.62 -30.95 18.47
C GLU D 140 -10.19 -32.35 18.32
N GLY D 141 -10.83 -32.82 19.40
CA GLY D 141 -11.60 -34.03 19.38
C GLY D 141 -13.07 -33.74 19.17
N GLU D 142 -13.88 -34.78 19.32
CA GLU D 142 -15.32 -34.67 19.15
C GLU D 142 -16.02 -35.46 20.25
N VAL D 143 -17.23 -35.03 20.57
CA VAL D 143 -18.11 -35.70 21.52
C VAL D 143 -19.32 -36.17 20.74
N LEU D 144 -19.56 -37.48 20.75
CA LEU D 144 -20.64 -38.09 20.00
C LEU D 144 -21.71 -38.62 20.94
N GLU D 145 -22.96 -38.56 20.49
CA GLU D 145 -24.12 -38.89 21.30
C GLU D 145 -24.68 -40.24 20.86
N GLY D 146 -24.74 -41.19 21.79
CA GLY D 146 -25.44 -42.43 21.50
C GLY D 146 -26.89 -42.21 21.10
N GLY D 147 -27.50 -41.14 21.62
CA GLY D 147 -28.88 -40.80 21.31
C GLY D 147 -29.09 -40.30 19.89
N SER D 148 -28.02 -40.05 19.13
CA SER D 148 -28.15 -39.78 17.71
C SER D 148 -28.50 -41.04 16.93
N PHE D 149 -28.16 -42.22 17.46
CA PHE D 149 -28.39 -43.48 16.76
C PHE D 149 -29.50 -44.32 17.36
N GLU D 150 -29.63 -44.36 18.69
CA GLU D 150 -30.70 -45.14 19.31
C GLU D 150 -31.07 -44.53 20.67
N ALA D 151 -32.37 -44.53 20.95
CA ALA D 151 -32.87 -43.87 22.14
C ALA D 151 -32.35 -44.53 23.41
N ALA D 152 -32.20 -45.86 23.39
CA ALA D 152 -31.75 -46.57 24.59
C ALA D 152 -30.34 -46.19 25.00
N SER D 153 -29.56 -45.60 24.09
CA SER D 153 -28.18 -45.21 24.38
C SER D 153 -28.02 -43.71 24.58
N LYS D 154 -29.10 -43.01 24.91
CA LYS D 154 -29.02 -41.54 24.94
C LYS D 154 -28.09 -41.02 26.03
N LYS D 155 -27.77 -41.83 27.04
CA LYS D 155 -26.87 -41.40 28.10
C LYS D 155 -25.43 -41.83 27.85
N LYS D 156 -25.18 -42.54 26.76
CA LYS D 156 -23.83 -42.98 26.39
C LYS D 156 -23.21 -41.97 25.44
N ILE D 157 -22.02 -41.48 25.78
CA ILE D 157 -21.32 -40.52 24.93
C ILE D 157 -19.91 -41.03 24.70
N ALA D 158 -19.37 -40.71 23.52
CA ALA D 158 -18.03 -41.08 23.13
C ALA D 158 -17.17 -39.82 23.11
N ILE D 159 -16.07 -39.85 23.86
CA ILE D 159 -15.09 -38.76 23.88
C ILE D 159 -13.95 -39.20 22.97
N VAL D 160 -13.85 -38.57 21.81
CA VAL D 160 -12.95 -38.99 20.76
C VAL D 160 -11.82 -37.97 20.66
N ARG D 161 -10.60 -38.42 20.93
CA ARG D 161 -9.41 -37.57 20.84
C ARG D 161 -8.41 -38.16 19.85
N ARG D 162 -7.53 -37.29 19.36
CA ARG D 162 -6.48 -37.69 18.43
C ARG D 162 -5.25 -38.23 19.15
N GLU D 163 -4.60 -39.21 18.54
CA GLU D 163 -3.35 -39.78 19.00
C GLU D 163 -2.42 -40.02 17.82
N PRO D 164 -1.10 -40.00 18.04
CA PRO D 164 -0.16 -40.32 16.95
C PRO D 164 -0.25 -41.78 16.53
N VAL D 165 0.31 -42.07 15.35
CA VAL D 165 0.38 -43.46 14.90
C VAL D 165 1.65 -44.16 15.38
N GLY D 166 2.70 -43.41 15.72
CA GLY D 166 3.91 -44.01 16.24
C GLY D 166 5.17 -43.54 15.54
N LEU D 167 5.91 -44.47 14.92
CA LEU D 167 7.13 -44.13 14.19
C LEU D 167 6.80 -43.90 12.72
N VAL D 168 7.15 -42.73 12.21
CA VAL D 168 6.91 -42.36 10.82
C VAL D 168 8.23 -42.43 10.09
N LEU D 169 8.30 -43.25 9.05
CA LEU D 169 9.42 -43.25 8.12
C LEU D 169 9.12 -42.23 7.04
N ALA D 170 9.93 -41.18 6.96
CA ALA D 170 9.78 -40.16 5.94
C ALA D 170 10.89 -40.34 4.91
N ILE D 171 10.50 -40.43 3.65
CA ILE D 171 11.42 -40.58 2.53
C ILE D 171 11.23 -39.36 1.64
N SER D 172 12.26 -38.50 1.57
CA SER D 172 12.22 -37.29 0.77
C SER D 172 12.81 -37.55 -0.62
N PRO D 173 12.52 -36.68 -1.59
CA PRO D 173 12.97 -36.91 -2.96
C PRO D 173 14.14 -36.04 -3.38
N PHE D 174 14.81 -36.38 -4.50
CA PHE D 174 15.98 -35.60 -4.89
C PHE D 174 15.58 -34.20 -5.32
N ASN D 175 14.39 -34.02 -5.87
CA ASN D 175 14.03 -32.73 -6.44
C ASN D 175 13.52 -31.74 -5.39
N TYR D 176 13.20 -32.22 -4.17
CA TYR D 176 12.86 -31.35 -3.05
C TYR D 176 13.36 -32.01 -1.77
N PRO D 177 14.68 -32.14 -1.62
CA PRO D 177 15.21 -32.98 -0.54
C PRO D 177 15.02 -32.37 0.84
N VAL D 178 14.78 -31.08 0.94
CA VAL D 178 14.49 -30.41 2.20
C VAL D 178 13.01 -30.09 2.33
N ASN D 179 12.43 -29.46 1.31
CA ASN D 179 11.03 -29.06 1.37
C ASN D 179 10.11 -30.27 1.56
N LEU D 180 10.36 -31.37 0.83
CA LEU D 180 9.54 -32.54 0.96
C LEU D 180 10.11 -33.55 1.94
N ALA D 181 11.13 -33.15 2.70
CA ALA D 181 11.41 -33.76 3.99
C ALA D 181 10.60 -33.07 5.09
N GLY D 182 10.67 -31.73 5.15
CA GLY D 182 9.97 -31.01 6.20
C GLY D 182 8.46 -31.14 6.13
N SER D 183 7.92 -31.29 4.91
CA SER D 183 6.49 -31.48 4.75
C SER D 183 6.00 -32.77 5.41
N LYS D 184 6.92 -33.68 5.75
CA LYS D 184 6.59 -34.91 6.46
C LYS D 184 6.97 -34.84 7.92
N ILE D 185 8.15 -34.29 8.21
CA ILE D 185 8.69 -34.32 9.58
C ILE D 185 7.84 -33.46 10.50
N ALA D 186 7.52 -32.23 10.08
CA ALA D 186 6.82 -31.32 10.99
C ALA D 186 5.39 -31.77 11.25
N PRO D 187 4.57 -32.10 10.26
CA PRO D 187 3.25 -32.65 10.57
C PRO D 187 3.32 -33.91 11.44
N ALA D 188 4.29 -34.79 11.17
CA ALA D 188 4.43 -35.99 11.98
C ALA D 188 4.73 -35.64 13.43
N LEU D 189 5.69 -34.72 13.64
CA LEU D 189 6.15 -34.43 14.99
C LEU D 189 5.09 -33.73 15.84
N ILE D 190 4.41 -32.73 15.29
CA ILE D 190 3.47 -31.97 16.10
C ILE D 190 2.37 -32.88 16.64
N ALA D 191 2.01 -33.91 15.88
CA ALA D 191 0.96 -34.82 16.30
C ALA D 191 1.44 -35.83 17.35
N GLY D 192 2.71 -35.80 17.73
CA GLY D 192 3.23 -36.73 18.70
C GLY D 192 3.91 -37.96 18.14
N ASN D 193 4.12 -38.03 16.84
CA ASN D 193 4.88 -39.12 16.26
C ASN D 193 6.38 -38.86 16.42
N VAL D 194 7.15 -39.93 16.36
CA VAL D 194 8.60 -39.83 16.20
C VAL D 194 8.90 -40.17 14.74
N VAL D 195 10.05 -39.69 14.26
CA VAL D 195 10.34 -39.72 12.83
C VAL D 195 11.75 -40.19 12.58
N ALA D 196 11.92 -41.02 11.54
CA ALA D 196 13.21 -41.27 10.91
C ALA D 196 13.11 -40.75 9.48
N LEU D 197 14.09 -39.93 9.08
CA LEU D 197 14.13 -39.36 7.74
C LEU D 197 15.16 -40.12 6.91
N LYS D 198 14.72 -40.70 5.80
CA LYS D 198 15.61 -41.28 4.81
C LYS D 198 15.61 -40.36 3.59
N PRO D 199 16.59 -39.49 3.42
CA PRO D 199 16.65 -38.69 2.20
C PRO D 199 17.17 -39.52 1.05
N PRO D 200 17.05 -39.04 -0.19
CA PRO D 200 17.70 -39.74 -1.30
C PRO D 200 19.20 -39.59 -1.17
N THR D 201 19.93 -40.57 -1.70
CA THR D 201 21.38 -40.47 -1.70
C THR D 201 21.82 -39.15 -2.31
N GLN D 202 21.32 -38.84 -3.50
CA GLN D 202 21.54 -37.53 -4.11
C GLN D 202 20.58 -36.55 -3.45
N GLY D 203 21.05 -35.89 -2.40
CA GLY D 203 20.20 -35.07 -1.57
C GLY D 203 20.35 -35.42 -0.09
N SER D 204 21.17 -36.44 0.19
CA SER D 204 21.38 -36.84 1.58
C SER D 204 22.10 -35.75 2.37
N ILE D 205 23.02 -35.02 1.74
CA ILE D 205 23.69 -33.95 2.45
C ILE D 205 22.66 -32.90 2.87
N SER D 206 21.81 -32.48 1.93
CA SER D 206 20.78 -31.50 2.25
C SER D 206 19.84 -31.99 3.34
N GLY D 207 19.52 -33.29 3.31
CA GLY D 207 18.68 -33.85 4.35
C GLY D 207 19.35 -33.82 5.72
N LEU D 208 20.64 -34.11 5.76
CA LEU D 208 21.35 -34.08 7.04
C LEU D 208 21.53 -32.65 7.54
N LEU D 209 21.67 -31.69 6.62
CA LEU D 209 21.74 -30.29 7.02
C LEU D 209 20.42 -29.82 7.63
N LEU D 210 19.30 -30.29 7.09
CA LEU D 210 18.03 -30.08 7.76
C LEU D 210 18.05 -30.69 9.16
N ALA D 211 18.56 -31.92 9.28
CA ALA D 211 18.58 -32.58 10.58
C ALA D 211 19.30 -31.76 11.63
N GLU D 212 20.39 -31.08 11.23
CA GLU D 212 21.14 -30.26 12.16
C GLU D 212 20.26 -29.18 12.79
N ALA D 213 19.34 -28.60 12.02
CA ALA D 213 18.50 -27.54 12.55
C ALA D 213 17.55 -28.08 13.62
N PHE D 214 17.04 -29.30 13.43
CA PHE D 214 16.23 -29.91 14.48
C PHE D 214 17.09 -30.25 15.69
N ALA D 215 18.32 -30.72 15.46
CA ALA D 215 19.21 -31.04 16.57
C ALA D 215 19.54 -29.80 17.37
N GLU D 216 19.89 -28.70 16.69
CA GLU D 216 20.21 -27.47 17.41
C GLU D 216 19.00 -26.93 18.16
N ALA D 217 17.80 -27.15 17.63
CA ALA D 217 16.57 -26.76 18.32
C ALA D 217 16.32 -27.57 19.59
N GLY D 218 17.11 -28.60 19.84
CA GLY D 218 16.98 -29.37 21.06
C GLY D 218 15.96 -30.49 21.00
N ILE D 219 15.59 -30.95 19.81
CA ILE D 219 14.63 -32.04 19.67
C ILE D 219 15.12 -33.20 20.53
N PRO D 220 14.27 -33.79 21.37
CA PRO D 220 14.76 -34.83 22.28
C PRO D 220 15.37 -36.01 21.54
N ALA D 221 16.38 -36.61 22.16
CA ALA D 221 17.08 -37.74 21.57
C ALA D 221 16.09 -38.81 21.14
N GLY D 222 16.20 -39.26 19.89
CA GLY D 222 15.37 -40.30 19.35
C GLY D 222 14.06 -39.83 18.74
N VAL D 223 13.59 -38.64 19.08
CA VAL D 223 12.34 -38.14 18.51
C VAL D 223 12.48 -37.94 17.02
N PHE D 224 13.65 -37.47 16.56
CA PHE D 224 13.95 -37.31 15.15
C PHE D 224 15.32 -37.90 14.87
N ASN D 225 15.41 -38.73 13.82
CA ASN D 225 16.64 -39.40 13.43
C ASN D 225 16.75 -39.40 11.92
N THR D 226 17.97 -39.64 11.42
CA THR D 226 18.20 -39.76 10.00
C THR D 226 18.78 -41.14 9.68
N ILE D 227 18.52 -41.59 8.46
CA ILE D 227 19.08 -42.81 7.90
C ILE D 227 19.63 -42.49 6.51
N THR D 228 20.87 -42.89 6.24
CA THR D 228 21.43 -42.82 4.90
C THR D 228 22.16 -44.13 4.61
N GLY D 229 22.13 -44.53 3.34
CA GLY D 229 22.73 -45.79 2.94
C GLY D 229 22.36 -46.15 1.51
N ARG D 230 22.89 -47.28 1.07
CA ARG D 230 22.70 -47.78 -0.28
C ARG D 230 21.41 -48.59 -0.36
N GLY D 231 20.58 -48.29 -1.38
CA GLY D 231 19.37 -49.05 -1.58
C GLY D 231 19.59 -50.55 -1.58
N SER D 232 20.71 -51.00 -2.16
CA SER D 232 21.01 -52.43 -2.22
C SER D 232 21.28 -53.03 -0.84
N VAL D 233 21.52 -52.21 0.17
CA VAL D 233 21.84 -52.68 1.51
C VAL D 233 20.66 -52.51 2.47
N ILE D 234 20.02 -51.33 2.46
CA ILE D 234 18.95 -51.04 3.39
C ILE D 234 17.66 -50.59 2.69
N GLY D 235 17.63 -50.58 1.37
CA GLY D 235 16.47 -50.08 0.64
C GLY D 235 15.15 -50.65 1.09
N ASP D 236 14.98 -51.96 1.00
CA ASP D 236 13.74 -52.58 1.46
C ASP D 236 13.69 -52.70 2.97
N TYR D 237 14.85 -52.82 3.62
CA TYR D 237 14.87 -53.10 5.05
C TYR D 237 14.18 -52.01 5.85
N ILE D 238 14.43 -50.74 5.50
CA ILE D 238 13.89 -49.65 6.32
C ILE D 238 12.37 -49.56 6.22
N VAL D 239 11.77 -50.15 5.19
CA VAL D 239 10.31 -50.13 5.02
C VAL D 239 9.67 -51.37 5.63
N GLU D 240 10.29 -52.54 5.46
CA GLU D 240 9.75 -53.78 6.01
C GLU D 240 9.83 -53.85 7.53
N HIS D 241 10.63 -52.99 8.16
CA HIS D 241 10.91 -53.11 9.59
C HIS D 241 9.62 -52.96 10.40
N GLU D 242 9.46 -53.85 11.38
N GLU D 242 9.45 -53.85 11.39
CA GLU D 242 8.26 -53.88 12.20
CA GLU D 242 8.24 -53.87 12.19
C GLU D 242 8.08 -52.61 13.02
C GLU D 242 8.09 -52.61 13.04
N ALA D 243 9.19 -51.98 13.42
CA ALA D 243 9.11 -50.79 14.24
C ALA D 243 8.40 -49.64 13.54
N VAL D 244 8.36 -49.66 12.22
CA VAL D 244 7.77 -48.56 11.45
C VAL D 244 6.26 -48.73 11.42
N ASN D 245 5.53 -47.69 11.84
CA ASN D 245 4.08 -47.71 11.87
C ASN D 245 3.44 -46.92 10.73
N PHE D 246 4.24 -46.28 9.89
CA PHE D 246 3.72 -45.39 8.85
C PHE D 246 4.84 -45.01 7.89
N ILE D 247 4.60 -45.10 6.58
CA ILE D 247 5.60 -44.75 5.58
C ILE D 247 5.07 -43.61 4.72
N ASN D 248 5.84 -42.53 4.65
CA ASN D 248 5.47 -41.32 3.95
C ASN D 248 6.55 -41.05 2.91
N PHE D 249 6.22 -41.26 1.64
CA PHE D 249 7.20 -41.34 0.57
C PHE D 249 6.85 -40.40 -0.58
N THR D 250 7.89 -39.74 -1.11
CA THR D 250 7.81 -39.00 -2.36
C THR D 250 8.92 -39.50 -3.28
N GLY D 251 8.57 -39.81 -4.52
CA GLY D 251 9.55 -40.28 -5.49
C GLY D 251 8.91 -40.82 -6.75
N SER D 252 9.62 -41.72 -7.42
CA SER D 252 9.15 -42.24 -8.68
C SER D 252 8.00 -43.22 -8.49
N THR D 253 7.20 -43.39 -9.53
CA THR D 253 6.11 -44.35 -9.49
C THR D 253 6.59 -45.78 -9.28
N PRO D 254 7.56 -46.29 -10.04
CA PRO D 254 8.01 -47.68 -9.79
C PRO D 254 8.50 -47.91 -8.37
N ILE D 255 9.23 -46.94 -7.79
CA ILE D 255 9.68 -47.10 -6.41
C ILE D 255 8.48 -47.07 -5.47
N GLY D 256 7.55 -46.16 -5.71
CA GLY D 256 6.36 -46.08 -4.87
C GLY D 256 5.50 -47.32 -4.95
N GLU D 257 5.42 -47.93 -6.13
CA GLU D 257 4.70 -49.21 -6.25
C GLU D 257 5.34 -50.28 -5.37
N GLY D 258 6.66 -50.33 -5.33
CA GLY D 258 7.32 -51.31 -4.48
C GLY D 258 7.06 -51.11 -3.00
N ILE D 259 6.85 -49.86 -2.59
CA ILE D 259 6.59 -49.58 -1.17
C ILE D 259 5.21 -50.08 -0.75
N GLY D 260 4.23 -49.98 -1.65
CA GLY D 260 2.89 -50.39 -1.29
C GLY D 260 2.83 -51.83 -0.80
N LYS D 261 3.51 -52.74 -1.50
CA LYS D 261 3.45 -54.14 -1.12
C LYS D 261 4.28 -54.42 0.13
N LEU D 262 5.39 -53.72 0.29
CA LEU D 262 6.20 -53.91 1.50
C LEU D 262 5.52 -53.36 2.74
N ALA D 263 4.55 -52.45 2.57
CA ALA D 263 3.94 -51.79 3.71
C ALA D 263 3.01 -52.71 4.49
N GLY D 264 2.55 -53.80 3.88
CA GLY D 264 1.60 -54.66 4.57
C GLY D 264 0.32 -53.89 4.84
N MET D 265 -0.19 -54.01 6.07
CA MET D 265 -1.38 -53.31 6.48
C MET D 265 -1.10 -51.90 6.99
N ARG D 266 0.15 -51.50 7.04
CA ARG D 266 0.50 -50.23 7.65
C ARG D 266 0.12 -49.08 6.73
N PRO D 267 -0.35 -47.97 7.27
CA PRO D 267 -0.79 -46.86 6.41
C PRO D 267 0.40 -46.19 5.74
N ILE D 268 0.14 -45.63 4.57
CA ILE D 268 1.18 -45.02 3.76
C ILE D 268 0.64 -43.76 3.09
N MET D 269 1.56 -42.87 2.73
CA MET D 269 1.31 -41.80 1.79
C MET D 269 2.38 -41.88 0.72
N LEU D 270 1.96 -41.78 -0.54
CA LEU D 270 2.85 -41.83 -1.69
C LEU D 270 2.62 -40.59 -2.53
N GLU D 271 3.69 -39.90 -2.88
CA GLU D 271 3.66 -38.78 -3.83
C GLU D 271 4.51 -39.24 -5.02
N LEU D 272 3.87 -39.63 -6.11
CA LEU D 272 4.54 -40.25 -7.24
C LEU D 272 4.53 -39.28 -8.42
N GLY D 273 4.43 -39.81 -9.65
CA GLY D 273 4.61 -38.99 -10.83
C GLY D 273 3.31 -38.38 -11.33
N GLY D 274 3.46 -37.48 -12.32
CA GLY D 274 2.32 -36.87 -12.95
C GLY D 274 2.55 -36.68 -14.43
N LYS D 275 1.45 -36.43 -15.13
CA LYS D 275 1.48 -36.04 -16.55
C LYS D 275 0.38 -35.01 -16.73
N ASP D 276 0.47 -33.92 -15.96
CA ASP D 276 -0.59 -32.92 -15.90
C ASP D 276 -0.87 -32.34 -17.27
N SER D 277 -2.14 -32.36 -17.65
CA SER D 277 -2.57 -31.75 -18.90
C SER D 277 -2.97 -30.30 -18.67
N ALA D 278 -2.66 -29.45 -19.64
CA ALA D 278 -3.14 -28.08 -19.69
C ALA D 278 -4.11 -27.98 -20.87
N ILE D 279 -5.40 -27.91 -20.56
CA ILE D 279 -6.44 -27.84 -21.59
C ILE D 279 -6.71 -26.38 -21.91
N VAL D 280 -6.47 -25.99 -23.16
CA VAL D 280 -6.64 -24.61 -23.60
C VAL D 280 -7.83 -24.56 -24.55
N LEU D 281 -8.87 -23.83 -24.15
CA LEU D 281 -10.09 -23.74 -24.95
C LEU D 281 -10.02 -22.53 -25.89
N GLU D 282 -11.00 -22.45 -26.80
CA GLU D 282 -10.96 -21.45 -27.86
C GLU D 282 -11.08 -20.03 -27.31
N ASP D 283 -11.79 -19.84 -26.19
CA ASP D 283 -11.98 -18.52 -25.61
C ASP D 283 -10.88 -18.15 -24.62
N ALA D 284 -9.84 -18.96 -24.50
CA ALA D 284 -8.79 -18.69 -23.52
C ALA D 284 -7.93 -17.52 -23.96
N ASP D 285 -7.35 -16.83 -22.98
CA ASP D 285 -6.30 -15.84 -23.19
C ASP D 285 -5.03 -16.61 -23.51
N LEU D 286 -4.66 -16.66 -24.80
CA LEU D 286 -3.54 -17.51 -25.21
C LEU D 286 -2.21 -16.99 -24.67
N ALA D 287 -2.07 -15.67 -24.53
CA ALA D 287 -0.81 -15.13 -24.03
C ALA D 287 -0.60 -15.47 -22.56
N LEU D 288 -1.67 -15.38 -21.76
CA LEU D 288 -1.55 -15.77 -20.36
C LEU D 288 -1.39 -17.28 -20.23
N ALA D 289 -2.11 -18.04 -21.06
CA ALA D 289 -1.98 -19.49 -21.03
C ALA D 289 -0.54 -19.91 -21.35
N ALA D 290 0.07 -19.29 -22.35
CA ALA D 290 1.44 -19.64 -22.70
C ALA D 290 2.40 -19.33 -21.56
N LYS D 291 2.22 -18.19 -20.89
CA LYS D 291 3.08 -17.81 -19.79
C LYS D 291 3.02 -18.84 -18.66
N ASN D 292 1.81 -19.21 -18.25
CA ASN D 292 1.67 -20.17 -17.16
C ASN D 292 2.14 -21.56 -17.58
N ILE D 293 1.87 -21.96 -18.83
CA ILE D 293 2.30 -23.28 -19.32
C ILE D 293 3.82 -23.39 -19.28
N VAL D 294 4.53 -22.34 -19.72
CA VAL D 294 5.98 -22.42 -19.82
C VAL D 294 6.63 -22.38 -18.45
N ALA D 295 6.11 -21.53 -17.55
CA ALA D 295 6.65 -21.49 -16.20
C ALA D 295 6.46 -22.81 -15.47
N GLY D 296 5.33 -23.47 -15.70
CA GLY D 296 5.06 -24.71 -15.01
C GLY D 296 5.77 -25.89 -15.63
N ALA D 297 5.80 -25.94 -16.97
CA ALA D 297 6.36 -27.12 -17.63
C ALA D 297 7.87 -27.20 -17.45
N PHE D 298 8.56 -26.06 -17.44
CA PHE D 298 10.01 -26.04 -17.49
C PHE D 298 10.67 -25.63 -16.18
N GLY D 299 9.90 -25.39 -15.13
CA GLY D 299 10.49 -25.12 -13.83
C GLY D 299 11.36 -26.28 -13.40
N TYR D 300 12.56 -25.99 -12.90
CA TYR D 300 13.51 -27.03 -12.50
C TYR D 300 13.73 -28.03 -13.64
N SER D 301 13.70 -27.52 -14.87
CA SER D 301 13.96 -28.32 -16.07
C SER D 301 12.92 -29.44 -16.24
N GLY D 302 11.73 -29.24 -15.70
CA GLY D 302 10.67 -30.22 -15.79
C GLY D 302 10.81 -31.39 -14.84
N GLN D 303 11.68 -31.29 -13.84
CA GLN D 303 11.88 -32.38 -12.90
C GLN D 303 10.94 -32.25 -11.70
N ARG D 304 9.64 -32.18 -12.01
CA ARG D 304 8.62 -32.01 -10.99
C ARG D 304 7.41 -32.86 -11.33
N SER D 305 6.90 -33.60 -10.33
CA SER D 305 5.69 -34.38 -10.55
C SER D 305 4.52 -33.47 -10.89
N THR D 306 4.44 -32.31 -10.25
N THR D 306 4.46 -32.30 -10.26
CA THR D 306 3.42 -31.31 -10.55
CA THR D 306 3.44 -31.29 -10.55
C THR D 306 4.04 -30.32 -11.54
C THR D 306 4.04 -30.31 -11.54
N ALA D 307 3.52 -30.32 -12.76
CA ALA D 307 4.08 -29.51 -13.83
C ALA D 307 3.29 -29.80 -15.09
N VAL D 308 3.00 -28.77 -15.88
CA VAL D 308 2.36 -28.99 -17.16
C VAL D 308 3.26 -29.86 -18.01
N LYS D 309 2.79 -31.05 -18.36
CA LYS D 309 3.56 -31.98 -19.18
C LYS D 309 2.91 -32.33 -20.50
N ARG D 310 1.72 -31.79 -20.79
CA ARG D 310 1.13 -31.93 -22.10
C ARG D 310 0.08 -30.84 -22.25
N VAL D 311 0.01 -30.26 -23.44
CA VAL D 311 -0.97 -29.24 -23.79
C VAL D 311 -1.99 -29.88 -24.71
N LEU D 312 -3.26 -29.85 -24.28
CA LEU D 312 -4.38 -30.32 -25.10
C LEU D 312 -5.16 -29.09 -25.54
N VAL D 313 -4.88 -28.60 -26.74
CA VAL D 313 -5.36 -27.30 -27.19
C VAL D 313 -6.34 -27.48 -28.34
N MET D 314 -7.47 -26.80 -28.27
CA MET D 314 -8.45 -26.83 -29.34
C MET D 314 -7.82 -26.34 -30.65
N ASP D 315 -8.09 -27.06 -31.74
CA ASP D 315 -7.34 -26.84 -32.96
C ASP D 315 -7.47 -25.42 -33.49
N LYS D 316 -8.54 -24.71 -33.15
CA LYS D 316 -8.76 -23.36 -33.67
C LYS D 316 -7.72 -22.36 -33.16
N VAL D 317 -7.22 -22.54 -31.95
CA VAL D 317 -6.24 -21.63 -31.37
C VAL D 317 -4.86 -22.26 -31.26
N ALA D 318 -4.69 -23.51 -31.70
CA ALA D 318 -3.42 -24.21 -31.51
C ALA D 318 -2.26 -23.46 -32.18
N ASP D 319 -2.47 -22.98 -33.40
CA ASP D 319 -1.38 -22.30 -34.10
C ASP D 319 -0.89 -21.09 -33.33
N GLN D 320 -1.82 -20.26 -32.84
CA GLN D 320 -1.42 -19.06 -32.12
C GLN D 320 -0.83 -19.39 -30.75
N LEU D 321 -1.38 -20.39 -30.06
CA LEU D 321 -0.81 -20.78 -28.77
C LEU D 321 0.61 -21.28 -28.95
N ALA D 322 0.83 -22.14 -29.95
CA ALA D 322 2.16 -22.72 -30.18
C ALA D 322 3.21 -21.63 -30.37
N ALA D 323 2.90 -20.58 -31.14
CA ALA D 323 3.87 -19.51 -31.34
C ALA D 323 4.08 -18.69 -30.08
N GLU D 324 3.04 -18.54 -29.25
CA GLU D 324 3.20 -17.85 -27.98
C GLU D 324 4.06 -18.66 -27.01
N ILE D 325 3.86 -19.97 -26.97
CA ILE D 325 4.72 -20.82 -26.14
C ILE D 325 6.13 -20.81 -26.69
N LYS D 326 6.27 -20.98 -28.01
CA LYS D 326 7.59 -21.00 -28.64
C LYS D 326 8.41 -19.79 -28.24
N THR D 327 7.81 -18.59 -28.29
CA THR D 327 8.55 -17.37 -28.01
C THR D 327 9.14 -17.39 -26.60
N LEU D 328 8.36 -17.86 -25.62
CA LEU D 328 8.83 -17.85 -24.23
C LEU D 328 9.86 -18.95 -24.01
N VAL D 329 9.67 -20.13 -24.62
CA VAL D 329 10.63 -21.21 -24.48
C VAL D 329 12.01 -20.76 -24.97
N GLU D 330 12.03 -20.00 -26.07
CA GLU D 330 13.29 -19.53 -26.65
C GLU D 330 13.97 -18.52 -25.73
N LYS D 331 13.24 -17.90 -24.81
CA LYS D 331 13.82 -16.96 -23.86
C LYS D 331 14.37 -17.63 -22.60
N LEU D 332 14.07 -18.90 -22.37
CA LEU D 332 14.53 -19.54 -21.15
C LEU D 332 16.06 -19.62 -21.15
N SER D 333 16.65 -19.34 -19.99
CA SER D 333 18.09 -19.49 -19.83
C SER D 333 18.43 -20.96 -19.62
N VAL D 334 19.60 -21.35 -20.13
CA VAL D 334 20.07 -22.73 -20.08
C VAL D 334 21.51 -22.68 -19.59
N GLY D 335 21.78 -23.31 -18.45
CA GLY D 335 23.12 -23.21 -17.90
C GLY D 335 23.25 -23.82 -16.53
N MET D 336 24.14 -23.22 -15.72
CA MET D 336 24.56 -23.83 -14.48
C MET D 336 23.68 -23.39 -13.31
N PRO D 337 23.60 -24.21 -12.27
CA PRO D 337 22.86 -23.79 -11.06
C PRO D 337 23.40 -22.49 -10.47
N GLU D 338 24.72 -22.32 -10.43
CA GLU D 338 25.29 -21.13 -9.81
C GLU D 338 24.87 -19.85 -10.53
N ASP D 339 24.42 -19.95 -11.78
CA ASP D 339 23.99 -18.79 -12.56
C ASP D 339 22.49 -18.59 -12.53
N ASP D 340 21.77 -19.40 -11.75
CA ASP D 340 20.32 -19.29 -11.63
C ASP D 340 19.64 -19.43 -12.99
N ALA D 341 20.14 -20.35 -13.80
CA ALA D 341 19.48 -20.62 -15.07
C ALA D 341 18.11 -21.24 -14.85
N ASP D 342 17.18 -20.95 -15.76
CA ASP D 342 15.91 -21.66 -15.79
C ASP D 342 16.11 -23.14 -15.97
N ILE D 343 16.89 -23.53 -16.97
CA ILE D 343 17.15 -24.93 -17.33
C ILE D 343 18.56 -25.26 -16.87
N THR D 344 18.65 -26.15 -15.88
CA THR D 344 19.90 -26.65 -15.33
C THR D 344 20.10 -28.10 -15.75
N PRO D 345 21.31 -28.63 -15.55
CA PRO D 345 21.53 -30.05 -15.88
C PRO D 345 20.62 -30.96 -15.08
N LEU D 346 20.20 -32.06 -15.72
CA LEU D 346 19.32 -33.02 -15.08
C LEU D 346 20.10 -33.87 -14.08
N ILE D 347 19.35 -34.60 -13.26
CA ILE D 347 19.89 -35.15 -12.01
C ILE D 347 21.02 -36.13 -12.30
N ASP D 348 20.91 -36.92 -13.35
CA ASP D 348 21.99 -37.85 -13.71
C ASP D 348 21.87 -38.23 -15.18
N THR D 349 22.84 -39.04 -15.63
CA THR D 349 22.92 -39.40 -17.04
C THR D 349 21.72 -40.23 -17.47
N SER D 350 21.35 -41.23 -16.67
CA SER D 350 20.21 -42.06 -17.01
C SER D 350 18.96 -41.22 -17.23
N ALA D 351 18.77 -40.16 -16.44
CA ALA D 351 17.60 -39.31 -16.62
C ALA D 351 17.67 -38.54 -17.93
N ALA D 352 18.87 -38.09 -18.32
CA ALA D 352 18.99 -37.37 -19.58
C ALA D 352 18.84 -38.33 -20.76
N ASP D 353 19.45 -39.51 -20.68
CA ASP D 353 19.27 -40.52 -21.73
C ASP D 353 17.78 -40.78 -21.98
N PHE D 354 17.01 -40.88 -20.89
CA PHE D 354 15.58 -41.17 -21.03
C PHE D 354 14.85 -40.04 -21.73
N VAL D 355 15.16 -38.80 -21.37
CA VAL D 355 14.51 -37.65 -22.00
C VAL D 355 14.90 -37.57 -23.47
N GLU D 356 16.17 -37.86 -23.78
CA GLU D 356 16.60 -37.81 -25.17
C GLU D 356 15.87 -38.86 -26.01
N GLY D 357 15.60 -40.03 -25.43
CA GLY D 357 14.87 -41.06 -26.15
C GLY D 357 13.43 -40.68 -26.45
N LEU D 358 12.79 -39.96 -25.54
CA LEU D 358 11.43 -39.48 -25.78
C LEU D 358 11.43 -38.43 -26.89
N ILE D 359 12.42 -37.55 -26.89
CA ILE D 359 12.55 -36.54 -27.93
C ILE D 359 12.76 -37.21 -29.28
N LYS D 360 13.61 -38.24 -29.34
CA LYS D 360 13.90 -38.90 -30.59
C LYS D 360 12.69 -39.65 -31.13
N ASP D 361 11.95 -40.31 -30.24
CA ASP D 361 10.75 -41.03 -30.66
C ASP D 361 9.72 -40.07 -31.26
N ALA D 362 9.54 -38.90 -30.64
CA ALA D 362 8.59 -37.93 -31.17
C ALA D 362 9.04 -37.40 -32.52
N THR D 363 10.33 -37.07 -32.65
CA THR D 363 10.86 -36.60 -33.93
C THR D 363 10.69 -37.67 -35.00
N ASP D 364 11.07 -38.92 -34.69
CA ASP D 364 11.00 -39.98 -35.68
C ASP D 364 9.56 -40.27 -36.10
N LYS D 365 8.57 -39.93 -35.28
CA LYS D 365 7.17 -40.16 -35.61
C LYS D 365 6.50 -38.95 -36.24
N GLY D 366 7.25 -37.90 -36.52
CA GLY D 366 6.74 -36.80 -37.31
C GLY D 366 6.29 -35.57 -36.56
N ALA D 367 6.62 -35.44 -35.28
CA ALA D 367 6.27 -34.23 -34.55
C ALA D 367 7.13 -33.07 -35.03
N THR D 368 6.61 -31.86 -34.88
CA THR D 368 7.31 -30.65 -35.30
C THR D 368 8.07 -30.08 -34.11
N ALA D 369 9.39 -30.05 -34.21
CA ALA D 369 10.22 -29.45 -33.18
C ALA D 369 10.21 -27.93 -33.37
N LEU D 370 9.57 -27.22 -32.46
CA LEU D 370 9.54 -25.76 -32.53
C LEU D 370 10.74 -25.10 -31.88
N THR D 371 11.43 -25.82 -31.00
CA THR D 371 12.72 -25.39 -30.46
C THR D 371 13.69 -26.56 -30.58
N ALA D 372 14.98 -26.22 -30.73
CA ALA D 372 15.98 -27.21 -31.07
C ALA D 372 16.38 -28.04 -29.87
N PHE D 373 16.77 -29.28 -30.13
CA PHE D 373 17.29 -30.17 -29.11
C PHE D 373 18.81 -30.06 -29.04
N ASN D 374 19.32 -29.79 -27.85
CA ASN D 374 20.76 -29.77 -27.60
C ASN D 374 21.01 -30.48 -26.27
N ARG D 375 22.12 -31.20 -26.19
CA ARG D 375 22.50 -31.88 -24.95
C ARG D 375 23.99 -31.68 -24.72
N GLU D 376 24.33 -30.90 -23.70
N GLU D 376 24.32 -30.97 -23.65
CA GLU D 376 25.70 -30.73 -23.23
CA GLU D 376 25.69 -30.72 -23.21
C GLU D 376 25.81 -31.52 -21.92
C GLU D 376 25.87 -31.47 -21.90
N GLY D 377 26.56 -32.61 -21.95
CA GLY D 377 26.63 -33.48 -20.80
C GLY D 377 25.25 -34.03 -20.49
N ASN D 378 24.68 -33.63 -19.35
CA ASN D 378 23.30 -33.92 -19.03
C ASN D 378 22.44 -32.66 -19.02
N LEU D 379 22.89 -31.61 -19.69
CA LEU D 379 22.14 -30.35 -19.81
C LEU D 379 21.41 -30.37 -21.14
N ILE D 380 20.10 -30.60 -21.09
CA ILE D 380 19.26 -30.66 -22.28
C ILE D 380 18.54 -29.32 -22.43
N SER D 381 18.60 -28.75 -23.63
CA SER D 381 17.89 -27.52 -23.93
C SER D 381 16.39 -27.76 -24.01
N PRO D 382 15.58 -26.72 -23.76
CA PRO D 382 14.13 -26.92 -23.69
C PRO D 382 13.54 -27.17 -25.07
N VAL D 383 12.89 -28.33 -25.22
CA VAL D 383 12.37 -28.77 -26.50
C VAL D 383 10.85 -28.68 -26.45
N LEU D 384 10.29 -27.91 -27.37
CA LEU D 384 8.85 -27.81 -27.56
C LEU D 384 8.48 -28.56 -28.83
N PHE D 385 7.51 -29.47 -28.72
CA PHE D 385 7.02 -30.23 -29.85
C PHE D 385 5.56 -29.88 -30.11
N ASP D 386 5.23 -29.69 -31.38
CA ASP D 386 3.85 -29.47 -31.84
C ASP D 386 3.44 -30.66 -32.70
N HIS D 387 2.13 -30.77 -32.93
CA HIS D 387 1.56 -31.88 -33.69
C HIS D 387 1.96 -33.21 -33.09
N VAL D 388 1.89 -33.31 -31.77
CA VAL D 388 2.18 -34.57 -31.10
C VAL D 388 0.93 -35.44 -31.12
N THR D 389 1.12 -36.73 -31.33
CA THR D 389 0.00 -37.67 -31.46
C THR D 389 0.14 -38.79 -30.43
N THR D 390 -0.97 -39.49 -30.21
CA THR D 390 -1.04 -40.45 -29.11
C THR D 390 -0.16 -41.67 -29.32
N ASP D 391 0.39 -41.88 -30.52
CA ASP D 391 1.31 -42.98 -30.75
C ASP D 391 2.73 -42.66 -30.29
N MET D 392 2.98 -41.44 -29.83
CA MET D 392 4.30 -41.01 -29.39
C MET D 392 4.42 -41.18 -27.88
N ARG D 393 5.55 -41.74 -27.44
CA ARG D 393 5.80 -41.93 -26.02
C ARG D 393 5.73 -40.61 -25.24
N LEU D 394 6.15 -39.51 -25.88
CA LEU D 394 6.10 -38.20 -25.23
C LEU D 394 4.68 -37.78 -24.88
N ALA D 395 3.67 -38.38 -25.50
CA ALA D 395 2.32 -38.00 -25.14
C ALA D 395 1.91 -38.54 -23.78
N TRP D 396 2.60 -39.58 -23.29
CA TRP D 396 2.15 -40.30 -22.11
C TRP D 396 3.18 -40.37 -21.00
N GLU D 397 4.43 -40.69 -21.32
CA GLU D 397 5.42 -40.98 -20.29
C GLU D 397 5.93 -39.70 -19.65
N GLU D 398 6.07 -39.73 -18.34
CA GLU D 398 6.60 -38.60 -17.60
C GLU D 398 8.08 -38.43 -17.89
N PRO D 399 8.50 -37.35 -18.56
CA PRO D 399 9.93 -37.27 -18.92
C PRO D 399 10.83 -36.96 -17.75
N PHE D 400 10.39 -36.09 -16.84
CA PHE D 400 11.27 -35.46 -15.85
C PHE D 400 12.45 -34.80 -16.56
N GLY D 401 12.12 -34.00 -17.56
CA GLY D 401 13.10 -33.30 -18.35
C GLY D 401 12.40 -32.19 -19.11
N PRO D 402 13.18 -31.28 -19.71
CA PRO D 402 12.61 -30.05 -20.32
C PRO D 402 12.10 -30.27 -21.74
N VAL D 403 11.06 -31.09 -21.86
CA VAL D 403 10.40 -31.33 -23.13
C VAL D 403 8.90 -31.25 -22.91
N LEU D 404 8.20 -30.59 -23.84
CA LEU D 404 6.77 -30.36 -23.72
C LEU D 404 6.04 -30.63 -25.03
N PRO D 405 5.11 -31.58 -25.06
CA PRO D 405 4.31 -31.80 -26.27
C PRO D 405 3.04 -30.97 -26.30
N ILE D 406 2.70 -30.51 -27.50
CA ILE D 406 1.42 -29.87 -27.78
C ILE D 406 0.59 -30.85 -28.60
N ILE D 407 -0.61 -31.16 -28.12
CA ILE D 407 -1.50 -32.15 -28.71
C ILE D 407 -2.80 -31.44 -29.11
N ARG D 408 -3.13 -31.48 -30.39
CA ARG D 408 -4.27 -30.74 -30.90
C ARG D 408 -5.53 -31.61 -30.83
N VAL D 409 -6.60 -31.04 -30.30
CA VAL D 409 -7.88 -31.72 -30.15
C VAL D 409 -8.94 -30.89 -30.89
N THR D 410 -10.06 -31.53 -31.19
CA THR D 410 -11.16 -30.87 -31.88
C THR D 410 -12.37 -30.62 -31.00
N THR D 411 -12.53 -31.35 -29.89
CA THR D 411 -13.63 -31.15 -28.97
C THR D 411 -13.13 -31.20 -27.54
N VAL D 412 -13.86 -30.55 -26.64
CA VAL D 412 -13.52 -30.63 -25.22
C VAL D 412 -13.66 -32.07 -24.73
N GLU D 413 -14.64 -32.80 -25.26
CA GLU D 413 -14.79 -34.21 -24.90
C GLU D 413 -13.51 -34.99 -25.22
N GLU D 414 -12.95 -34.76 -26.42
CA GLU D 414 -11.71 -35.41 -26.79
C GLU D 414 -10.58 -35.06 -25.81
N ALA D 415 -10.47 -33.79 -25.43
CA ALA D 415 -9.45 -33.38 -24.47
C ALA D 415 -9.61 -34.11 -23.15
N ILE D 416 -10.85 -34.25 -22.66
CA ILE D 416 -11.10 -34.95 -21.40
C ILE D 416 -10.70 -36.42 -21.54
N LYS D 417 -11.07 -37.04 -22.66
CA LYS D 417 -10.76 -38.46 -22.86
C LYS D 417 -9.25 -38.70 -22.86
N ILE D 418 -8.52 -37.91 -23.65
CA ILE D 418 -7.06 -38.06 -23.71
C ILE D 418 -6.45 -37.82 -22.34
N SER D 419 -6.88 -36.76 -21.66
CA SER D 419 -6.35 -36.49 -20.33
C SER D 419 -6.53 -37.69 -19.42
N ASN D 420 -7.75 -38.25 -19.38
CA ASN D 420 -8.07 -39.33 -18.46
C ASN D 420 -7.50 -40.68 -18.88
N GLU D 421 -7.04 -40.81 -20.13
CA GLU D 421 -6.43 -42.06 -20.56
C GLU D 421 -5.05 -42.27 -19.93
N SER D 422 -4.42 -41.21 -19.45
CA SER D 422 -3.14 -41.35 -18.77
C SER D 422 -3.30 -42.16 -17.50
N GLU D 423 -2.25 -42.93 -17.16
CA GLU D 423 -2.21 -43.59 -15.86
C GLU D 423 -1.90 -42.63 -14.72
N TYR D 424 -1.53 -41.38 -15.03
CA TYR D 424 -1.29 -40.36 -14.02
C TYR D 424 -2.52 -39.50 -13.83
N GLY D 425 -2.74 -39.03 -12.60
CA GLY D 425 -3.85 -38.15 -12.34
C GLY D 425 -3.57 -37.20 -11.19
N LEU D 426 -2.52 -36.38 -11.33
CA LEU D 426 -2.11 -35.51 -10.25
C LEU D 426 -2.93 -34.22 -10.30
N GLN D 427 -2.63 -33.34 -11.25
CA GLN D 427 -3.37 -32.10 -11.43
C GLN D 427 -3.62 -31.85 -12.90
N ALA D 428 -4.42 -30.82 -13.18
CA ALA D 428 -4.68 -30.36 -14.53
C ALA D 428 -4.93 -28.87 -14.50
N SER D 429 -4.62 -28.20 -15.60
CA SER D 429 -4.93 -26.80 -15.79
C SER D 429 -6.02 -26.68 -16.85
N ILE D 430 -6.96 -25.76 -16.63
CA ILE D 430 -7.96 -25.39 -17.65
C ILE D 430 -7.82 -23.90 -17.91
N PHE D 431 -7.61 -23.53 -19.17
CA PHE D 431 -7.50 -22.13 -19.57
C PHE D 431 -8.72 -21.79 -20.43
N THR D 432 -9.54 -20.87 -19.93
CA THR D 432 -10.80 -20.51 -20.56
C THR D 432 -11.38 -19.31 -19.82
N THR D 433 -12.35 -18.65 -20.47
CA THR D 433 -13.13 -17.59 -19.84
C THR D 433 -14.45 -18.09 -19.25
N ASN D 434 -14.89 -19.28 -19.67
CA ASN D 434 -16.16 -19.86 -19.20
C ASN D 434 -15.85 -20.73 -17.98
N PHE D 435 -16.05 -20.16 -16.79
CA PHE D 435 -15.72 -20.84 -15.55
C PHE D 435 -16.75 -21.92 -15.19
N PRO D 436 -18.04 -21.66 -15.39
CA PRO D 436 -19.00 -22.77 -15.19
C PRO D 436 -18.66 -23.98 -16.03
N LYS D 437 -18.25 -23.77 -17.28
CA LYS D 437 -17.81 -24.89 -18.12
C LYS D 437 -16.52 -25.50 -17.58
N ALA D 438 -15.57 -24.67 -17.17
CA ALA D 438 -14.34 -25.19 -16.58
C ALA D 438 -14.64 -26.06 -15.37
N PHE D 439 -15.60 -25.64 -14.54
CA PHE D 439 -15.95 -26.44 -13.36
C PHE D 439 -16.58 -27.77 -13.78
N GLY D 440 -17.41 -27.76 -14.82
CA GLY D 440 -17.97 -29.00 -15.32
C GLY D 440 -16.91 -29.90 -15.92
N ILE D 441 -15.89 -29.32 -16.57
CA ILE D 441 -14.77 -30.10 -17.06
C ILE D 441 -13.98 -30.68 -15.87
N ALA D 442 -13.76 -29.89 -14.84
CA ALA D 442 -12.96 -30.34 -13.70
C ALA D 442 -13.57 -31.57 -13.05
N GLU D 443 -14.91 -31.63 -12.97
CA GLU D 443 -15.55 -32.78 -12.35
C GLU D 443 -15.25 -34.06 -13.11
N GLN D 444 -15.00 -33.97 -14.41
CA GLN D 444 -14.73 -35.14 -15.22
C GLN D 444 -13.26 -35.52 -15.26
N LEU D 445 -12.36 -34.63 -14.84
CA LEU D 445 -10.94 -34.93 -14.88
C LEU D 445 -10.56 -35.81 -13.70
N GLU D 446 -9.88 -36.92 -14.01
CA GLU D 446 -9.42 -37.86 -12.98
C GLU D 446 -8.08 -37.38 -12.43
N VAL D 447 -8.16 -36.34 -11.60
CA VAL D 447 -6.99 -35.71 -11.00
C VAL D 447 -7.35 -35.24 -9.59
N GLY D 448 -6.34 -34.84 -8.85
CA GLY D 448 -6.55 -34.35 -7.50
C GLY D 448 -6.97 -32.90 -7.47
N THR D 449 -6.31 -32.06 -8.27
CA THR D 449 -6.52 -30.61 -8.26
C THR D 449 -6.58 -30.09 -9.69
N VAL D 450 -7.53 -29.18 -9.95
CA VAL D 450 -7.67 -28.54 -11.25
C VAL D 450 -7.49 -27.04 -11.02
N HIS D 451 -6.53 -26.45 -11.72
CA HIS D 451 -6.26 -25.02 -11.62
C HIS D 451 -6.86 -24.30 -12.82
N LEU D 452 -7.56 -23.21 -12.57
CA LEU D 452 -8.25 -22.48 -13.62
C LEU D 452 -7.41 -21.26 -14.01
N ASN D 453 -7.03 -21.19 -15.28
CA ASN D 453 -6.25 -20.07 -15.80
C ASN D 453 -4.97 -19.86 -15.00
N ASN D 454 -4.28 -20.95 -14.72
CA ASN D 454 -3.00 -20.89 -14.02
C ASN D 454 -2.32 -22.25 -14.12
N LYS D 455 -1.02 -22.26 -13.85
CA LYS D 455 -0.25 -23.49 -13.93
C LYS D 455 -0.61 -24.43 -12.78
N THR D 456 -0.46 -25.73 -13.02
CA THR D 456 -0.57 -26.68 -11.92
C THR D 456 0.52 -26.38 -10.90
N GLN D 457 0.21 -26.64 -9.64
CA GLN D 457 1.15 -26.35 -8.56
C GLN D 457 0.67 -27.03 -7.28
N ARG D 458 1.64 -27.38 -6.43
CA ARG D 458 1.35 -27.92 -5.11
C ARG D 458 0.81 -26.85 -4.17
N GLY D 459 1.31 -25.62 -4.29
CA GLY D 459 0.94 -24.57 -3.34
C GLY D 459 -0.48 -24.06 -3.54
N THR D 460 -0.94 -23.26 -2.57
CA THR D 460 -0.23 -22.95 -1.33
C THR D 460 -0.28 -24.20 -0.44
N ASP D 461 0.65 -24.31 0.49
CA ASP D 461 0.88 -25.57 1.18
C ASP D 461 -0.17 -25.90 2.22
N ASN D 462 -1.12 -25.00 2.47
CA ASN D 462 -2.28 -25.37 3.26
C ASN D 462 -3.34 -26.07 2.41
N PHE D 463 -3.27 -25.95 1.08
CA PHE D 463 -4.25 -26.59 0.22
C PHE D 463 -4.00 -28.09 0.15
N PRO D 464 -5.03 -28.87 -0.15
CA PRO D 464 -4.82 -30.31 -0.34
C PRO D 464 -3.93 -30.56 -1.54
N PHE D 465 -3.05 -31.54 -1.41
CA PHE D 465 -2.21 -32.00 -2.51
C PHE D 465 -2.33 -33.51 -2.61
N LEU D 466 -2.97 -34.00 -3.68
CA LEU D 466 -3.18 -35.42 -3.84
C LEU D 466 -3.12 -35.78 -5.32
N GLY D 467 -3.01 -37.07 -5.58
CA GLY D 467 -3.04 -37.58 -6.94
C GLY D 467 -3.91 -38.83 -7.04
N ALA D 468 -4.59 -38.94 -8.18
CA ALA D 468 -5.40 -40.12 -8.48
C ALA D 468 -4.58 -41.15 -9.24
N LYS D 469 -5.12 -42.37 -9.31
CA LYS D 469 -4.52 -43.47 -10.08
C LYS D 469 -3.06 -43.64 -9.63
N LYS D 470 -2.10 -43.73 -10.55
CA LYS D 470 -0.72 -44.03 -10.20
C LYS D 470 0.03 -42.84 -9.61
N SER D 471 -0.63 -41.70 -9.42
CA SER D 471 0.05 -40.50 -8.96
C SER D 471 0.26 -40.46 -7.45
N GLY D 472 -0.32 -41.39 -6.69
CA GLY D 472 0.01 -41.48 -5.29
C GLY D 472 -1.14 -42.06 -4.48
N ALA D 473 -1.03 -41.85 -3.17
CA ALA D 473 -2.02 -42.32 -2.21
C ALA D 473 -1.97 -41.40 -0.99
N GLY D 474 -3.13 -41.06 -0.46
CA GLY D 474 -3.23 -40.13 0.64
C GLY D 474 -3.33 -38.70 0.17
N VAL D 475 -3.71 -37.84 1.11
CA VAL D 475 -3.94 -36.42 0.83
C VAL D 475 -2.95 -35.62 1.65
N GLN D 476 -2.17 -34.78 0.98
CA GLN D 476 -1.16 -33.95 1.58
C GLN D 476 -1.65 -32.50 1.58
N GLY D 477 -0.74 -31.57 1.82
CA GLY D 477 -1.13 -30.30 2.44
C GLY D 477 -1.09 -30.42 3.96
N VAL D 478 -0.80 -29.30 4.61
CA VAL D 478 -0.35 -29.37 6.01
C VAL D 478 -1.39 -30.05 6.88
N LYS D 479 -2.62 -29.54 6.92
CA LYS D 479 -3.60 -30.11 7.84
C LYS D 479 -3.97 -31.53 7.43
N TYR D 480 -4.01 -31.80 6.12
CA TYR D 480 -4.31 -33.15 5.65
C TYR D 480 -3.20 -34.11 6.04
N SER D 481 -1.95 -33.66 5.99
CA SER D 481 -0.81 -34.50 6.38
C SER D 481 -0.88 -34.86 7.86
N ILE D 482 -1.25 -33.90 8.71
CA ILE D 482 -1.38 -34.17 10.13
C ILE D 482 -2.49 -35.19 10.37
N GLU D 483 -3.64 -35.01 9.71
CA GLU D 483 -4.74 -35.94 9.90
C GLU D 483 -4.36 -37.34 9.44
N ALA D 484 -3.60 -37.46 8.35
CA ALA D 484 -3.21 -38.77 7.86
C ALA D 484 -2.30 -39.50 8.85
N MET D 485 -1.41 -38.75 9.51
CA MET D 485 -0.48 -39.32 10.46
C MET D 485 -0.98 -39.24 11.90
N THR D 486 -2.29 -39.25 12.08
CA THR D 486 -2.92 -39.37 13.38
C THR D 486 -4.00 -40.43 13.29
N THR D 487 -4.38 -40.96 14.44
CA THR D 487 -5.53 -41.85 14.53
C THR D 487 -6.41 -41.29 15.63
N VAL D 488 -7.31 -42.12 16.14
CA VAL D 488 -8.32 -41.71 17.11
C VAL D 488 -8.33 -42.71 18.25
N LYS D 489 -8.69 -42.21 19.43
CA LYS D 489 -8.79 -42.97 20.66
C LYS D 489 -10.12 -42.56 21.27
N SER D 490 -11.06 -43.50 21.36
CA SER D 490 -12.41 -43.24 21.84
C SER D 490 -12.55 -43.75 23.27
N VAL D 491 -13.10 -42.91 24.16
CA VAL D 491 -13.43 -43.30 25.53
C VAL D 491 -14.94 -43.08 25.70
N VAL D 492 -15.64 -44.16 26.02
CA VAL D 492 -17.11 -44.20 26.03
C VAL D 492 -17.56 -44.52 27.45
N PHE D 493 -18.53 -43.76 27.95
CA PHE D 493 -19.08 -44.02 29.27
C PHE D 493 -20.54 -43.59 29.30
N ASP D 494 -21.25 -44.03 30.33
CA ASP D 494 -22.65 -43.69 30.53
C ASP D 494 -22.81 -42.60 31.59
N ILE D 495 -23.54 -41.55 31.24
CA ILE D 495 -23.85 -40.49 32.18
C ILE D 495 -24.90 -40.99 33.16
N GLN D 496 -24.73 -40.66 34.43
CA GLN D 496 -25.65 -41.09 35.48
C GLN D 496 -26.36 -39.89 36.08
N ALA E 23 33.42 -9.58 16.23
CA ALA E 23 33.61 -10.00 14.84
C ALA E 23 32.40 -10.78 14.34
N LYS E 24 31.38 -10.05 13.91
CA LYS E 24 30.13 -10.66 13.45
C LYS E 24 30.24 -11.04 11.98
N GLN E 25 29.22 -11.79 11.53
CA GLN E 25 29.13 -12.24 10.14
C GLN E 25 28.07 -11.39 9.46
N TYR E 26 28.50 -10.26 8.91
CA TYR E 26 27.56 -9.29 8.35
C TYR E 26 26.87 -9.84 7.10
N LYS E 27 25.78 -9.18 6.72
CA LYS E 27 24.94 -9.61 5.62
C LYS E 27 24.56 -8.41 4.77
N ASN E 28 24.23 -8.69 3.50
CA ASN E 28 23.76 -7.65 2.59
C ASN E 28 22.25 -7.50 2.69
N LEU E 29 21.79 -6.27 2.47
CA LEU E 29 20.36 -5.98 2.39
C LEU E 29 19.94 -6.20 0.94
N VAL E 30 19.09 -7.20 0.72
CA VAL E 30 18.62 -7.57 -0.61
C VAL E 30 17.12 -7.73 -0.54
N ASN E 31 16.38 -6.84 -1.19
CA ASN E 31 14.93 -6.94 -1.33
C ASN E 31 14.25 -7.10 0.03
N GLY E 32 14.60 -6.21 0.95
CA GLY E 32 14.03 -6.23 2.28
C GLY E 32 14.51 -7.37 3.17
N GLU E 33 15.45 -8.16 2.71
CA GLU E 33 15.97 -9.30 3.46
CA GLU E 33 15.97 -9.30 3.45
C GLU E 33 17.47 -9.14 3.68
N TRP E 34 17.95 -9.67 4.80
CA TRP E 34 19.37 -9.69 5.12
C TRP E 34 19.91 -11.05 4.67
N LYS E 35 20.79 -11.03 3.68
CA LYS E 35 21.28 -12.25 3.03
C LYS E 35 22.78 -12.40 3.27
N LEU E 36 23.17 -13.58 3.74
CA LEU E 36 24.55 -14.05 3.61
C LEU E 36 24.78 -14.56 2.18
N SER E 37 26.01 -14.97 1.89
CA SER E 37 26.33 -15.68 0.65
C SER E 37 27.06 -16.96 1.02
N GLU E 38 27.37 -17.79 0.01
CA GLU E 38 28.08 -19.03 0.28
C GLU E 38 29.46 -18.77 0.86
N ASN E 39 30.23 -17.91 0.20
CA ASN E 39 31.56 -17.52 0.66
C ASN E 39 31.52 -16.14 1.31
N GLU E 40 32.65 -15.76 1.90
CA GLU E 40 32.73 -14.50 2.63
C GLU E 40 34.17 -14.01 2.64
N ILE E 41 34.33 -12.73 3.01
CA ILE E 41 35.63 -12.06 3.06
C ILE E 41 35.81 -11.52 4.47
N THR E 42 36.84 -12.00 5.16
CA THR E 42 37.14 -11.53 6.50
C THR E 42 37.86 -10.19 6.43
N ILE E 43 37.43 -9.24 7.26
CA ILE E 43 37.96 -7.88 7.25
CA ILE E 43 37.94 -7.88 7.26
C ILE E 43 38.72 -7.65 8.54
N TYR E 44 39.91 -7.07 8.41
CA TYR E 44 40.78 -6.77 9.54
C TYR E 44 41.01 -5.27 9.65
N ALA E 45 41.35 -4.83 10.86
CA ALA E 45 41.68 -3.43 11.09
C ALA E 45 43.06 -3.14 10.49
N PRO E 46 43.19 -2.14 9.61
CA PRO E 46 44.51 -1.87 9.00
C PRO E 46 45.56 -1.38 9.98
N ALA E 47 45.18 -0.98 11.20
CA ALA E 47 46.12 -0.45 12.17
C ALA E 47 46.58 -1.50 13.19
N THR E 48 45.72 -2.47 13.50
CA THR E 48 46.04 -3.48 14.50
C THR E 48 46.05 -4.90 13.95
N GLY E 49 45.40 -5.16 12.82
CA GLY E 49 45.17 -6.52 12.37
C GLY E 49 44.01 -7.20 13.03
N GLU E 50 43.41 -6.58 14.05
CA GLU E 50 42.24 -7.15 14.71
C GLU E 50 41.17 -7.53 13.70
N GLU E 51 40.70 -8.76 13.79
CA GLU E 51 39.58 -9.20 12.96
C GLU E 51 38.32 -8.47 13.38
N LEU E 52 37.62 -7.89 12.40
CA LEU E 52 36.42 -7.12 12.68
C LEU E 52 35.13 -7.82 12.26
N GLY E 53 35.21 -8.84 11.41
CA GLY E 53 34.05 -9.55 10.91
C GLY E 53 34.29 -9.97 9.48
N SER E 54 33.19 -10.33 8.81
CA SER E 54 33.25 -10.73 7.40
C SER E 54 31.99 -10.24 6.69
N VAL E 55 32.12 -10.03 5.38
CA VAL E 55 31.01 -9.61 4.53
C VAL E 55 30.86 -10.62 3.40
N PRO E 56 29.66 -10.80 2.84
CA PRO E 56 29.48 -11.83 1.82
C PRO E 56 30.31 -11.55 0.58
N ALA E 57 30.62 -12.63 -0.15
CA ALA E 57 31.36 -12.55 -1.42
C ALA E 57 30.39 -12.95 -2.53
N MET E 58 29.56 -11.99 -2.94
CA MET E 58 28.45 -12.31 -3.84
C MET E 58 28.96 -12.88 -5.15
N THR E 59 28.11 -13.70 -5.77
CA THR E 59 28.31 -14.19 -7.12
C THR E 59 27.66 -13.23 -8.10
N GLN E 60 27.92 -13.44 -9.40
CA GLN E 60 27.28 -12.62 -10.42
C GLN E 60 25.76 -12.81 -10.40
N ALA E 61 25.30 -14.04 -10.18
CA ALA E 61 23.86 -14.29 -10.16
C ALA E 61 23.21 -13.58 -8.98
N GLU E 62 23.90 -13.52 -7.84
CA GLU E 62 23.35 -12.79 -6.70
C GLU E 62 23.23 -11.30 -7.01
N VAL E 63 24.13 -10.77 -7.83
CA VAL E 63 23.99 -9.38 -8.27
C VAL E 63 22.74 -9.22 -9.14
N ASP E 64 22.48 -10.20 -10.02
CA ASP E 64 21.28 -10.15 -10.85
C ASP E 64 20.02 -10.09 -9.98
N ALA E 65 19.98 -10.88 -8.91
CA ALA E 65 18.82 -10.87 -8.03
C ALA E 65 18.66 -9.50 -7.36
N VAL E 66 19.77 -8.88 -6.95
CA VAL E 66 19.70 -7.53 -6.37
C VAL E 66 19.10 -6.57 -7.38
N TYR E 67 19.70 -6.48 -8.56
CA TYR E 67 19.20 -5.58 -9.59
C TYR E 67 17.76 -5.91 -9.97
N ALA E 68 17.43 -7.20 -10.09
CA ALA E 68 16.06 -7.58 -10.42
C ALA E 68 15.09 -7.09 -9.36
N SER E 69 15.45 -7.21 -8.08
CA SER E 69 14.59 -6.72 -7.02
C SER E 69 14.50 -5.21 -7.03
N ALA E 70 15.61 -4.53 -7.33
CA ALA E 70 15.59 -3.07 -7.39
C ALA E 70 14.66 -2.60 -8.49
N LYS E 71 14.81 -3.14 -9.70
CA LYS E 71 13.99 -2.70 -10.81
C LYS E 71 12.52 -3.03 -10.60
N LYS E 72 12.22 -4.08 -9.81
CA LYS E 72 10.83 -4.41 -9.54
C LYS E 72 10.19 -3.40 -8.59
N ALA E 73 10.95 -2.96 -7.58
CA ALA E 73 10.43 -1.99 -6.61
C ALA E 73 10.43 -0.56 -7.14
N LEU E 74 11.08 -0.32 -8.28
CA LEU E 74 11.18 1.04 -8.80
C LEU E 74 9.81 1.64 -9.07
N SER E 75 8.84 0.82 -9.51
CA SER E 75 7.56 1.35 -9.94
C SER E 75 6.76 1.88 -8.76
N ASP E 76 6.68 1.10 -7.68
CA ASP E 76 5.95 1.55 -6.49
C ASP E 76 6.71 2.64 -5.74
N TRP E 77 8.00 2.80 -5.98
CA TRP E 77 8.79 3.81 -5.27
C TRP E 77 8.73 5.17 -5.95
N ARG E 78 8.82 5.20 -7.28
CA ARG E 78 8.74 6.47 -8.00
C ARG E 78 7.33 7.04 -8.00
N THR E 79 6.32 6.22 -7.70
CA THR E 79 4.95 6.70 -7.68
C THR E 79 4.53 7.23 -6.30
N LEU E 80 5.34 6.99 -5.27
CA LEU E 80 5.06 7.60 -3.98
C LEU E 80 5.21 9.13 -4.07
N SER E 81 4.69 9.81 -3.06
CA SER E 81 4.87 11.25 -2.97
C SER E 81 6.30 11.58 -2.55
N TYR E 82 6.73 12.80 -2.87
CA TYR E 82 8.02 13.27 -2.41
C TYR E 82 8.10 13.23 -0.87
N VAL E 83 7.02 13.65 -0.19
CA VAL E 83 7.05 13.74 1.27
C VAL E 83 7.22 12.36 1.90
N GLU E 84 6.59 11.34 1.31
CA GLU E 84 6.72 9.98 1.82
C GLU E 84 8.15 9.47 1.65
N ARG E 85 8.79 9.79 0.52
CA ARG E 85 10.17 9.37 0.32
C ARG E 85 11.11 10.14 1.25
N ALA E 86 10.84 11.43 1.47
CA ALA E 86 11.64 12.20 2.41
C ALA E 86 11.49 11.67 3.83
N ALA E 87 10.30 11.16 4.19
CA ALA E 87 10.09 10.67 5.55
C ALA E 87 11.02 9.52 5.87
N TYR E 88 11.22 8.60 4.90
CA TYR E 88 12.15 7.50 5.11
C TYR E 88 13.57 8.02 5.31
N LEU E 89 13.98 9.00 4.52
CA LEU E 89 15.35 9.52 4.63
C LEU E 89 15.57 10.21 5.96
N HIS E 90 14.57 10.93 6.46
CA HIS E 90 14.71 11.58 7.77
C HIS E 90 14.85 10.55 8.88
N LYS E 91 14.01 9.50 8.84
CA LYS E 91 14.09 8.48 9.88
C LYS E 91 15.43 7.75 9.85
N ALA E 92 15.96 7.51 8.65
CA ALA E 92 17.27 6.88 8.54
C ALA E 92 18.36 7.78 9.12
N ALA E 93 18.29 9.09 8.84
CA ALA E 93 19.24 10.01 9.43
C ALA E 93 19.13 10.03 10.95
N ASP E 94 17.89 9.99 11.47
CA ASP E 94 17.69 9.96 12.92
C ASP E 94 18.33 8.72 13.53
N ILE E 95 18.27 7.58 12.83
CA ILE E 95 18.89 6.37 13.35
C ILE E 95 20.40 6.47 13.30
N LEU E 96 20.95 7.12 12.27
CA LEU E 96 22.40 7.25 12.17
C LEU E 96 22.94 8.15 13.28
N VAL E 97 22.25 9.23 13.60
CA VAL E 97 22.65 10.06 14.73
C VAL E 97 22.62 9.26 16.02
N ARG E 98 21.56 8.48 16.22
CA ARG E 98 21.44 7.68 17.44
C ARG E 98 22.63 6.72 17.59
N ASP E 99 22.87 5.89 16.58
CA ASP E 99 23.92 4.90 16.59
C ASP E 99 25.26 5.47 16.11
N ALA E 100 25.42 6.79 16.16
CA ALA E 100 26.66 7.38 15.66
C ALA E 100 27.87 6.80 16.38
N GLU E 101 27.80 6.72 17.71
CA GLU E 101 28.92 6.19 18.47
C GLU E 101 29.21 4.73 18.10
N LYS E 102 28.16 3.91 18.04
CA LYS E 102 28.34 2.50 17.72
C LYS E 102 28.95 2.31 16.34
N ILE E 103 28.55 3.15 15.39
CA ILE E 103 29.03 2.99 14.01
C ILE E 103 30.43 3.56 13.85
N GLY E 104 30.66 4.76 14.39
CA GLY E 104 31.98 5.36 14.27
C GLY E 104 33.07 4.51 14.88
N ALA E 105 32.74 3.73 15.91
CA ALA E 105 33.74 2.87 16.54
C ALA E 105 34.22 1.79 15.58
N ILE E 106 33.29 1.11 14.92
CA ILE E 106 33.67 0.08 13.95
C ILE E 106 34.31 0.72 12.72
N LEU E 107 33.73 1.81 12.24
CA LEU E 107 34.29 2.52 11.10
C LEU E 107 35.73 2.95 11.37
N SER E 108 36.02 3.43 12.58
CA SER E 108 37.38 3.82 12.93
C SER E 108 38.35 2.68 12.72
N LYS E 109 37.98 1.48 13.18
CA LYS E 109 38.85 0.33 13.03
C LYS E 109 38.99 -0.08 11.57
N GLU E 110 37.89 0.02 10.80
CA GLU E 110 37.86 -0.61 9.48
C GLU E 110 38.80 0.09 8.50
N VAL E 111 38.93 1.41 8.61
CA VAL E 111 39.76 2.17 7.68
C VAL E 111 40.85 2.95 8.40
N ALA E 112 41.06 2.69 9.69
CA ALA E 112 42.14 3.32 10.46
C ALA E 112 41.96 4.83 10.54
N LYS E 113 40.73 5.26 10.73
CA LYS E 113 40.41 6.67 10.91
C LYS E 113 40.24 6.96 12.40
N GLY E 114 40.73 8.13 12.82
CA GLY E 114 40.60 8.55 14.20
C GLY E 114 39.21 8.32 14.73
N HIS E 115 39.10 7.91 16.00
CA HIS E 115 37.80 7.54 16.54
C HIS E 115 36.81 8.69 16.43
N LYS E 116 37.20 9.87 16.90
CA LYS E 116 36.29 11.01 16.83
C LYS E 116 36.04 11.45 15.39
N ALA E 117 37.11 11.52 14.58
CA ALA E 117 36.93 11.85 13.18
C ALA E 117 35.99 10.89 12.47
N ALA E 118 35.95 9.63 12.92
CA ALA E 118 35.07 8.64 12.33
C ALA E 118 33.63 8.83 12.80
N VAL E 119 33.44 9.14 14.08
CA VAL E 119 32.10 9.43 14.57
C VAL E 119 31.56 10.70 13.92
N SER E 120 32.44 11.67 13.65
CA SER E 120 32.01 12.87 12.96
C SER E 120 31.57 12.57 11.54
N GLU E 121 32.20 11.59 10.88
CA GLU E 121 31.76 11.20 9.55
C GLU E 121 30.29 10.76 9.57
N VAL E 122 29.91 9.97 10.57
CA VAL E 122 28.54 9.48 10.65
C VAL E 122 27.57 10.63 10.84
N ILE E 123 27.91 11.57 11.72
CA ILE E 123 27.02 12.70 11.98
C ILE E 123 26.88 13.57 10.74
N ARG E 124 27.99 13.82 10.04
CA ARG E 124 27.93 14.57 8.78
C ARG E 124 27.07 13.84 7.76
N THR E 125 27.12 12.51 7.74
CA THR E 125 26.31 11.76 6.80
C THR E 125 24.82 11.97 7.05
N ALA E 126 24.42 11.94 8.32
CA ALA E 126 23.02 12.19 8.62
C ALA E 126 22.62 13.62 8.24
N GLU E 127 23.53 14.58 8.40
CA GLU E 127 23.25 15.95 7.98
C GLU E 127 23.00 16.02 6.48
N ILE E 128 23.78 15.27 5.69
CA ILE E 128 23.56 15.27 4.25
C ILE E 128 22.24 14.60 3.90
N ILE E 129 21.91 13.50 4.59
CA ILE E 129 20.67 12.78 4.28
C ILE E 129 19.46 13.67 4.50
N ASN E 130 19.40 14.33 5.65
CA ASN E 130 18.28 15.23 5.93
C ASN E 130 18.21 16.35 4.89
N TYR E 131 19.37 16.95 4.58
CA TYR E 131 19.40 18.05 3.60
C TYR E 131 18.95 17.58 2.23
N ALA E 132 19.43 16.41 1.80
CA ALA E 132 19.00 15.88 0.51
C ALA E 132 17.49 15.67 0.48
N ALA E 133 16.92 15.21 1.59
CA ALA E 133 15.49 14.92 1.64
C ALA E 133 14.67 16.18 1.39
N GLU E 134 14.99 17.27 2.10
CA GLU E 134 14.25 18.51 1.94
C GLU E 134 14.59 19.24 0.64
N GLU E 135 15.84 19.13 0.18
CA GLU E 135 16.20 19.72 -1.10
C GLU E 135 15.43 19.04 -2.23
N GLY E 136 15.35 17.70 -2.19
CA GLY E 136 14.75 16.97 -3.29
C GLY E 136 13.25 17.00 -3.32
N LEU E 137 12.60 17.15 -2.16
CA LEU E 137 11.15 17.05 -2.14
C LEU E 137 10.47 18.31 -2.69
N ARG E 138 11.19 19.42 -2.83
CA ARG E 138 10.61 20.64 -3.36
C ARG E 138 11.06 20.94 -4.78
N MET E 139 11.80 20.04 -5.43
CA MET E 139 12.25 20.32 -6.78
C MET E 139 11.05 20.41 -7.71
N GLU E 140 11.13 21.31 -8.68
CA GLU E 140 9.98 21.70 -9.47
C GLU E 140 10.27 21.50 -10.95
N GLY E 141 9.22 21.60 -11.75
CA GLY E 141 9.33 21.56 -13.19
C GLY E 141 9.23 22.94 -13.79
N GLU E 142 9.13 22.97 -15.11
CA GLU E 142 9.05 24.23 -15.84
C GLU E 142 7.97 24.15 -16.89
N VAL E 143 7.41 25.31 -17.23
CA VAL E 143 6.43 25.46 -18.29
C VAL E 143 7.04 26.36 -19.33
N LEU E 144 7.25 25.81 -20.53
CA LEU E 144 7.87 26.54 -21.62
C LEU E 144 6.82 26.93 -22.67
N GLU E 145 6.98 28.14 -23.19
CA GLU E 145 6.02 28.73 -24.11
C GLU E 145 6.48 28.52 -25.55
N GLY E 146 5.64 27.90 -26.37
CA GLY E 146 5.93 27.83 -27.78
C GLY E 146 6.07 29.20 -28.41
N GLY E 147 5.34 30.19 -27.89
CA GLY E 147 5.39 31.53 -28.42
C GLY E 147 6.67 32.29 -28.13
N SER E 148 7.57 31.70 -27.33
CA SER E 148 8.90 32.22 -27.14
C SER E 148 9.79 32.04 -28.38
N PHE E 149 9.45 31.08 -29.24
CA PHE E 149 10.28 30.73 -30.39
C PHE E 149 9.64 31.02 -31.72
N GLU E 150 8.35 30.78 -31.87
CA GLU E 150 7.65 31.12 -33.11
C GLU E 150 6.19 31.42 -32.82
N ALA E 151 5.69 32.47 -33.47
CA ALA E 151 4.32 32.92 -33.22
C ALA E 151 3.30 31.83 -33.51
N ALA E 152 3.57 30.99 -34.52
CA ALA E 152 2.62 29.95 -34.90
C ALA E 152 2.32 28.97 -33.78
N SER E 153 3.25 28.80 -32.84
CA SER E 153 3.12 27.83 -31.76
C SER E 153 2.79 28.47 -30.42
N LYS E 154 2.20 29.67 -30.43
CA LYS E 154 1.98 30.40 -29.17
C LYS E 154 1.03 29.67 -28.24
N LYS E 155 0.15 28.81 -28.76
CA LYS E 155 -0.77 28.04 -27.92
C LYS E 155 -0.18 26.73 -27.42
N LYS E 156 1.04 26.37 -27.85
CA LYS E 156 1.67 25.12 -27.48
C LYS E 156 2.61 25.36 -26.31
N ILE E 157 2.41 24.60 -25.22
CA ILE E 157 3.27 24.71 -24.05
C ILE E 157 3.83 23.33 -23.72
N ALA E 158 5.01 23.32 -23.11
CA ALA E 158 5.68 22.11 -22.64
C ALA E 158 5.66 22.09 -21.13
N ILE E 159 5.05 21.04 -20.56
CA ILE E 159 5.05 20.81 -19.12
C ILE E 159 6.19 19.84 -18.83
N VAL E 160 7.28 20.36 -18.27
CA VAL E 160 8.51 19.60 -18.07
C VAL E 160 8.64 19.27 -16.59
N ARG E 161 8.66 17.98 -16.28
CA ARG E 161 8.75 17.50 -14.91
C ARG E 161 9.95 16.56 -14.75
N ARG E 162 10.42 16.44 -13.51
CA ARG E 162 11.60 15.65 -13.20
C ARG E 162 11.20 14.21 -12.92
N GLU E 163 11.99 13.28 -13.44
CA GLU E 163 11.81 11.85 -13.20
C GLU E 163 13.14 11.25 -12.81
N PRO E 164 13.13 10.18 -12.01
CA PRO E 164 14.38 9.47 -11.70
C PRO E 164 14.95 8.80 -12.95
N VAL E 165 16.25 8.50 -12.89
CA VAL E 165 16.89 7.79 -14.00
C VAL E 165 16.68 6.29 -13.92
N GLY E 166 16.27 5.77 -12.77
CA GLY E 166 16.01 4.36 -12.61
C GLY E 166 16.81 3.74 -11.48
N LEU E 167 17.69 2.81 -11.82
CA LEU E 167 18.56 2.16 -10.85
C LEU E 167 19.90 2.87 -10.82
N VAL E 168 20.31 3.30 -9.63
CA VAL E 168 21.59 3.98 -9.41
C VAL E 168 22.51 3.00 -8.72
N LEU E 169 23.69 2.78 -9.30
CA LEU E 169 24.76 2.03 -8.65
C LEU E 169 25.70 3.01 -7.98
N ALA E 170 25.80 2.94 -6.65
CA ALA E 170 26.65 3.84 -5.87
C ALA E 170 27.83 3.06 -5.33
N ILE E 171 29.03 3.54 -5.62
CA ILE E 171 30.28 2.93 -5.16
C ILE E 171 30.97 3.92 -4.25
N SER E 172 31.08 3.57 -2.97
CA SER E 172 31.73 4.45 -2.01
C SER E 172 33.22 4.15 -1.92
N PRO E 173 34.02 5.09 -1.36
CA PRO E 173 35.46 4.84 -1.22
C PRO E 173 35.84 4.41 0.19
N PHE E 174 37.08 3.94 0.36
CA PHE E 174 37.49 3.46 1.68
C PHE E 174 37.65 4.61 2.66
N ASN E 175 38.08 5.79 2.19
CA ASN E 175 38.39 6.89 3.09
C ASN E 175 37.14 7.60 3.61
N TYR E 176 36.01 7.45 2.92
CA TYR E 176 34.73 7.98 3.39
C TYR E 176 33.64 6.95 3.11
N PRO E 177 33.73 5.78 3.76
CA PRO E 177 32.83 4.67 3.39
C PRO E 177 31.40 4.86 3.84
N VAL E 178 31.12 5.84 4.69
CA VAL E 178 29.75 6.16 5.11
C VAL E 178 29.32 7.52 4.58
N ASN E 179 30.19 8.54 4.69
CA ASN E 179 29.84 9.87 4.20
C ASN E 179 29.64 9.88 2.68
N LEU E 180 30.58 9.29 1.94
CA LEU E 180 30.47 9.24 0.49
C LEU E 180 29.71 8.00 0.02
N ALA E 181 28.98 7.34 0.92
CA ALA E 181 27.90 6.45 0.53
C ALA E 181 26.56 7.20 0.59
N GLY E 182 26.23 7.77 1.74
CA GLY E 182 24.96 8.49 1.87
C GLY E 182 24.88 9.71 1.00
N SER E 183 26.02 10.33 0.67
CA SER E 183 26.03 11.48 -0.23
C SER E 183 25.54 11.11 -1.62
N LYS E 184 25.60 9.82 -1.97
CA LYS E 184 25.07 9.31 -3.22
C LYS E 184 23.67 8.73 -3.07
N ILE E 185 23.42 8.06 -1.95
CA ILE E 185 22.18 7.31 -1.78
C ILE E 185 21.00 8.26 -1.58
N ALA E 186 21.12 9.21 -0.64
CA ALA E 186 19.97 10.05 -0.32
C ALA E 186 19.53 10.89 -1.50
N PRO E 187 20.42 11.60 -2.22
CA PRO E 187 19.95 12.32 -3.42
C PRO E 187 19.26 11.43 -4.43
N ALA E 188 19.72 10.18 -4.58
CA ALA E 188 19.07 9.28 -5.53
C ALA E 188 17.67 8.91 -5.06
N LEU E 189 17.54 8.51 -3.78
CA LEU E 189 16.25 8.01 -3.29
C LEU E 189 15.19 9.10 -3.27
N ILE E 190 15.53 10.31 -2.81
CA ILE E 190 14.51 11.35 -2.73
C ILE E 190 13.91 11.61 -4.10
N ALA E 191 14.72 11.46 -5.15
CA ALA E 191 14.29 11.70 -6.51
C ALA E 191 13.46 10.57 -7.11
N GLY E 192 13.25 9.49 -6.38
CA GLY E 192 12.50 8.36 -6.89
C GLY E 192 13.32 7.25 -7.51
N ASN E 193 14.66 7.35 -7.46
CA ASN E 193 15.52 6.28 -7.91
C ASN E 193 15.56 5.14 -6.90
N VAL E 194 15.99 3.98 -7.38
CA VAL E 194 16.34 2.85 -6.53
C VAL E 194 17.85 2.70 -6.60
N VAL E 195 18.43 2.14 -5.53
CA VAL E 195 19.87 2.18 -5.33
C VAL E 195 20.39 0.79 -4.96
N ALA E 196 21.58 0.49 -5.46
CA ALA E 196 22.41 -0.60 -4.95
C ALA E 196 23.73 0.01 -4.53
N LEU E 197 24.09 -0.13 -3.25
CA LEU E 197 25.35 0.38 -2.73
C LEU E 197 26.40 -0.73 -2.78
N LYS E 198 27.50 -0.48 -3.51
CA LYS E 198 28.66 -1.35 -3.54
C LYS E 198 29.78 -0.69 -2.75
N PRO E 199 29.92 -0.98 -1.46
CA PRO E 199 31.02 -0.39 -0.70
C PRO E 199 32.33 -1.03 -1.10
N PRO E 200 33.45 -0.41 -0.76
CA PRO E 200 34.74 -1.07 -0.95
C PRO E 200 34.89 -2.22 0.04
N THR E 201 35.59 -3.26 -0.39
CA THR E 201 35.83 -4.40 0.49
C THR E 201 36.32 -3.93 1.85
N GLN E 202 37.39 -3.13 1.87
CA GLN E 202 37.82 -2.44 3.09
C GLN E 202 36.93 -1.22 3.26
N GLY E 203 35.94 -1.33 4.13
CA GLY E 203 34.87 -0.36 4.26
C GLY E 203 33.47 -0.93 4.07
N SER E 204 33.34 -2.22 3.78
CA SER E 204 32.02 -2.81 3.54
C SER E 204 31.21 -2.93 4.83
N ILE E 205 31.87 -3.28 5.94
CA ILE E 205 31.17 -3.31 7.22
C ILE E 205 30.54 -1.95 7.51
N SER E 206 31.31 -0.88 7.33
CA SER E 206 30.77 0.46 7.51
C SER E 206 29.59 0.71 6.58
N GLY E 207 29.74 0.33 5.30
CA GLY E 207 28.65 0.50 4.37
C GLY E 207 27.42 -0.29 4.75
N LEU E 208 27.61 -1.52 5.21
CA LEU E 208 26.47 -2.35 5.62
C LEU E 208 25.85 -1.82 6.91
N LEU E 209 26.66 -1.25 7.81
CA LEU E 209 26.10 -0.60 8.98
C LEU E 209 25.23 0.58 8.59
N LEU E 210 25.64 1.32 7.55
CA LEU E 210 24.80 2.39 7.03
C LEU E 210 23.48 1.85 6.54
N ALA E 211 23.50 0.67 5.90
CA ALA E 211 22.27 0.12 5.33
C ALA E 211 21.27 -0.25 6.41
N GLU E 212 21.75 -0.65 7.59
CA GLU E 212 20.83 -1.06 8.66
C GLU E 212 19.97 0.10 9.13
N ALA E 213 20.47 1.33 9.03
CA ALA E 213 19.64 2.48 9.37
C ALA E 213 18.50 2.64 8.37
N PHE E 214 18.80 2.50 7.08
CA PHE E 214 17.74 2.60 6.08
C PHE E 214 16.73 1.47 6.24
N ALA E 215 17.20 0.26 6.55
CA ALA E 215 16.29 -0.85 6.79
C ALA E 215 15.39 -0.57 7.99
N GLU E 216 15.98 -0.19 9.12
CA GLU E 216 15.19 0.12 10.30
C GLU E 216 14.25 1.30 10.04
N ALA E 217 14.66 2.25 9.19
CA ALA E 217 13.77 3.33 8.80
C ALA E 217 12.57 2.83 8.02
N GLY E 218 12.59 1.58 7.55
CA GLY E 218 11.47 1.01 6.85
C GLY E 218 11.49 1.15 5.35
N ILE E 219 12.66 1.43 4.76
CA ILE E 219 12.77 1.60 3.31
C ILE E 219 12.15 0.38 2.65
N PRO E 220 11.24 0.54 1.69
CA PRO E 220 10.57 -0.63 1.11
C PRO E 220 11.54 -1.63 0.50
N ALA E 221 11.12 -2.89 0.49
CA ALA E 221 11.97 -3.97 -0.01
C ALA E 221 12.40 -3.68 -1.44
N GLY E 222 13.71 -3.69 -1.67
CA GLY E 222 14.27 -3.50 -2.98
C GLY E 222 14.59 -2.07 -3.34
N VAL E 223 14.01 -1.10 -2.64
CA VAL E 223 14.29 0.29 -2.95
C VAL E 223 15.77 0.58 -2.72
N PHE E 224 16.36 -0.03 -1.69
CA PHE E 224 17.76 0.17 -1.35
C PHE E 224 18.37 -1.19 -1.02
N ASN E 225 19.47 -1.51 -1.69
CA ASN E 225 20.15 -2.79 -1.50
C ASN E 225 21.64 -2.53 -1.43
N THR E 226 22.38 -3.56 -1.01
CA THR E 226 23.84 -3.50 -0.93
C THR E 226 24.43 -4.69 -1.68
N ILE E 227 25.67 -4.51 -2.15
CA ILE E 227 26.42 -5.54 -2.85
C ILE E 227 27.82 -5.58 -2.24
N THR E 228 28.32 -6.78 -1.95
CA THR E 228 29.68 -6.97 -1.48
C THR E 228 30.31 -8.14 -2.23
N GLY E 229 31.61 -8.05 -2.47
CA GLY E 229 32.31 -9.09 -3.20
C GLY E 229 33.69 -8.64 -3.61
N ARG E 230 34.37 -9.53 -4.33
CA ARG E 230 35.73 -9.27 -4.78
C ARG E 230 35.71 -8.63 -6.16
N GLY E 231 36.66 -7.72 -6.39
CA GLY E 231 36.71 -7.01 -7.65
C GLY E 231 36.91 -7.93 -8.84
N SER E 232 37.58 -9.06 -8.63
CA SER E 232 37.88 -9.98 -9.72
C SER E 232 36.70 -10.86 -10.11
N VAL E 233 35.61 -10.83 -9.36
CA VAL E 233 34.43 -11.65 -9.65
C VAL E 233 33.25 -10.80 -10.08
N ILE E 234 33.06 -9.62 -9.46
CA ILE E 234 31.89 -8.81 -9.73
C ILE E 234 32.26 -7.38 -10.12
N GLY E 235 33.52 -7.02 -9.95
CA GLY E 235 33.99 -5.67 -10.19
C GLY E 235 33.43 -5.04 -11.45
N ASP E 236 33.87 -5.52 -12.61
CA ASP E 236 33.34 -4.99 -13.87
C ASP E 236 31.88 -5.40 -14.07
N TYR E 237 31.48 -6.56 -13.54
CA TYR E 237 30.14 -7.07 -13.80
C TYR E 237 29.06 -6.12 -13.29
N ILE E 238 29.23 -5.59 -12.07
CA ILE E 238 28.20 -4.76 -11.49
C ILE E 238 28.00 -3.47 -12.28
N VAL E 239 29.03 -3.05 -13.01
CA VAL E 239 28.98 -1.77 -13.73
C VAL E 239 28.35 -1.91 -15.09
N GLU E 240 28.81 -2.87 -15.89
CA GLU E 240 28.29 -3.03 -17.24
C GLU E 240 26.96 -3.76 -17.29
N HIS E 241 26.39 -4.12 -16.13
CA HIS E 241 25.07 -4.75 -16.11
C HIS E 241 24.02 -3.79 -16.65
N GLU E 242 23.20 -4.27 -17.59
CA GLU E 242 22.28 -3.40 -18.30
C GLU E 242 21.15 -2.88 -17.40
N ALA E 243 20.93 -3.51 -16.25
CA ALA E 243 19.90 -2.99 -15.33
C ALA E 243 20.30 -1.64 -14.77
N VAL E 244 21.59 -1.36 -14.67
CA VAL E 244 22.07 -0.14 -14.04
C VAL E 244 21.87 1.04 -14.99
N ASN E 245 21.23 2.10 -14.50
CA ASN E 245 20.97 3.27 -15.31
C ASN E 245 21.88 4.45 -15.00
N PHE E 246 22.63 4.38 -13.90
CA PHE E 246 23.49 5.48 -13.48
C PHE E 246 24.57 4.88 -12.60
N ILE E 247 25.81 5.31 -12.81
CA ILE E 247 26.94 4.86 -11.98
C ILE E 247 27.53 6.07 -11.28
N ASN E 248 27.49 6.06 -9.95
CA ASN E 248 28.00 7.15 -9.11
C ASN E 248 29.17 6.58 -8.33
N PHE E 249 30.38 6.98 -8.69
CA PHE E 249 31.60 6.34 -8.19
C PHE E 249 32.55 7.36 -7.57
N THR E 250 33.16 6.97 -6.46
CA THR E 250 34.27 7.71 -5.85
C THR E 250 35.41 6.74 -5.58
N GLY E 251 36.61 7.07 -6.08
CA GLY E 251 37.77 6.21 -5.86
C GLY E 251 38.94 6.64 -6.70
N SER E 252 39.79 5.67 -7.04
CA SER E 252 41.02 5.94 -7.78
C SER E 252 40.72 6.33 -9.22
N THR E 253 41.54 7.24 -9.75
CA THR E 253 41.42 7.63 -11.15
C THR E 253 41.56 6.43 -12.10
N PRO E 254 42.56 5.55 -11.93
CA PRO E 254 42.59 4.33 -12.77
C PRO E 254 41.27 3.61 -12.82
N ILE E 255 40.72 3.24 -11.65
CA ILE E 255 39.47 2.51 -11.62
C ILE E 255 38.34 3.35 -12.21
N GLY E 256 38.32 4.64 -11.92
CA GLY E 256 37.32 5.51 -12.51
C GLY E 256 37.40 5.55 -14.02
N GLU E 257 38.62 5.61 -14.56
CA GLU E 257 38.77 5.58 -16.01
C GLU E 257 38.15 4.32 -16.60
N GLY E 258 38.30 3.18 -15.94
CA GLY E 258 37.73 1.95 -16.44
C GLY E 258 36.22 1.93 -16.37
N ILE E 259 35.64 2.57 -15.35
CA ILE E 259 34.19 2.65 -15.24
C ILE E 259 33.60 3.47 -16.39
N GLY E 260 34.29 4.53 -16.80
CA GLY E 260 33.78 5.37 -17.87
C GLY E 260 33.64 4.63 -19.19
N LYS E 261 34.49 3.64 -19.43
CA LYS E 261 34.36 2.85 -20.65
C LYS E 261 33.23 1.85 -20.54
N LEU E 262 33.16 1.12 -19.41
CA LEU E 262 32.08 0.18 -19.19
C LEU E 262 30.72 0.87 -19.14
N ALA E 263 30.70 2.19 -18.95
CA ALA E 263 29.43 2.90 -18.81
C ALA E 263 28.71 3.06 -20.14
N GLY E 264 29.45 3.24 -21.23
CA GLY E 264 28.79 3.44 -22.51
C GLY E 264 28.14 4.81 -22.56
N MET E 265 26.89 4.85 -23.01
CA MET E 265 26.15 6.10 -23.09
C MET E 265 25.49 6.49 -21.77
N ARG E 266 25.53 5.61 -20.77
CA ARG E 266 24.79 5.87 -19.54
C ARG E 266 25.46 6.98 -18.73
N PRO E 267 24.67 7.81 -18.05
CA PRO E 267 25.25 8.89 -17.25
C PRO E 267 26.04 8.34 -16.07
N ILE E 268 27.12 9.04 -15.74
CA ILE E 268 27.98 8.67 -14.64
C ILE E 268 28.31 9.90 -13.82
N MET E 269 28.84 9.66 -12.62
CA MET E 269 29.39 10.69 -11.76
C MET E 269 30.63 10.09 -11.13
N LEU E 270 31.79 10.67 -11.43
CA LEU E 270 33.07 10.14 -10.98
C LEU E 270 33.77 11.17 -10.10
N GLU E 271 34.16 10.75 -8.91
CA GLU E 271 34.98 11.53 -7.99
C GLU E 271 36.32 10.81 -7.88
N LEU E 272 37.33 11.32 -8.60
CA LEU E 272 38.62 10.65 -8.68
C LEU E 272 39.65 11.38 -7.83
N GLY E 273 40.92 11.24 -8.16
CA GLY E 273 41.98 11.79 -7.35
C GLY E 273 42.20 13.28 -7.57
N GLY E 274 43.12 13.83 -6.79
CA GLY E 274 43.42 15.25 -6.87
C GLY E 274 44.85 15.53 -6.47
N LYS E 275 45.40 16.60 -7.05
CA LYS E 275 46.72 17.12 -6.70
C LYS E 275 46.59 18.62 -6.43
N ASP E 276 45.70 18.96 -5.50
CA ASP E 276 45.34 20.36 -5.27
C ASP E 276 46.57 21.20 -4.94
N SER E 277 46.75 22.29 -5.67
CA SER E 277 47.85 23.21 -5.45
C SER E 277 47.38 24.39 -4.61
N ALA E 278 48.20 24.76 -3.62
CA ALA E 278 47.97 25.95 -2.81
C ALA E 278 48.94 27.02 -3.29
N ILE E 279 48.43 28.04 -3.97
CA ILE E 279 49.23 29.13 -4.51
C ILE E 279 49.33 30.22 -3.45
N VAL E 280 50.56 30.54 -3.05
CA VAL E 280 50.82 31.53 -2.00
C VAL E 280 51.66 32.65 -2.61
N LEU E 281 51.07 33.85 -2.70
CA LEU E 281 51.75 34.99 -3.28
C LEU E 281 52.55 35.72 -2.21
N GLU E 282 53.23 36.80 -2.62
CA GLU E 282 54.11 37.52 -1.70
C GLU E 282 53.30 38.26 -0.63
N ASP E 283 52.14 38.79 -0.98
CA ASP E 283 51.31 39.56 -0.06
C ASP E 283 50.35 38.68 0.73
N ALA E 284 50.66 37.39 0.88
CA ALA E 284 49.78 36.47 1.59
C ALA E 284 50.13 36.46 3.07
N ASP E 285 49.15 36.03 3.87
CA ASP E 285 49.37 35.78 5.30
C ASP E 285 50.04 34.42 5.43
N LEU E 286 51.37 34.42 5.62
CA LEU E 286 52.11 33.17 5.62
C LEU E 286 51.69 32.28 6.79
N ALA E 287 51.36 32.87 7.94
CA ALA E 287 50.88 32.08 9.07
C ALA E 287 49.59 31.35 8.72
N LEU E 288 48.58 32.11 8.26
CA LEU E 288 47.30 31.51 7.92
C LEU E 288 47.42 30.55 6.75
N ALA E 289 48.32 30.84 5.81
CA ALA E 289 48.56 29.90 4.72
C ALA E 289 49.12 28.59 5.25
N ALA E 290 50.10 28.66 6.16
CA ALA E 290 50.69 27.45 6.72
C ALA E 290 49.65 26.64 7.49
N LYS E 291 48.88 27.30 8.35
CA LYS E 291 47.86 26.59 9.13
C LYS E 291 46.92 25.81 8.22
N ASN E 292 46.35 26.48 7.22
CA ASN E 292 45.41 25.81 6.33
C ASN E 292 46.09 24.73 5.51
N ILE E 293 47.31 24.99 5.02
CA ILE E 293 48.01 24.00 4.20
C ILE E 293 48.22 22.71 4.99
N VAL E 294 48.71 22.84 6.23
CA VAL E 294 48.97 21.65 7.03
C VAL E 294 47.67 20.92 7.35
N ALA E 295 46.63 21.67 7.73
CA ALA E 295 45.38 21.04 8.12
C ALA E 295 44.72 20.33 6.95
N GLY E 296 44.84 20.90 5.74
CA GLY E 296 44.24 20.27 4.59
C GLY E 296 45.08 19.17 3.99
N ALA E 297 46.40 19.30 4.07
CA ALA E 297 47.28 18.33 3.42
C ALA E 297 47.35 17.03 4.21
N PHE E 298 47.47 17.10 5.53
CA PHE E 298 47.73 15.93 6.36
C PHE E 298 46.48 15.37 7.03
N GLY E 299 45.31 15.96 6.79
CA GLY E 299 44.09 15.39 7.31
C GLY E 299 43.89 13.95 6.90
N TYR E 300 43.61 13.07 7.87
CA TYR E 300 43.43 11.64 7.61
C TYR E 300 44.66 11.06 6.90
N SER E 301 45.84 11.50 7.34
CA SER E 301 47.11 11.02 6.81
C SER E 301 47.28 11.31 5.33
N GLY E 302 46.64 12.38 4.85
CA GLY E 302 46.71 12.73 3.45
C GLY E 302 45.94 11.81 2.52
N GLN E 303 45.01 11.02 3.06
CA GLN E 303 44.24 10.07 2.27
C GLN E 303 42.89 10.67 1.87
N ARG E 304 42.95 11.80 1.18
CA ARG E 304 41.75 12.52 0.75
C ARG E 304 42.00 13.11 -0.62
N SER E 305 40.97 13.04 -1.48
CA SER E 305 41.11 13.59 -2.82
C SER E 305 41.18 15.11 -2.80
N THR E 306 40.35 15.74 -1.97
CA THR E 306 40.38 17.19 -1.77
C THR E 306 41.32 17.46 -0.61
N ALA E 307 42.53 17.88 -0.92
CA ALA E 307 43.56 18.13 0.08
C ALA E 307 44.72 18.81 -0.61
N VAL E 308 45.34 19.78 0.08
CA VAL E 308 46.55 20.39 -0.45
C VAL E 308 47.59 19.30 -0.62
N LYS E 309 48.08 19.14 -1.85
CA LYS E 309 49.11 18.14 -2.16
C LYS E 309 50.30 18.75 -2.87
N ARG E 310 50.40 20.08 -2.92
CA ARG E 310 51.58 20.75 -3.47
C ARG E 310 51.46 22.26 -3.26
N VAL E 311 52.50 22.88 -2.72
CA VAL E 311 52.50 24.31 -2.42
C VAL E 311 53.31 25.03 -3.49
N LEU E 312 52.67 25.93 -4.21
CA LEU E 312 53.31 26.76 -5.23
C LEU E 312 53.47 28.16 -4.64
N VAL E 313 54.67 28.46 -4.14
CA VAL E 313 54.93 29.66 -3.36
C VAL E 313 55.93 30.54 -4.10
N MET E 314 55.71 31.85 -4.03
CA MET E 314 56.65 32.80 -4.59
C MET E 314 57.95 32.80 -3.79
N ASP E 315 59.08 32.86 -4.50
CA ASP E 315 60.38 32.66 -3.87
C ASP E 315 60.70 33.72 -2.84
N LYS E 316 60.01 34.85 -2.84
CA LYS E 316 60.30 35.91 -1.87
C LYS E 316 59.78 35.58 -0.48
N VAL E 317 58.73 34.75 -0.38
CA VAL E 317 58.15 34.37 0.90
C VAL E 317 58.25 32.86 1.13
N ALA E 318 59.01 32.15 0.30
CA ALA E 318 59.07 30.70 0.42
C ALA E 318 59.77 30.27 1.70
N ASP E 319 60.93 30.87 1.99
CA ASP E 319 61.70 30.46 3.16
C ASP E 319 60.87 30.55 4.44
N GLN E 320 60.25 31.71 4.69
CA GLN E 320 59.46 31.87 5.91
C GLN E 320 58.25 30.95 5.91
N LEU E 321 57.59 30.79 4.76
CA LEU E 321 56.44 29.90 4.69
C LEU E 321 56.84 28.48 5.07
N ALA E 322 57.90 27.96 4.44
CA ALA E 322 58.36 26.61 4.75
C ALA E 322 58.60 26.44 6.24
N ALA E 323 59.20 27.45 6.88
CA ALA E 323 59.42 27.36 8.32
C ALA E 323 58.11 27.33 9.08
N GLU E 324 57.14 28.16 8.68
CA GLU E 324 55.83 28.13 9.32
C GLU E 324 55.18 26.76 9.17
N ILE E 325 55.25 26.18 7.97
CA ILE E 325 54.65 24.87 7.76
C ILE E 325 55.43 23.80 8.52
N LYS E 326 56.76 23.90 8.53
CA LYS E 326 57.59 22.89 9.18
C LYS E 326 57.21 22.75 10.65
N THR E 327 57.15 23.87 11.37
CA THR E 327 56.82 23.80 12.79
C THR E 327 55.45 23.19 13.03
N LEU E 328 54.50 23.42 12.11
CA LEU E 328 53.15 22.87 12.29
C LEU E 328 53.08 21.38 11.97
N VAL E 329 53.95 20.90 11.08
CA VAL E 329 54.00 19.47 10.80
C VAL E 329 54.60 18.71 11.97
N GLU E 330 55.62 19.28 12.61
CA GLU E 330 56.25 18.61 13.73
C GLU E 330 55.28 18.41 14.90
N LYS E 331 54.29 19.29 15.03
CA LYS E 331 53.31 19.20 16.12
C LYS E 331 52.23 18.15 15.85
N LEU E 332 52.17 17.58 14.65
CA LEU E 332 51.17 16.57 14.34
C LEU E 332 51.44 15.31 15.17
N SER E 333 50.36 14.71 15.68
CA SER E 333 50.46 13.47 16.42
C SER E 333 50.46 12.28 15.48
N VAL E 334 51.35 11.32 15.75
CA VAL E 334 51.52 10.13 14.93
C VAL E 334 51.24 8.93 15.82
N GLY E 335 50.17 8.19 15.53
CA GLY E 335 49.78 7.07 16.37
C GLY E 335 48.59 6.29 15.85
N MET E 336 47.76 5.78 16.79
CA MET E 336 46.69 4.85 16.47
C MET E 336 45.34 5.56 16.38
N PRO E 337 44.42 5.01 15.59
CA PRO E 337 43.10 5.67 15.46
C PRO E 337 42.38 5.85 16.79
N GLU E 338 42.36 4.82 17.64
CA GLU E 338 41.66 4.93 18.92
C GLU E 338 42.24 6.02 19.81
N ASP E 339 43.46 6.48 19.50
CA ASP E 339 44.06 7.61 20.20
C ASP E 339 43.83 8.94 19.50
N ASP E 340 43.02 8.95 18.44
CA ASP E 340 42.69 10.18 17.73
C ASP E 340 43.94 10.90 17.23
N ALA E 341 44.89 10.14 16.73
CA ALA E 341 46.13 10.71 16.22
C ALA E 341 45.89 11.40 14.88
N ASP E 342 46.55 12.55 14.69
CA ASP E 342 46.47 13.26 13.42
C ASP E 342 46.84 12.33 12.26
N ILE E 343 47.99 11.66 12.39
CA ILE E 343 48.52 10.77 11.34
C ILE E 343 48.31 9.34 11.81
N THR E 344 47.32 8.66 11.23
CA THR E 344 47.05 7.26 11.53
C THR E 344 47.65 6.38 10.45
N PRO E 345 47.77 5.08 10.71
CA PRO E 345 48.36 4.19 9.70
C PRO E 345 47.59 4.25 8.39
N LEU E 346 48.30 4.01 7.30
CA LEU E 346 47.67 4.02 5.99
C LEU E 346 46.80 2.77 5.82
N ILE E 347 46.07 2.74 4.69
CA ILE E 347 44.98 1.78 4.54
C ILE E 347 45.49 0.38 4.30
N ASP E 348 46.63 0.23 3.62
CA ASP E 348 47.20 -1.10 3.42
C ASP E 348 48.68 -0.94 3.06
N THR E 349 49.37 -2.07 2.90
CA THR E 349 50.82 -2.04 2.70
C THR E 349 51.18 -1.47 1.34
N SER E 350 50.38 -1.77 0.31
CA SER E 350 50.65 -1.20 -1.01
C SER E 350 50.67 0.33 -0.96
N ALA E 351 49.71 0.92 -0.24
CA ALA E 351 49.62 2.37 -0.18
C ALA E 351 50.85 2.96 0.51
N ALA E 352 51.28 2.35 1.62
CA ALA E 352 52.48 2.82 2.29
C ALA E 352 53.72 2.62 1.44
N ASP E 353 53.84 1.47 0.78
CA ASP E 353 54.98 1.24 -0.11
C ASP E 353 55.02 2.28 -1.22
N PHE E 354 53.86 2.62 -1.77
CA PHE E 354 53.81 3.64 -2.82
C PHE E 354 54.31 4.97 -2.30
N VAL E 355 53.86 5.37 -1.11
CA VAL E 355 54.28 6.66 -0.55
C VAL E 355 55.79 6.67 -0.32
N GLU E 356 56.31 5.62 0.31
CA GLU E 356 57.75 5.53 0.52
C GLU E 356 58.50 5.67 -0.80
N GLY E 357 57.99 5.04 -1.86
CA GLY E 357 58.63 5.17 -3.16
C GLY E 357 58.70 6.61 -3.64
N LEU E 358 57.70 7.41 -3.31
CA LEU E 358 57.72 8.83 -3.68
C LEU E 358 58.69 9.59 -2.78
N ILE E 359 58.64 9.35 -1.48
CA ILE E 359 59.54 10.04 -0.55
C ILE E 359 60.99 9.74 -0.93
N LYS E 360 61.28 8.50 -1.33
CA LYS E 360 62.63 8.14 -1.72
C LYS E 360 63.03 8.80 -3.04
N ASP E 361 62.06 9.04 -3.92
CA ASP E 361 62.37 9.68 -5.20
C ASP E 361 62.71 11.15 -5.01
N ALA E 362 62.01 11.83 -4.11
CA ALA E 362 62.30 13.24 -3.86
C ALA E 362 63.65 13.41 -3.17
N THR E 363 63.93 12.57 -2.16
CA THR E 363 65.20 12.67 -1.46
C THR E 363 66.38 12.44 -2.40
N ASP E 364 66.28 11.45 -3.27
CA ASP E 364 67.38 11.12 -4.17
C ASP E 364 67.62 12.19 -5.21
N LYS E 365 66.62 13.03 -5.51
CA LYS E 365 66.73 14.04 -6.55
C LYS E 365 67.09 15.41 -6.02
N GLY E 366 67.26 15.57 -4.72
CA GLY E 366 67.75 16.81 -4.15
C GLY E 366 66.76 17.54 -3.26
N ALA E 367 65.55 17.05 -3.09
CA ALA E 367 64.58 17.71 -2.23
C ALA E 367 65.07 17.73 -0.79
N THR E 368 64.72 18.80 -0.08
CA THR E 368 65.10 18.97 1.31
C THR E 368 63.93 18.53 2.19
N ALA E 369 64.16 17.49 2.99
CA ALA E 369 63.12 16.96 3.89
C ALA E 369 63.17 17.77 5.18
N LEU E 370 62.22 18.70 5.33
CA LEU E 370 62.18 19.52 6.53
C LEU E 370 61.73 18.75 7.76
N THR E 371 61.12 17.57 7.58
CA THR E 371 60.79 16.68 8.68
C THR E 371 61.26 15.28 8.34
N ALA E 372 61.65 14.54 9.38
CA ALA E 372 62.27 13.24 9.18
C ALA E 372 61.24 12.20 8.74
N PHE E 373 61.70 11.29 7.89
CA PHE E 373 60.87 10.18 7.43
C PHE E 373 61.08 8.97 8.34
N ASN E 374 59.98 8.40 8.80
CA ASN E 374 60.02 7.17 9.59
C ASN E 374 58.78 6.35 9.26
N ARG E 375 58.95 5.03 9.25
CA ARG E 375 57.86 4.11 8.96
C ARG E 375 57.87 2.98 9.98
N GLU E 376 56.79 2.86 10.74
CA GLU E 376 56.59 1.77 11.69
C GLU E 376 55.40 0.96 11.16
N GLY E 377 55.70 -0.08 10.40
CA GLY E 377 54.65 -0.85 9.73
C GLY E 377 54.07 -0.09 8.56
N ASN E 378 52.79 0.28 8.65
CA ASN E 378 52.16 1.15 7.66
C ASN E 378 51.96 2.57 8.17
N LEU E 379 52.43 2.88 9.37
CA LEU E 379 52.35 4.23 9.93
C LEU E 379 53.54 5.03 9.45
N ILE E 380 53.31 5.97 8.54
CA ILE E 380 54.36 6.83 7.99
C ILE E 380 54.26 8.19 8.64
N SER E 381 55.38 8.71 9.11
CA SER E 381 55.41 10.04 9.72
C SER E 381 55.24 11.11 8.66
N PRO E 382 54.70 12.27 9.03
CA PRO E 382 54.50 13.35 8.05
C PRO E 382 55.83 13.92 7.56
N VAL E 383 56.06 13.83 6.26
CA VAL E 383 57.31 14.26 5.63
C VAL E 383 57.04 15.53 4.84
N LEU E 384 57.72 16.61 5.21
CA LEU E 384 57.63 17.89 4.51
C LEU E 384 58.86 18.08 3.65
N PHE E 385 58.66 18.24 2.35
CA PHE E 385 59.74 18.46 1.40
C PHE E 385 59.74 19.89 0.91
N ASP E 386 60.93 20.48 0.82
CA ASP E 386 61.11 21.81 0.26
C ASP E 386 62.07 21.72 -0.92
N HIS E 387 62.09 22.78 -1.73
CA HIS E 387 62.93 22.81 -2.91
C HIS E 387 62.63 21.63 -3.83
N VAL E 388 61.33 21.34 -4.00
CA VAL E 388 60.89 20.28 -4.89
C VAL E 388 60.78 20.84 -6.30
N THR E 389 61.22 20.05 -7.27
CA THR E 389 61.23 20.45 -8.67
C THR E 389 60.23 19.61 -9.46
N THR E 390 59.90 20.09 -10.67
CA THR E 390 58.98 19.39 -11.55
C THR E 390 59.57 18.11 -12.11
N ASP E 391 60.85 17.81 -11.83
CA ASP E 391 61.47 16.57 -12.28
C ASP E 391 61.16 15.41 -11.35
N MET E 392 60.77 15.68 -10.13
CA MET E 392 60.49 14.65 -9.14
C MET E 392 59.06 14.15 -9.29
N ARG E 393 58.83 12.91 -8.86
CA ARG E 393 57.50 12.33 -8.97
C ARG E 393 56.52 12.97 -7.99
N LEU E 394 57.03 13.49 -6.86
CA LEU E 394 56.18 14.02 -5.81
C LEU E 394 55.46 15.30 -6.23
N ALA E 395 55.97 16.00 -7.26
CA ALA E 395 55.35 17.22 -7.72
C ALA E 395 54.12 16.97 -8.58
N TRP E 396 53.81 15.72 -8.90
CA TRP E 396 52.70 15.43 -9.80
C TRP E 396 51.83 14.29 -9.29
N GLU E 397 52.44 13.17 -8.91
CA GLU E 397 51.67 11.97 -8.61
C GLU E 397 50.97 12.12 -7.26
N GLU E 398 49.70 11.72 -7.22
CA GLU E 398 48.91 11.80 -5.99
C GLU E 398 49.39 10.75 -5.00
N PRO E 399 49.97 11.12 -3.86
CA PRO E 399 50.50 10.11 -2.95
C PRO E 399 49.42 9.36 -2.20
N PHE E 400 48.46 10.09 -1.64
CA PHE E 400 47.50 9.52 -0.69
C PHE E 400 48.23 9.04 0.57
N GLY E 401 49.19 9.85 1.01
CA GLY E 401 49.92 9.62 2.23
C GLY E 401 50.43 10.94 2.78
N PRO E 402 50.92 10.92 4.02
CA PRO E 402 51.36 12.17 4.66
C PRO E 402 52.71 12.66 4.15
N VAL E 403 52.71 13.20 2.93
CA VAL E 403 53.90 13.80 2.33
C VAL E 403 53.45 14.97 1.46
N LEU E 404 54.13 16.10 1.61
CA LEU E 404 53.73 17.33 0.94
C LEU E 404 54.92 18.04 0.31
N PRO E 405 54.91 18.29 -0.99
CA PRO E 405 56.01 19.05 -1.61
C PRO E 405 55.75 20.55 -1.61
N ILE E 406 56.81 21.31 -1.35
CA ILE E 406 56.82 22.76 -1.47
C ILE E 406 57.61 23.10 -2.73
N ILE E 407 56.94 23.72 -3.69
CA ILE E 407 57.55 24.07 -4.98
C ILE E 407 57.63 25.60 -5.05
N ARG E 408 58.81 26.11 -5.38
CA ARG E 408 59.07 27.53 -5.41
C ARG E 408 58.97 28.04 -6.84
N VAL E 409 58.16 29.08 -7.03
CA VAL E 409 57.96 29.70 -8.33
C VAL E 409 58.34 31.17 -8.22
N THR E 410 58.69 31.76 -9.36
CA THR E 410 59.16 33.15 -9.39
C THR E 410 58.12 34.13 -9.91
N THR E 411 57.14 33.66 -10.68
CA THR E 411 56.06 34.51 -11.17
C THR E 411 54.73 33.78 -10.98
N VAL E 412 53.66 34.56 -10.82
CA VAL E 412 52.35 33.94 -10.62
C VAL E 412 51.93 33.20 -11.89
N GLU E 413 52.36 33.67 -13.05
CA GLU E 413 52.08 32.94 -14.29
C GLU E 413 52.75 31.56 -14.27
N GLU E 414 53.96 31.49 -13.71
CA GLU E 414 54.62 30.19 -13.56
C GLU E 414 53.82 29.29 -12.62
N ALA E 415 53.33 29.84 -11.51
CA ALA E 415 52.50 29.05 -10.60
C ALA E 415 51.24 28.56 -11.29
N ILE E 416 50.63 29.40 -12.12
CA ILE E 416 49.43 28.99 -12.85
C ILE E 416 49.78 27.86 -13.82
N LYS E 417 50.86 28.05 -14.60
CA LYS E 417 51.24 27.05 -15.59
C LYS E 417 51.52 25.70 -14.93
N ILE E 418 52.23 25.69 -13.82
CA ILE E 418 52.54 24.43 -13.15
C ILE E 418 51.27 23.79 -12.60
N SER E 419 50.35 24.61 -12.08
CA SER E 419 49.12 24.05 -11.52
C SER E 419 48.31 23.33 -12.59
N ASN E 420 48.12 23.97 -13.75
CA ASN E 420 47.34 23.36 -14.83
C ASN E 420 48.11 22.28 -15.57
N GLU E 421 49.44 22.26 -15.46
CA GLU E 421 50.21 21.18 -16.07
C GLU E 421 49.84 19.82 -15.48
N SER E 422 49.30 19.79 -14.26
CA SER E 422 48.88 18.53 -13.66
C SER E 422 47.70 17.94 -14.42
N GLU E 423 47.61 16.62 -14.42
CA GLU E 423 46.46 15.94 -15.02
C GLU E 423 45.24 15.98 -14.10
N TYR E 424 45.40 16.42 -12.86
CA TYR E 424 44.30 16.54 -11.92
C TYR E 424 43.82 17.98 -11.86
N GLY E 425 42.57 18.15 -11.45
CA GLY E 425 42.00 19.48 -11.36
C GLY E 425 40.78 19.51 -10.47
N LEU E 426 40.94 19.08 -9.22
CA LEU E 426 39.81 19.05 -8.29
C LEU E 426 39.60 20.42 -7.69
N GLN E 427 40.52 20.87 -6.84
CA GLN E 427 40.40 22.17 -6.19
C GLN E 427 41.76 22.85 -6.15
N ALA E 428 41.74 24.11 -5.72
CA ALA E 428 42.98 24.87 -5.55
C ALA E 428 42.73 25.92 -4.48
N SER E 429 43.81 26.38 -3.87
CA SER E 429 43.78 27.41 -2.85
C SER E 429 44.65 28.57 -3.30
N ILE E 430 44.15 29.79 -3.12
CA ILE E 430 44.90 31.00 -3.41
C ILE E 430 45.02 31.79 -2.12
N PHE E 431 46.25 32.04 -1.69
CA PHE E 431 46.53 32.83 -0.49
C PHE E 431 47.13 34.15 -0.95
N THR E 432 46.39 35.23 -0.70
CA THR E 432 46.81 36.57 -1.10
C THR E 432 45.86 37.56 -0.44
N THR E 433 46.25 38.82 -0.43
CA THR E 433 45.39 39.90 0.05
C THR E 433 44.72 40.66 -1.08
N ASN E 434 44.97 40.29 -2.33
CA ASN E 434 44.40 40.95 -3.50
C ASN E 434 43.34 40.02 -4.08
N PHE E 435 42.08 40.26 -3.73
CA PHE E 435 41.00 39.37 -4.11
C PHE E 435 40.61 39.53 -5.57
N PRO E 436 40.56 40.76 -6.11
CA PRO E 436 40.34 40.89 -7.57
C PRO E 436 41.35 40.12 -8.38
N LYS E 437 42.61 40.08 -7.93
CA LYS E 437 43.63 39.29 -8.61
C LYS E 437 43.38 37.79 -8.41
N ALA E 438 43.01 37.39 -7.20
CA ALA E 438 42.72 35.99 -6.94
C ALA E 438 41.60 35.48 -7.83
N PHE E 439 40.59 36.32 -8.08
CA PHE E 439 39.49 35.91 -8.94
C PHE E 439 39.96 35.75 -10.38
N GLY E 440 40.86 36.63 -10.83
CA GLY E 440 41.42 36.48 -12.16
C GLY E 440 42.24 35.22 -12.29
N ILE E 441 43.08 34.94 -11.30
CA ILE E 441 43.83 33.69 -11.28
C ILE E 441 42.87 32.49 -11.23
N ALA E 442 41.81 32.60 -10.43
CA ALA E 442 40.85 31.50 -10.30
C ALA E 442 40.18 31.17 -11.62
N GLU E 443 39.97 32.17 -12.47
CA GLU E 443 39.37 31.90 -13.77
C GLU E 443 40.30 31.07 -14.66
N GLN E 444 41.62 31.20 -14.45
CA GLN E 444 42.61 30.52 -15.27
C GLN E 444 43.02 29.17 -14.72
N LEU E 445 42.57 28.81 -13.52
CA LEU E 445 42.90 27.51 -12.94
C LEU E 445 41.92 26.46 -13.43
N GLU E 446 42.45 25.32 -13.87
CA GLU E 446 41.64 24.24 -14.42
C GLU E 446 41.17 23.30 -13.30
N VAL E 447 40.39 23.87 -12.39
CA VAL E 447 39.87 23.15 -11.22
C VAL E 447 38.37 23.39 -11.14
N GLY E 448 37.73 22.65 -10.25
CA GLY E 448 36.30 22.79 -10.04
C GLY E 448 35.97 23.87 -9.04
N THR E 449 36.76 23.97 -7.98
CA THR E 449 36.55 24.97 -6.94
C THR E 449 37.88 25.60 -6.55
N VAL E 450 37.85 26.91 -6.29
CA VAL E 450 39.02 27.64 -5.82
C VAL E 450 38.66 28.31 -4.49
N HIS E 451 39.42 27.99 -3.45
CA HIS E 451 39.24 28.56 -2.12
C HIS E 451 40.25 29.68 -1.88
N LEU E 452 39.76 30.84 -1.49
CA LEU E 452 40.60 32.00 -1.22
C LEU E 452 40.93 32.06 0.26
N ASN E 453 42.22 32.13 0.58
CA ASN E 453 42.69 32.19 1.96
C ASN E 453 42.04 31.09 2.80
N ASN E 454 42.07 29.87 2.27
CA ASN E 454 41.47 28.73 2.97
C ASN E 454 41.91 27.45 2.29
N LYS E 455 42.05 26.39 3.09
CA LYS E 455 42.35 25.08 2.54
C LYS E 455 41.27 24.67 1.55
N THR E 456 41.62 23.76 0.65
CA THR E 456 40.59 23.15 -0.19
C THR E 456 39.72 22.24 0.66
N GLN E 457 38.46 22.14 0.27
CA GLN E 457 37.52 21.32 1.03
C GLN E 457 36.27 21.08 0.21
N ARG E 458 35.62 19.95 0.47
CA ARG E 458 34.36 19.63 -0.21
C ARG E 458 33.23 20.51 0.30
N GLY E 459 33.27 20.92 1.57
CA GLY E 459 32.14 21.56 2.19
C GLY E 459 31.99 23.02 1.82
N THR E 460 30.87 23.59 2.23
CA THR E 460 29.75 22.89 2.85
C THR E 460 29.05 22.05 1.79
N ASP E 461 28.38 20.99 2.21
CA ASP E 461 27.90 19.97 1.27
C ASP E 461 26.81 20.46 0.33
N ASN E 462 26.28 21.67 0.52
CA ASN E 462 25.33 22.23 -0.44
C ASN E 462 26.03 22.88 -1.63
N PHE E 463 27.32 23.22 -1.47
CA PHE E 463 28.08 23.82 -2.55
C PHE E 463 28.39 22.76 -3.61
N PRO E 464 28.61 23.17 -4.87
CA PRO E 464 29.04 22.22 -5.89
C PRO E 464 30.39 21.62 -5.54
N PHE E 465 30.58 20.38 -5.96
CA PHE E 465 31.86 19.68 -5.83
C PHE E 465 32.12 18.94 -7.14
N LEU E 466 33.17 19.35 -7.85
CA LEU E 466 33.48 18.76 -9.15
C LEU E 466 34.98 18.91 -9.42
N GLY E 467 35.49 18.04 -10.29
CA GLY E 467 36.89 18.09 -10.67
C GLY E 467 37.04 18.14 -12.18
N ALA E 468 38.09 18.81 -12.61
CA ALA E 468 38.37 18.96 -14.02
C ALA E 468 39.33 17.86 -14.50
N LYS E 469 39.48 17.77 -15.82
CA LYS E 469 40.37 16.79 -16.44
C LYS E 469 40.16 15.40 -15.85
N LYS E 470 41.19 14.85 -15.19
CA LYS E 470 41.15 13.48 -14.72
C LYS E 470 40.64 13.34 -13.30
N SER E 471 40.19 14.43 -12.67
CA SER E 471 39.69 14.35 -11.31
C SER E 471 38.25 13.87 -11.24
N GLY E 472 37.57 13.69 -12.37
CA GLY E 472 36.28 13.03 -12.40
C GLY E 472 35.37 13.63 -13.45
N ALA E 473 34.07 13.40 -13.25
CA ALA E 473 33.04 13.81 -14.18
C ALA E 473 31.74 14.03 -13.40
N GLY E 474 31.01 15.07 -13.76
CA GLY E 474 29.77 15.40 -13.10
C GLY E 474 29.97 16.32 -11.90
N VAL E 475 28.86 16.92 -11.45
CA VAL E 475 28.87 17.89 -10.37
C VAL E 475 28.15 17.28 -9.17
N GLN E 476 28.81 17.32 -8.02
CA GLN E 476 28.27 16.80 -6.78
C GLN E 476 27.87 17.99 -5.89
N GLY E 477 27.67 17.71 -4.61
CA GLY E 477 26.88 18.64 -3.81
C GLY E 477 25.41 18.29 -3.89
N VAL E 478 24.71 18.54 -2.79
CA VAL E 478 23.40 17.91 -2.58
C VAL E 478 22.48 18.17 -3.77
N LYS E 479 22.20 19.45 -4.06
CA LYS E 479 21.23 19.72 -5.11
C LYS E 479 21.77 19.30 -6.48
N TYR E 480 23.09 19.38 -6.67
CA TYR E 480 23.68 19.00 -7.96
C TYR E 480 23.66 17.49 -8.16
N SER E 481 23.73 16.72 -7.07
CA SER E 481 23.61 15.28 -7.19
C SER E 481 22.19 14.88 -7.57
N ILE E 482 21.21 15.60 -7.02
CA ILE E 482 19.81 15.32 -7.33
C ILE E 482 19.53 15.60 -8.80
N GLU E 483 20.02 16.74 -9.30
CA GLU E 483 19.82 17.06 -10.71
C GLU E 483 20.54 16.06 -11.61
N ALA E 484 21.69 15.54 -11.17
CA ALA E 484 22.44 14.61 -12.00
C ALA E 484 21.73 13.26 -12.11
N MET E 485 21.09 12.81 -11.04
CA MET E 485 20.44 11.51 -10.99
C MET E 485 18.94 11.61 -11.24
N THR E 486 18.53 12.63 -12.00
CA THR E 486 17.20 12.72 -12.55
C THR E 486 17.30 13.13 -14.01
N THR E 487 16.24 12.84 -14.74
CA THR E 487 16.03 13.30 -16.10
C THR E 487 14.72 14.11 -16.14
N VAL E 488 14.28 14.46 -17.34
CA VAL E 488 13.05 15.21 -17.49
C VAL E 488 12.10 14.43 -18.40
N LYS E 489 10.81 14.67 -18.19
CA LYS E 489 9.74 14.18 -19.05
C LYS E 489 8.97 15.41 -19.48
N SER E 490 8.97 15.67 -20.79
CA SER E 490 8.21 16.79 -21.33
C SER E 490 6.88 16.29 -21.86
N VAL E 491 5.81 16.98 -21.52
CA VAL E 491 4.48 16.71 -22.07
C VAL E 491 4.01 17.98 -22.76
N VAL E 492 3.72 17.87 -24.05
CA VAL E 492 3.38 19.02 -24.90
C VAL E 492 1.95 18.87 -25.41
N PHE E 493 1.20 19.97 -25.39
CA PHE E 493 -0.16 19.97 -25.94
C PHE E 493 -0.51 21.40 -26.35
N ASP E 494 -1.56 21.51 -27.15
CA ASP E 494 -2.04 22.79 -27.64
C ASP E 494 -3.20 23.27 -26.77
N ILE E 495 -3.11 24.51 -26.32
CA ILE E 495 -4.23 25.14 -25.64
C ILE E 495 -5.28 25.52 -26.66
N GLN E 496 -6.56 25.25 -26.34
CA GLN E 496 -7.66 25.50 -27.27
C GLN E 496 -8.64 26.53 -26.71
N ALA F 23 29.35 22.88 -59.94
CA ALA F 23 30.11 21.98 -59.08
C ALA F 23 31.50 22.56 -58.78
N LYS F 24 31.69 22.96 -57.53
CA LYS F 24 32.93 23.57 -57.09
C LYS F 24 33.79 22.56 -56.34
N GLN F 25 35.02 22.97 -56.04
CA GLN F 25 35.96 22.18 -55.23
C GLN F 25 36.00 22.82 -53.86
N TYR F 26 35.22 22.28 -52.93
CA TYR F 26 35.03 22.92 -51.64
C TYR F 26 36.21 22.67 -50.72
N LYS F 27 36.37 23.58 -49.76
CA LYS F 27 37.51 23.57 -48.84
C LYS F 27 37.01 23.68 -47.40
N ASN F 28 37.84 23.21 -46.48
CA ASN F 28 37.54 23.28 -45.06
C ASN F 28 37.99 24.62 -44.48
N LEU F 29 37.30 25.05 -43.44
CA LEU F 29 37.69 26.22 -42.66
C LEU F 29 38.64 25.75 -41.57
N VAL F 30 39.90 26.19 -41.65
CA VAL F 30 40.94 25.73 -40.72
C VAL F 30 41.73 26.96 -40.28
N ASN F 31 41.50 27.40 -39.05
CA ASN F 31 42.23 28.52 -38.48
C ASN F 31 42.06 29.79 -39.32
N GLY F 32 40.83 30.01 -39.79
CA GLY F 32 40.52 31.19 -40.58
C GLY F 32 40.88 31.09 -42.05
N GLU F 33 41.42 29.95 -42.48
CA GLU F 33 41.85 29.75 -43.85
C GLU F 33 40.98 28.69 -44.50
N TRP F 34 40.82 28.81 -45.82
CA TRP F 34 40.14 27.80 -46.63
C TRP F 34 41.21 26.89 -47.22
N LYS F 35 41.23 25.64 -46.78
CA LYS F 35 42.30 24.71 -47.10
C LYS F 35 41.76 23.49 -47.85
N LEU F 36 42.54 23.01 -48.81
CA LEU F 36 42.29 21.75 -49.49
C LEU F 36 43.15 20.65 -48.88
N SER F 37 42.86 19.41 -49.29
CA SER F 37 43.65 18.26 -48.90
C SER F 37 44.17 17.55 -50.15
N GLU F 38 45.08 16.59 -49.93
CA GLU F 38 45.63 15.84 -51.05
CA GLU F 38 45.63 15.84 -51.05
C GLU F 38 44.52 15.10 -51.81
N ASN F 39 43.81 14.22 -51.12
CA ASN F 39 42.68 13.52 -51.70
C ASN F 39 41.40 14.31 -51.49
N GLU F 40 40.39 14.00 -52.30
CA GLU F 40 39.08 14.63 -52.17
C GLU F 40 38.00 13.61 -52.45
N ILE F 41 36.78 13.93 -52.04
CA ILE F 41 35.63 13.07 -52.20
C ILE F 41 34.64 13.79 -53.09
N THR F 42 34.27 13.17 -54.20
CA THR F 42 33.24 13.72 -55.08
C THR F 42 31.87 13.32 -54.53
N ILE F 43 30.93 14.27 -54.55
CA ILE F 43 29.61 14.10 -53.96
C ILE F 43 28.57 14.24 -55.06
N TYR F 44 27.61 13.32 -55.08
CA TYR F 44 26.56 13.28 -56.08
C TYR F 44 25.18 13.35 -55.43
N ALA F 45 24.24 13.93 -56.15
CA ALA F 45 22.86 14.00 -55.68
C ALA F 45 22.25 12.60 -55.67
N PRO F 46 21.75 12.10 -54.53
CA PRO F 46 21.19 10.74 -54.52
C PRO F 46 19.98 10.57 -55.42
N ALA F 47 19.20 11.62 -55.65
CA ALA F 47 17.99 11.51 -56.44
C ALA F 47 18.28 11.45 -57.93
N THR F 48 19.34 12.12 -58.38
CA THR F 48 19.62 12.25 -59.80
C THR F 48 21.02 11.81 -60.22
N GLY F 49 21.93 11.60 -59.28
CA GLY F 49 23.30 11.29 -59.63
C GLY F 49 24.11 12.46 -60.13
N GLU F 50 23.52 13.65 -60.18
CA GLU F 50 24.26 14.84 -60.60
C GLU F 50 25.44 15.07 -59.69
N GLU F 51 26.60 15.38 -60.29
CA GLU F 51 27.80 15.69 -59.54
C GLU F 51 27.69 17.10 -58.96
N LEU F 52 27.78 17.21 -57.64
CA LEU F 52 27.63 18.50 -56.97
C LEU F 52 28.94 19.17 -56.66
N GLY F 53 30.04 18.44 -56.60
CA GLY F 53 31.33 18.97 -56.26
C GLY F 53 32.11 17.97 -55.45
N SER F 54 33.17 18.46 -54.80
CA SER F 54 34.03 17.62 -54.01
C SER F 54 34.34 18.31 -52.68
N VAL F 55 34.74 17.51 -51.70
CA VAL F 55 35.14 18.00 -50.39
C VAL F 55 36.48 17.37 -50.03
N PRO F 56 37.30 18.00 -49.20
CA PRO F 56 38.58 17.40 -48.83
C PRO F 56 38.40 16.13 -48.00
N ALA F 57 39.31 15.17 -48.22
CA ALA F 57 39.43 13.97 -47.38
C ALA F 57 40.66 14.17 -46.51
N MET F 58 40.45 14.75 -45.33
CA MET F 58 41.58 15.13 -44.48
C MET F 58 42.35 13.91 -44.02
N THR F 59 43.63 14.13 -43.72
CA THR F 59 44.46 13.15 -43.05
C THR F 59 44.42 13.40 -41.54
N GLN F 60 44.88 12.40 -40.78
CA GLN F 60 44.92 12.55 -39.34
C GLN F 60 45.77 13.75 -38.93
N ALA F 61 46.81 14.07 -39.71
CA ALA F 61 47.64 15.22 -39.39
C ALA F 61 46.89 16.52 -39.61
N GLU F 62 46.08 16.59 -40.67
CA GLU F 62 45.27 17.80 -40.88
C GLU F 62 44.23 17.96 -39.77
N VAL F 63 43.72 16.85 -39.23
CA VAL F 63 42.85 16.94 -38.06
C VAL F 63 43.61 17.55 -36.89
N ASP F 64 44.87 17.16 -36.71
CA ASP F 64 45.67 17.75 -35.64
C ASP F 64 45.81 19.26 -35.82
N ALA F 65 45.93 19.71 -37.07
CA ALA F 65 46.07 21.14 -37.33
C ALA F 65 44.80 21.91 -36.94
N VAL F 66 43.63 21.34 -37.22
CA VAL F 66 42.37 21.96 -36.82
C VAL F 66 42.30 22.04 -35.30
N TYR F 67 42.56 20.92 -34.62
CA TYR F 67 42.45 20.87 -33.17
C TYR F 67 43.50 21.74 -32.48
N ALA F 68 44.68 21.88 -33.08
CA ALA F 68 45.68 22.78 -32.51
C ALA F 68 45.27 24.24 -32.69
N SER F 69 44.68 24.57 -33.84
CA SER F 69 44.20 25.93 -34.05
C SER F 69 43.04 26.28 -33.13
N ALA F 70 42.21 25.28 -32.79
CA ALA F 70 41.06 25.54 -31.93
C ALA F 70 41.48 25.82 -30.50
N LYS F 71 42.34 24.95 -29.95
CA LYS F 71 42.78 25.15 -28.57
C LYS F 71 43.60 26.43 -28.44
N LYS F 72 44.37 26.79 -29.46
CA LYS F 72 45.15 28.02 -29.40
C LYS F 72 44.25 29.25 -29.47
N ALA F 73 43.08 29.13 -30.09
CA ALA F 73 42.13 30.23 -30.16
C ALA F 73 41.16 30.27 -28.97
N LEU F 74 41.16 29.23 -28.13
CA LEU F 74 40.17 29.16 -27.04
C LEU F 74 40.34 30.29 -26.05
N SER F 75 41.59 30.60 -25.67
CA SER F 75 41.82 31.59 -24.62
C SER F 75 41.23 32.94 -24.99
N ASP F 76 41.57 33.47 -26.16
CA ASP F 76 41.05 34.76 -26.58
C ASP F 76 39.54 34.72 -26.81
N TRP F 77 38.99 33.55 -27.13
CA TRP F 77 37.55 33.45 -27.38
C TRP F 77 36.76 33.46 -26.08
N ARG F 78 37.20 32.69 -25.09
CA ARG F 78 36.46 32.61 -23.83
C ARG F 78 36.57 33.88 -23.01
N THR F 79 37.59 34.71 -23.24
CA THR F 79 37.72 35.96 -22.50
C THR F 79 36.94 37.11 -23.14
N LEU F 80 36.42 36.92 -24.35
CA LEU F 80 35.52 37.91 -24.89
C LEU F 80 34.26 37.98 -24.03
N SER F 81 33.54 39.10 -24.19
CA SER F 81 32.26 39.25 -23.50
C SER F 81 31.19 38.41 -24.19
N TYR F 82 30.13 38.12 -23.42
CA TYR F 82 29.00 37.39 -23.99
C TYR F 82 28.36 38.14 -25.14
N VAL F 83 28.20 39.47 -25.01
CA VAL F 83 27.58 40.22 -26.10
C VAL F 83 28.44 40.17 -27.35
N GLU F 84 29.77 40.22 -27.19
CA GLU F 84 30.66 40.16 -28.35
C GLU F 84 30.51 38.84 -29.08
N ARG F 85 30.47 37.72 -28.33
CA ARG F 85 30.28 36.43 -28.97
C ARG F 85 28.91 36.34 -29.62
N ALA F 86 27.88 36.89 -28.97
CA ALA F 86 26.55 36.85 -29.55
C ALA F 86 26.48 37.63 -30.86
N ALA F 87 27.22 38.75 -30.93
CA ALA F 87 27.22 39.55 -32.15
C ALA F 87 27.68 38.75 -33.36
N TYR F 88 28.67 37.87 -33.18
CA TYR F 88 29.10 37.02 -34.28
C TYR F 88 28.01 36.06 -34.70
N LEU F 89 27.33 35.43 -33.73
CA LEU F 89 26.28 34.48 -34.07
C LEU F 89 25.12 35.18 -34.79
N HIS F 90 24.75 36.38 -34.33
CA HIS F 90 23.69 37.11 -35.00
C HIS F 90 24.08 37.42 -36.45
N LYS F 91 25.31 37.90 -36.65
CA LYS F 91 25.77 38.21 -38.00
C LYS F 91 25.76 36.95 -38.88
N ALA F 92 26.20 35.82 -38.34
CA ALA F 92 26.18 34.58 -39.12
C ALA F 92 24.77 34.15 -39.47
N ALA F 93 23.82 34.35 -38.55
CA ALA F 93 22.43 34.01 -38.84
C ALA F 93 21.85 34.94 -39.89
N ASP F 94 22.20 36.23 -39.85
CA ASP F 94 21.77 37.14 -40.90
C ASP F 94 22.25 36.67 -42.27
N ILE F 95 23.54 36.33 -42.37
CA ILE F 95 24.09 35.86 -43.63
C ILE F 95 23.32 34.64 -44.11
N LEU F 96 23.13 33.66 -43.23
CA LEU F 96 22.40 32.46 -43.60
C LEU F 96 21.03 32.78 -44.19
N VAL F 97 20.32 33.74 -43.59
CA VAL F 97 19.03 34.15 -44.13
C VAL F 97 19.20 34.75 -45.52
N ARG F 98 20.23 35.57 -45.70
CA ARG F 98 20.49 36.15 -47.02
C ARG F 98 20.68 35.06 -48.07
N ASP F 99 21.44 34.01 -47.75
CA ASP F 99 21.79 32.97 -48.70
C ASP F 99 20.92 31.72 -48.56
N ALA F 100 19.79 31.82 -47.86
CA ALA F 100 18.98 30.62 -47.60
C ALA F 100 18.58 29.91 -48.89
N GLU F 101 18.24 30.67 -49.93
CA GLU F 101 17.89 30.06 -51.21
C GLU F 101 19.09 29.36 -51.84
N LYS F 102 20.22 30.06 -51.95
CA LYS F 102 21.41 29.47 -52.54
C LYS F 102 21.83 28.21 -51.79
N ILE F 103 21.86 28.27 -50.47
CA ILE F 103 22.28 27.11 -49.69
C ILE F 103 21.23 26.01 -49.78
N GLY F 104 19.95 26.38 -49.64
CA GLY F 104 18.90 25.38 -49.68
C GLY F 104 18.88 24.60 -50.99
N ALA F 105 19.14 25.29 -52.11
CA ALA F 105 19.12 24.61 -53.39
C ALA F 105 20.17 23.51 -53.46
N ILE F 106 21.32 23.71 -52.82
CA ILE F 106 22.38 22.71 -52.85
C ILE F 106 22.12 21.61 -51.81
N LEU F 107 21.66 21.99 -50.63
CA LEU F 107 21.30 20.98 -49.63
C LEU F 107 20.21 20.05 -50.17
N SER F 108 19.26 20.60 -50.92
CA SER F 108 18.19 19.77 -51.48
C SER F 108 18.73 18.64 -52.34
N LYS F 109 19.73 18.94 -53.18
CA LYS F 109 20.30 17.92 -54.05
C LYS F 109 21.18 16.96 -53.28
N GLU F 110 21.96 17.48 -52.33
CA GLU F 110 22.96 16.66 -51.66
C GLU F 110 22.33 15.53 -50.84
N VAL F 111 21.18 15.78 -50.23
CA VAL F 111 20.54 14.79 -49.37
C VAL F 111 19.13 14.45 -49.84
N ALA F 112 18.77 14.86 -51.06
CA ALA F 112 17.49 14.48 -51.66
C ALA F 112 16.33 14.90 -50.76
N LYS F 113 16.41 16.12 -50.25
CA LYS F 113 15.35 16.73 -49.47
C LYS F 113 14.58 17.72 -50.34
N GLY F 114 13.26 17.74 -50.19
CA GLY F 114 12.44 18.66 -50.94
C GLY F 114 13.00 20.07 -50.94
N HIS F 115 12.94 20.74 -52.09
CA HIS F 115 13.59 22.04 -52.24
C HIS F 115 13.09 23.03 -51.19
N LYS F 116 11.77 23.19 -51.08
CA LYS F 116 11.23 24.12 -50.10
C LYS F 116 11.62 23.71 -48.68
N ALA F 117 11.57 22.40 -48.39
CA ALA F 117 11.95 21.92 -47.07
C ALA F 117 13.44 22.16 -46.79
N ALA F 118 14.26 22.19 -47.84
CA ALA F 118 15.68 22.46 -47.66
C ALA F 118 15.94 23.92 -47.31
N VAL F 119 15.25 24.84 -48.01
CA VAL F 119 15.38 26.26 -47.68
C VAL F 119 14.91 26.50 -46.25
N SER F 120 13.77 25.90 -45.87
CA SER F 120 13.25 26.06 -44.52
C SER F 120 14.24 25.56 -43.47
N GLU F 121 14.99 24.50 -43.79
CA GLU F 121 16.00 24.03 -42.84
C GLU F 121 17.03 25.12 -42.57
N VAL F 122 17.45 25.84 -43.61
CA VAL F 122 18.42 26.92 -43.44
C VAL F 122 17.81 28.06 -42.64
N ILE F 123 16.57 28.46 -42.97
CA ILE F 123 15.91 29.51 -42.21
C ILE F 123 15.79 29.11 -40.74
N ARG F 124 15.38 27.86 -40.48
CA ARG F 124 15.26 27.40 -39.11
C ARG F 124 16.62 27.45 -38.40
N THR F 125 17.69 27.07 -39.11
CA THR F 125 19.02 27.13 -38.52
C THR F 125 19.37 28.54 -38.06
N ALA F 126 19.05 29.54 -38.90
CA ALA F 126 19.28 30.92 -38.49
C ALA F 126 18.50 31.25 -37.22
N GLU F 127 17.25 30.80 -37.14
CA GLU F 127 16.44 31.04 -35.95
C GLU F 127 17.10 30.45 -34.71
N ILE F 128 17.64 29.24 -34.82
CA ILE F 128 18.23 28.59 -33.67
C ILE F 128 19.52 29.29 -33.25
N ILE F 129 20.31 29.73 -34.23
CA ILE F 129 21.55 30.45 -33.93
C ILE F 129 21.25 31.75 -33.19
N ASN F 130 20.27 32.53 -33.70
CA ASN F 130 19.91 33.77 -33.03
C ASN F 130 19.37 33.51 -31.64
N TYR F 131 18.54 32.47 -31.49
CA TYR F 131 17.95 32.17 -30.19
C TYR F 131 19.00 31.67 -29.21
N ALA F 132 19.98 30.90 -29.71
CA ALA F 132 21.05 30.45 -28.83
C ALA F 132 21.93 31.61 -28.37
N ALA F 133 22.16 32.58 -29.27
CA ALA F 133 23.00 33.72 -28.92
C ALA F 133 22.37 34.56 -27.81
N GLU F 134 21.06 34.82 -27.91
CA GLU F 134 20.38 35.59 -26.87
C GLU F 134 20.12 34.77 -25.61
N GLU F 135 19.93 33.46 -25.74
CA GLU F 135 19.78 32.62 -24.55
C GLU F 135 21.08 32.57 -23.77
N GLY F 136 22.20 32.37 -24.46
CA GLY F 136 23.47 32.15 -23.79
C GLY F 136 24.06 33.39 -23.16
N LEU F 137 23.77 34.56 -23.72
CA LEU F 137 24.36 35.78 -23.17
C LEU F 137 23.72 36.19 -21.85
N ARG F 138 22.58 35.59 -21.50
CA ARG F 138 21.94 35.82 -20.21
C ARG F 138 22.34 34.77 -19.18
N MET F 139 23.31 33.93 -19.50
CA MET F 139 23.81 32.94 -18.55
C MET F 139 24.09 33.61 -17.20
N GLU F 140 23.68 32.94 -16.13
CA GLU F 140 23.84 33.47 -14.79
C GLU F 140 24.48 32.42 -13.89
N GLY F 141 25.17 32.93 -12.86
CA GLY F 141 25.69 32.10 -11.80
C GLY F 141 24.82 32.14 -10.57
N GLU F 142 25.30 31.49 -9.51
CA GLU F 142 24.56 31.41 -8.27
C GLU F 142 25.50 31.66 -7.10
N VAL F 143 24.94 32.24 -6.04
CA VAL F 143 25.63 32.45 -4.77
C VAL F 143 24.97 31.53 -3.76
N LEU F 144 25.77 30.65 -3.16
CA LEU F 144 25.28 29.70 -2.18
C LEU F 144 25.80 30.07 -0.80
N GLU F 145 24.93 29.92 0.19
CA GLU F 145 25.21 30.36 1.56
C GLU F 145 25.69 29.16 2.37
N GLY F 146 26.89 29.26 2.95
CA GLY F 146 27.34 28.23 3.86
C GLY F 146 26.38 28.02 5.02
N GLY F 147 25.76 29.10 5.49
CA GLY F 147 24.82 29.03 6.60
C GLY F 147 23.52 28.32 6.27
N SER F 148 23.29 27.98 5.01
CA SER F 148 22.18 27.09 4.68
C SER F 148 22.40 25.68 5.18
N PHE F 149 23.65 25.30 5.47
CA PHE F 149 23.98 23.94 5.85
C PHE F 149 24.49 23.82 7.27
N GLU F 150 25.30 24.78 7.75
CA GLU F 150 25.79 24.71 9.11
C GLU F 150 26.07 26.11 9.62
N ALA F 151 25.68 26.36 10.87
CA ALA F 151 25.80 27.69 11.44
C ALA F 151 27.25 28.17 11.41
N ALA F 152 28.20 27.26 11.61
CA ALA F 152 29.60 27.64 11.71
C ALA F 152 30.13 28.22 10.41
N SER F 153 29.48 27.94 9.28
CA SER F 153 29.94 28.40 7.97
C SER F 153 29.05 29.49 7.38
N LYS F 154 28.40 30.29 8.23
CA LYS F 154 27.47 31.29 7.71
C LYS F 154 28.18 32.44 7.01
N LYS F 155 29.45 32.68 7.31
CA LYS F 155 30.22 33.71 6.63
C LYS F 155 30.86 33.20 5.34
N LYS F 156 30.72 31.91 5.04
CA LYS F 156 31.29 31.33 3.83
C LYS F 156 30.25 31.34 2.74
N ILE F 157 30.62 31.85 1.56
CA ILE F 157 29.74 31.83 0.41
C ILE F 157 30.50 31.30 -0.80
N ALA F 158 29.77 30.64 -1.68
CA ALA F 158 30.30 30.13 -2.94
C ALA F 158 29.74 30.98 -4.08
N ILE F 159 30.63 31.57 -4.87
CA ILE F 159 30.27 32.29 -6.09
C ILE F 159 30.51 31.32 -7.25
N VAL F 160 29.42 30.83 -7.84
CA VAL F 160 29.47 29.79 -8.86
C VAL F 160 29.16 30.45 -10.22
N ARG F 161 30.09 30.31 -11.16
CA ARG F 161 29.95 30.86 -12.49
C ARG F 161 30.13 29.75 -13.53
N ARG F 162 29.60 29.97 -14.72
CA ARG F 162 29.69 29.00 -15.80
C ARG F 162 30.91 29.28 -16.67
N GLU F 163 31.55 28.21 -17.13
CA GLU F 163 32.70 28.27 -18.01
C GLU F 163 32.51 27.29 -19.15
N PRO F 164 33.14 27.54 -20.30
CA PRO F 164 33.06 26.57 -21.40
C PRO F 164 33.73 25.27 -21.03
N VAL F 165 33.32 24.21 -21.71
CA VAL F 165 33.98 22.91 -21.55
C VAL F 165 35.28 22.86 -22.33
N GLY F 166 35.42 23.67 -23.38
CA GLY F 166 36.64 23.70 -24.17
C GLY F 166 36.42 23.56 -25.65
N LEU F 167 37.00 22.53 -26.25
CA LEU F 167 36.79 22.24 -27.66
C LEU F 167 35.62 21.28 -27.81
N VAL F 168 34.59 21.72 -28.51
CA VAL F 168 33.42 20.89 -28.80
C VAL F 168 33.57 20.34 -30.21
N LEU F 169 33.50 19.02 -30.35
CA LEU F 169 33.44 18.38 -31.65
C LEU F 169 31.96 18.19 -31.99
N ALA F 170 31.50 18.87 -33.02
CA ALA F 170 30.12 18.76 -33.48
C ALA F 170 30.08 17.85 -34.70
N ILE F 171 29.17 16.89 -34.69
CA ILE F 171 29.00 15.93 -35.77
C ILE F 171 27.53 15.96 -36.20
N SER F 172 27.27 16.48 -37.40
CA SER F 172 25.91 16.65 -37.88
C SER F 172 25.49 15.43 -38.69
N PRO F 173 24.16 15.24 -38.89
CA PRO F 173 23.69 14.05 -39.64
C PRO F 173 23.29 14.38 -41.06
N PHE F 174 23.15 13.36 -41.90
CA PHE F 174 22.81 13.62 -43.29
C PHE F 174 21.41 14.22 -43.44
N ASN F 175 20.48 13.86 -42.56
CA ASN F 175 19.10 14.29 -42.73
C ASN F 175 18.86 15.72 -42.28
N TYR F 176 19.81 16.32 -41.57
CA TYR F 176 19.74 17.72 -41.12
C TYR F 176 21.15 18.30 -41.07
N PRO F 177 21.85 18.34 -42.21
CA PRO F 177 23.28 18.69 -42.17
C PRO F 177 23.55 20.14 -41.78
N VAL F 178 22.58 21.02 -41.96
CA VAL F 178 22.71 22.41 -41.53
C VAL F 178 22.04 22.65 -40.18
N ASN F 179 20.77 22.23 -40.04
CA ASN F 179 20.01 22.50 -38.83
C ASN F 179 20.68 21.88 -37.61
N LEU F 180 21.04 20.61 -37.68
CA LEU F 180 21.64 19.92 -36.56
C LEU F 180 23.16 20.03 -36.57
N ALA F 181 23.72 20.94 -37.39
CA ALA F 181 25.05 21.46 -37.15
C ALA F 181 24.95 22.75 -36.34
N GLY F 182 24.09 23.67 -36.76
CA GLY F 182 23.92 24.93 -36.03
C GLY F 182 23.35 24.75 -34.64
N SER F 183 22.48 23.74 -34.47
CA SER F 183 21.94 23.44 -33.15
C SER F 183 23.03 23.03 -32.16
N LYS F 184 24.23 22.70 -32.65
CA LYS F 184 25.39 22.39 -31.83
C LYS F 184 26.40 23.53 -31.81
N ILE F 185 26.62 24.18 -32.95
CA ILE F 185 27.65 25.21 -33.05
C ILE F 185 27.27 26.43 -32.21
N ALA F 186 26.07 26.98 -32.43
CA ALA F 186 25.71 28.22 -31.73
C ALA F 186 25.68 28.05 -30.23
N PRO F 187 24.97 27.07 -29.66
CA PRO F 187 25.04 26.89 -28.20
C PRO F 187 26.47 26.74 -27.68
N ALA F 188 27.32 26.01 -28.41
CA ALA F 188 28.70 25.86 -27.98
C ALA F 188 29.44 27.19 -28.03
N LEU F 189 29.24 27.97 -29.09
CA LEU F 189 30.05 29.17 -29.28
C LEU F 189 29.68 30.28 -28.31
N ILE F 190 28.39 30.43 -28.02
CA ILE F 190 27.98 31.51 -27.12
C ILE F 190 28.54 31.28 -25.73
N ALA F 191 28.64 30.02 -25.31
CA ALA F 191 29.18 29.69 -24.00
C ALA F 191 30.69 29.88 -23.90
N GLY F 192 31.37 30.21 -25.00
CA GLY F 192 32.80 30.38 -24.98
C GLY F 192 33.61 29.18 -25.41
N ASN F 193 32.97 28.14 -25.96
CA ASN F 193 33.71 27.02 -26.49
C ASN F 193 34.21 27.31 -27.90
N VAL F 194 35.28 26.61 -28.28
CA VAL F 194 35.71 26.55 -29.68
C VAL F 194 35.11 25.29 -30.29
N VAL F 195 34.86 25.33 -31.60
CA VAL F 195 34.06 24.30 -32.27
C VAL F 195 34.78 23.77 -33.50
N ALA F 196 34.75 22.44 -33.66
CA ALA F 196 35.11 21.77 -34.90
C ALA F 196 33.88 21.02 -35.40
N LEU F 197 33.48 21.27 -36.64
CA LEU F 197 32.33 20.63 -37.24
C LEU F 197 32.80 19.52 -38.17
N LYS F 198 32.33 18.29 -37.93
CA LYS F 198 32.53 17.15 -38.82
C LYS F 198 31.18 16.81 -39.44
N PRO F 199 30.85 17.33 -40.62
CA PRO F 199 29.59 16.97 -41.25
C PRO F 199 29.67 15.57 -41.79
N PRO F 200 28.54 14.96 -42.13
CA PRO F 200 28.59 13.68 -42.84
C PRO F 200 29.12 13.93 -44.24
N THR F 201 29.77 12.91 -44.81
CA THR F 201 30.26 13.04 -46.17
C THR F 201 29.12 13.43 -47.11
N GLN F 202 28.00 12.70 -47.03
CA GLN F 202 26.79 13.05 -47.76
C GLN F 202 26.06 14.14 -46.97
N GLY F 203 26.46 15.39 -47.21
CA GLY F 203 26.00 16.52 -46.43
C GLY F 203 27.12 17.47 -46.09
N SER F 204 28.35 17.14 -46.53
CA SER F 204 29.50 17.98 -46.21
C SER F 204 29.47 19.29 -46.98
N ILE F 205 28.98 19.27 -48.22
CA ILE F 205 28.88 20.53 -48.97
C ILE F 205 28.02 21.52 -48.20
N SER F 206 26.85 21.07 -47.72
CA SER F 206 25.98 21.95 -46.96
C SER F 206 26.65 22.38 -45.66
N GLY F 207 27.30 21.45 -44.97
CA GLY F 207 28.04 21.80 -43.77
C GLY F 207 29.08 22.88 -44.04
N LEU F 208 29.88 22.70 -45.09
CA LEU F 208 30.88 23.70 -45.42
C LEU F 208 30.23 25.01 -45.88
N LEU F 209 29.06 24.96 -46.54
CA LEU F 209 28.37 26.19 -46.89
C LEU F 209 27.89 26.93 -45.64
N LEU F 210 27.46 26.18 -44.62
CA LEU F 210 27.15 26.80 -43.33
C LEU F 210 28.37 27.48 -42.74
N ALA F 211 29.53 26.83 -42.84
CA ALA F 211 30.75 27.42 -42.31
C ALA F 211 31.05 28.76 -42.99
N GLU F 212 30.80 28.85 -44.29
CA GLU F 212 31.09 30.10 -45.00
C GLU F 212 30.36 31.28 -44.36
N ALA F 213 29.14 31.06 -43.88
CA ALA F 213 28.40 32.12 -43.20
C ALA F 213 29.13 32.57 -41.93
N PHE F 214 29.65 31.62 -41.15
CA PHE F 214 30.41 31.99 -39.96
C PHE F 214 31.72 32.69 -40.32
N ALA F 215 32.38 32.24 -41.38
CA ALA F 215 33.58 32.92 -41.84
C ALA F 215 33.29 34.36 -42.23
N GLU F 216 32.25 34.58 -43.04
CA GLU F 216 31.93 35.94 -43.46
C GLU F 216 31.44 36.79 -42.30
N ALA F 217 30.87 36.17 -41.27
CA ALA F 217 30.49 36.88 -40.06
C ALA F 217 31.71 37.37 -39.29
N GLY F 218 32.90 36.91 -39.63
CA GLY F 218 34.11 37.36 -38.98
C GLY F 218 34.56 36.53 -37.81
N ILE F 219 34.08 35.31 -37.66
CA ILE F 219 34.43 34.47 -36.52
C ILE F 219 35.95 34.41 -36.42
N PRO F 220 36.55 34.68 -35.26
CA PRO F 220 38.01 34.67 -35.17
C PRO F 220 38.60 33.34 -35.63
N ALA F 221 39.79 33.42 -36.21
CA ALA F 221 40.49 32.24 -36.71
C ALA F 221 40.69 31.22 -35.60
N GLY F 222 40.31 29.96 -35.90
CA GLY F 222 40.43 28.88 -34.95
C GLY F 222 39.22 28.69 -34.05
N VAL F 223 38.41 29.73 -33.87
CA VAL F 223 37.23 29.60 -33.02
C VAL F 223 36.24 28.61 -33.63
N PHE F 224 36.13 28.59 -34.96
CA PHE F 224 35.26 27.65 -35.65
C PHE F 224 36.01 27.09 -36.86
N ASN F 225 36.12 25.76 -36.94
CA ASN F 225 36.79 25.05 -38.02
C ASN F 225 35.89 23.93 -38.49
N THR F 226 36.24 23.34 -39.65
CA THR F 226 35.49 22.24 -40.22
C THR F 226 36.42 21.09 -40.55
N ILE F 227 35.89 19.87 -40.44
CA ILE F 227 36.62 18.64 -40.78
C ILE F 227 35.77 17.84 -41.75
N THR F 228 36.36 17.42 -42.87
CA THR F 228 35.70 16.52 -43.81
C THR F 228 36.65 15.37 -44.13
N GLY F 229 36.09 14.17 -44.24
CA GLY F 229 36.89 13.00 -44.56
C GLY F 229 36.06 11.74 -44.44
N ARG F 230 36.74 10.62 -44.64
CA ARG F 230 36.12 9.31 -44.63
C ARG F 230 36.11 8.74 -43.21
N GLY F 231 35.09 7.94 -42.92
CA GLY F 231 34.98 7.35 -41.59
C GLY F 231 36.10 6.39 -41.27
N SER F 232 36.66 5.73 -42.29
CA SER F 232 37.70 4.74 -42.06
C SER F 232 39.06 5.36 -41.76
N VAL F 233 39.28 6.61 -42.16
CA VAL F 233 40.57 7.25 -42.00
C VAL F 233 40.61 8.13 -40.76
N ILE F 234 39.52 8.85 -40.48
CA ILE F 234 39.49 9.81 -39.38
C ILE F 234 38.29 9.62 -38.47
N GLY F 235 37.42 8.66 -38.74
CA GLY F 235 36.23 8.46 -37.94
C GLY F 235 36.51 8.38 -36.45
N ASP F 236 37.17 7.30 -36.04
CA ASP F 236 37.50 7.14 -34.63
C ASP F 236 38.58 8.11 -34.17
N TYR F 237 39.38 8.64 -35.10
CA TYR F 237 40.50 9.49 -34.71
C TYR F 237 40.02 10.83 -34.17
N ILE F 238 39.02 11.44 -34.82
CA ILE F 238 38.54 12.74 -34.39
C ILE F 238 37.81 12.66 -33.05
N VAL F 239 37.32 11.48 -32.67
CA VAL F 239 36.64 11.33 -31.40
C VAL F 239 37.62 11.00 -30.28
N GLU F 240 38.60 10.14 -30.55
CA GLU F 240 39.55 9.75 -29.52
C GLU F 240 40.54 10.86 -29.19
N HIS F 241 40.78 11.78 -30.12
CA HIS F 241 41.82 12.79 -29.92
C HIS F 241 41.61 13.52 -28.61
N GLU F 242 42.71 13.68 -27.86
CA GLU F 242 42.61 14.22 -26.51
C GLU F 242 42.30 15.71 -26.50
N ALA F 243 42.49 16.41 -27.61
CA ALA F 243 42.13 17.81 -27.67
C ALA F 243 40.64 18.05 -27.57
N VAL F 244 39.82 17.03 -27.84
CA VAL F 244 38.37 17.17 -27.82
C VAL F 244 37.89 17.03 -26.37
N ASN F 245 37.19 18.06 -25.87
CA ASN F 245 36.66 18.04 -24.53
C ASN F 245 35.19 17.67 -24.47
N PHE F 246 34.51 17.64 -25.62
CA PHE F 246 33.07 17.40 -25.66
C PHE F 246 32.73 16.88 -27.04
N ILE F 247 31.89 15.86 -27.11
CA ILE F 247 31.45 15.28 -28.38
C ILE F 247 29.93 15.42 -28.44
N ASN F 248 29.46 16.15 -29.46
CA ASN F 248 28.03 16.39 -29.68
C ASN F 248 27.68 15.77 -31.02
N PHE F 249 26.87 14.72 -31.00
CA PHE F 249 26.70 13.83 -32.15
C PHE F 249 25.22 13.55 -32.41
N THR F 250 24.87 13.53 -33.68
CA THR F 250 23.57 13.08 -34.16
C THR F 250 23.82 12.09 -35.29
N GLY F 251 23.24 10.90 -35.20
CA GLY F 251 23.42 9.90 -36.26
C GLY F 251 22.76 8.59 -35.87
N SER F 252 23.24 7.52 -36.49
CA SER F 252 22.69 6.19 -36.21
C SER F 252 23.11 5.71 -34.81
N THR F 253 22.32 4.79 -34.27
CA THR F 253 22.59 4.25 -32.95
C THR F 253 23.92 3.51 -32.87
N PRO F 254 24.24 2.58 -33.78
CA PRO F 254 25.52 1.87 -33.64
C PRO F 254 26.73 2.79 -33.68
N ILE F 255 26.69 3.83 -34.51
CA ILE F 255 27.77 4.81 -34.52
C ILE F 255 27.80 5.57 -33.20
N GLY F 256 26.63 5.96 -32.70
CA GLY F 256 26.57 6.66 -31.42
C GLY F 256 27.03 5.80 -30.26
N GLU F 257 26.72 4.50 -30.31
CA GLU F 257 27.20 3.62 -29.25
C GLU F 257 28.72 3.53 -29.25
N GLY F 258 29.33 3.46 -30.44
CA GLY F 258 30.79 3.46 -30.50
C GLY F 258 31.41 4.71 -29.91
N ILE F 259 30.73 5.85 -30.07
CA ILE F 259 31.26 7.10 -29.53
C ILE F 259 31.23 7.08 -28.01
N GLY F 260 30.18 6.51 -27.42
CA GLY F 260 30.10 6.40 -25.97
C GLY F 260 31.25 5.61 -25.36
N LYS F 261 31.96 4.83 -26.17
CA LYS F 261 33.11 4.08 -25.70
C LYS F 261 34.40 4.88 -25.86
N LEU F 262 34.60 5.46 -27.04
CA LEU F 262 35.81 6.23 -27.29
C LEU F 262 35.87 7.52 -26.50
N ALA F 263 34.77 7.94 -25.86
CA ALA F 263 34.73 9.19 -25.14
C ALA F 263 35.26 9.08 -23.72
N GLY F 264 35.21 7.89 -23.12
CA GLY F 264 35.71 7.69 -21.78
C GLY F 264 34.90 8.43 -20.73
N MET F 265 35.56 9.32 -19.99
CA MET F 265 34.91 10.16 -19.02
C MET F 265 34.40 11.48 -19.60
N ARG F 266 34.80 11.81 -20.82
CA ARG F 266 34.50 13.11 -21.38
C ARG F 266 32.99 13.26 -21.60
N PRO F 267 32.45 14.47 -21.42
CA PRO F 267 31.02 14.67 -21.64
C PRO F 267 30.64 14.44 -23.10
N ILE F 268 29.44 13.91 -23.30
CA ILE F 268 28.94 13.62 -24.63
C ILE F 268 27.49 14.07 -24.75
N MET F 269 27.07 14.27 -25.99
CA MET F 269 25.67 14.49 -26.35
C MET F 269 25.40 13.59 -27.54
N LEU F 270 24.40 12.71 -27.43
CA LEU F 270 24.07 11.76 -28.48
C LEU F 270 22.59 11.85 -28.82
N GLU F 271 22.27 12.07 -30.09
CA GLU F 271 20.90 12.06 -30.61
C GLU F 271 20.82 10.91 -31.60
N LEU F 272 20.30 9.77 -31.16
CA LEU F 272 20.36 8.57 -31.98
C LEU F 272 19.03 8.26 -32.64
N GLY F 273 18.65 6.99 -32.71
CA GLY F 273 17.45 6.60 -33.42
C GLY F 273 16.21 6.66 -32.56
N GLY F 274 15.06 6.51 -33.21
CA GLY F 274 13.79 6.47 -32.51
C GLY F 274 12.86 5.45 -33.13
N LYS F 275 11.88 5.03 -32.33
CA LYS F 275 10.77 4.21 -32.81
C LYS F 275 9.50 4.73 -32.13
N ASP F 276 9.18 5.99 -32.40
CA ASP F 276 8.12 6.69 -31.66
C ASP F 276 6.78 6.01 -31.88
N SER F 277 6.05 5.77 -30.79
CA SER F 277 4.71 5.21 -30.87
C SER F 277 3.67 6.30 -30.87
N ALA F 278 2.62 6.09 -31.67
CA ALA F 278 1.41 6.90 -31.62
C ALA F 278 0.32 6.02 -31.03
N ILE F 279 -0.06 6.29 -29.79
CA ILE F 279 -1.08 5.53 -29.09
C ILE F 279 -2.42 6.20 -29.35
N VAL F 280 -3.36 5.45 -29.90
CA VAL F 280 -4.67 5.96 -30.25
C VAL F 280 -5.69 5.21 -29.41
N LEU F 281 -6.37 5.94 -28.53
CA LEU F 281 -7.36 5.35 -27.65
C LEU F 281 -8.73 5.36 -28.33
N GLU F 282 -9.69 4.66 -27.71
CA GLU F 282 -11.01 4.49 -28.30
C GLU F 282 -11.76 5.82 -28.43
N ASP F 283 -11.45 6.82 -27.61
CA ASP F 283 -12.15 8.10 -27.65
C ASP F 283 -11.40 9.16 -28.47
N ALA F 284 -10.42 8.74 -29.26
CA ALA F 284 -9.59 9.69 -30.01
C ALA F 284 -10.36 10.26 -31.19
N ASP F 285 -9.92 11.45 -31.63
CA ASP F 285 -10.37 12.07 -32.87
C ASP F 285 -9.60 11.40 -34.01
N LEU F 286 -10.23 10.43 -34.67
CA LEU F 286 -9.49 9.57 -35.60
C LEU F 286 -8.94 10.36 -36.78
N ALA F 287 -9.68 11.38 -37.24
CA ALA F 287 -9.19 12.20 -38.35
C ALA F 287 -7.95 12.99 -37.93
N LEU F 288 -8.00 13.61 -36.75
CA LEU F 288 -6.84 14.34 -36.25
CA LEU F 288 -6.84 14.34 -36.25
C LEU F 288 -5.65 13.41 -36.12
N ALA F 289 -5.86 12.24 -35.51
CA ALA F 289 -4.77 11.28 -35.37
C ALA F 289 -4.25 10.82 -36.73
N ALA F 290 -5.16 10.58 -37.68
CA ALA F 290 -4.72 10.14 -39.01
C ALA F 290 -3.87 11.20 -39.67
N LYS F 291 -4.28 12.47 -39.57
CA LYS F 291 -3.51 13.56 -40.18
C LYS F 291 -2.11 13.64 -39.57
N ASN F 292 -2.03 13.62 -38.24
CA ASN F 292 -0.75 13.77 -37.57
C ASN F 292 0.14 12.55 -37.77
N ILE F 293 -0.45 11.35 -37.74
CA ILE F 293 0.35 10.14 -37.90
C ILE F 293 1.03 10.13 -39.26
N VAL F 294 0.27 10.44 -40.31
CA VAL F 294 0.84 10.40 -41.65
C VAL F 294 1.89 11.49 -41.82
N ALA F 295 1.57 12.71 -41.39
CA ALA F 295 2.53 13.80 -41.55
C ALA F 295 3.81 13.53 -40.79
N GLY F 296 3.71 13.03 -39.57
CA GLY F 296 4.92 12.75 -38.79
C GLY F 296 5.67 11.53 -39.30
N ALA F 297 4.93 10.50 -39.73
CA ALA F 297 5.56 9.23 -40.12
C ALA F 297 6.27 9.33 -41.46
N PHE F 298 5.72 10.07 -42.41
CA PHE F 298 6.25 10.05 -43.77
C PHE F 298 7.03 11.30 -44.15
N GLY F 299 7.20 12.25 -43.24
CA GLY F 299 8.01 13.42 -43.52
C GLY F 299 9.44 13.06 -43.87
N TYR F 300 9.95 13.65 -44.95
CA TYR F 300 11.29 13.34 -45.45
C TYR F 300 11.45 11.83 -45.67
N SER F 301 10.36 11.20 -46.12
CA SER F 301 10.37 9.76 -46.43
C SER F 301 10.71 8.92 -45.20
N GLY F 302 10.36 9.41 -44.02
CA GLY F 302 10.61 8.69 -42.80
C GLY F 302 12.03 8.73 -42.31
N GLN F 303 12.88 9.57 -42.90
CA GLN F 303 14.29 9.64 -42.54
C GLN F 303 14.54 10.63 -41.40
N ARG F 304 13.77 10.48 -40.32
CA ARG F 304 13.88 11.35 -39.15
C ARG F 304 13.79 10.50 -37.89
N SER F 305 14.67 10.80 -36.93
CA SER F 305 14.65 10.06 -35.67
C SER F 305 13.36 10.34 -34.91
N THR F 306 12.90 11.60 -34.91
CA THR F 306 11.63 11.97 -34.31
C THR F 306 10.58 11.86 -35.39
N ALA F 307 9.76 10.82 -35.31
CA ALA F 307 8.79 10.50 -36.34
C ALA F 307 7.93 9.37 -35.82
N VAL F 308 6.63 9.44 -36.06
CA VAL F 308 5.76 8.32 -35.72
C VAL F 308 6.20 7.13 -36.53
N LYS F 309 6.68 6.07 -35.85
CA LYS F 309 7.17 4.88 -36.53
C LYS F 309 6.38 3.63 -36.20
N ARG F 310 5.39 3.71 -35.32
CA ARG F 310 4.48 2.60 -35.08
C ARG F 310 3.23 3.16 -34.45
N VAL F 311 2.07 2.69 -34.92
CA VAL F 311 0.77 3.05 -34.36
C VAL F 311 0.33 1.93 -33.44
N LEU F 312 0.02 2.27 -32.19
CA LEU F 312 -0.53 1.34 -31.21
C LEU F 312 -1.97 1.78 -30.97
N VAL F 313 -2.92 1.10 -31.62
CA VAL F 313 -4.31 1.55 -31.66
C VAL F 313 -5.19 0.50 -31.00
N MET F 314 -6.07 0.96 -30.11
CA MET F 314 -7.07 0.08 -29.52
C MET F 314 -7.89 -0.56 -30.64
N ASP F 315 -8.07 -1.88 -30.55
N ASP F 315 -8.07 -1.89 -30.55
CA ASP F 315 -8.67 -2.62 -31.67
CA ASP F 315 -8.70 -2.64 -31.63
C ASP F 315 -10.05 -2.09 -32.04
C ASP F 315 -10.03 -2.06 -32.04
N LYS F 316 -10.76 -1.44 -31.11
CA LYS F 316 -12.12 -1.00 -31.41
C LYS F 316 -12.16 0.07 -32.50
N VAL F 317 -11.13 0.91 -32.58
CA VAL F 317 -11.08 1.99 -33.56
C VAL F 317 -10.04 1.74 -34.64
N ALA F 318 -9.48 0.52 -34.72
CA ALA F 318 -8.35 0.28 -35.59
C ALA F 318 -8.76 0.27 -37.06
N ASP F 319 -9.88 -0.38 -37.38
CA ASP F 319 -10.30 -0.49 -38.77
C ASP F 319 -10.51 0.90 -39.38
N GLN F 320 -11.18 1.80 -38.65
CA GLN F 320 -11.48 3.12 -39.19
C GLN F 320 -10.24 4.00 -39.19
N LEU F 321 -9.38 3.88 -38.18
CA LEU F 321 -8.15 4.66 -38.19
C LEU F 321 -7.27 4.25 -39.37
N ALA F 322 -7.10 2.95 -39.58
CA ALA F 322 -6.28 2.47 -40.69
C ALA F 322 -6.80 2.97 -42.03
N ALA F 323 -8.12 3.00 -42.20
CA ALA F 323 -8.70 3.46 -43.47
C ALA F 323 -8.43 4.96 -43.69
N GLU F 324 -8.58 5.78 -42.65
CA GLU F 324 -8.31 7.20 -42.81
C GLU F 324 -6.82 7.45 -43.01
N ILE F 325 -5.97 6.67 -42.36
CA ILE F 325 -4.53 6.79 -42.59
C ILE F 325 -4.20 6.40 -44.03
N LYS F 326 -4.76 5.29 -44.49
CA LYS F 326 -4.54 4.86 -45.86
C LYS F 326 -4.97 5.92 -46.86
N THR F 327 -6.11 6.57 -46.59
CA THR F 327 -6.59 7.61 -47.50
C THR F 327 -5.57 8.73 -47.64
N LEU F 328 -4.90 9.08 -46.53
CA LEU F 328 -3.92 10.16 -46.55
C LEU F 328 -2.59 9.70 -47.14
N VAL F 329 -2.16 8.47 -46.85
CA VAL F 329 -0.91 7.98 -47.45
C VAL F 329 -1.03 7.96 -48.97
N GLU F 330 -2.19 7.52 -49.49
CA GLU F 330 -2.36 7.43 -50.93
C GLU F 330 -2.34 8.81 -51.60
N LYS F 331 -2.51 9.88 -50.84
CA LYS F 331 -2.46 11.23 -51.40
C LYS F 331 -1.06 11.82 -51.38
N LEU F 332 -0.11 11.15 -50.74
CA LEU F 332 1.27 11.64 -50.72
C LEU F 332 1.87 11.56 -52.13
N SER F 333 2.61 12.60 -52.49
CA SER F 333 3.30 12.61 -53.78
C SER F 333 4.64 11.89 -53.64
N VAL F 334 5.01 11.18 -54.70
CA VAL F 334 6.25 10.39 -54.75
C VAL F 334 7.02 10.84 -55.98
N GLY F 335 8.17 11.48 -55.78
CA GLY F 335 8.93 12.02 -56.88
C GLY F 335 10.26 12.63 -56.47
N MET F 336 10.67 13.74 -57.17
CA MET F 336 12.01 14.30 -57.05
C MET F 336 12.06 15.46 -56.05
N PRO F 337 13.23 15.66 -55.42
CA PRO F 337 13.34 16.76 -54.46
C PRO F 337 13.03 18.12 -55.07
N GLU F 338 13.49 18.37 -56.31
CA GLU F 338 13.26 19.64 -56.96
CA GLU F 338 13.26 19.66 -56.92
C GLU F 338 11.77 19.94 -57.12
N ASP F 339 10.93 18.91 -57.09
CA ASP F 339 9.49 19.06 -57.24
C ASP F 339 8.76 19.05 -55.91
N ASP F 340 9.49 19.11 -54.80
CA ASP F 340 8.88 19.19 -53.47
C ASP F 340 7.95 18.01 -53.21
N ALA F 341 8.31 16.83 -53.72
CA ALA F 341 7.52 15.63 -53.47
C ALA F 341 7.57 15.27 -51.99
N ASP F 342 6.45 14.73 -51.50
CA ASP F 342 6.39 14.29 -50.10
C ASP F 342 7.40 13.19 -49.84
N ILE F 343 7.47 12.22 -50.75
CA ILE F 343 8.36 11.06 -50.64
C ILE F 343 9.43 11.23 -51.69
N THR F 344 10.66 11.39 -51.26
CA THR F 344 11.80 11.49 -52.14
C THR F 344 12.66 10.25 -52.08
N PRO F 345 13.64 10.12 -52.98
CA PRO F 345 14.52 8.95 -52.93
C PRO F 345 15.38 8.95 -51.68
N LEU F 346 15.58 7.76 -51.12
CA LEU F 346 16.33 7.62 -49.88
C LEU F 346 17.80 7.95 -50.11
N ILE F 347 18.52 8.11 -49.01
CA ILE F 347 19.85 8.75 -49.04
C ILE F 347 20.82 7.93 -49.88
N ASP F 348 20.76 6.60 -49.80
CA ASP F 348 21.60 5.77 -50.64
C ASP F 348 20.95 4.40 -50.81
N THR F 349 21.57 3.58 -51.65
CA THR F 349 20.98 2.30 -52.00
C THR F 349 20.88 1.39 -50.77
N SER F 350 21.91 1.39 -49.91
CA SER F 350 21.88 0.56 -48.72
C SER F 350 20.69 0.90 -47.84
N ALA F 351 20.38 2.18 -47.68
CA ALA F 351 19.22 2.56 -46.89
C ALA F 351 17.94 1.97 -47.49
N ALA F 352 17.80 2.03 -48.82
CA ALA F 352 16.60 1.51 -49.46
C ALA F 352 16.54 -0.02 -49.37
N ASP F 353 17.68 -0.69 -49.53
CA ASP F 353 17.70 -2.15 -49.38
C ASP F 353 17.24 -2.58 -47.99
N PHE F 354 17.75 -1.89 -46.95
CA PHE F 354 17.33 -2.23 -45.59
C PHE F 354 15.83 -2.06 -45.42
N VAL F 355 15.27 -0.98 -45.97
CA VAL F 355 13.83 -0.74 -45.85
C VAL F 355 13.05 -1.83 -46.57
N GLU F 356 13.46 -2.15 -47.80
CA GLU F 356 12.79 -3.21 -48.55
C GLU F 356 12.82 -4.53 -47.78
N GLY F 357 13.93 -4.82 -47.10
CA GLY F 357 13.99 -6.05 -46.32
C GLY F 357 12.98 -6.09 -45.19
N LEU F 358 12.81 -4.96 -44.49
CA LEU F 358 11.80 -4.91 -43.44
C LEU F 358 10.40 -5.14 -44.01
N ILE F 359 10.15 -4.60 -45.20
CA ILE F 359 8.84 -4.76 -45.83
C ILE F 359 8.60 -6.23 -46.18
N LYS F 360 9.61 -6.90 -46.77
CA LYS F 360 9.46 -8.31 -47.10
C LYS F 360 9.17 -9.13 -45.85
N ASP F 361 9.91 -8.89 -44.77
CA ASP F 361 9.70 -9.65 -43.54
C ASP F 361 8.28 -9.49 -43.02
N ALA F 362 7.74 -8.27 -43.10
CA ALA F 362 6.38 -8.06 -42.61
C ALA F 362 5.36 -8.76 -43.51
N THR F 363 5.61 -8.76 -44.83
CA THR F 363 4.71 -9.45 -45.74
C THR F 363 4.78 -10.96 -45.56
N ASP F 364 6.00 -11.50 -45.39
CA ASP F 364 6.16 -12.93 -45.20
C ASP F 364 5.51 -13.43 -43.93
N LYS F 365 5.22 -12.55 -42.98
CA LYS F 365 4.68 -12.95 -41.68
C LYS F 365 3.19 -12.65 -41.54
N GLY F 366 2.54 -12.16 -42.60
CA GLY F 366 1.10 -12.03 -42.63
C GLY F 366 0.57 -10.62 -42.55
N ALA F 367 1.43 -9.61 -42.52
CA ALA F 367 0.94 -8.24 -42.42
C ALA F 367 0.12 -7.89 -43.66
N THR F 368 -0.81 -6.97 -43.48
CA THR F 368 -1.68 -6.51 -44.56
C THR F 368 -1.10 -5.24 -45.17
N ALA F 369 -0.76 -5.31 -46.46
CA ALA F 369 -0.20 -4.16 -47.19
C ALA F 369 -1.35 -3.29 -47.68
N LEU F 370 -1.70 -2.26 -46.89
CA LEU F 370 -2.78 -1.36 -47.28
C LEU F 370 -2.37 -0.46 -48.44
N THR F 371 -1.08 -0.20 -48.59
CA THR F 371 -0.53 0.43 -49.78
C THR F 371 0.57 -0.47 -50.33
N ALA F 372 0.77 -0.42 -51.65
CA ALA F 372 1.60 -1.39 -52.35
C ALA F 372 3.04 -0.93 -52.42
N PHE F 373 3.97 -1.85 -52.12
CA PHE F 373 5.39 -1.56 -52.20
C PHE F 373 5.82 -1.46 -53.67
N ASN F 374 6.42 -0.32 -54.02
CA ASN F 374 7.05 -0.11 -55.32
C ASN F 374 8.40 0.56 -55.09
N ARG F 375 9.36 0.21 -55.93
CA ARG F 375 10.69 0.82 -55.83
C ARG F 375 11.23 1.06 -57.22
N GLU F 376 11.68 2.29 -57.46
CA GLU F 376 12.37 2.66 -58.70
C GLU F 376 13.67 3.33 -58.27
N GLY F 377 14.79 2.68 -58.53
CA GLY F 377 16.04 3.16 -57.96
C GLY F 377 15.95 3.08 -56.46
N ASN F 378 16.22 4.20 -55.78
CA ASN F 378 16.07 4.28 -54.34
C ASN F 378 14.80 5.02 -53.92
N LEU F 379 13.83 5.15 -54.82
CA LEU F 379 12.56 5.82 -54.54
C LEU F 379 11.53 4.74 -54.19
N ILE F 380 11.29 4.57 -52.91
CA ILE F 380 10.34 3.59 -52.41
C ILE F 380 9.02 4.30 -52.16
N SER F 381 7.95 3.77 -52.75
CA SER F 381 6.62 4.30 -52.48
C SER F 381 6.24 4.08 -51.03
N PRO F 382 5.36 4.92 -50.48
CA PRO F 382 5.01 4.82 -49.05
C PRO F 382 4.13 3.61 -48.77
N VAL F 383 4.61 2.74 -47.87
CA VAL F 383 3.96 1.47 -47.56
C VAL F 383 3.31 1.58 -46.19
N LEU F 384 2.03 1.21 -46.12
CA LEU F 384 1.27 1.18 -44.87
C LEU F 384 0.88 -0.25 -44.57
N PHE F 385 1.33 -0.76 -43.42
CA PHE F 385 1.03 -2.11 -42.98
C PHE F 385 0.03 -2.10 -41.83
N ASP F 386 -0.97 -2.97 -41.91
CA ASP F 386 -1.90 -3.20 -40.81
C ASP F 386 -1.69 -4.62 -40.30
N HIS F 387 -2.23 -4.89 -39.12
CA HIS F 387 -2.12 -6.21 -38.50
C HIS F 387 -0.66 -6.63 -38.31
N VAL F 388 0.19 -5.66 -38.00
CA VAL F 388 1.59 -5.97 -37.69
C VAL F 388 1.64 -6.55 -36.29
N THR F 389 2.51 -7.55 -36.09
CA THR F 389 2.64 -8.23 -34.81
C THR F 389 4.08 -8.17 -34.35
N THR F 390 4.29 -8.40 -33.05
CA THR F 390 5.61 -8.23 -32.45
C THR F 390 6.62 -9.25 -32.96
N ASP F 391 6.20 -10.26 -33.72
CA ASP F 391 7.16 -11.18 -34.32
C ASP F 391 7.84 -10.60 -35.55
N MET F 392 7.34 -9.49 -36.08
CA MET F 392 7.91 -8.87 -37.27
C MET F 392 8.99 -7.85 -36.91
N ARG F 393 10.04 -7.79 -37.74
CA ARG F 393 11.10 -6.82 -37.51
C ARG F 393 10.57 -5.40 -37.56
N LEU F 394 9.62 -5.13 -38.46
CA LEU F 394 9.06 -3.79 -38.62
C LEU F 394 8.43 -3.28 -37.35
N ALA F 395 8.08 -4.17 -36.41
CA ALA F 395 7.51 -3.72 -35.14
C ALA F 395 8.52 -2.99 -34.26
N TRP F 396 9.82 -3.20 -34.48
CA TRP F 396 10.86 -2.74 -33.57
C TRP F 396 11.96 -1.94 -34.26
N GLU F 397 12.45 -2.40 -35.41
CA GLU F 397 13.63 -1.80 -36.03
C GLU F 397 13.28 -0.46 -36.68
N GLU F 398 14.21 0.48 -36.60
CA GLU F 398 14.03 1.81 -37.19
C GLU F 398 14.32 1.75 -38.67
N PRO F 399 13.34 1.99 -39.56
CA PRO F 399 13.58 1.79 -40.98
C PRO F 399 14.35 2.92 -41.62
N PHE F 400 14.07 4.16 -41.20
CA PHE F 400 14.52 5.34 -41.94
C PHE F 400 14.08 5.24 -43.40
N GLY F 401 12.78 5.05 -43.58
CA GLY F 401 12.16 4.92 -44.87
C GLY F 401 10.66 4.94 -44.76
N PRO F 402 9.98 5.17 -45.88
CA PRO F 402 8.53 5.45 -45.86
C PRO F 402 7.67 4.21 -45.66
N VAL F 403 7.77 3.61 -44.49
CA VAL F 403 6.97 2.44 -44.13
C VAL F 403 6.49 2.61 -42.70
N LEU F 404 5.22 2.30 -42.46
CA LEU F 404 4.57 2.53 -41.17
C LEU F 404 3.79 1.28 -40.77
N PRO F 405 4.08 0.69 -39.61
CA PRO F 405 3.24 -0.41 -39.12
C PRO F 405 2.14 0.05 -38.18
N ILE F 406 0.99 -0.62 -38.29
CA ILE F 406 -0.12 -0.48 -37.35
C ILE F 406 -0.19 -1.77 -36.54
N ILE F 407 -0.14 -1.64 -35.22
CA ILE F 407 -0.19 -2.75 -34.28
C ILE F 407 -1.44 -2.57 -33.42
N ARG F 408 -2.34 -3.54 -33.47
CA ARG F 408 -3.59 -3.47 -32.71
C ARG F 408 -3.38 -4.01 -31.31
N VAL F 409 -3.95 -3.31 -30.33
CA VAL F 409 -3.86 -3.71 -28.93
C VAL F 409 -5.27 -3.75 -28.36
N THR F 410 -5.42 -4.47 -27.24
CA THR F 410 -6.72 -4.62 -26.61
C THR F 410 -6.87 -3.83 -25.33
N THR F 411 -5.77 -3.36 -24.74
CA THR F 411 -5.83 -2.54 -23.54
C THR F 411 -4.78 -1.44 -23.63
N VAL F 412 -5.00 -0.36 -22.86
CA VAL F 412 -3.99 0.69 -22.81
C VAL F 412 -2.76 0.17 -22.09
N GLU F 413 -2.95 -0.75 -21.13
CA GLU F 413 -1.82 -1.41 -20.49
C GLU F 413 -0.94 -2.09 -21.53
N GLU F 414 -1.57 -2.82 -22.46
CA GLU F 414 -0.80 -3.48 -23.52
C GLU F 414 -0.04 -2.46 -24.36
N ALA F 415 -0.69 -1.35 -24.71
CA ALA F 415 -0.04 -0.33 -25.49
C ALA F 415 1.19 0.23 -24.77
N ILE F 416 1.07 0.48 -23.47
CA ILE F 416 2.21 1.01 -22.72
C ILE F 416 3.34 -0.03 -22.68
N LYS F 417 2.98 -1.30 -22.45
CA LYS F 417 4.00 -2.34 -22.37
C LYS F 417 4.72 -2.49 -23.71
N ILE F 418 3.98 -2.54 -24.81
CA ILE F 418 4.61 -2.67 -26.12
C ILE F 418 5.46 -1.44 -26.42
N SER F 419 4.94 -0.26 -26.08
CA SER F 419 5.70 0.96 -26.33
C SER F 419 7.05 0.92 -25.62
N ASN F 420 7.05 0.55 -24.33
CA ASN F 420 8.27 0.56 -23.55
C ASN F 420 9.18 -0.64 -23.81
N GLU F 421 8.68 -1.70 -24.45
CA GLU F 421 9.53 -2.84 -24.81
C GLU F 421 10.57 -2.48 -25.86
N SER F 422 10.38 -1.37 -26.57
CA SER F 422 11.35 -0.93 -27.56
C SER F 422 12.65 -0.49 -26.90
N GLU F 423 13.76 -0.75 -27.58
CA GLU F 423 15.05 -0.22 -27.13
CA GLU F 423 15.04 -0.21 -27.12
C GLU F 423 15.13 1.29 -27.31
N TYR F 424 14.22 1.87 -28.08
CA TYR F 424 14.20 3.30 -28.33
C TYR F 424 13.18 3.98 -27.42
N GLY F 425 13.50 5.21 -27.03
CA GLY F 425 12.62 5.98 -26.19
C GLY F 425 12.75 7.47 -26.42
N LEU F 426 12.49 7.91 -27.65
CA LEU F 426 12.68 9.31 -28.02
C LEU F 426 11.43 10.12 -27.71
N GLN F 427 10.34 9.82 -28.41
CA GLN F 427 9.08 10.51 -28.14
C GLN F 427 7.93 9.53 -28.36
N ALA F 428 6.73 10.00 -27.97
CA ALA F 428 5.51 9.26 -28.19
C ALA F 428 4.39 10.27 -28.38
N SER F 429 3.34 9.84 -29.06
CA SER F 429 2.10 10.59 -29.21
C SER F 429 0.97 9.81 -28.56
N ILE F 430 0.11 10.51 -27.82
CA ILE F 430 -1.12 9.93 -27.30
C ILE F 430 -2.29 10.72 -27.87
N PHE F 431 -3.20 10.01 -28.53
CA PHE F 431 -4.41 10.60 -29.10
CA PHE F 431 -4.41 10.60 -29.10
C PHE F 431 -5.60 10.11 -28.29
N THR F 432 -6.29 11.05 -27.65
CA THR F 432 -7.42 10.74 -26.77
C THR F 432 -8.07 12.05 -26.36
N THR F 433 -9.33 11.95 -25.94
CA THR F 433 -10.08 13.08 -25.40
C THR F 433 -9.93 13.23 -23.89
N ASN F 434 -9.41 12.21 -23.21
CA ASN F 434 -9.25 12.19 -21.76
C ASN F 434 -7.83 12.66 -21.42
N PHE F 435 -7.70 13.92 -21.07
CA PHE F 435 -6.36 14.46 -20.90
CA PHE F 435 -6.40 14.56 -20.85
C PHE F 435 -5.77 14.07 -19.55
N PRO F 436 -6.54 14.00 -18.46
CA PRO F 436 -5.95 13.46 -17.21
C PRO F 436 -5.42 12.04 -17.38
N LYS F 437 -6.15 11.19 -18.10
CA LYS F 437 -5.67 9.84 -18.39
C LYS F 437 -4.44 9.88 -19.28
N ALA F 438 -4.43 10.77 -20.28
CA ALA F 438 -3.25 10.90 -21.15
C ALA F 438 -2.01 11.32 -20.36
N PHE F 439 -2.19 12.18 -19.35
CA PHE F 439 -1.06 12.54 -18.53
C PHE F 439 -0.55 11.35 -17.72
N GLY F 440 -1.47 10.55 -17.18
CA GLY F 440 -1.06 9.37 -16.44
C GLY F 440 -0.33 8.37 -17.30
N ILE F 441 -0.79 8.19 -18.54
CA ILE F 441 -0.08 7.34 -19.48
C ILE F 441 1.31 7.91 -19.77
N ALA F 442 1.39 9.22 -20.03
CA ALA F 442 2.67 9.84 -20.34
C ALA F 442 3.69 9.57 -19.24
N GLU F 443 3.25 9.58 -17.98
CA GLU F 443 4.17 9.29 -16.88
C GLU F 443 4.81 7.92 -17.03
N GLN F 444 4.11 6.96 -17.63
CA GLN F 444 4.57 5.58 -17.71
C GLN F 444 5.36 5.28 -18.98
N LEU F 445 5.34 6.18 -19.95
CA LEU F 445 6.07 5.95 -21.21
C LEU F 445 7.53 6.30 -21.02
N GLU F 446 8.41 5.39 -21.45
CA GLU F 446 9.86 5.57 -21.32
C GLU F 446 10.38 6.37 -22.53
N VAL F 447 10.02 7.65 -22.54
CA VAL F 447 10.41 8.56 -23.61
C VAL F 447 10.76 9.93 -23.02
N GLY F 448 11.40 10.75 -23.85
CA GLY F 448 11.76 12.10 -23.45
C GLY F 448 10.58 13.06 -23.48
N THR F 449 9.84 13.07 -24.60
CA THR F 449 8.71 13.97 -24.78
C THR F 449 7.49 13.19 -25.24
N VAL F 450 6.34 13.54 -24.67
CA VAL F 450 5.05 12.99 -25.08
C VAL F 450 4.20 14.14 -25.61
N HIS F 451 3.70 13.98 -26.84
CA HIS F 451 2.85 14.97 -27.47
C HIS F 451 1.40 14.50 -27.40
N LEU F 452 0.54 15.33 -26.83
CA LEU F 452 -0.88 15.00 -26.70
C LEU F 452 -1.64 15.54 -27.91
N ASN F 453 -2.31 14.63 -28.62
CA ASN F 453 -3.14 14.95 -29.79
C ASN F 453 -2.33 15.69 -30.86
N ASN F 454 -1.09 15.26 -31.06
CA ASN F 454 -0.28 15.78 -32.15
CA ASN F 454 -0.21 15.83 -32.06
C ASN F 454 0.86 14.81 -32.42
N LYS F 455 1.43 14.95 -33.60
CA LYS F 455 2.58 14.14 -33.99
C LYS F 455 3.79 14.51 -33.13
N THR F 456 4.74 13.57 -33.04
CA THR F 456 5.98 13.86 -32.37
C THR F 456 6.77 14.88 -33.18
N GLN F 457 7.67 15.60 -32.49
CA GLN F 457 8.46 16.66 -33.10
C GLN F 457 9.44 17.17 -32.05
N ARG F 458 10.64 17.58 -32.46
CA ARG F 458 11.56 18.14 -31.49
C ARG F 458 11.25 19.61 -31.20
N GLY F 459 10.53 20.29 -32.09
CA GLY F 459 10.20 21.69 -31.86
C GLY F 459 9.14 21.88 -30.79
N THR F 460 8.96 23.13 -30.39
CA THR F 460 9.78 24.27 -30.77
C THR F 460 11.18 24.10 -30.17
N ASP F 461 12.18 24.67 -30.82
CA ASP F 461 13.57 24.40 -30.44
C ASP F 461 13.92 24.95 -29.07
N ASN F 462 13.03 25.69 -28.40
CA ASN F 462 13.26 26.04 -27.00
C ASN F 462 12.88 24.91 -26.06
N PHE F 463 11.93 24.06 -26.45
CA PHE F 463 11.55 22.92 -25.62
C PHE F 463 12.72 21.93 -25.48
N PRO F 464 12.74 21.14 -24.42
CA PRO F 464 13.77 20.10 -24.31
C PRO F 464 13.58 19.02 -25.36
N PHE F 465 14.70 18.46 -25.80
CA PHE F 465 14.71 17.34 -26.74
C PHE F 465 15.68 16.30 -26.22
N LEU F 466 15.15 15.15 -25.79
CA LEU F 466 15.97 14.10 -25.21
C LEU F 466 15.33 12.75 -25.51
N GLY F 467 16.12 11.70 -25.33
CA GLY F 467 15.68 10.35 -25.58
C GLY F 467 16.13 9.39 -24.51
N ALA F 468 15.28 8.43 -24.16
CA ALA F 468 15.61 7.41 -23.19
C ALA F 468 16.27 6.21 -23.88
N LYS F 469 16.84 5.32 -23.05
CA LYS F 469 17.44 4.07 -23.49
C LYS F 469 18.40 4.29 -24.66
N LYS F 470 18.18 3.63 -25.79
CA LYS F 470 19.14 3.67 -26.89
C LYS F 470 18.96 4.87 -27.81
N SER F 471 18.02 5.78 -27.49
CA SER F 471 17.77 6.94 -28.35
C SER F 471 18.79 8.06 -28.16
N GLY F 472 19.63 7.98 -27.13
CA GLY F 472 20.75 8.89 -27.02
C GLY F 472 21.05 9.22 -25.58
N ALA F 473 21.77 10.33 -25.42
CA ALA F 473 22.23 10.80 -24.11
C ALA F 473 22.28 12.31 -24.13
N GLY F 474 21.88 12.92 -23.03
CA GLY F 474 21.90 14.35 -22.90
C GLY F 474 20.58 14.99 -23.32
N VAL F 475 20.43 16.25 -22.93
CA VAL F 475 19.22 17.03 -23.20
C VAL F 475 19.56 18.12 -24.19
N GLN F 476 18.88 18.12 -25.33
CA GLN F 476 19.03 19.17 -26.32
C GLN F 476 17.82 20.11 -26.24
N GLY F 477 17.67 20.96 -27.24
CA GLY F 477 16.96 22.21 -26.99
C GLY F 477 17.92 23.29 -26.52
N VAL F 478 17.63 24.54 -26.91
CA VAL F 478 18.66 25.58 -26.94
C VAL F 478 19.29 25.77 -25.56
N LYS F 479 18.50 26.16 -24.56
CA LYS F 479 19.08 26.43 -23.24
C LYS F 479 19.65 25.16 -22.63
N TYR F 480 19.07 24.00 -22.95
CA TYR F 480 19.60 22.74 -22.44
C TYR F 480 20.93 22.40 -23.10
N SER F 481 21.06 22.68 -24.40
CA SER F 481 22.33 22.45 -25.08
C SER F 481 23.42 23.35 -24.50
N ILE F 482 23.08 24.61 -24.22
CA ILE F 482 24.03 25.54 -23.61
C ILE F 482 24.51 25.00 -22.28
N GLU F 483 23.57 24.59 -21.42
CA GLU F 483 23.96 24.09 -20.11
C GLU F 483 24.81 22.84 -20.22
N ALA F 484 24.54 21.99 -21.22
CA ALA F 484 25.28 20.75 -21.35
C ALA F 484 26.74 20.99 -21.75
N MET F 485 26.99 22.01 -22.56
CA MET F 485 28.34 22.32 -23.04
C MET F 485 29.01 23.41 -22.22
N THR F 486 28.62 23.53 -20.95
CA THR F 486 29.34 24.37 -20.00
C THR F 486 29.62 23.55 -18.76
N THR F 487 30.57 24.04 -17.98
CA THR F 487 30.84 23.49 -16.66
C THR F 487 30.70 24.61 -15.64
N VAL F 488 31.03 24.30 -14.40
CA VAL F 488 30.88 25.24 -13.30
C VAL F 488 32.23 25.43 -12.62
N LYS F 489 32.53 26.68 -12.29
CA LYS F 489 33.72 27.06 -11.54
C LYS F 489 33.24 27.75 -10.26
N SER F 490 33.64 27.22 -9.12
CA SER F 490 33.21 27.71 -7.82
C SER F 490 34.38 28.42 -7.14
N VAL F 491 34.14 29.66 -6.70
CA VAL F 491 35.12 30.41 -5.92
C VAL F 491 34.50 30.69 -4.56
N VAL F 492 35.13 30.17 -3.50
CA VAL F 492 34.61 30.24 -2.15
C VAL F 492 35.53 31.09 -1.30
N PHE F 493 34.95 31.91 -0.43
CA PHE F 493 35.71 32.73 0.50
C PHE F 493 34.82 33.09 1.67
N ASP F 494 35.45 33.51 2.77
CA ASP F 494 34.75 33.86 4.00
C ASP F 494 34.60 35.36 4.11
N ILE F 495 33.38 35.82 4.36
CA ILE F 495 33.14 37.23 4.61
C ILE F 495 33.67 37.59 5.99
N GLN F 496 34.33 38.73 6.09
CA GLN F 496 34.87 39.18 7.37
C GLN F 496 34.22 40.49 7.78
N LEU G 22 -13.28 29.00 33.89
CA LEU G 22 -12.04 28.58 33.19
C LEU G 22 -11.53 29.69 32.27
N ALA G 23 -12.37 30.70 32.03
CA ALA G 23 -11.95 31.87 31.28
C ALA G 23 -10.67 32.43 31.88
N LYS G 24 -9.67 32.66 31.03
CA LYS G 24 -8.33 33.02 31.46
C LYS G 24 -7.97 34.41 30.95
N GLN G 25 -7.15 35.11 31.73
CA GLN G 25 -6.63 36.42 31.36
C GLN G 25 -5.33 36.22 30.58
N TYR G 26 -5.34 36.62 29.30
CA TYR G 26 -4.21 36.37 28.41
C TYR G 26 -3.32 37.60 28.30
N LYS G 27 -2.10 37.38 27.81
CA LYS G 27 -1.06 38.40 27.82
C LYS G 27 -0.33 38.44 26.48
N ASN G 28 0.20 39.62 26.16
CA ASN G 28 0.91 39.81 24.90
C ASN G 28 2.39 39.47 25.08
N LEU G 29 2.96 38.82 24.07
CA LEU G 29 4.40 38.56 24.01
C LEU G 29 5.09 39.82 23.52
N VAL G 30 5.84 40.46 24.42
CA VAL G 30 6.54 41.70 24.12
C VAL G 30 7.99 41.52 24.57
N ASN G 31 8.91 41.49 23.61
CA ASN G 31 10.34 41.42 23.91
C ASN G 31 10.65 40.25 24.84
N GLY G 32 10.06 39.09 24.55
CA GLY G 32 10.32 37.89 25.30
C GLY G 32 9.61 37.79 26.63
N GLU G 33 8.80 38.79 26.98
CA GLU G 33 8.05 38.80 28.22
C GLU G 33 6.57 38.87 27.93
N TRP G 34 5.77 38.45 28.89
CA TRP G 34 4.32 38.47 28.77
C TRP G 34 3.77 39.66 29.55
N LYS G 35 2.97 40.50 28.88
CA LYS G 35 2.54 41.77 29.43
C LYS G 35 1.03 41.91 29.36
N LEU G 36 0.42 42.22 30.50
CA LEU G 36 -0.96 42.69 30.53
C LEU G 36 -1.02 44.19 30.25
N SER G 37 -2.21 44.68 29.92
CA SER G 37 -2.48 46.09 29.80
C SER G 37 -3.52 46.50 30.83
N GLU G 38 -3.62 47.81 31.09
CA GLU G 38 -4.54 48.30 32.12
C GLU G 38 -5.99 47.95 31.79
N ASN G 39 -6.36 48.04 30.52
CA ASN G 39 -7.68 47.63 30.05
C ASN G 39 -7.55 46.33 29.28
N GLU G 40 -8.69 45.65 29.10
CA GLU G 40 -8.72 44.39 28.39
C GLU G 40 -10.00 44.30 27.58
N ILE G 41 -10.05 43.30 26.71
CA ILE G 41 -11.21 43.03 25.85
C ILE G 41 -11.66 41.61 26.15
N THR G 42 -12.89 41.46 26.61
CA THR G 42 -13.43 40.13 26.88
C THR G 42 -13.93 39.50 25.58
N ILE G 43 -13.58 38.22 25.40
CA ILE G 43 -13.90 37.48 24.18
C ILE G 43 -14.94 36.43 24.51
N TYR G 44 -16.01 36.39 23.72
CA TYR G 44 -17.11 35.46 23.92
C TYR G 44 -17.23 34.51 22.73
N ALA G 45 -17.67 33.30 23.01
CA ALA G 45 -17.88 32.30 21.98
C ALA G 45 -19.08 32.68 21.13
N PRO G 46 -18.93 32.86 19.81
CA PRO G 46 -20.07 33.32 18.99
C PRO G 46 -21.25 32.37 18.97
N ALA G 47 -21.03 31.08 19.22
CA ALA G 47 -22.12 30.11 19.13
C ALA G 47 -22.92 30.00 20.42
N THR G 48 -22.31 30.31 21.56
CA THR G 48 -22.94 30.09 22.87
C THR G 48 -22.98 31.33 23.75
N GLY G 49 -22.19 32.37 23.46
CA GLY G 49 -22.07 33.48 24.36
C GLY G 49 -21.17 33.24 25.56
N GLU G 50 -20.58 32.05 25.66
CA GLU G 50 -19.70 31.74 26.78
C GLU G 50 -18.49 32.64 26.82
N GLU G 51 -18.18 33.18 28.00
CA GLU G 51 -16.96 33.96 28.16
C GLU G 51 -15.75 33.05 28.04
N LEU G 52 -14.83 33.41 27.14
CA LEU G 52 -13.65 32.59 26.93
C LEU G 52 -12.41 33.14 27.63
N GLY G 53 -12.38 34.42 27.93
CA GLY G 53 -11.22 35.05 28.52
C GLY G 53 -11.12 36.48 28.03
N SER G 54 -10.00 37.10 28.36
CA SER G 54 -9.74 38.48 27.98
C SER G 54 -8.34 38.57 27.38
N VAL G 55 -8.15 39.58 26.53
CA VAL G 55 -6.85 39.89 25.95
C VAL G 55 -6.55 41.36 26.23
N PRO G 56 -5.28 41.78 26.27
CA PRO G 56 -4.99 43.17 26.60
C PRO G 56 -5.48 44.15 25.54
N ALA G 57 -5.87 45.34 26.01
CA ALA G 57 -6.26 46.45 25.14
C ALA G 57 -5.11 47.44 25.11
N MET G 58 -4.14 47.17 24.22
CA MET G 58 -2.90 47.92 24.22
C MET G 58 -3.12 49.39 23.88
N THR G 59 -2.31 50.23 24.49
CA THR G 59 -2.25 51.65 24.17
C THR G 59 -1.27 51.87 23.02
N GLN G 60 -1.33 53.05 22.42
CA GLN G 60 -0.37 53.36 21.36
C GLN G 60 1.06 53.32 21.87
N ALA G 61 1.30 53.77 23.11
CA ALA G 61 2.65 53.72 23.68
C ALA G 61 3.11 52.28 23.88
N GLU G 62 2.18 51.38 24.19
CA GLU G 62 2.54 49.98 24.32
C GLU G 62 2.85 49.35 22.97
N VAL G 63 2.22 49.85 21.90
CA VAL G 63 2.60 49.46 20.54
C VAL G 63 4.01 49.95 20.23
N ASP G 64 4.32 51.19 20.61
CA ASP G 64 5.67 51.71 20.39
C ASP G 64 6.71 50.77 20.99
N ALA G 65 6.44 50.26 22.19
CA ALA G 65 7.40 49.38 22.87
C ALA G 65 7.55 48.06 22.13
N VAL G 66 6.45 47.51 21.60
CA VAL G 66 6.54 46.30 20.78
C VAL G 66 7.45 46.55 19.58
N TYR G 67 7.18 47.61 18.83
CA TYR G 67 7.94 47.88 17.62
C TYR G 67 9.39 48.23 17.94
N ALA G 68 9.63 48.98 19.02
CA ALA G 68 11.01 49.30 19.38
C ALA G 68 11.75 48.04 19.79
N SER G 69 11.06 47.11 20.44
CA SER G 69 11.68 45.83 20.79
C SER G 69 12.06 45.05 19.54
N ALA G 70 11.21 45.12 18.51
CA ALA G 70 11.45 44.35 17.29
C ALA G 70 12.65 44.88 16.52
N LYS G 71 12.77 46.19 16.38
CA LYS G 71 13.88 46.74 15.61
C LYS G 71 15.21 46.51 16.31
N LYS G 72 15.21 46.43 17.64
CA LYS G 72 16.44 46.17 18.37
C LYS G 72 16.91 44.74 18.17
N ALA G 73 15.96 43.80 18.09
CA ALA G 73 16.29 42.39 17.88
C ALA G 73 16.66 42.08 16.44
N LEU G 74 16.31 42.95 15.49
CA LEU G 74 16.51 42.66 14.08
C LEU G 74 17.99 42.44 13.76
N SER G 75 18.87 43.24 14.37
CA SER G 75 20.29 43.16 14.02
C SER G 75 20.85 41.76 14.27
N ASP G 76 20.67 41.24 15.49
CA ASP G 76 21.23 39.93 15.81
C ASP G 76 20.48 38.80 15.13
N TRP G 77 19.19 38.98 14.84
CA TRP G 77 18.40 37.92 14.23
C TRP G 77 18.78 37.73 12.77
N ARG G 78 18.83 38.82 12.00
CA ARG G 78 19.14 38.71 10.58
C ARG G 78 20.57 38.22 10.32
N THR G 79 21.46 38.36 11.30
CA THR G 79 22.83 37.88 11.16
C THR G 79 22.99 36.43 11.58
N LEU G 80 21.98 35.83 12.20
CA LEU G 80 22.02 34.39 12.41
C LEU G 80 22.07 33.68 11.07
N SER G 81 22.51 32.42 11.11
CA SER G 81 22.48 31.58 9.93
C SER G 81 21.05 31.11 9.66
N TYR G 82 20.79 30.76 8.40
CA TYR G 82 19.49 30.20 8.06
C TYR G 82 19.18 28.97 8.90
N VAL G 83 20.18 28.11 9.10
CA VAL G 83 19.98 26.90 9.89
C VAL G 83 19.42 27.24 11.27
N GLU G 84 20.06 28.20 11.95
CA GLU G 84 19.63 28.55 13.31
C GLU G 84 18.19 29.06 13.32
N ARG G 85 17.84 29.91 12.36
CA ARG G 85 16.49 30.45 12.32
C ARG G 85 15.47 29.35 12.03
N ALA G 86 15.82 28.42 11.14
CA ALA G 86 14.94 27.29 10.87
C ALA G 86 14.73 26.43 12.11
N ALA G 87 15.76 26.29 12.96
CA ALA G 87 15.65 25.44 14.14
C ALA G 87 14.61 25.96 15.12
N TYR G 88 14.54 27.29 15.29
CA TYR G 88 13.48 27.87 16.10
C TYR G 88 12.12 27.57 15.51
N LEU G 89 11.99 27.67 14.18
N LEU G 89 12.00 27.68 14.18
CA LEU G 89 10.70 27.41 13.55
CA LEU G 89 10.72 27.42 13.53
C LEU G 89 10.29 25.96 13.72
C LEU G 89 10.29 25.97 13.72
N HIS G 90 11.21 25.02 13.45
CA HIS G 90 10.88 23.62 13.61
C HIS G 90 10.48 23.31 15.04
N LYS G 91 11.21 23.86 16.02
CA LYS G 91 10.86 23.68 17.42
C LYS G 91 9.46 24.23 17.70
N ALA G 92 9.19 25.45 17.25
CA ALA G 92 7.86 26.03 17.43
C ALA G 92 6.79 25.14 16.82
N ALA G 93 7.07 24.54 15.67
CA ALA G 93 6.07 23.70 15.01
C ALA G 93 5.82 22.41 15.80
N ASP G 94 6.89 21.84 16.36
CA ASP G 94 6.73 20.66 17.19
C ASP G 94 5.81 20.94 18.37
N ILE G 95 5.97 22.12 18.99
CA ILE G 95 5.16 22.45 20.15
C ILE G 95 3.70 22.62 19.76
N LEU G 96 3.44 23.23 18.60
CA LEU G 96 2.07 23.38 18.13
C LEU G 96 1.41 22.02 17.95
N VAL G 97 2.11 21.08 17.31
CA VAL G 97 1.55 19.74 17.13
C VAL G 97 1.24 19.14 18.49
N ARG G 98 2.18 19.27 19.45
CA ARG G 98 1.95 18.76 20.80
C ARG G 98 0.69 19.34 21.42
N ASP G 99 0.45 20.64 21.20
CA ASP G 99 -0.64 21.36 21.84
C ASP G 99 -1.83 21.57 20.90
N ALA G 100 -1.87 20.86 19.78
CA ALA G 100 -2.89 21.13 18.77
C ALA G 100 -4.30 20.93 19.32
N GLU G 101 -4.51 19.91 20.15
CA GLU G 101 -5.83 19.69 20.73
C GLU G 101 -6.18 20.78 21.74
N LYS G 102 -5.21 21.21 22.54
CA LYS G 102 -5.46 22.28 23.49
C LYS G 102 -5.83 23.58 22.77
N ILE G 103 -5.02 23.98 21.79
CA ILE G 103 -5.26 25.22 21.06
C ILE G 103 -6.54 25.10 20.25
N GLY G 104 -6.68 24.00 19.49
CA GLY G 104 -7.84 23.85 18.63
C GLY G 104 -9.17 23.93 19.39
N ALA G 105 -9.22 23.36 20.60
CA ALA G 105 -10.45 23.40 21.38
C ALA G 105 -10.88 24.84 21.68
N ILE G 106 -9.92 25.72 21.97
CA ILE G 106 -10.26 27.11 22.25
C ILE G 106 -10.55 27.86 20.96
N LEU G 107 -9.77 27.62 19.91
CA LEU G 107 -10.04 28.23 18.61
C LEU G 107 -11.46 27.90 18.15
N SER G 108 -11.88 26.66 18.36
CA SER G 108 -13.23 26.23 17.99
C SER G 108 -14.29 27.10 18.66
N LYS G 109 -14.11 27.39 19.95
CA LYS G 109 -15.06 28.24 20.66
C LYS G 109 -14.95 29.69 20.20
N GLU G 110 -13.72 30.17 19.97
CA GLU G 110 -13.53 31.60 19.75
C GLU G 110 -14.13 32.06 18.43
N VAL G 111 -14.06 31.25 17.37
CA VAL G 111 -14.58 31.66 16.07
C VAL G 111 -15.69 30.75 15.57
N ALA G 112 -16.23 29.90 16.44
CA ALA G 112 -17.37 29.06 16.11
C ALA G 112 -17.04 28.13 14.95
N LYS G 113 -15.83 27.61 14.94
CA LYS G 113 -15.38 26.64 13.96
C LYS G 113 -15.51 25.24 14.56
N GLY G 114 -15.83 24.27 13.69
CA GLY G 114 -15.92 22.90 14.12
C GLY G 114 -14.71 22.46 14.92
N HIS G 115 -14.93 21.64 15.95
N HIS G 115 -14.94 21.65 15.95
CA HIS G 115 -13.82 21.24 16.82
CA HIS G 115 -13.85 21.22 16.82
C HIS G 115 -12.75 20.49 16.03
C HIS G 115 -12.77 20.49 16.02
N LYS G 116 -13.17 19.50 15.22
CA LYS G 116 -12.22 18.77 14.40
C LYS G 116 -11.49 19.70 13.43
N ALA G 117 -12.21 20.63 12.82
CA ALA G 117 -11.57 21.53 11.86
C ALA G 117 -10.60 22.47 12.57
N ALA G 118 -10.94 22.90 13.79
CA ALA G 118 -10.07 23.82 14.52
C ALA G 118 -8.73 23.17 14.85
N VAL G 119 -8.77 21.95 15.40
CA VAL G 119 -7.54 21.20 15.66
C VAL G 119 -6.75 21.05 14.37
N SER G 120 -7.43 20.68 13.27
CA SER G 120 -6.73 20.50 12.00
C SER G 120 -6.09 21.79 11.52
N GLU G 121 -6.70 22.95 11.83
CA GLU G 121 -6.08 24.21 11.45
C GLU G 121 -4.71 24.34 12.11
N VAL G 122 -4.61 23.95 13.38
CA VAL G 122 -3.33 24.06 14.08
C VAL G 122 -2.30 23.11 13.47
N ILE G 123 -2.70 21.87 13.19
CA ILE G 123 -1.82 20.90 12.54
C ILE G 123 -1.31 21.45 11.22
N ARG G 124 -2.21 22.01 10.41
CA ARG G 124 -1.81 22.59 9.13
C ARG G 124 -0.84 23.74 9.35
N THR G 125 -1.06 24.54 10.40
CA THR G 125 -0.14 25.64 10.70
C THR G 125 1.26 25.11 10.94
N ALA G 126 1.39 24.04 11.74
CA ALA G 126 2.70 23.46 11.98
C ALA G 126 3.35 23.01 10.68
N GLU G 127 2.57 22.36 9.80
CA GLU G 127 3.10 21.91 8.53
C GLU G 127 3.64 23.08 7.72
N ILE G 128 2.92 24.21 7.73
CA ILE G 128 3.36 25.38 6.98
C ILE G 128 4.63 25.96 7.58
N ILE G 129 4.71 26.01 8.92
CA ILE G 129 5.89 26.54 9.59
C ILE G 129 7.12 25.68 9.27
N ASN G 130 6.96 24.35 9.33
CA ASN G 130 8.05 23.45 8.97
C ASN G 130 8.47 23.61 7.52
N TYR G 131 7.50 23.71 6.61
CA TYR G 131 7.82 23.85 5.19
C TYR G 131 8.51 25.18 4.93
N ALA G 132 8.04 26.25 5.57
CA ALA G 132 8.66 27.56 5.38
C ALA G 132 10.12 27.53 5.85
N ALA G 133 10.37 26.88 6.99
CA ALA G 133 11.73 26.81 7.51
C ALA G 133 12.68 26.21 6.49
N GLU G 134 12.28 25.09 5.88
CA GLU G 134 13.14 24.39 4.92
C GLU G 134 13.16 25.07 3.56
N GLU G 135 12.05 25.67 3.14
CA GLU G 135 12.06 26.44 1.89
C GLU G 135 13.01 27.62 2.01
N GLY G 136 12.95 28.34 3.13
CA GLY G 136 13.70 29.58 3.25
C GLY G 136 15.20 29.39 3.44
N LEU G 137 15.60 28.30 4.08
CA LEU G 137 17.02 28.15 4.43
C LEU G 137 17.89 27.81 3.23
N ARG G 138 17.31 27.28 2.15
CA ARG G 138 18.06 27.02 0.93
C ARG G 138 17.79 28.06 -0.15
N MET G 139 17.26 29.23 0.24
CA MET G 139 17.19 30.35 -0.68
C MET G 139 18.58 30.68 -1.21
N GLU G 140 18.66 31.04 -2.48
CA GLU G 140 19.92 31.25 -3.15
C GLU G 140 20.01 32.66 -3.73
N GLY G 141 21.25 33.10 -3.91
CA GLY G 141 21.54 34.31 -4.65
C GLY G 141 21.95 34.00 -6.07
N GLU G 142 22.35 35.05 -6.77
CA GLU G 142 22.71 34.92 -8.18
C GLU G 142 23.97 35.74 -8.45
N VAL G 143 24.65 35.39 -9.53
CA VAL G 143 25.83 36.09 -10.01
C VAL G 143 25.53 36.55 -11.44
N LEU G 144 25.54 37.85 -11.67
CA LEU G 144 25.26 38.40 -12.98
C LEU G 144 26.55 38.90 -13.62
N GLU G 145 26.63 38.80 -14.94
CA GLU G 145 27.81 39.17 -15.70
C GLU G 145 27.55 40.51 -16.38
N GLY G 146 28.43 41.49 -16.13
CA GLY G 146 28.36 42.75 -16.85
C GLY G 146 28.50 42.57 -18.34
N GLY G 147 29.28 41.56 -18.78
CA GLY G 147 29.48 41.29 -20.19
C GLY G 147 28.26 40.76 -20.91
N SER G 148 27.19 40.44 -20.18
CA SER G 148 25.91 40.15 -20.81
C SER G 148 25.29 41.40 -21.42
N PHE G 149 25.63 42.59 -20.94
CA PHE G 149 25.03 43.83 -21.41
C PHE G 149 25.96 44.69 -22.24
N GLU G 150 27.23 44.80 -21.86
CA GLU G 150 28.19 45.58 -22.63
C GLU G 150 29.59 45.01 -22.49
N ALA G 151 30.31 44.97 -23.60
CA ALA G 151 31.67 44.42 -23.59
C ALA G 151 32.56 45.16 -22.60
N ALA G 152 32.41 46.49 -22.52
CA ALA G 152 33.26 47.29 -21.63
C ALA G 152 33.19 46.81 -20.19
N SER G 153 32.10 46.15 -19.78
CA SER G 153 31.91 45.75 -18.39
C SER G 153 32.05 44.25 -18.20
N LYS G 154 32.75 43.57 -19.11
CA LYS G 154 32.81 42.11 -19.06
C LYS G 154 33.49 41.59 -17.79
N LYS G 155 34.34 42.38 -17.16
CA LYS G 155 35.00 41.96 -15.92
C LYS G 155 34.20 42.29 -14.68
N LYS G 156 33.06 42.97 -14.83
CA LYS G 156 32.23 43.37 -13.70
C LYS G 156 31.18 42.30 -13.44
N ILE G 157 31.10 41.84 -12.19
CA ILE G 157 30.09 40.88 -11.80
C ILE G 157 29.35 41.41 -10.58
N ALA G 158 28.10 40.97 -10.43
CA ALA G 158 27.23 41.39 -9.35
C ALA G 158 26.88 40.16 -8.52
N ILE G 159 27.25 40.18 -7.26
CA ILE G 159 26.89 39.13 -6.30
C ILE G 159 25.61 39.59 -5.60
N VAL G 160 24.50 38.91 -5.88
CA VAL G 160 23.17 39.34 -5.48
C VAL G 160 22.66 38.36 -4.44
N ARG G 161 22.50 38.81 -3.20
CA ARG G 161 22.07 37.97 -2.10
C ARG G 161 20.77 38.51 -1.52
N ARG G 162 19.98 37.62 -0.93
CA ARG G 162 18.72 38.01 -0.33
C ARG G 162 18.93 38.56 1.07
N GLU G 163 18.09 39.52 1.44
CA GLU G 163 18.08 40.12 2.77
C GLU G 163 16.64 40.37 3.19
N PRO G 164 16.35 40.35 4.49
CA PRO G 164 14.98 40.63 4.93
C PRO G 164 14.62 42.09 4.68
N VAL G 165 13.32 42.36 4.78
CA VAL G 165 12.84 43.73 4.61
C VAL G 165 12.81 44.51 5.92
N GLY G 166 12.79 43.82 7.07
CA GLY G 166 12.84 44.48 8.35
C GLY G 166 11.81 43.98 9.35
N LEU G 167 10.88 44.85 9.73
CA LEU G 167 9.80 44.49 10.63
C LEU G 167 8.55 44.26 9.80
N VAL G 168 7.98 43.06 9.91
CA VAL G 168 6.75 42.68 9.24
C VAL G 168 5.60 42.76 10.24
N LEU G 169 4.57 43.51 9.89
CA LEU G 169 3.32 43.49 10.63
C LEU G 169 2.43 42.44 9.97
N ALA G 170 2.10 41.40 10.73
CA ALA G 170 1.23 40.34 10.27
C ALA G 170 -0.12 40.52 10.95
N ILE G 171 -1.19 40.49 10.15
CA ILE G 171 -2.56 40.69 10.62
C ILE G 171 -3.36 39.48 10.18
N SER G 172 -3.72 38.62 11.12
CA SER G 172 -4.43 37.40 10.80
C SER G 172 -5.94 37.64 10.83
N PRO G 173 -6.72 36.75 10.19
CA PRO G 173 -8.17 36.95 10.13
C PRO G 173 -8.94 36.07 11.12
N PHE G 174 -10.21 36.39 11.37
CA PHE G 174 -10.97 35.61 12.33
C PHE G 174 -11.19 34.18 11.85
N ASN G 175 -11.30 33.96 10.55
CA ASN G 175 -11.67 32.64 10.04
C ASN G 175 -10.49 31.68 9.99
N TYR G 176 -9.27 32.15 10.19
CA TYR G 176 -8.08 31.30 10.23
C TYR G 176 -7.05 31.95 11.16
N PRO G 177 -7.39 32.15 12.44
CA PRO G 177 -6.55 32.99 13.30
C PRO G 177 -5.20 32.38 13.64
N VAL G 178 -5.04 31.07 13.45
CA VAL G 178 -3.75 30.42 13.63
C VAL G 178 -3.07 30.11 12.29
N ASN G 179 -3.82 29.50 11.37
CA ASN G 179 -3.23 29.11 10.07
C ASN G 179 -2.75 30.33 9.31
N LEU G 180 -3.57 31.38 9.22
CA LEU G 180 -3.20 32.59 8.51
C LEU G 180 -2.56 33.63 9.43
N ALA G 181 -2.09 33.21 10.60
CA ALA G 181 -1.02 33.90 11.30
C ALA G 181 0.33 33.25 11.00
N GLY G 182 0.43 31.93 11.18
CA GLY G 182 1.67 31.23 10.87
C GLY G 182 2.10 31.34 9.42
N SER G 183 1.14 31.42 8.48
CA SER G 183 1.49 31.56 7.08
C SER G 183 2.23 32.87 6.80
N LYS G 184 2.16 33.82 7.73
CA LYS G 184 2.92 35.07 7.63
C LYS G 184 4.17 35.06 8.50
N ILE G 185 4.07 34.55 9.72
CA ILE G 185 5.17 34.64 10.68
C ILE G 185 6.36 33.80 10.21
N ALA G 186 6.12 32.54 9.80
CA ALA G 186 7.25 31.67 9.49
C ALA G 186 7.99 32.10 8.24
N PRO G 187 7.33 32.37 7.10
CA PRO G 187 8.07 32.89 5.95
C PRO G 187 8.84 34.16 6.26
N ALA G 188 8.28 35.04 7.09
CA ALA G 188 8.99 36.26 7.42
C ALA G 188 10.22 35.96 8.27
N LEU G 189 10.07 35.11 9.28
CA LEU G 189 11.15 34.86 10.23
C LEU G 189 12.33 34.13 9.57
N ILE G 190 12.06 33.16 8.70
CA ILE G 190 13.16 32.39 8.12
C ILE G 190 14.06 33.28 7.27
N ALA G 191 13.48 34.28 6.63
CA ALA G 191 14.27 35.23 5.84
C ALA G 191 15.09 36.18 6.71
N GLY G 192 14.88 36.19 8.02
CA GLY G 192 15.55 37.13 8.89
C GLY G 192 14.75 38.36 9.25
N ASN G 193 13.47 38.42 8.89
CA ASN G 193 12.62 39.51 9.36
C ASN G 193 12.26 39.30 10.83
N VAL G 194 11.84 40.38 11.48
CA VAL G 194 11.19 40.30 12.77
C VAL G 194 9.70 40.57 12.54
N VAL G 195 8.87 40.10 13.47
CA VAL G 195 7.44 40.04 13.26
C VAL G 195 6.70 40.58 14.48
N ALA G 196 5.65 41.35 14.22
CA ALA G 196 4.62 41.65 15.19
C ALA G 196 3.29 41.12 14.65
N LEU G 197 2.61 40.29 15.44
CA LEU G 197 1.32 39.73 15.05
C LEU G 197 0.20 40.52 15.70
N LYS G 198 -0.68 41.06 14.87
CA LYS G 198 -1.92 41.66 15.34
C LYS G 198 -3.06 40.75 14.96
N PRO G 199 -3.56 39.89 15.85
CA PRO G 199 -4.75 39.11 15.53
C PRO G 199 -5.97 40.00 15.51
N PRO G 200 -7.08 39.54 14.94
CA PRO G 200 -8.34 40.24 15.13
C PRO G 200 -8.85 39.98 16.53
N THR G 201 -9.62 40.94 17.06
CA THR G 201 -10.19 40.80 18.39
C THR G 201 -10.81 39.42 18.57
N GLN G 202 -11.69 39.04 17.65
CA GLN G 202 -12.31 37.71 17.66
C GLN G 202 -11.33 36.75 17.00
N GLY G 203 -10.50 36.12 17.82
CA GLY G 203 -9.38 35.32 17.35
C GLY G 203 -8.07 35.74 17.97
N SER G 204 -8.10 36.68 18.92
CA SER G 204 -6.88 37.11 19.59
C SER G 204 -6.39 36.08 20.60
N ILE G 205 -7.31 35.38 21.27
CA ILE G 205 -6.90 34.32 22.19
C ILE G 205 -6.12 33.25 21.42
N SER G 206 -6.69 32.79 20.30
CA SER G 206 -6.01 31.77 19.51
CA SER G 206 -6.01 31.76 19.51
C SER G 206 -4.67 32.27 19.00
N GLY G 207 -4.60 33.55 18.64
CA GLY G 207 -3.34 34.10 18.17
C GLY G 207 -2.29 34.14 19.26
N LEU G 208 -2.70 34.51 20.47
CA LEU G 208 -1.76 34.53 21.59
C LEU G 208 -1.33 33.12 21.98
N LEU G 209 -2.22 32.14 21.84
CA LEU G 209 -1.84 30.75 22.07
C LEU G 209 -0.77 30.29 21.09
N LEU G 210 -0.89 30.71 19.83
CA LEU G 210 0.16 30.45 18.85
C LEU G 210 1.47 31.09 19.28
N ALA G 211 1.41 32.30 19.84
CA ALA G 211 2.63 32.96 20.30
C ALA G 211 3.32 32.15 21.38
N GLU G 212 2.54 31.48 22.24
CA GLU G 212 3.14 30.68 23.30
C GLU G 212 4.10 29.65 22.73
N ALA G 213 3.73 29.04 21.60
CA ALA G 213 4.58 28.01 21.01
C ALA G 213 5.91 28.61 20.56
N PHE G 214 5.89 29.81 19.97
CA PHE G 214 7.15 30.43 19.55
C PHE G 214 7.96 30.87 20.76
N ALA G 215 7.29 31.32 21.83
CA ALA G 215 8.01 31.70 23.03
C ALA G 215 8.71 30.50 23.67
N GLU G 216 7.99 29.38 23.80
CA GLU G 216 8.58 28.20 24.39
C GLU G 216 9.72 27.64 23.55
N ALA G 217 9.62 27.80 22.23
CA ALA G 217 10.70 27.37 21.34
C ALA G 217 11.96 28.19 21.51
N GLY G 218 11.93 29.25 22.31
CA GLY G 218 13.11 30.05 22.56
C GLY G 218 13.37 31.14 21.55
N ILE G 219 12.36 31.54 20.78
CA ILE G 219 12.53 32.62 19.79
C ILE G 219 13.12 33.80 20.55
N PRO G 220 14.18 34.44 20.03
CA PRO G 220 14.83 35.50 20.80
C PRO G 220 13.89 36.65 21.11
N ALA G 221 14.14 37.30 22.24
CA ALA G 221 13.31 38.40 22.69
C ALA G 221 13.19 39.45 21.60
N GLY G 222 11.95 39.85 21.33
CA GLY G 222 11.67 40.87 20.35
C GLY G 222 11.66 40.40 18.91
N VAL G 223 12.14 39.19 18.63
CA VAL G 223 12.12 38.71 17.25
C VAL G 223 10.69 38.45 16.79
N PHE G 224 9.85 37.97 17.69
CA PHE G 224 8.42 37.78 17.45
C PHE G 224 7.65 38.37 18.62
N ASN G 225 6.63 39.17 18.32
CA ASN G 225 5.81 39.85 19.32
C ASN G 225 4.35 39.81 18.88
N THR G 226 3.45 40.07 19.83
CA THR G 226 2.03 40.18 19.53
C THR G 226 1.49 41.54 19.97
N ILE G 227 0.44 41.99 19.29
CA ILE G 227 -0.30 43.20 19.60
C ILE G 227 -1.77 42.84 19.67
N THR G 228 -2.45 43.28 20.73
CA THR G 228 -3.90 43.18 20.84
C THR G 228 -4.43 44.51 21.34
N GLY G 229 -5.62 44.88 20.88
CA GLY G 229 -6.18 46.17 21.26
C GLY G 229 -7.42 46.48 20.44
N ARG G 230 -8.06 47.59 20.82
CA ARG G 230 -9.28 48.05 20.16
C ARG G 230 -8.93 48.84 18.90
N GLY G 231 -9.65 48.56 17.82
CA GLY G 231 -9.41 49.29 16.58
C GLY G 231 -9.43 50.79 16.78
N SER G 232 -10.39 51.29 17.57
CA SER G 232 -10.51 52.73 17.76
C SER G 232 -9.28 53.35 18.41
N VAL G 233 -8.48 52.55 19.10
CA VAL G 233 -7.30 53.05 19.79
C VAL G 233 -6.04 52.84 18.98
N ILE G 234 -5.86 51.66 18.37
CA ILE G 234 -4.61 51.30 17.73
C ILE G 234 -4.79 50.80 16.30
N GLY G 235 -6.02 50.74 15.80
CA GLY G 235 -6.27 50.20 14.47
C GLY G 235 -5.39 50.81 13.41
N ASP G 236 -5.52 52.13 13.20
CA ASP G 236 -4.69 52.78 12.19
C ASP G 236 -3.25 52.94 12.68
N TYR G 237 -3.06 53.15 13.98
CA TYR G 237 -1.73 53.44 14.50
C TYR G 237 -0.72 52.34 14.16
N ILE G 238 -1.13 51.07 14.29
CA ILE G 238 -0.17 49.99 14.08
C ILE G 238 0.29 49.93 12.63
N VAL G 239 -0.55 50.33 11.67
CA VAL G 239 -0.17 50.27 10.27
C VAL G 239 0.61 51.51 9.84
N GLU G 240 0.32 52.67 10.43
CA GLU G 240 0.97 53.90 10.03
C GLU G 240 2.33 54.09 10.67
N HIS G 241 2.63 53.36 11.73
CA HIS G 241 3.90 53.51 12.44
C HIS G 241 5.07 53.32 11.50
N GLU G 242 6.06 54.23 11.58
CA GLU G 242 7.17 54.21 10.64
C GLU G 242 8.11 53.04 10.87
N ALA G 243 8.11 52.46 12.08
CA ALA G 243 8.96 51.30 12.34
C ALA G 243 8.62 50.11 11.44
N VAL G 244 7.37 50.03 10.97
CA VAL G 244 6.93 48.88 10.19
C VAL G 244 7.42 49.02 8.75
N ASN G 245 8.02 47.95 8.21
CA ASN G 245 8.54 47.94 6.85
C ASN G 245 7.73 47.11 5.89
N PHE G 246 6.68 46.44 6.35
CA PHE G 246 5.92 45.50 5.53
C PHE G 246 4.64 45.15 6.27
N ILE G 247 3.52 45.11 5.54
CA ILE G 247 2.22 44.82 6.11
C ILE G 247 1.62 43.64 5.36
N ASN G 248 1.37 42.55 6.09
CA ASN G 248 0.85 41.30 5.55
C ASN G 248 -0.50 41.03 6.20
N PHE G 249 -1.58 41.20 5.45
CA PHE G 249 -2.93 41.27 6.00
C PHE G 249 -3.87 40.30 5.29
N THR G 250 -4.72 39.66 6.07
CA THR G 250 -5.85 38.89 5.57
C THR G 250 -7.11 39.40 6.26
N GLY G 251 -8.17 39.62 5.49
CA GLY G 251 -9.42 40.10 6.06
C GLY G 251 -10.40 40.52 4.99
N SER G 252 -11.30 41.42 5.36
CA SER G 252 -12.31 41.89 4.43
C SER G 252 -11.73 42.89 3.45
N THR G 253 -12.35 42.96 2.26
CA THR G 253 -11.88 43.89 1.24
C THR G 253 -11.94 45.34 1.71
N PRO G 254 -13.01 45.83 2.36
CA PRO G 254 -13.00 47.23 2.78
C PRO G 254 -11.89 47.56 3.78
N ILE G 255 -11.58 46.65 4.71
CA ILE G 255 -10.47 46.90 5.61
C ILE G 255 -9.14 46.84 4.86
N GLY G 256 -8.99 45.86 3.98
CA GLY G 256 -7.78 45.80 3.15
C GLY G 256 -7.56 47.07 2.35
N GLU G 257 -8.63 47.61 1.74
CA GLU G 257 -8.49 48.86 1.01
C GLU G 257 -8.01 49.97 1.93
N GLY G 258 -8.48 50.00 3.17
CA GLY G 258 -7.99 51.00 4.12
C GLY G 258 -6.51 50.86 4.38
N ILE G 259 -6.03 49.62 4.49
CA ILE G 259 -4.62 49.41 4.79
C ILE G 259 -3.74 49.86 3.63
N GLY G 260 -4.23 49.71 2.40
CA GLY G 260 -3.42 50.09 1.25
C GLY G 260 -3.02 51.55 1.25
N LYS G 261 -3.93 52.43 1.66
CA LYS G 261 -3.57 53.85 1.73
C LYS G 261 -2.58 54.13 2.86
N LEU G 262 -2.80 53.50 4.02
CA LEU G 262 -1.95 53.76 5.18
C LEU G 262 -0.53 53.26 4.98
N ALA G 263 -0.29 52.40 4.00
CA ALA G 263 1.03 51.81 3.84
C ALA G 263 2.03 52.77 3.19
N GLY G 264 1.55 53.71 2.39
CA GLY G 264 2.46 54.62 1.72
C GLY G 264 3.25 53.88 0.67
N MET G 265 4.57 54.03 0.72
CA MET G 265 5.48 53.35 -0.19
C MET G 265 5.89 51.97 0.29
N ARG G 266 5.48 51.58 1.47
CA ARG G 266 5.95 50.30 2.00
C ARG G 266 5.24 49.14 1.32
N PRO G 267 5.95 48.03 1.07
CA PRO G 267 5.32 46.90 0.41
C PRO G 267 4.24 46.30 1.29
N ILE G 268 3.20 45.75 0.64
CA ILE G 268 2.08 45.16 1.33
C ILE G 268 1.72 43.84 0.66
N MET G 269 1.00 43.01 1.41
N MET G 269 1.04 42.99 1.41
CA MET G 269 0.40 41.80 0.88
CA MET G 269 0.40 41.80 0.89
C MET G 269 -1.01 41.74 1.46
C MET G 269 -1.02 41.79 1.45
N LEU G 270 -2.00 41.56 0.58
CA LEU G 270 -3.40 41.63 0.96
C LEU G 270 -4.14 40.39 0.46
N GLU G 271 -4.81 39.71 1.39
CA GLU G 271 -5.68 38.57 1.11
C GLU G 271 -7.09 39.03 1.48
N LEU G 272 -7.90 39.36 0.49
CA LEU G 272 -9.21 39.95 0.71
C LEU G 272 -10.31 38.96 0.32
N GLY G 273 -11.45 39.47 -0.16
CA GLY G 273 -12.60 38.63 -0.42
C GLY G 273 -12.58 37.96 -1.78
N GLY G 274 -13.56 37.08 -1.97
CA GLY G 274 -13.67 36.34 -3.21
C GLY G 274 -15.12 36.07 -3.52
N LYS G 275 -15.38 35.78 -4.80
CA LYS G 275 -16.67 35.33 -5.26
C LYS G 275 -16.41 34.28 -6.34
N ASP G 276 -15.68 33.23 -5.97
CA ASP G 276 -15.21 32.25 -6.94
C ASP G 276 -16.38 31.64 -7.70
N SER G 277 -16.23 31.56 -9.01
CA SER G 277 -17.24 30.93 -9.86
CA SER G 277 -17.24 30.94 -9.88
C SER G 277 -16.89 29.47 -10.11
N ALA G 278 -17.93 28.65 -10.21
CA ALA G 278 -17.81 27.25 -10.61
C ALA G 278 -18.50 27.14 -11.97
N ILE G 279 -17.71 27.05 -13.04
CA ILE G 279 -18.22 26.96 -14.40
C ILE G 279 -18.41 25.50 -14.75
N VAL G 280 -19.64 25.11 -15.08
CA VAL G 280 -19.99 23.72 -15.34
C VAL G 280 -20.45 23.61 -16.79
N LEU G 281 -19.69 22.88 -17.60
CA LEU G 281 -19.97 22.74 -19.02
C LEU G 281 -20.83 21.50 -19.25
N GLU G 282 -21.24 21.29 -20.51
CA GLU G 282 -22.22 20.26 -20.81
C GLU G 282 -21.65 18.86 -20.68
N ASP G 283 -20.34 18.68 -20.82
CA ASP G 283 -19.72 17.37 -20.75
C ASP G 283 -19.18 17.03 -19.36
N ALA G 284 -19.51 17.83 -18.36
CA ALA G 284 -18.91 17.65 -17.04
C ALA G 284 -19.53 16.45 -16.34
N ASP G 285 -18.75 15.84 -15.45
CA ASP G 285 -19.26 14.84 -14.51
C ASP G 285 -20.07 15.59 -13.45
N LEU G 286 -21.40 15.56 -13.59
CA LEU G 286 -22.25 16.40 -12.75
C LEU G 286 -22.19 15.97 -11.29
N ALA G 287 -22.08 14.66 -11.03
CA ALA G 287 -21.97 14.20 -9.63
C ALA G 287 -20.68 14.69 -9.01
N LEU G 288 -19.57 14.58 -9.75
CA LEU G 288 -18.30 15.09 -9.25
C LEU G 288 -18.35 16.60 -9.06
N ALA G 289 -18.96 17.31 -9.99
CA ALA G 289 -19.05 18.77 -9.87
C ALA G 289 -19.85 19.16 -8.65
N ALA G 290 -21.00 18.50 -8.44
CA ALA G 290 -21.83 18.79 -7.28
C ALA G 290 -21.08 18.51 -5.98
N LYS G 291 -20.39 17.37 -5.93
CA LYS G 291 -19.65 17.00 -4.72
C LYS G 291 -18.64 18.07 -4.34
N ASN G 292 -17.85 18.53 -5.32
CA ASN G 292 -16.86 19.57 -5.05
C ASN G 292 -17.52 20.91 -4.76
N ILE G 293 -18.58 21.25 -5.48
CA ILE G 293 -19.22 22.56 -5.30
C ILE G 293 -19.76 22.70 -3.88
N VAL G 294 -20.43 21.67 -3.36
CA VAL G 294 -21.01 21.76 -2.03
C VAL G 294 -19.92 21.76 -0.97
N ALA G 295 -18.89 20.94 -1.14
CA ALA G 295 -17.80 20.92 -0.17
C ALA G 295 -17.09 22.27 -0.13
N GLY G 296 -16.88 22.88 -1.31
CA GLY G 296 -16.15 24.13 -1.35
C GLY G 296 -16.98 25.31 -0.88
N ALA G 297 -18.27 25.33 -1.22
CA ALA G 297 -19.10 26.48 -0.93
C ALA G 297 -19.46 26.55 0.56
N PHE G 298 -19.75 25.41 1.20
CA PHE G 298 -20.37 25.43 2.51
C PHE G 298 -19.40 25.10 3.65
N GLY G 299 -18.15 24.76 3.34
CA GLY G 299 -17.15 24.61 4.39
C GLY G 299 -17.14 25.81 5.32
N TYR G 300 -17.06 25.57 6.63
CA TYR G 300 -17.07 26.65 7.61
C TYR G 300 -18.20 27.63 7.34
N SER G 301 -19.35 27.09 6.92
CA SER G 301 -20.56 27.86 6.66
C SER G 301 -20.33 28.96 5.62
N GLY G 302 -19.45 28.72 4.65
CA GLY G 302 -19.17 29.69 3.62
C GLY G 302 -18.30 30.85 4.05
N GLN G 303 -17.74 30.81 5.25
CA GLN G 303 -16.94 31.93 5.75
C GLN G 303 -15.49 31.81 5.32
N ARG G 304 -15.27 31.69 4.01
CA ARG G 304 -13.95 31.57 3.42
C ARG G 304 -13.88 32.41 2.15
N SER G 305 -12.80 33.17 1.98
CA SER G 305 -12.61 33.93 0.75
C SER G 305 -12.49 33.00 -0.45
N THR G 306 -11.69 31.93 -0.31
CA THR G 306 -11.53 30.92 -1.34
C THR G 306 -12.62 29.88 -1.14
N ALA G 307 -13.62 29.89 -2.02
CA ALA G 307 -14.76 29.00 -1.88
C ALA G 307 -15.71 29.22 -3.05
N VAL G 308 -16.29 28.15 -3.57
CA VAL G 308 -17.31 28.31 -4.61
C VAL G 308 -18.42 29.17 -4.04
N LYS G 309 -18.69 30.31 -4.68
CA LYS G 309 -19.74 31.22 -4.23
C LYS G 309 -20.79 31.51 -5.29
N ARG G 310 -20.63 30.99 -6.50
CA ARG G 310 -21.64 31.11 -7.53
C ARG G 310 -21.36 30.04 -8.57
N VAL G 311 -22.40 29.36 -9.02
CA VAL G 311 -22.28 28.32 -10.04
C VAL G 311 -22.77 28.91 -11.35
N LEU G 312 -21.96 28.78 -12.40
CA LEU G 312 -22.30 29.24 -13.74
C LEU G 312 -22.41 27.98 -14.61
N VAL G 313 -23.63 27.53 -14.86
CA VAL G 313 -23.88 26.22 -15.45
C VAL G 313 -24.62 26.36 -16.75
N MET G 314 -24.16 25.63 -17.76
CA MET G 314 -24.86 25.55 -19.04
C MET G 314 -26.25 24.97 -18.83
N ASP G 315 -27.25 25.65 -19.40
CA ASP G 315 -28.64 25.35 -19.05
C ASP G 315 -29.00 23.90 -19.36
N LYS G 316 -28.36 23.30 -20.37
CA LYS G 316 -28.70 21.93 -20.76
C LYS G 316 -28.55 20.96 -19.58
N VAL G 317 -27.55 21.19 -18.73
CA VAL G 317 -27.26 20.30 -17.61
C VAL G 317 -27.62 20.93 -16.27
N ALA G 318 -28.33 22.06 -16.28
CA ALA G 318 -28.60 22.78 -15.05
C ALA G 318 -29.62 22.05 -14.17
N ASP G 319 -30.68 21.51 -14.78
CA ASP G 319 -31.68 20.79 -14.00
C ASP G 319 -31.05 19.62 -13.25
N GLN G 320 -30.10 18.93 -13.89
CA GLN G 320 -29.52 17.75 -13.27
C GLN G 320 -28.46 18.13 -12.24
N LEU G 321 -27.65 19.15 -12.52
CA LEU G 321 -26.67 19.59 -11.54
C LEU G 321 -27.33 20.14 -10.29
N ALA G 322 -28.40 20.92 -10.45
CA ALA G 322 -29.08 21.48 -9.29
C ALA G 322 -29.61 20.38 -8.38
N ALA G 323 -30.13 19.30 -8.96
CA ALA G 323 -30.65 18.21 -8.14
C ALA G 323 -29.52 17.50 -7.41
N GLU G 324 -28.40 17.26 -8.09
CA GLU G 324 -27.24 16.67 -7.44
C GLU G 324 -26.74 17.57 -6.31
N ILE G 325 -26.67 18.87 -6.55
CA ILE G 325 -26.24 19.79 -5.51
C ILE G 325 -27.25 19.80 -4.37
N LYS G 326 -28.53 19.77 -4.70
CA LYS G 326 -29.55 19.84 -3.66
C LYS G 326 -29.43 18.67 -2.68
N THR G 327 -29.28 17.45 -3.21
CA THR G 327 -29.22 16.27 -2.35
C THR G 327 -28.08 16.39 -1.34
N LEU G 328 -26.91 16.87 -1.78
CA LEU G 328 -25.77 16.97 -0.88
C LEU G 328 -25.96 18.06 0.16
N VAL G 329 -26.62 19.17 -0.21
CA VAL G 329 -26.81 20.27 0.74
C VAL G 329 -27.78 19.84 1.84
N GLU G 330 -28.78 19.03 1.48
CA GLU G 330 -29.70 18.53 2.50
C GLU G 330 -29.02 17.59 3.49
N LYS G 331 -27.87 17.01 3.13
CA LYS G 331 -27.17 16.11 4.04
C LYS G 331 -26.25 16.84 5.01
N LEU G 332 -26.04 18.15 4.82
CA LEU G 332 -25.16 18.90 5.70
C LEU G 332 -25.79 19.00 7.09
N SER G 333 -24.96 18.79 8.11
CA SER G 333 -25.40 18.97 9.49
C SER G 333 -25.34 20.44 9.87
N VAL G 334 -26.33 20.88 10.64
CA VAL G 334 -26.49 22.27 11.07
C VAL G 334 -26.57 22.26 12.59
N GLY G 335 -25.64 22.95 13.24
CA GLY G 335 -25.59 22.91 14.69
C GLY G 335 -24.37 23.57 15.30
N MET G 336 -23.80 22.95 16.37
CA MET G 336 -22.84 23.63 17.21
C MET G 336 -21.41 23.21 16.88
N PRO G 337 -20.45 24.09 17.10
CA PRO G 337 -19.05 23.73 16.84
C PRO G 337 -18.58 22.52 17.62
N GLU G 338 -19.05 22.36 18.86
CA GLU G 338 -18.66 21.19 19.65
C GLU G 338 -19.12 19.88 19.02
N ASP G 339 -20.16 19.93 18.19
CA ASP G 339 -20.72 18.73 17.58
C ASP G 339 -20.15 18.48 16.19
N ASP G 340 -19.14 19.23 15.77
CA ASP G 340 -18.53 19.09 14.44
C ASP G 340 -19.56 19.22 13.33
N ALA G 341 -20.58 20.05 13.55
CA ALA G 341 -21.55 20.31 12.50
C ALA G 341 -20.85 20.91 11.28
N ASP G 342 -21.38 20.59 10.10
CA ASP G 342 -20.88 21.22 8.88
C ASP G 342 -21.13 22.73 8.92
N ILE G 343 -22.36 23.11 9.26
CA ILE G 343 -22.79 24.50 9.27
C ILE G 343 -22.90 24.94 10.73
N THR G 344 -22.03 25.87 11.15
CA THR G 344 -22.02 26.42 12.48
C THR G 344 -22.53 27.87 12.47
N PRO G 345 -22.88 28.41 13.62
CA PRO G 345 -23.34 29.81 13.67
C PRO G 345 -22.27 30.75 13.14
N LEU G 346 -22.72 31.80 12.46
CA LEU G 346 -21.82 32.76 11.87
C LEU G 346 -21.12 33.60 12.95
N ILE G 347 -20.09 34.32 12.52
CA ILE G 347 -19.14 34.91 13.46
C ILE G 347 -19.80 35.95 14.37
N ASP G 348 -20.77 36.70 13.87
CA ASP G 348 -21.50 37.64 14.73
C ASP G 348 -22.82 38.01 14.09
N THR G 349 -23.60 38.81 14.81
CA THR G 349 -24.96 39.11 14.40
C THR G 349 -25.00 39.90 13.09
N SER G 350 -24.15 40.91 12.96
CA SER G 350 -24.08 41.66 11.72
C SER G 350 -23.82 40.76 10.53
N ALA G 351 -22.99 39.73 10.72
CA ALA G 351 -22.69 38.81 9.62
C ALA G 351 -23.94 38.03 9.22
N ALA G 352 -24.72 37.58 10.20
CA ALA G 352 -25.91 36.81 9.89
C ALA G 352 -27.00 37.69 9.30
N ASP G 353 -27.14 38.91 9.81
CA ASP G 353 -28.09 39.86 9.23
C ASP G 353 -27.80 40.08 7.75
N PHE G 354 -26.53 40.33 7.42
CA PHE G 354 -26.17 40.58 6.02
C PHE G 354 -26.55 39.39 5.13
N VAL G 355 -26.28 38.16 5.60
CA VAL G 355 -26.58 36.98 4.81
C VAL G 355 -28.07 36.82 4.59
N GLU G 356 -28.87 37.11 5.62
CA GLU G 356 -30.31 37.00 5.49
C GLU G 356 -30.85 38.00 4.47
N GLY G 357 -30.27 39.19 4.40
CA GLY G 357 -30.73 40.18 3.44
C GLY G 357 -30.46 39.75 2.01
N LEU G 358 -29.33 39.08 1.77
CA LEU G 358 -29.05 38.53 0.46
C LEU G 358 -30.05 37.44 0.09
N ILE G 359 -30.36 36.56 1.04
CA ILE G 359 -31.34 35.51 0.81
C ILE G 359 -32.70 36.11 0.51
N LYS G 360 -33.11 37.10 1.31
CA LYS G 360 -34.39 37.76 1.09
C LYS G 360 -34.43 38.46 -0.27
N ASP G 361 -33.35 39.13 -0.65
CA ASP G 361 -33.33 39.78 -1.96
C ASP G 361 -33.54 38.76 -3.07
N ALA G 362 -32.83 37.63 -3.00
CA ALA G 362 -32.98 36.59 -4.01
C ALA G 362 -34.39 36.03 -4.02
N THR G 363 -34.97 35.79 -2.83
CA THR G 363 -36.34 35.31 -2.76
C THR G 363 -37.30 36.31 -3.39
N ASP G 364 -37.15 37.59 -3.03
CA ASP G 364 -38.10 38.60 -3.50
C ASP G 364 -37.97 38.84 -5.00
N LYS G 365 -36.79 38.61 -5.58
CA LYS G 365 -36.59 38.79 -7.01
C LYS G 365 -36.86 37.50 -7.80
N GLY G 366 -37.36 36.46 -7.16
CA GLY G 366 -37.86 35.29 -7.86
C GLY G 366 -36.98 34.06 -7.90
N ALA G 367 -35.91 34.02 -7.11
CA ALA G 367 -35.05 32.84 -7.13
C ALA G 367 -35.74 31.67 -6.45
N THR G 368 -35.45 30.46 -6.93
CA THR G 368 -36.03 29.23 -6.39
C THR G 368 -35.15 28.70 -5.26
N ALA G 369 -35.67 28.70 -4.04
CA ALA G 369 -34.94 28.16 -2.90
C ALA G 369 -35.11 26.64 -2.88
N LEU G 370 -34.03 25.91 -3.17
CA LEU G 370 -34.09 24.46 -3.24
C LEU G 370 -33.89 23.81 -1.89
N THR G 371 -33.29 24.52 -0.93
CA THR G 371 -33.22 24.09 0.46
C THR G 371 -33.81 25.20 1.31
N ALA G 372 -34.17 24.85 2.54
CA ALA G 372 -34.96 25.73 3.37
C ALA G 372 -34.08 26.69 4.15
N PHE G 373 -34.44 27.98 4.12
CA PHE G 373 -33.82 28.97 4.98
C PHE G 373 -34.45 28.92 6.37
N ASN G 374 -33.60 28.78 7.38
CA ASN G 374 -34.04 28.87 8.77
C ASN G 374 -32.90 29.52 9.55
N ARG G 375 -33.26 30.38 10.51
CA ARG G 375 -32.27 31.05 11.33
C ARG G 375 -32.68 30.95 12.80
N GLU G 376 -31.79 30.40 13.60
CA GLU G 376 -31.91 30.37 15.06
C GLU G 376 -30.67 31.10 15.59
N GLY G 377 -30.88 32.26 16.19
CA GLY G 377 -29.75 33.08 16.57
C GLY G 377 -29.01 33.54 15.33
N ASN G 378 -27.71 33.27 15.29
CA ASN G 378 -26.88 33.52 14.12
C ASN G 378 -26.57 32.23 13.37
N LEU G 379 -27.31 31.16 13.66
CA LEU G 379 -27.17 29.88 12.96
C LEU G 379 -28.13 29.89 11.78
N ILE G 380 -27.57 29.99 10.57
CA ILE G 380 -28.36 30.00 9.34
C ILE G 380 -28.14 28.66 8.65
N SER G 381 -29.24 28.02 8.26
CA SER G 381 -29.18 26.75 7.56
C SER G 381 -28.68 26.98 6.12
N PRO G 382 -28.07 25.98 5.50
CA PRO G 382 -27.55 26.17 4.14
C PRO G 382 -28.70 26.34 3.16
N VAL G 383 -28.62 27.41 2.36
CA VAL G 383 -29.67 27.79 1.43
C VAL G 383 -29.11 27.71 0.01
N LEU G 384 -29.76 26.92 -0.83
CA LEU G 384 -29.37 26.73 -2.22
C LEU G 384 -30.43 27.41 -3.09
N PHE G 385 -29.99 28.35 -3.93
CA PHE G 385 -30.88 29.06 -4.84
C PHE G 385 -30.59 28.66 -6.28
N ASP G 386 -31.64 28.29 -7.01
CA ASP G 386 -31.57 28.07 -8.44
C ASP G 386 -32.29 29.20 -9.16
N HIS G 387 -32.05 29.29 -10.46
CA HIS G 387 -32.64 30.35 -11.30
C HIS G 387 -32.29 31.73 -10.76
N VAL G 388 -31.04 31.89 -10.35
CA VAL G 388 -30.55 33.19 -9.93
C VAL G 388 -30.17 33.99 -11.16
N THR G 389 -30.54 35.27 -11.16
CA THR G 389 -30.21 36.19 -12.24
C THR G 389 -29.32 37.31 -11.71
N THR G 390 -28.54 37.90 -12.60
CA THR G 390 -27.48 38.80 -12.19
C THR G 390 -27.97 40.16 -11.76
N ASP G 391 -29.27 40.38 -11.65
CA ASP G 391 -29.77 41.55 -10.95
C ASP G 391 -29.89 41.31 -9.45
N MET G 392 -29.74 40.06 -9.00
CA MET G 392 -29.82 39.73 -7.59
C MET G 392 -28.49 39.99 -6.91
N ARG G 393 -28.55 40.61 -5.72
CA ARG G 393 -27.33 40.90 -4.97
C ARG G 393 -26.51 39.64 -4.75
N LEU G 394 -27.18 38.51 -4.50
CA LEU G 394 -26.48 37.26 -4.21
C LEU G 394 -25.62 36.78 -5.37
N ALA G 395 -25.84 37.30 -6.58
CA ALA G 395 -24.98 36.92 -7.70
C ALA G 395 -23.59 37.53 -7.61
N TRP G 396 -23.41 38.56 -6.77
CA TRP G 396 -22.19 39.37 -6.79
C TRP G 396 -21.56 39.51 -5.42
N GLU G 397 -22.36 39.86 -4.41
CA GLU G 397 -21.82 40.23 -3.12
C GLU G 397 -21.37 38.99 -2.35
N GLU G 398 -20.19 39.09 -1.74
CA GLU G 398 -19.64 37.98 -0.96
C GLU G 398 -20.43 37.79 0.32
N PRO G 399 -21.14 36.68 0.52
CA PRO G 399 -21.98 36.59 1.72
C PRO G 399 -21.18 36.33 3.00
N PHE G 400 -20.17 35.47 2.92
CA PHE G 400 -19.56 34.91 4.12
C PHE G 400 -20.65 34.27 4.99
N GLY G 401 -21.50 33.49 4.31
CA GLY G 401 -22.52 32.70 4.94
C GLY G 401 -22.90 31.54 4.03
N PRO G 402 -23.74 30.64 4.53
CA PRO G 402 -24.03 29.38 3.83
C PRO G 402 -25.18 29.49 2.84
N VAL G 403 -24.92 30.19 1.73
CA VAL G 403 -25.93 30.43 0.69
C VAL G 403 -25.21 30.42 -0.65
N LEU G 404 -25.77 29.70 -1.61
CA LEU G 404 -25.10 29.46 -2.89
C LEU G 404 -26.09 29.66 -4.02
N PRO G 405 -25.81 30.58 -4.96
CA PRO G 405 -26.65 30.72 -6.14
C PRO G 405 -26.19 29.88 -7.32
N ILE G 406 -27.17 29.38 -8.08
CA ILE G 406 -26.95 28.71 -9.34
C ILE G 406 -27.45 29.62 -10.44
N ILE G 407 -26.54 30.06 -11.31
CA ILE G 407 -26.84 30.98 -12.41
C ILE G 407 -26.71 30.20 -13.71
N ARG G 408 -27.78 30.19 -14.50
CA ARG G 408 -27.79 29.45 -15.76
C ARG G 408 -27.35 30.35 -16.91
N VAL G 409 -26.51 29.79 -17.78
CA VAL G 409 -26.01 30.46 -18.98
C VAL G 409 -26.25 29.53 -20.15
N THR G 410 -26.03 30.05 -21.37
CA THR G 410 -26.19 29.25 -22.57
C THR G 410 -24.93 29.13 -23.41
N THR G 411 -23.89 29.91 -23.12
CA THR G 411 -22.62 29.81 -23.82
C THR G 411 -21.48 29.98 -22.82
N VAL G 412 -20.33 29.40 -23.15
CA VAL G 412 -19.16 29.62 -22.31
C VAL G 412 -18.77 31.09 -22.33
N GLU G 413 -18.93 31.76 -23.48
CA GLU G 413 -18.63 33.18 -23.56
C GLU G 413 -19.44 33.96 -22.53
N GLU G 414 -20.71 33.58 -22.33
CA GLU G 414 -21.53 34.25 -21.34
C GLU G 414 -21.05 33.95 -19.92
N ALA G 415 -20.59 32.71 -19.68
CA ALA G 415 -20.06 32.39 -18.35
C ALA G 415 -18.80 33.18 -18.07
N ILE G 416 -17.90 33.26 -19.05
CA ILE G 416 -16.65 34.00 -18.86
C ILE G 416 -16.93 35.45 -18.53
N LYS G 417 -17.87 36.07 -19.26
CA LYS G 417 -18.15 37.48 -19.05
C LYS G 417 -18.74 37.72 -17.67
N ILE G 418 -19.72 36.90 -17.27
CA ILE G 418 -20.32 37.05 -15.95
C ILE G 418 -19.28 36.82 -14.88
N SER G 419 -18.41 35.83 -15.06
CA SER G 419 -17.39 35.56 -14.05
C SER G 419 -16.48 36.78 -13.90
N ASN G 420 -16.03 37.34 -15.01
CA ASN G 420 -15.07 38.45 -14.98
C ASN G 420 -15.69 39.78 -14.57
N GLU G 421 -17.01 39.91 -14.61
CA GLU G 421 -17.64 41.17 -14.21
C GLU G 421 -17.56 41.40 -12.71
N SER G 422 -17.25 40.36 -11.93
CA SER G 422 -17.09 40.51 -10.50
C SER G 422 -15.88 41.39 -10.18
N GLU G 423 -16.00 42.19 -9.12
CA GLU G 423 -14.83 42.91 -8.64
C GLU G 423 -13.83 41.97 -7.99
N TYR G 424 -14.21 40.72 -7.73
CA TYR G 424 -13.34 39.73 -7.14
C TYR G 424 -12.73 38.84 -8.21
N GLY G 425 -11.54 38.32 -7.91
CA GLY G 425 -10.82 37.48 -8.85
C GLY G 425 -9.85 36.57 -8.13
N LEU G 426 -10.35 35.79 -7.16
CA LEU G 426 -9.47 34.94 -6.37
C LEU G 426 -9.19 33.63 -7.12
N GLN G 427 -10.20 32.76 -7.22
CA GLN G 427 -10.04 31.52 -7.96
C GLN G 427 -11.31 31.23 -8.75
N ALA G 428 -11.26 30.16 -9.54
CA ALA G 428 -12.43 29.66 -10.25
C ALA G 428 -12.26 28.15 -10.47
N SER G 429 -13.38 27.45 -10.59
CA SER G 429 -13.39 26.05 -10.94
C SER G 429 -13.99 25.88 -12.33
N ILE G 430 -13.39 25.01 -13.14
CA ILE G 430 -13.93 24.60 -14.43
C ILE G 430 -14.20 23.10 -14.36
N PHE G 431 -15.46 22.72 -14.58
CA PHE G 431 -15.86 21.32 -14.61
C PHE G 431 -16.17 20.93 -16.05
N THR G 432 -15.35 20.07 -16.62
CA THR G 432 -15.47 19.67 -18.01
C THR G 432 -14.56 18.47 -18.22
N THR G 433 -14.73 17.80 -19.36
CA THR G 433 -13.82 16.74 -19.76
C THR G 433 -12.91 17.14 -20.91
N ASN G 434 -13.00 18.38 -21.37
CA ASN G 434 -12.18 18.90 -22.46
C ASN G 434 -11.16 19.87 -21.86
N PHE G 435 -9.98 19.36 -21.55
CA PHE G 435 -9.00 20.15 -20.81
C PHE G 435 -8.31 21.19 -21.68
N PRO G 436 -8.00 20.91 -22.95
CA PRO G 436 -7.51 22.00 -23.81
C PRO G 436 -8.45 23.20 -23.82
N LYS G 437 -9.75 22.95 -23.89
CA LYS G 437 -10.71 24.04 -23.83
C LYS G 437 -10.73 24.68 -22.44
N ALA G 438 -10.57 23.87 -21.39
CA ALA G 438 -10.57 24.42 -20.04
C ALA G 438 -9.36 25.34 -19.83
N PHE G 439 -8.21 24.97 -20.38
CA PHE G 439 -7.05 25.85 -20.31
C PHE G 439 -7.31 27.16 -21.05
N GLY G 440 -7.95 27.08 -22.22
CA GLY G 440 -8.29 28.29 -22.95
C GLY G 440 -9.24 29.18 -22.18
N ILE G 441 -10.23 28.58 -21.50
CA ILE G 441 -11.10 29.33 -20.62
C ILE G 441 -10.31 29.93 -19.46
N ALA G 442 -9.43 29.12 -18.85
CA ALA G 442 -8.62 29.60 -17.73
C ALA G 442 -7.81 30.83 -18.13
N GLU G 443 -7.24 30.83 -19.34
CA GLU G 443 -6.48 31.99 -19.77
C GLU G 443 -7.31 33.26 -19.71
N GLN G 444 -8.62 33.15 -19.94
CA GLN G 444 -9.48 34.31 -20.03
C GLN G 444 -10.09 34.73 -18.70
N LEU G 445 -10.07 33.87 -17.68
CA LEU G 445 -10.65 34.21 -16.39
C LEU G 445 -9.68 35.08 -15.59
N GLU G 446 -10.20 36.20 -15.06
CA GLU G 446 -9.40 37.17 -14.29
C GLU G 446 -9.33 36.71 -12.83
N VAL G 447 -8.55 35.65 -12.60
CA VAL G 447 -8.38 35.06 -11.29
C VAL G 447 -6.93 34.63 -11.13
N GLY G 448 -6.56 34.32 -9.90
CA GLY G 448 -5.21 33.86 -9.61
C GLY G 448 -4.99 32.41 -9.95
N THR G 449 -5.96 31.56 -9.57
CA THR G 449 -5.85 30.12 -9.73
C THR G 449 -7.15 29.56 -10.30
N VAL G 450 -7.02 28.66 -11.28
CA VAL G 450 -8.15 27.93 -11.83
C VAL G 450 -7.94 26.45 -11.53
N HIS G 451 -8.94 25.83 -10.88
CA HIS G 451 -8.92 24.40 -10.59
C HIS G 451 -9.81 23.67 -11.60
N LEU G 452 -9.30 22.59 -12.19
CA LEU G 452 -10.02 21.81 -13.18
C LEU G 452 -10.63 20.57 -12.52
N ASN G 453 -11.95 20.46 -12.61
CA ASN G 453 -12.68 19.32 -12.02
C ASN G 453 -12.35 19.17 -10.54
N ASN G 454 -12.34 20.30 -9.83
CA ASN G 454 -12.14 20.33 -8.40
C ASN G 454 -12.60 21.68 -7.87
N LYS G 455 -12.96 21.70 -6.60
CA LYS G 455 -13.31 22.94 -5.93
C LYS G 455 -12.11 23.88 -5.88
N THR G 456 -12.39 25.17 -5.72
CA THR G 456 -11.31 26.11 -5.44
C THR G 456 -10.75 25.84 -4.04
N GLN G 457 -9.47 26.16 -3.86
CA GLN G 457 -8.80 25.89 -2.60
C GLN G 457 -7.46 26.60 -2.57
N ARG G 458 -7.04 27.00 -1.36
CA ARG G 458 -5.73 27.63 -1.20
C ARG G 458 -4.60 26.63 -1.39
N GLY G 459 -4.85 25.35 -1.07
CA GLY G 459 -3.78 24.36 -1.07
C GLY G 459 -3.44 23.83 -2.45
N THR G 460 -2.37 23.04 -2.50
CA THR G 460 -1.46 22.76 -1.38
C THR G 460 -0.63 24.02 -1.15
N ASP G 461 -0.14 24.18 0.07
CA ASP G 461 0.40 25.47 0.50
C ASP G 461 1.73 25.81 -0.14
N ASN G 462 2.31 24.91 -0.94
CA ASN G 462 3.44 25.27 -1.76
C ASN G 462 3.02 25.93 -3.07
N PHE G 463 1.75 25.76 -3.47
CA PHE G 463 1.26 26.39 -4.69
C PHE G 463 1.09 27.89 -4.46
N PRO G 464 1.08 28.68 -5.53
CA PRO G 464 0.81 30.10 -5.37
C PRO G 464 -0.63 30.32 -4.96
N PHE G 465 -0.83 31.35 -4.13
CA PHE G 465 -2.16 31.80 -3.75
C PHE G 465 -2.18 33.31 -3.93
N LEU G 466 -3.05 33.77 -4.83
CA LEU G 466 -3.13 35.19 -5.15
C LEU G 466 -4.53 35.49 -5.68
N GLY G 467 -4.88 36.76 -5.66
CA GLY G 467 -6.13 37.21 -6.24
C GLY G 467 -5.90 38.44 -7.10
N ALA G 468 -6.71 38.53 -8.15
CA ALA G 468 -6.75 39.73 -8.97
C ALA G 468 -7.81 40.70 -8.45
N LYS G 469 -7.73 41.93 -8.94
CA LYS G 469 -8.75 42.96 -8.70
C LYS G 469 -8.88 43.12 -7.18
N LYS G 470 -10.08 43.20 -6.64
CA LYS G 470 -10.26 43.50 -5.23
C LYS G 470 -9.97 42.30 -4.31
N SER G 471 -9.47 41.20 -4.86
CA SER G 471 -9.27 40.00 -4.05
C SER G 471 -7.94 40.00 -3.32
N GLY G 472 -7.04 40.93 -3.62
CA GLY G 472 -5.85 41.11 -2.82
C GLY G 472 -4.71 41.70 -3.61
N ALA G 473 -3.52 41.58 -3.02
CA ALA G 473 -2.28 42.05 -3.60
C ALA G 473 -1.15 41.18 -3.06
N GLY G 474 -0.21 40.84 -3.93
CA GLY G 474 0.87 39.94 -3.58
C GLY G 474 0.51 38.49 -3.85
N VAL G 475 1.55 37.65 -3.86
CA VAL G 475 1.40 36.22 -4.13
C VAL G 475 1.86 35.45 -2.90
N GLN G 476 0.96 34.66 -2.35
CA GLN G 476 1.19 33.85 -1.17
CA GLN G 476 1.21 33.85 -1.17
C GLN G 476 1.51 32.41 -1.58
N GLY G 477 1.39 31.48 -0.64
CA GLY G 477 2.06 30.21 -0.82
C GLY G 477 3.49 30.33 -0.32
N VAL G 478 4.03 29.23 0.18
CA VAL G 478 5.21 29.33 1.06
C VAL G 478 6.34 30.09 0.36
N LYS G 479 6.90 29.52 -0.71
CA LYS G 479 8.09 30.15 -1.28
C LYS G 479 7.77 31.56 -1.79
N TYR G 480 6.55 31.77 -2.28
CA TYR G 480 6.19 33.09 -2.79
C TYR G 480 6.10 34.11 -1.66
N SER G 481 5.61 33.68 -0.49
CA SER G 481 5.56 34.57 0.66
C SER G 481 6.96 34.94 1.13
N ILE G 482 7.89 34.00 1.05
CA ILE G 482 9.27 34.27 1.46
C ILE G 482 9.90 35.29 0.52
N GLU G 483 9.72 35.11 -0.80
CA GLU G 483 10.24 36.10 -1.74
C GLU G 483 9.61 37.46 -1.52
N ALA G 484 8.30 37.52 -1.29
CA ALA G 484 7.63 38.81 -1.11
C ALA G 484 8.21 39.59 0.06
N MET G 485 8.59 38.89 1.14
CA MET G 485 9.10 39.54 2.34
C MET G 485 10.62 39.54 2.39
N THR G 486 11.27 39.41 1.24
CA THR G 486 12.71 39.54 1.12
C THR G 486 13.04 40.58 0.05
N THR G 487 14.17 41.24 0.24
CA THR G 487 14.75 42.13 -0.74
C THR G 487 16.12 41.58 -1.13
N VAL G 488 16.83 42.31 -1.97
CA VAL G 488 18.14 41.87 -2.43
C VAL G 488 19.18 42.91 -2.06
N LYS G 489 20.42 42.45 -1.90
CA LYS G 489 21.60 43.30 -1.69
C LYS G 489 22.62 42.90 -2.74
N SER G 490 23.06 43.87 -3.53
CA SER G 490 23.96 43.64 -4.66
C SER G 490 25.36 44.13 -4.29
N VAL G 491 26.37 43.28 -4.50
CA VAL G 491 27.76 43.67 -4.32
C VAL G 491 28.46 43.48 -5.66
N VAL G 492 29.05 44.54 -6.18
CA VAL G 492 29.55 44.60 -7.55
C VAL G 492 31.04 44.95 -7.51
N PHE G 493 31.84 44.19 -8.24
CA PHE G 493 33.27 44.48 -8.30
C PHE G 493 33.82 43.99 -9.63
N ASP G 494 35.03 44.45 -9.95
CA ASP G 494 35.70 44.12 -11.19
C ASP G 494 36.78 43.08 -10.93
N ILE G 495 36.77 42.01 -11.72
CA ILE G 495 37.83 41.03 -11.69
C ILE G 495 39.06 41.60 -12.37
N GLN G 496 40.23 41.34 -11.80
CA GLN G 496 41.47 41.89 -12.34
C GLN G 496 42.44 40.78 -12.70
N LEU H 22 12.30 75.33 -36.27
CA LEU H 22 12.97 74.95 -34.99
C LEU H 22 11.94 74.52 -33.94
N ALA H 23 11.32 75.48 -33.26
CA ALA H 23 10.32 75.18 -32.26
C ALA H 23 9.10 74.53 -32.92
N LYS H 24 8.78 73.31 -32.49
CA LYS H 24 7.69 72.53 -33.06
C LYS H 24 6.58 72.36 -32.03
N GLN H 25 5.34 72.26 -32.53
CA GLN H 25 4.19 71.95 -31.69
C GLN H 25 4.01 70.43 -31.66
N TYR H 26 4.18 69.84 -30.49
CA TYR H 26 4.15 68.39 -30.36
C TYR H 26 2.77 67.90 -29.93
N LYS H 27 2.54 66.60 -30.14
CA LYS H 27 1.26 65.96 -29.93
C LYS H 27 1.44 64.68 -29.15
N ASN H 28 0.41 64.29 -28.41
CA ASN H 28 0.43 63.03 -27.70
C ASN H 28 0.00 61.88 -28.62
N LEU H 29 0.57 60.71 -28.38
CA LEU H 29 0.17 59.49 -29.07
C LEU H 29 -0.98 58.89 -28.29
N VAL H 30 -2.17 58.87 -28.88
CA VAL H 30 -3.38 58.38 -28.22
C VAL H 30 -4.09 57.44 -29.18
N ASN H 31 -4.11 56.16 -28.85
CA ASN H 31 -4.84 55.17 -29.64
C ASN H 31 -4.39 55.20 -31.10
N GLY H 32 -3.08 55.32 -31.31
CA GLY H 32 -2.52 55.30 -32.64
C GLY H 32 -2.67 56.58 -33.42
N GLU H 33 -3.21 57.64 -32.81
CA GLU H 33 -3.36 58.94 -33.45
C GLU H 33 -2.58 59.99 -32.67
N TRP H 34 -2.19 61.07 -33.35
CA TRP H 34 -1.47 62.17 -32.73
C TRP H 34 -2.45 63.30 -32.44
N LYS H 35 -2.61 63.64 -31.17
CA LYS H 35 -3.68 64.54 -30.73
C LYS H 35 -3.11 65.78 -30.05
N LEU H 36 -3.61 66.93 -30.46
CA LEU H 36 -3.40 68.17 -29.72
C LEU H 36 -4.46 68.32 -28.64
N SER H 37 -4.17 69.20 -27.69
CA SER H 37 -5.11 69.63 -26.66
C SER H 37 -5.44 71.11 -26.88
N GLU H 38 -6.49 71.57 -26.22
CA GLU H 38 -6.90 72.96 -26.36
C GLU H 38 -5.86 73.91 -25.78
N ASN H 39 -5.25 73.54 -24.66
CA ASN H 39 -4.15 74.27 -24.07
C ASN H 39 -2.87 73.48 -24.27
N GLU H 40 -1.74 74.19 -24.26
CA GLU H 40 -0.43 73.58 -24.41
C GLU H 40 0.49 74.15 -23.33
N ILE H 41 1.73 73.64 -23.32
CA ILE H 41 2.77 74.07 -22.40
C ILE H 41 4.03 74.27 -23.23
N THR H 42 4.61 75.47 -23.17
CA THR H 42 5.82 75.77 -23.90
C THR H 42 7.04 75.41 -23.05
N ILE H 43 7.99 74.71 -23.65
CA ILE H 43 9.17 74.21 -22.95
C ILE H 43 10.39 75.01 -23.41
N TYR H 44 11.18 75.48 -22.46
CA TYR H 44 12.33 76.33 -22.71
C TYR H 44 13.61 75.62 -22.28
N ALA H 45 14.68 75.87 -23.03
CA ALA H 45 15.98 75.32 -22.69
C ALA H 45 16.43 75.89 -21.34
N PRO H 46 16.66 75.05 -20.33
CA PRO H 46 17.11 75.59 -19.04
C PRO H 46 18.43 76.35 -19.10
N ALA H 47 19.32 76.00 -20.04
CA ALA H 47 20.62 76.64 -20.07
C ALA H 47 20.58 78.02 -20.73
N THR H 48 19.68 78.21 -21.71
CA THR H 48 19.71 79.40 -22.55
C THR H 48 18.38 80.13 -22.68
N GLY H 49 17.28 79.56 -22.22
CA GLY H 49 15.99 80.18 -22.41
C GLY H 49 15.40 80.02 -23.79
N GLU H 50 16.08 79.31 -24.68
CA GLU H 50 15.55 79.09 -26.02
C GLU H 50 14.20 78.38 -25.95
N GLU H 51 13.26 78.83 -26.77
CA GLU H 51 11.98 78.14 -26.90
C GLU H 51 12.18 76.88 -27.74
N LEU H 52 11.79 75.73 -27.19
CA LEU H 52 12.01 74.46 -27.87
C LEU H 52 10.78 73.92 -28.56
N GLY H 53 9.58 74.23 -28.06
CA GLY H 53 8.38 73.68 -28.61
C GLY H 53 7.27 73.70 -27.58
N SER H 54 6.14 73.12 -27.95
CA SER H 54 4.99 73.05 -27.05
C SER H 54 4.46 71.63 -27.03
N VAL H 55 4.04 71.21 -25.84
CA VAL H 55 3.41 69.90 -25.66
C VAL H 55 2.00 70.17 -25.16
N PRO H 56 1.06 69.24 -25.39
CA PRO H 56 -0.32 69.48 -24.96
C PRO H 56 -0.47 69.50 -23.44
N ALA H 57 -1.46 70.27 -22.99
CA ALA H 57 -1.88 70.32 -21.58
C ALA H 57 -3.19 69.54 -21.47
N MET H 58 -3.09 68.24 -21.31
CA MET H 58 -4.26 67.39 -21.36
C MET H 58 -5.21 67.70 -20.21
N THR H 59 -6.49 67.48 -20.46
CA THR H 59 -7.52 67.53 -19.44
C THR H 59 -7.73 66.14 -18.86
N GLN H 60 -8.55 66.08 -17.81
CA GLN H 60 -8.87 64.80 -17.20
C GLN H 60 -9.69 63.93 -18.15
N ALA H 61 -10.58 64.55 -18.94
CA ALA H 61 -11.35 63.79 -19.92
C ALA H 61 -10.46 63.22 -21.01
N GLU H 62 -9.37 63.90 -21.36
CA GLU H 62 -8.42 63.36 -22.33
C GLU H 62 -7.57 62.25 -21.73
N VAL H 63 -7.27 62.32 -20.44
CA VAL H 63 -6.63 61.21 -19.76
C VAL H 63 -7.54 59.98 -19.81
N ASP H 64 -8.84 60.16 -19.57
CA ASP H 64 -9.77 59.04 -19.64
C ASP H 64 -9.74 58.41 -21.02
N ALA H 65 -9.64 59.22 -22.06
CA ALA H 65 -9.57 58.69 -23.42
C ALA H 65 -8.33 57.84 -23.62
N VAL H 66 -7.20 58.28 -23.05
CA VAL H 66 -5.97 57.50 -23.15
C VAL H 66 -6.14 56.15 -22.48
N TYR H 67 -6.65 56.14 -21.24
CA TYR H 67 -6.75 54.90 -20.50
C TYR H 67 -7.80 53.98 -21.12
N ALA H 68 -8.90 54.54 -21.63
CA ALA H 68 -9.92 53.73 -22.27
C ALA H 68 -9.38 53.03 -23.51
N SER H 69 -8.57 53.72 -24.30
CA SER H 69 -7.98 53.10 -25.49
CA SER H 69 -7.99 53.10 -25.48
C SER H 69 -6.96 52.03 -25.10
N ALA H 70 -6.25 52.23 -24.00
CA ALA H 70 -5.26 51.25 -23.56
C ALA H 70 -5.95 49.96 -23.09
N LYS H 71 -6.98 50.10 -22.25
CA LYS H 71 -7.68 48.90 -21.77
C LYS H 71 -8.31 48.13 -22.92
N LYS H 72 -8.77 48.82 -23.97
CA LYS H 72 -9.37 48.12 -25.09
C LYS H 72 -8.32 47.39 -25.94
N ALA H 73 -7.12 47.94 -26.03
CA ALA H 73 -6.04 47.28 -26.74
C ALA H 73 -5.40 46.14 -25.94
N LEU H 74 -5.67 46.05 -24.65
CA LEU H 74 -4.98 45.06 -23.81
C LEU H 74 -5.25 43.64 -24.27
N SER H 75 -6.50 43.33 -24.64
CA SER H 75 -6.85 41.96 -24.94
C SER H 75 -6.06 41.41 -26.12
N ASP H 76 -6.08 42.12 -27.25
CA ASP H 76 -5.36 41.65 -28.42
C ASP H 76 -3.84 41.64 -28.20
N TRP H 77 -3.33 42.58 -27.41
CA TRP H 77 -1.88 42.66 -27.20
C TRP H 77 -1.36 41.50 -26.36
N ARG H 78 -2.05 41.19 -25.26
CA ARG H 78 -1.58 40.13 -24.38
C ARG H 78 -1.73 38.73 -24.98
N THR H 79 -2.60 38.56 -25.99
CA THR H 79 -2.73 37.26 -26.64
C THR H 79 -1.79 37.10 -27.83
N LEU H 80 -1.01 38.12 -28.16
CA LEU H 80 0.04 37.94 -29.13
C LEU H 80 1.12 37.02 -28.54
N SER H 81 1.94 36.46 -29.43
CA SER H 81 3.08 35.69 -28.99
C SER H 81 4.17 36.61 -28.46
N TYR H 82 5.04 36.06 -27.62
CA TYR H 82 6.20 36.82 -27.16
C TYR H 82 7.03 37.31 -28.33
N VAL H 83 7.27 36.44 -29.32
CA VAL H 83 8.09 36.82 -30.47
CA VAL H 83 8.10 36.83 -30.46
C VAL H 83 7.48 38.03 -31.18
N GLU H 84 6.14 38.06 -31.30
CA GLU H 84 5.49 39.17 -31.99
C GLU H 84 5.59 40.48 -31.22
N ARG H 85 5.53 40.41 -29.89
CA ARG H 85 5.72 41.62 -29.10
C ARG H 85 7.18 42.06 -29.13
N ALA H 86 8.11 41.09 -29.04
CA ALA H 86 9.53 41.42 -29.10
C ALA H 86 9.90 42.12 -30.41
N ALA H 87 9.27 41.73 -31.52
CA ALA H 87 9.62 42.32 -32.81
C ALA H 87 9.33 43.81 -32.85
N TYR H 88 8.21 44.24 -32.24
CA TYR H 88 7.91 45.67 -32.17
C TYR H 88 8.96 46.43 -31.37
N LEU H 89 9.43 45.83 -30.27
CA LEU H 89 10.43 46.50 -29.46
C LEU H 89 11.76 46.60 -30.19
N HIS H 90 12.12 45.56 -30.95
CA HIS H 90 13.35 45.62 -31.72
C HIS H 90 13.29 46.69 -32.81
N LYS H 91 12.13 46.83 -33.46
CA LYS H 91 12.00 47.86 -34.49
C LYS H 91 12.14 49.24 -33.89
N ALA H 92 11.49 49.47 -32.73
CA ALA H 92 11.56 50.76 -32.08
C ALA H 92 13.00 51.10 -31.69
N ALA H 93 13.74 50.11 -31.19
CA ALA H 93 15.13 50.35 -30.83
C ALA H 93 15.95 50.71 -32.06
N ASP H 94 15.75 49.98 -33.17
CA ASP H 94 16.46 50.30 -34.40
C ASP H 94 16.19 51.74 -34.82
N ILE H 95 14.94 52.18 -34.69
CA ILE H 95 14.59 53.54 -35.06
C ILE H 95 15.25 54.55 -34.13
N LEU H 96 15.38 54.21 -32.85
CA LEU H 96 16.05 55.11 -31.91
C LEU H 96 17.51 55.28 -32.26
N VAL H 97 18.21 54.18 -32.59
CA VAL H 97 19.61 54.29 -32.98
C VAL H 97 19.74 55.15 -34.23
N ARG H 98 18.82 54.95 -35.19
CA ARG H 98 18.83 55.77 -36.40
C ARG H 98 18.76 57.25 -36.06
N ASP H 99 17.84 57.63 -35.17
CA ASP H 99 17.52 59.02 -34.88
C ASP H 99 18.20 59.54 -33.62
N ALA H 100 19.22 58.83 -33.11
CA ALA H 100 19.82 59.20 -31.83
C ALA H 100 20.38 60.62 -31.87
N GLU H 101 20.98 61.02 -32.99
CA GLU H 101 21.49 62.38 -33.10
C GLU H 101 20.35 63.40 -33.08
N LYS H 102 19.31 63.15 -33.89
CA LYS H 102 18.17 64.06 -33.91
C LYS H 102 17.53 64.18 -32.53
N ILE H 103 17.31 63.05 -31.86
CA ILE H 103 16.66 63.09 -30.56
C ILE H 103 17.61 63.69 -29.53
N GLY H 104 18.86 63.25 -29.53
CA GLY H 104 19.80 63.71 -28.50
C GLY H 104 19.99 65.20 -28.51
N ALA H 105 19.99 65.82 -29.69
CA ALA H 105 20.17 67.26 -29.78
C ALA H 105 19.05 68.01 -29.06
N ILE H 106 17.80 67.57 -29.24
CA ILE H 106 16.69 68.23 -28.57
C ILE H 106 16.66 67.86 -27.09
N LEU H 107 17.03 66.62 -26.76
CA LEU H 107 17.16 66.21 -25.37
C LEU H 107 18.20 67.06 -24.64
N SER H 108 19.36 67.24 -25.27
CA SER H 108 20.41 68.07 -24.68
C SER H 108 19.89 69.43 -24.27
N LYS H 109 19.14 70.10 -25.16
CA LYS H 109 18.60 71.42 -24.85
C LYS H 109 17.51 71.35 -23.77
N GLU H 110 16.64 70.34 -23.86
CA GLU H 110 15.45 70.32 -23.02
C GLU H 110 15.81 70.21 -21.54
N VAL H 111 16.85 69.44 -21.21
CA VAL H 111 17.19 69.19 -19.81
C VAL H 111 18.62 69.63 -19.49
N ALA H 112 19.22 70.46 -20.35
CA ALA H 112 20.56 70.99 -20.11
C ALA H 112 21.57 69.87 -19.84
N LYS H 113 21.47 68.81 -20.64
CA LYS H 113 22.43 67.71 -20.62
C LYS H 113 23.41 67.88 -21.77
N GLY H 114 24.67 67.51 -21.53
CA GLY H 114 25.67 67.55 -22.57
C GLY H 114 25.20 66.89 -23.85
N HIS H 115 25.55 67.47 -25.00
CA HIS H 115 25.08 66.95 -26.27
C HIS H 115 25.50 65.48 -26.45
N LYS H 116 26.78 65.18 -26.22
CA LYS H 116 27.24 63.80 -26.36
C LYS H 116 26.53 62.89 -25.36
N ALA H 117 26.41 63.31 -24.10
CA ALA H 117 25.70 62.51 -23.12
C ALA H 117 24.24 62.30 -23.50
N ALA H 118 23.61 63.30 -24.14
CA ALA H 118 22.22 63.18 -24.52
C ALA H 118 22.03 62.16 -25.64
N VAL H 119 22.92 62.18 -26.64
CA VAL H 119 22.88 61.15 -27.67
C VAL H 119 23.12 59.78 -27.04
N SER H 120 24.09 59.68 -26.13
CA SER H 120 24.39 58.41 -25.48
C SER H 120 23.21 57.90 -24.66
N GLU H 121 22.40 58.80 -24.10
CA GLU H 121 21.22 58.36 -23.38
C GLU H 121 20.24 57.67 -24.32
N VAL H 122 20.04 58.22 -25.52
CA VAL H 122 19.17 57.59 -26.51
C VAL H 122 19.72 56.21 -26.89
N ILE H 123 21.03 56.11 -27.14
CA ILE H 123 21.61 54.83 -27.53
C ILE H 123 21.44 53.81 -26.40
N ARG H 124 21.70 54.22 -25.16
CA ARG H 124 21.53 53.32 -24.04
C ARG H 124 20.09 52.84 -23.95
N THR H 125 19.14 53.73 -24.25
CA THR H 125 17.73 53.37 -24.25
C THR H 125 17.46 52.25 -25.25
N ALA H 126 18.01 52.37 -26.46
CA ALA H 126 17.85 51.34 -27.46
C ALA H 126 18.35 50.00 -26.95
N GLU H 127 19.49 50.02 -26.26
CA GLU H 127 20.05 48.77 -25.73
C GLU H 127 19.13 48.16 -24.68
N ILE H 128 18.57 48.98 -23.79
CA ILE H 128 17.65 48.46 -22.79
C ILE H 128 16.39 47.89 -23.44
N ILE H 129 15.89 48.56 -24.48
CA ILE H 129 14.69 48.07 -25.18
C ILE H 129 14.98 46.71 -25.83
N ASN H 130 16.11 46.61 -26.54
CA ASN H 130 16.46 45.32 -27.15
C ASN H 130 16.66 44.25 -26.08
N TYR H 131 17.34 44.60 -24.99
CA TYR H 131 17.62 43.62 -23.95
C TYR H 131 16.34 43.19 -23.26
N ALA H 132 15.42 44.13 -23.02
CA ALA H 132 14.15 43.79 -22.39
C ALA H 132 13.35 42.84 -23.28
N ALA H 133 13.37 43.06 -24.58
CA ALA H 133 12.61 42.22 -25.51
C ALA H 133 13.09 40.78 -25.44
N GLU H 134 14.40 40.58 -25.47
CA GLU H 134 14.94 39.22 -25.48
C GLU H 134 14.84 38.59 -24.09
N GLU H 135 15.03 39.39 -23.03
CA GLU H 135 14.87 38.86 -21.69
C GLU H 135 13.46 38.36 -21.47
N GLY H 136 12.47 39.13 -21.93
CA GLY H 136 11.09 38.82 -21.63
C GLY H 136 10.50 37.71 -22.47
N LEU H 137 11.01 37.53 -23.69
CA LEU H 137 10.40 36.53 -24.56
C LEU H 137 10.76 35.12 -24.17
N ARG H 138 11.79 34.93 -23.33
CA ARG H 138 12.14 33.62 -22.81
C ARG H 138 11.53 33.37 -21.45
N MET H 139 10.55 34.19 -21.05
CA MET H 139 9.86 34.03 -19.79
C MET H 139 9.36 32.60 -19.64
N GLU H 140 9.52 32.05 -18.45
CA GLU H 140 9.13 30.68 -18.16
C GLU H 140 8.19 30.62 -16.98
N GLY H 141 7.28 29.64 -17.03
CA GLY H 141 6.48 29.25 -15.90
C GLY H 141 7.10 28.08 -15.16
N GLU H 142 6.36 27.58 -14.17
CA GLU H 142 6.86 26.50 -13.33
C GLU H 142 5.74 25.50 -13.09
N VAL H 143 6.13 24.28 -12.76
CA VAL H 143 5.20 23.19 -12.47
C VAL H 143 5.51 22.72 -11.06
N LEU H 144 4.53 22.85 -10.16
CA LEU H 144 4.68 22.50 -8.76
C LEU H 144 3.93 21.21 -8.46
N GLU H 145 4.51 20.42 -7.55
CA GLU H 145 4.00 19.10 -7.20
C GLU H 145 3.26 19.18 -5.88
N GLY H 146 2.01 18.72 -5.87
CA GLY H 146 1.28 18.64 -4.63
C GLY H 146 1.93 17.70 -3.64
N GLY H 147 2.55 16.62 -4.13
CA GLY H 147 3.25 15.66 -3.30
C GLY H 147 4.48 16.20 -2.63
N SER H 148 4.90 17.42 -2.96
CA SER H 148 5.93 18.10 -2.18
C SER H 148 5.40 18.52 -0.80
N PHE H 149 4.09 18.63 -0.64
CA PHE H 149 3.52 19.14 0.60
C PHE H 149 2.66 18.14 1.35
N GLU H 150 1.84 17.36 0.64
CA GLU H 150 1.06 16.30 1.27
C GLU H 150 0.95 15.14 0.30
N ALA H 151 0.91 13.93 0.87
CA ALA H 151 0.93 12.71 0.06
C ALA H 151 -0.38 12.54 -0.70
N ALA H 152 -1.50 12.83 -0.05
CA ALA H 152 -2.79 12.64 -0.69
C ALA H 152 -2.97 13.50 -1.94
N SER H 153 -2.13 14.52 -2.12
CA SER H 153 -2.20 15.40 -3.28
C SER H 153 -1.03 15.16 -4.25
N LYS H 154 -0.40 13.98 -4.17
CA LYS H 154 0.76 13.72 -5.02
C LYS H 154 0.42 13.70 -6.50
N LYS H 155 -0.85 13.47 -6.85
CA LYS H 155 -1.28 13.49 -8.25
C LYS H 155 -1.80 14.85 -8.71
N LYS H 156 -1.87 15.83 -7.80
CA LYS H 156 -2.27 17.19 -8.14
C LYS H 156 -1.03 18.01 -8.49
N ILE H 157 -1.07 18.69 -9.64
CA ILE H 157 0.06 19.53 -10.07
C ILE H 157 -0.44 20.91 -10.45
N ALA H 158 0.42 21.92 -10.26
CA ALA H 158 0.10 23.31 -10.54
C ALA H 158 0.93 23.78 -11.72
N ILE H 159 0.25 24.14 -12.81
CA ILE H 159 0.89 24.71 -13.99
C ILE H 159 0.79 26.22 -13.85
N VAL H 160 1.92 26.88 -13.57
CA VAL H 160 1.96 28.29 -13.22
C VAL H 160 2.68 29.02 -14.35
N ARG H 161 1.97 29.93 -15.01
CA ARG H 161 2.49 30.72 -16.11
C ARG H 161 2.39 32.20 -15.78
N ARG H 162 3.18 32.98 -16.50
CA ARG H 162 3.24 34.43 -16.31
C ARG H 162 2.14 35.11 -17.11
N GLU H 163 1.66 36.22 -16.58
CA GLU H 163 0.67 37.06 -17.25
C GLU H 163 0.95 38.52 -16.91
N PRO H 164 0.53 39.43 -17.78
CA PRO H 164 0.71 40.86 -17.47
C PRO H 164 -0.19 41.31 -16.34
N VAL H 165 0.16 42.45 -15.76
CA VAL H 165 -0.69 43.05 -14.72
C VAL H 165 -1.79 43.93 -15.31
N GLY H 166 -1.63 44.44 -16.53
CA GLY H 166 -2.67 45.21 -17.17
C GLY H 166 -2.14 46.49 -17.80
N LEU H 167 -2.65 47.64 -17.34
CA LEU H 167 -2.17 48.95 -17.81
C LEU H 167 -1.12 49.45 -16.83
N VAL H 168 0.07 49.77 -17.35
CA VAL H 168 1.17 50.30 -16.56
C VAL H 168 1.26 51.79 -16.85
N LEU H 169 1.17 52.60 -15.79
CA LEU H 169 1.47 54.02 -15.88
C LEU H 169 2.97 54.20 -15.63
N ALA H 170 3.69 54.68 -16.64
CA ALA H 170 5.11 54.93 -16.54
C ALA H 170 5.35 56.42 -16.47
N ILE H 171 6.08 56.87 -15.44
CA ILE H 171 6.40 58.27 -15.22
C ILE H 171 7.92 58.38 -15.25
N SER H 172 8.45 59.08 -16.27
CA SER H 172 9.89 59.24 -16.42
C SER H 172 10.37 60.51 -15.74
N PRO H 173 11.68 60.62 -15.45
CA PRO H 173 12.19 61.80 -14.73
C PRO H 173 12.88 62.81 -15.65
N PHE H 174 13.05 64.05 -15.18
CA PHE H 174 13.66 65.07 -16.03
C PHE H 174 15.10 64.73 -16.37
N ASN H 175 15.83 64.06 -15.47
CA ASN H 175 17.25 63.81 -15.69
C ASN H 175 17.52 62.62 -16.60
N TYR H 176 16.50 61.80 -16.87
CA TYR H 176 16.58 60.71 -17.84
C TYR H 176 15.22 60.54 -18.51
N PRO H 177 14.79 61.53 -19.30
CA PRO H 177 13.42 61.49 -19.83
C PRO H 177 13.22 60.41 -20.89
N VAL H 178 14.29 59.88 -21.47
CA VAL H 178 14.21 58.81 -22.45
C VAL H 178 14.69 57.49 -21.88
N ASN H 179 15.90 57.48 -21.28
CA ASN H 179 16.45 56.25 -20.72
C ASN H 179 15.51 55.65 -19.69
N LEU H 180 15.01 56.47 -18.76
CA LEU H 180 14.11 55.98 -17.73
C LEU H 180 12.64 56.13 -18.11
N ALA H 181 12.36 56.39 -19.38
CA ALA H 181 11.07 56.04 -19.95
C ALA H 181 11.14 54.63 -20.52
N GLY H 182 12.13 54.38 -21.39
CA GLY H 182 12.25 53.07 -21.99
C GLY H 182 12.51 51.96 -20.98
N SER H 183 13.19 52.29 -19.88
CA SER H 183 13.44 51.30 -18.84
C SER H 183 12.15 50.77 -18.22
N LYS H 184 11.04 51.48 -18.41
CA LYS H 184 9.73 51.06 -17.95
C LYS H 184 8.85 50.54 -19.09
N ILE H 185 8.88 51.18 -20.26
CA ILE H 185 7.99 50.82 -21.36
C ILE H 185 8.32 49.44 -21.91
N ALA H 186 9.60 49.18 -22.18
CA ALA H 186 9.96 47.93 -22.85
C ALA H 186 9.74 46.72 -21.94
N PRO H 187 10.16 46.72 -20.67
CA PRO H 187 9.83 45.57 -19.82
C PRO H 187 8.34 45.36 -19.65
N ALA H 188 7.58 46.46 -19.58
CA ALA H 188 6.13 46.33 -19.46
C ALA H 188 5.54 45.71 -20.73
N LEU H 189 5.98 46.19 -21.90
CA LEU H 189 5.35 45.78 -23.16
C LEU H 189 5.64 44.33 -23.52
N ILE H 190 6.87 43.86 -23.29
CA ILE H 190 7.21 42.51 -23.70
C ILE H 190 6.36 41.51 -22.94
N ALA H 191 5.96 41.84 -21.72
CA ALA H 191 5.18 40.97 -20.86
C ALA H 191 3.69 40.99 -21.19
N GLY H 192 3.27 41.82 -22.14
CA GLY H 192 1.88 41.89 -22.50
C GLY H 192 1.09 42.97 -21.81
N ASN H 193 1.74 43.84 -21.05
CA ASN H 193 1.07 45.01 -20.51
C ASN H 193 0.89 46.06 -21.60
N VAL H 194 -0.14 46.89 -21.44
CA VAL H 194 -0.25 48.14 -22.19
C VAL H 194 0.33 49.24 -21.31
N VAL H 195 0.69 50.36 -21.93
CA VAL H 195 1.49 51.38 -21.28
C VAL H 195 0.98 52.77 -21.63
N ALA H 196 0.95 53.65 -20.63
CA ALA H 196 0.80 55.09 -20.82
C ALA H 196 2.02 55.76 -20.21
N LEU H 197 2.72 56.57 -21.01
CA LEU H 197 3.92 57.27 -20.57
C LEU H 197 3.55 58.70 -20.21
N LYS H 198 3.84 59.09 -18.97
CA LYS H 198 3.70 60.47 -18.54
C LYS H 198 5.09 61.02 -18.30
N PRO H 199 5.67 61.76 -19.23
CA PRO H 199 6.97 62.38 -18.98
C PRO H 199 6.81 63.55 -18.03
N PRO H 200 7.89 64.01 -17.41
CA PRO H 200 7.83 65.30 -16.72
C PRO H 200 7.63 66.39 -17.76
N THR H 201 7.04 67.50 -17.34
CA THR H 201 6.91 68.64 -18.25
C THR H 201 8.26 68.97 -18.88
N GLN H 202 9.27 69.19 -18.05
CA GLN H 202 10.62 69.43 -18.53
C GLN H 202 11.22 68.07 -18.92
N GLY H 203 11.06 67.72 -20.19
CA GLY H 203 11.41 66.40 -20.69
C GLY H 203 10.27 65.78 -21.46
N SER H 204 9.17 66.53 -21.61
CA SER H 204 8.03 66.01 -22.35
C SER H 204 8.30 65.92 -23.84
N ILE H 205 9.08 66.86 -24.39
CA ILE H 205 9.39 66.79 -25.81
C ILE H 205 10.21 65.53 -26.09
N SER H 206 11.18 65.23 -25.24
CA SER H 206 11.99 64.03 -25.45
C SER H 206 11.14 62.76 -25.29
N GLY H 207 10.22 62.74 -24.32
CA GLY H 207 9.33 61.60 -24.18
C GLY H 207 8.45 61.39 -25.39
N LEU H 208 7.97 62.48 -25.99
CA LEU H 208 7.15 62.35 -27.20
C LEU H 208 8.00 61.95 -28.40
N LEU H 209 9.26 62.40 -28.45
CA LEU H 209 10.19 61.93 -29.47
C LEU H 209 10.41 60.43 -29.35
N LEU H 210 10.50 59.93 -28.12
CA LEU H 210 10.58 58.49 -27.93
C LEU H 210 9.31 57.81 -28.44
N ALA H 211 8.15 58.40 -28.18
CA ALA H 211 6.90 57.78 -28.59
C ALA H 211 6.82 57.65 -30.11
N GLU H 212 7.34 58.65 -30.84
CA GLU H 212 7.32 58.57 -32.30
C GLU H 212 8.02 57.31 -32.79
N ALA H 213 9.11 56.92 -32.13
CA ALA H 213 9.82 55.71 -32.56
C ALA H 213 8.97 54.47 -32.40
N PHE H 214 8.22 54.37 -31.30
CA PHE H 214 7.32 53.24 -31.11
C PHE H 214 6.18 53.28 -32.11
N ALA H 215 5.68 54.48 -32.43
CA ALA H 215 4.61 54.62 -33.40
C ALA H 215 5.09 54.23 -34.79
N GLU H 216 6.26 54.71 -35.21
CA GLU H 216 6.79 54.30 -36.49
C GLU H 216 7.00 52.78 -36.53
N ALA H 217 7.48 52.21 -35.43
CA ALA H 217 7.66 50.76 -35.37
C ALA H 217 6.35 50.00 -35.53
N GLY H 218 5.21 50.69 -35.49
CA GLY H 218 3.94 50.04 -35.74
C GLY H 218 3.24 49.49 -34.52
N ILE H 219 3.61 49.93 -33.33
CA ILE H 219 3.00 49.46 -32.09
C ILE H 219 1.49 49.61 -32.26
N PRO H 220 0.68 48.61 -31.94
CA PRO H 220 -0.76 48.71 -32.21
C PRO H 220 -1.40 49.84 -31.43
N ALA H 221 -2.46 50.41 -32.01
CA ALA H 221 -3.14 51.55 -31.42
C ALA H 221 -3.55 51.24 -29.98
N GLY H 222 -3.16 52.11 -29.07
CA GLY H 222 -3.56 52.00 -27.68
C GLY H 222 -2.68 51.11 -26.83
N VAL H 223 -1.81 50.30 -27.44
CA VAL H 223 -0.88 49.50 -26.66
C VAL H 223 0.17 50.39 -25.99
N PHE H 224 0.52 51.51 -26.62
CA PHE H 224 1.41 52.49 -26.04
C PHE H 224 0.86 53.88 -26.34
N ASN H 225 0.68 54.68 -25.30
CA ASN H 225 0.15 56.03 -25.41
C ASN H 225 1.00 56.97 -24.57
N THR H 226 0.82 58.27 -24.78
CA THR H 226 1.51 59.29 -23.99
C THR H 226 0.48 60.22 -23.36
N ILE H 227 0.88 60.82 -22.24
CA ILE H 227 0.11 61.81 -21.52
C ILE H 227 1.05 62.95 -21.16
N THR H 228 0.63 64.19 -21.42
CA THR H 228 1.35 65.38 -20.97
C THR H 228 0.35 66.39 -20.42
N GLY H 229 0.79 67.18 -19.45
CA GLY H 229 -0.08 68.17 -18.86
C GLY H 229 0.49 68.69 -17.55
N ARG H 230 -0.26 69.61 -16.95
CA ARG H 230 0.14 70.28 -15.71
C ARG H 230 -0.25 69.45 -14.50
N GLY H 231 0.65 69.38 -13.52
CA GLY H 231 0.37 68.64 -12.31
C GLY H 231 -0.91 69.08 -11.63
N SER H 232 -1.16 70.40 -11.63
CA SER H 232 -2.34 70.92 -10.96
C SER H 232 -3.63 70.40 -11.57
N VAL H 233 -3.61 69.98 -12.83
CA VAL H 233 -4.80 69.54 -13.55
C VAL H 233 -4.94 68.03 -13.52
N ILE H 234 -3.85 67.30 -13.81
CA ILE H 234 -3.91 65.85 -13.99
C ILE H 234 -2.94 65.09 -13.10
N GLY H 235 -2.15 65.77 -12.27
CA GLY H 235 -1.12 65.11 -11.49
C GLY H 235 -1.59 63.95 -10.64
N ASP H 236 -2.57 64.20 -9.77
CA ASP H 236 -3.13 63.12 -8.97
C ASP H 236 -4.06 62.23 -9.78
N TYR H 237 -4.73 62.82 -10.78
CA TYR H 237 -5.80 62.11 -11.49
C TYR H 237 -5.25 60.90 -12.23
N ILE H 238 -4.06 61.03 -12.84
CA ILE H 238 -3.52 59.93 -13.62
C ILE H 238 -3.17 58.74 -12.75
N VAL H 239 -2.87 58.95 -11.48
CA VAL H 239 -2.47 57.87 -10.57
C VAL H 239 -3.68 57.23 -9.91
N GLU H 240 -4.66 58.04 -9.49
CA GLU H 240 -5.86 57.55 -8.83
C GLU H 240 -6.78 56.79 -9.77
N HIS H 241 -6.68 57.04 -11.07
CA HIS H 241 -7.62 56.46 -12.02
C HIS H 241 -7.68 54.95 -11.87
N GLU H 242 -8.91 54.42 -11.79
CA GLU H 242 -9.09 52.99 -11.55
C GLU H 242 -8.57 52.13 -12.70
N ALA H 243 -8.47 52.68 -13.91
CA ALA H 243 -8.00 51.90 -15.04
C ALA H 243 -6.54 51.50 -14.91
N VAL H 244 -5.76 52.21 -14.10
CA VAL H 244 -4.34 51.93 -13.96
C VAL H 244 -4.14 50.75 -13.03
N ASN H 245 -3.33 49.79 -13.45
CA ASN H 245 -3.07 48.60 -12.65
C ASN H 245 -1.70 48.59 -11.99
N PHE H 246 -0.83 49.53 -12.36
CA PHE H 246 0.57 49.51 -11.95
C PHE H 246 1.15 50.90 -12.19
N ILE H 247 1.89 51.41 -11.21
CA ILE H 247 2.50 52.74 -11.31
C ILE H 247 4.01 52.57 -11.16
N ASN H 248 4.74 52.99 -12.18
CA ASN H 248 6.20 52.82 -12.25
C ASN H 248 6.79 54.21 -12.42
N PHE H 249 7.42 54.73 -11.35
CA PHE H 249 7.76 56.14 -11.24
C PHE H 249 9.23 56.33 -10.90
N THR H 250 9.85 57.30 -11.55
CA THR H 250 11.17 57.81 -11.16
C THR H 250 11.02 59.30 -10.90
N GLY H 251 11.54 59.77 -9.78
CA GLY H 251 11.51 61.20 -9.51
C GLY H 251 11.89 61.51 -8.07
N SER H 252 11.47 62.69 -7.62
CA SER H 252 11.82 63.14 -6.30
C SER H 252 11.10 62.30 -5.24
N THR H 253 11.69 62.28 -4.04
CA THR H 253 11.09 61.50 -2.96
C THR H 253 9.75 62.07 -2.54
N PRO H 254 9.59 63.38 -2.30
CA PRO H 254 8.27 63.90 -1.95
C PRO H 254 7.19 63.51 -2.94
N ILE H 255 7.45 63.64 -4.24
CA ILE H 255 6.45 63.24 -5.22
C ILE H 255 6.20 61.74 -5.13
N GLY H 256 7.27 60.96 -4.93
CA GLY H 256 7.13 59.52 -4.80
C GLY H 256 6.26 59.12 -3.62
N GLU H 257 6.47 59.76 -2.47
CA GLU H 257 5.63 59.48 -1.31
C GLU H 257 4.17 59.82 -1.59
N GLY H 258 3.92 60.89 -2.35
CA GLY H 258 2.55 61.19 -2.75
C GLY H 258 1.92 60.08 -3.57
N ILE H 259 2.67 59.54 -4.54
CA ILE H 259 2.16 58.45 -5.35
C ILE H 259 1.81 57.25 -4.49
N GLY H 260 2.57 57.02 -3.42
CA GLY H 260 2.37 55.82 -2.62
C GLY H 260 0.99 55.73 -2.02
N LYS H 261 0.46 56.84 -1.52
CA LYS H 261 -0.87 56.79 -0.92
C LYS H 261 -1.98 56.77 -1.96
N LEU H 262 -1.78 57.45 -3.09
CA LEU H 262 -2.79 57.42 -4.14
C LEU H 262 -2.88 56.05 -4.80
N ALA H 263 -1.89 55.18 -4.59
CA ALA H 263 -1.86 53.90 -5.30
C ALA H 263 -2.89 52.93 -4.75
N GLY H 264 -3.24 53.04 -3.47
CA GLY H 264 -4.18 52.10 -2.89
C GLY H 264 -3.55 50.72 -2.80
N MET H 265 -4.25 49.71 -3.32
CA MET H 265 -3.77 48.34 -3.32
C MET H 265 -2.84 48.04 -4.49
N ARG H 266 -2.73 48.94 -5.43
CA ARG H 266 -2.07 48.59 -6.68
C ARG H 266 -0.56 48.56 -6.50
N PRO H 267 0.11 47.66 -7.21
CA PRO H 267 1.57 47.59 -7.13
C PRO H 267 2.23 48.80 -7.75
N ILE H 268 3.37 49.20 -7.15
CA ILE H 268 4.11 50.37 -7.60
C ILE H 268 5.59 50.03 -7.58
N MET H 269 6.34 50.75 -8.42
CA MET H 269 7.79 50.83 -8.32
C MET H 269 8.17 52.30 -8.22
N LEU H 270 9.06 52.63 -7.30
CA LEU H 270 9.49 54.00 -7.08
C LEU H 270 11.01 54.05 -7.10
N GLU H 271 11.56 54.96 -7.89
CA GLU H 271 12.98 55.28 -7.90
C GLU H 271 13.10 56.72 -7.41
N LEU H 272 13.62 56.91 -6.20
CA LEU H 272 13.62 58.23 -5.58
C LEU H 272 15.04 58.72 -5.35
N GLY H 273 15.25 59.53 -4.31
CA GLY H 273 16.53 60.19 -4.15
C GLY H 273 17.57 59.30 -3.49
N GLY H 274 18.81 59.80 -3.49
CA GLY H 274 19.89 59.11 -2.82
C GLY H 274 20.81 60.09 -2.13
N LYS H 275 21.60 59.54 -1.20
CA LYS H 275 22.71 60.24 -0.57
C LYS H 275 23.85 59.22 -0.42
N ASP H 276 24.30 58.69 -1.57
CA ASP H 276 25.27 57.60 -1.57
C ASP H 276 26.57 58.01 -0.90
N SER H 277 27.05 57.18 0.01
CA SER H 277 28.33 57.41 0.66
C SER H 277 29.43 56.66 -0.08
N ALA H 278 30.61 57.27 -0.15
CA ALA H 278 31.82 56.63 -0.63
C ALA H 278 32.73 56.49 0.58
N ILE H 279 32.85 55.27 1.10
CA ILE H 279 33.67 54.97 2.26
C ILE H 279 35.09 54.69 1.77
N VAL H 280 36.06 55.45 2.27
CA VAL H 280 37.44 55.35 1.82
C VAL H 280 38.28 54.95 3.02
N LEU H 281 38.78 53.70 3.00
CA LEU H 281 39.56 53.19 4.12
C LEU H 281 41.04 53.54 3.93
N GLU H 282 41.81 53.32 4.99
CA GLU H 282 43.20 53.76 5.02
C GLU H 282 44.07 53.09 3.97
N ASP H 283 43.68 51.90 3.49
CA ASP H 283 44.46 51.17 2.50
C ASP H 283 43.92 51.36 1.08
N ALA H 284 43.14 52.41 0.85
CA ALA H 284 42.47 52.55 -0.44
C ALA H 284 43.43 53.10 -1.49
N ASP H 285 43.18 52.71 -2.75
CA ASP H 285 43.75 53.38 -3.91
C ASP H 285 43.16 54.78 -3.95
N LEU H 286 43.86 55.75 -3.36
CA LEU H 286 43.30 57.08 -3.19
C LEU H 286 43.06 57.77 -4.52
N ALA H 287 43.98 57.61 -5.48
CA ALA H 287 43.81 58.23 -6.78
C ALA H 287 42.60 57.65 -7.49
N LEU H 288 42.42 56.32 -7.39
CA LEU H 288 41.26 55.68 -8.00
C LEU H 288 39.99 56.06 -7.26
N ALA H 289 40.06 56.24 -5.94
CA ALA H 289 38.91 56.74 -5.20
C ALA H 289 38.56 58.16 -5.63
N ALA H 290 39.56 59.04 -5.74
CA ALA H 290 39.29 60.40 -6.17
C ALA H 290 38.70 60.45 -7.58
N LYS H 291 39.24 59.64 -8.49
CA LYS H 291 38.73 59.60 -9.85
C LYS H 291 37.25 59.20 -9.88
N ASN H 292 36.92 58.09 -9.23
CA ASN H 292 35.55 57.59 -9.27
C ASN H 292 34.60 58.51 -8.51
N ILE H 293 35.07 59.07 -7.39
CA ILE H 293 34.22 59.96 -6.60
C ILE H 293 33.87 61.21 -7.40
N VAL H 294 34.86 61.80 -8.06
CA VAL H 294 34.59 63.01 -8.84
C VAL H 294 33.70 62.70 -10.02
N ALA H 295 33.94 61.58 -10.71
CA ALA H 295 33.10 61.22 -11.85
C ALA H 295 31.66 60.98 -11.39
N GLY H 296 31.48 60.21 -10.32
CA GLY H 296 30.14 59.89 -9.88
C GLY H 296 29.41 61.09 -9.28
N ALA H 297 30.13 61.91 -8.53
CA ALA H 297 29.49 62.98 -7.77
C ALA H 297 29.06 64.15 -8.65
N PHE H 298 29.83 64.47 -9.68
CA PHE H 298 29.60 65.66 -10.48
C PHE H 298 29.06 65.35 -11.87
N GLY H 299 28.88 64.08 -12.21
CA GLY H 299 28.25 63.74 -13.47
C GLY H 299 26.91 64.43 -13.61
N TYR H 300 26.65 65.04 -14.76
CA TYR H 300 25.41 65.79 -14.96
C TYR H 300 25.16 66.76 -13.81
N SER H 301 26.25 67.38 -13.32
CA SER H 301 26.20 68.40 -12.27
C SER H 301 25.61 67.88 -10.96
N GLY H 302 25.70 66.56 -10.75
CA GLY H 302 25.15 65.95 -9.56
C GLY H 302 23.65 65.72 -9.56
N GLN H 303 22.99 65.87 -10.70
CA GLN H 303 21.53 65.73 -10.78
C GLN H 303 21.14 64.28 -11.04
N ARG H 304 21.61 63.41 -10.16
CA ARG H 304 21.41 61.98 -10.27
C ARG H 304 21.19 61.38 -8.89
N SER H 305 20.19 60.51 -8.78
CA SER H 305 19.92 59.85 -7.50
C SER H 305 21.06 58.89 -7.13
N THR H 306 21.59 58.18 -8.12
CA THR H 306 22.73 57.29 -7.94
C THR H 306 23.99 58.10 -8.26
N ALA H 307 24.67 58.54 -7.22
CA ALA H 307 25.80 59.44 -7.37
C ALA H 307 26.45 59.57 -6.00
N VAL H 308 27.77 59.56 -5.98
CA VAL H 308 28.46 59.81 -4.73
C VAL H 308 28.05 61.20 -4.23
N LYS H 309 27.43 61.26 -3.06
CA LYS H 309 26.98 62.51 -2.49
C LYS H 309 27.58 62.83 -1.12
N ARG H 310 28.44 61.97 -0.59
CA ARG H 310 29.16 62.26 0.64
C ARG H 310 30.32 61.29 0.74
N VAL H 311 31.48 61.79 1.13
CA VAL H 311 32.69 61.00 1.27
C VAL H 311 32.92 60.80 2.75
N LEU H 312 32.96 59.54 3.18
CA LEU H 312 33.31 59.16 4.55
C LEU H 312 34.71 58.55 4.49
N VAL H 313 35.72 59.34 4.85
CA VAL H 313 37.11 58.97 4.67
C VAL H 313 37.81 58.88 6.01
N MET H 314 38.59 57.82 6.22
CA MET H 314 39.38 57.66 7.43
C MET H 314 40.37 58.81 7.55
N ASP H 315 40.46 59.37 8.76
CA ASP H 315 41.18 60.63 8.91
C ASP H 315 42.62 60.53 8.41
N LYS H 316 43.21 59.34 8.48
CA LYS H 316 44.63 59.20 8.15
C LYS H 316 44.91 59.54 6.68
N VAL H 317 43.96 59.27 5.78
CA VAL H 317 44.17 59.55 4.37
C VAL H 317 43.29 60.71 3.89
N ALA H 318 42.66 61.42 4.82
CA ALA H 318 41.71 62.46 4.44
C ALA H 318 42.39 63.62 3.73
N ASP H 319 43.49 64.13 4.29
CA ASP H 319 44.19 65.25 3.67
C ASP H 319 44.58 64.92 2.23
N GLN H 320 45.20 63.75 2.01
CA GLN H 320 45.63 63.38 0.67
C GLN H 320 44.43 63.21 -0.26
N LEU H 321 43.38 62.52 0.21
CA LEU H 321 42.21 62.32 -0.65
C LEU H 321 41.59 63.65 -1.06
N ALA H 322 41.42 64.56 -0.09
CA ALA H 322 40.82 65.85 -0.40
C ALA H 322 41.63 66.63 -1.43
N ALA H 323 42.96 66.51 -1.38
CA ALA H 323 43.81 67.16 -2.37
C ALA H 323 43.64 66.52 -3.75
N GLU H 324 43.67 65.19 -3.81
CA GLU H 324 43.49 64.50 -5.08
C GLU H 324 42.13 64.81 -5.68
N ILE H 325 41.10 64.91 -4.84
CA ILE H 325 39.78 65.28 -5.35
C ILE H 325 39.78 66.75 -5.78
N LYS H 326 40.38 67.62 -4.97
CA LYS H 326 40.44 69.03 -5.33
C LYS H 326 41.05 69.24 -6.70
N THR H 327 42.13 68.53 -7.01
CA THR H 327 42.78 68.70 -8.30
C THR H 327 41.85 68.34 -9.44
N LEU H 328 41.08 67.25 -9.30
CA LEU H 328 40.20 66.83 -10.37
C LEU H 328 39.00 67.76 -10.52
N VAL H 329 38.42 68.20 -9.40
CA VAL H 329 37.28 69.12 -9.48
C VAL H 329 37.69 70.40 -10.19
N GLU H 330 38.89 70.91 -9.91
CA GLU H 330 39.34 72.15 -10.55
C GLU H 330 39.43 72.00 -12.06
N LYS H 331 39.70 70.79 -12.55
CA LYS H 331 39.81 70.58 -13.99
C LYS H 331 38.47 70.49 -14.69
N LEU H 332 37.38 70.20 -13.96
CA LEU H 332 36.08 70.04 -14.58
C LEU H 332 35.70 71.28 -15.38
N SER H 333 35.11 71.05 -16.55
CA SER H 333 34.63 72.15 -17.40
C SER H 333 33.24 72.60 -16.96
N VAL H 334 33.03 73.91 -17.02
CA VAL H 334 31.80 74.54 -16.52
C VAL H 334 31.24 75.40 -17.63
N GLY H 335 30.08 75.02 -18.16
CA GLY H 335 29.52 75.76 -19.27
C GLY H 335 28.26 75.14 -19.86
N MET H 336 28.14 75.23 -21.17
CA MET H 336 26.86 74.98 -21.81
C MET H 336 26.75 73.55 -22.31
N PRO H 337 25.53 73.03 -22.40
CA PRO H 337 25.35 71.67 -22.93
C PRO H 337 25.92 71.48 -24.31
N GLU H 338 25.77 72.46 -25.22
CA GLU H 338 26.26 72.29 -26.58
C GLU H 338 27.77 72.11 -26.62
N ASP H 339 28.48 72.50 -25.57
CA ASP H 339 29.92 72.38 -25.52
C ASP H 339 30.39 71.16 -24.76
N ASP H 340 29.46 70.31 -24.32
CA ASP H 340 29.78 69.08 -23.58
C ASP H 340 30.57 69.40 -22.31
N ALA H 341 30.22 70.49 -21.66
CA ALA H 341 30.84 70.82 -20.38
C ALA H 341 30.52 69.74 -19.36
N ASP H 342 31.45 69.52 -18.43
CA ASP H 342 31.20 68.59 -17.33
C ASP H 342 30.06 69.10 -16.46
N ILE H 343 30.14 70.37 -16.06
CA ILE H 343 29.15 71.01 -15.19
C ILE H 343 28.29 71.91 -16.07
N THR H 344 27.02 71.55 -16.20
CA THR H 344 26.04 72.33 -16.95
C THR H 344 25.04 72.97 -16.00
N PRO H 345 24.33 74.00 -16.45
CA PRO H 345 23.38 74.66 -15.57
C PRO H 345 22.33 73.69 -15.06
N LEU H 346 21.83 73.96 -13.86
CA LEU H 346 20.84 73.11 -13.23
C LEU H 346 19.47 73.32 -13.86
N ILE H 347 18.55 72.42 -13.51
CA ILE H 347 17.32 72.26 -14.28
C ILE H 347 16.45 73.51 -14.19
N ASP H 348 16.37 74.15 -13.01
CA ASP H 348 15.63 75.40 -12.90
C ASP H 348 16.19 76.20 -11.72
N THR H 349 15.61 77.39 -11.53
CA THR H 349 16.12 78.33 -10.52
C THR H 349 15.92 77.79 -9.12
N SER H 350 14.77 77.16 -8.86
CA SER H 350 14.53 76.57 -7.55
C SER H 350 15.61 75.57 -7.19
N ALA H 351 16.05 74.76 -8.15
CA ALA H 351 17.07 73.76 -7.87
C ALA H 351 18.40 74.42 -7.49
N ALA H 352 18.77 75.49 -8.18
CA ALA H 352 20.03 76.15 -7.88
C ALA H 352 19.96 76.88 -6.53
N ASP H 353 18.83 77.54 -6.25
CA ASP H 353 18.66 78.20 -4.97
C ASP H 353 18.80 77.22 -3.82
N PHE H 354 18.24 76.02 -3.96
CA PHE H 354 18.35 75.02 -2.91
C PHE H 354 19.78 74.57 -2.73
N VAL H 355 20.50 74.39 -3.84
CA VAL H 355 21.91 74.00 -3.76
C VAL H 355 22.73 75.09 -3.09
N GLU H 356 22.51 76.34 -3.48
CA GLU H 356 23.24 77.45 -2.86
C GLU H 356 22.99 77.52 -1.36
N GLY H 357 21.78 77.18 -0.92
CA GLY H 357 21.48 77.23 0.50
C GLY H 357 22.26 76.20 1.29
N LEU H 358 22.43 75.00 0.74
CA LEU H 358 23.26 73.99 1.38
C LEU H 358 24.70 74.47 1.46
N ILE H 359 25.20 75.05 0.37
CA ILE H 359 26.57 75.57 0.36
C ILE H 359 26.74 76.62 1.45
N LYS H 360 25.79 77.55 1.56
CA LYS H 360 25.91 78.61 2.56
C LYS H 360 25.83 78.05 3.98
N ASP H 361 24.95 77.07 4.22
CA ASP H 361 24.86 76.49 5.55
C ASP H 361 26.16 75.81 5.95
N ALA H 362 26.81 75.13 5.00
CA ALA H 362 28.07 74.47 5.29
C ALA H 362 29.17 75.48 5.60
N THR H 363 29.27 76.53 4.77
CA THR H 363 30.25 77.59 5.00
C THR H 363 30.01 78.25 6.36
N ASP H 364 28.76 78.58 6.66
CA ASP H 364 28.45 79.27 7.90
C ASP H 364 28.71 78.40 9.12
N LYS H 365 28.77 77.07 8.96
CA LYS H 365 29.03 76.18 10.08
C LYS H 365 30.49 75.73 10.14
N GLY H 366 31.36 76.25 9.27
CA GLY H 366 32.79 76.05 9.41
C GLY H 366 33.43 75.11 8.42
N ALA H 367 32.70 74.58 7.45
CA ALA H 367 33.33 73.70 6.49
C ALA H 367 34.33 74.46 5.64
N THR H 368 35.33 73.74 5.13
CA THR H 368 36.40 74.33 4.34
C THR H 368 36.09 74.11 2.87
N ALA H 369 35.77 75.20 2.17
CA ALA H 369 35.55 75.15 0.73
C ALA H 369 36.89 74.98 0.04
N LEU H 370 37.09 73.84 -0.62
CA LEU H 370 38.32 73.57 -1.33
C LEU H 370 38.30 74.07 -2.76
N THR H 371 37.11 74.31 -3.31
CA THR H 371 36.95 74.95 -4.60
C THR H 371 35.94 76.08 -4.44
N ALA H 372 36.07 77.09 -5.30
CA ALA H 372 35.30 78.32 -5.16
C ALA H 372 33.88 78.14 -5.68
N PHE H 373 32.93 78.75 -4.98
CA PHE H 373 31.55 78.79 -5.40
C PHE H 373 31.30 79.98 -6.32
N ASN H 374 30.74 79.71 -7.50
CA ASN H 374 30.28 80.75 -8.40
C ASN H 374 28.93 80.31 -8.98
N ARG H 375 28.07 81.29 -9.22
CA ARG H 375 26.78 81.04 -9.85
C ARG H 375 26.54 82.07 -10.93
N GLU H 376 26.33 81.59 -12.16
CA GLU H 376 25.91 82.41 -13.30
C GLU H 376 24.53 81.90 -13.72
N GLY H 377 23.50 82.68 -13.41
CA GLY H 377 22.13 82.20 -13.60
C GLY H 377 21.92 81.00 -12.72
N ASN H 378 21.67 79.85 -13.32
CA ASN H 378 21.55 78.59 -12.60
C ASN H 378 22.76 77.68 -12.83
N LEU H 379 23.85 78.22 -13.37
CA LEU H 379 25.08 77.49 -13.56
C LEU H 379 25.93 77.67 -12.30
N ILE H 380 25.99 76.64 -11.47
CA ILE H 380 26.77 76.67 -10.24
C ILE H 380 28.06 75.91 -10.47
N SER H 381 29.19 76.55 -10.17
CA SER H 381 30.48 75.92 -10.33
C SER H 381 30.66 74.83 -9.27
N PRO H 382 31.45 73.79 -9.57
CA PRO H 382 31.52 72.65 -8.65
C PRO H 382 32.23 73.02 -7.35
N VAL H 383 31.59 72.70 -6.23
CA VAL H 383 32.06 73.10 -4.91
C VAL H 383 32.41 71.86 -4.11
N LEU H 384 33.64 71.82 -3.59
CA LEU H 384 34.11 70.74 -2.73
C LEU H 384 34.27 71.28 -1.31
N PHE H 385 33.75 70.52 -0.35
CA PHE H 385 33.81 70.90 1.06
C PHE H 385 34.51 69.81 1.86
N ASP H 386 35.49 70.20 2.66
CA ASP H 386 36.17 69.34 3.61
C ASP H 386 35.76 69.74 5.02
N HIS H 387 36.00 68.85 5.97
CA HIS H 387 35.67 69.10 7.38
C HIS H 387 34.18 69.36 7.56
N VAL H 388 33.37 68.60 6.83
CA VAL H 388 31.93 68.67 6.99
C VAL H 388 31.54 67.84 8.20
N THR H 389 30.57 68.34 8.97
CA THR H 389 30.12 67.69 10.20
C THR H 389 28.62 67.38 10.12
N THR H 390 28.17 66.52 11.03
CA THR H 390 26.80 66.00 10.97
C THR H 390 25.75 67.05 11.33
N ASP H 391 26.14 68.23 11.82
CA ASP H 391 25.18 69.31 12.03
C ASP H 391 24.90 70.13 10.78
N MET H 392 25.63 69.88 9.69
CA MET H 392 25.46 70.61 8.45
C MET H 392 24.42 69.91 7.57
N ARG H 393 23.55 70.72 6.93
CA ARG H 393 22.54 70.16 6.05
C ARG H 393 23.16 69.35 4.91
N LEU H 394 24.33 69.77 4.43
CA LEU H 394 24.97 69.11 3.32
C LEU H 394 25.37 67.68 3.66
N ALA H 395 25.49 67.36 4.94
CA ALA H 395 25.82 66.00 5.32
C ALA H 395 24.71 65.02 4.97
N TRP H 396 23.47 65.51 4.80
CA TRP H 396 22.29 64.65 4.76
C TRP H 396 21.38 64.89 3.56
N GLU H 397 21.07 66.15 3.25
CA GLU H 397 20.08 66.45 2.22
C GLU H 397 20.66 66.25 0.83
N GLU H 398 19.87 65.64 -0.04
CA GLU H 398 20.27 65.43 -1.43
C GLU H 398 20.27 66.76 -2.18
N PRO H 399 21.42 67.27 -2.64
CA PRO H 399 21.38 68.58 -3.30
C PRO H 399 20.78 68.55 -4.69
N PHE H 400 21.07 67.50 -5.47
CA PHE H 400 20.85 67.49 -6.91
C PHE H 400 21.58 68.68 -7.54
N GLY H 401 22.87 68.79 -7.22
CA GLY H 401 23.71 69.86 -7.66
C GLY H 401 25.17 69.57 -7.40
N PRO H 402 26.07 70.33 -8.04
CA PRO H 402 27.51 70.02 -8.01
C PRO H 402 28.20 70.48 -6.72
N VAL H 403 27.90 69.79 -5.63
CA VAL H 403 28.51 70.07 -4.34
C VAL H 403 28.73 68.75 -3.62
N LEU H 404 29.93 68.58 -3.03
CA LEU H 404 30.34 67.31 -2.47
C LEU H 404 31.00 67.52 -1.11
N PRO H 405 30.43 66.94 -0.05
CA PRO H 405 31.07 67.04 1.28
C PRO H 405 32.01 65.89 1.57
N ILE H 406 33.13 66.22 2.21
CA ILE H 406 34.06 65.24 2.75
C ILE H 406 33.89 65.22 4.27
N ILE H 407 33.50 64.07 4.80
CA ILE H 407 33.27 63.91 6.22
C ILE H 407 34.32 62.93 6.74
N ARG H 408 35.13 63.39 7.69
CA ARG H 408 36.20 62.59 8.24
C ARG H 408 35.70 61.72 9.39
N VAL H 409 36.11 60.45 9.39
CA VAL H 409 35.73 59.49 10.40
C VAL H 409 36.99 58.85 10.94
N THR H 410 36.87 58.22 12.12
CA THR H 410 38.01 57.56 12.75
C THR H 410 37.93 56.04 12.73
N THR H 411 36.74 55.47 12.59
CA THR H 411 36.57 54.03 12.52
C THR H 411 35.59 53.69 11.40
N VAL H 412 35.67 52.45 10.91
CA VAL H 412 34.70 52.01 9.92
C VAL H 412 33.33 51.84 10.58
N GLU H 413 33.31 51.52 11.88
CA GLU H 413 32.05 51.55 12.62
C GLU H 413 31.38 52.91 12.49
N GLU H 414 32.15 53.99 12.61
CA GLU H 414 31.60 55.33 12.48
C GLU H 414 31.13 55.61 11.06
N ALA H 415 31.90 55.17 10.06
CA ALA H 415 31.47 55.33 8.67
C ALA H 415 30.17 54.58 8.42
N ILE H 416 30.03 53.37 8.99
CA ILE H 416 28.81 52.60 8.81
C ILE H 416 27.64 53.30 9.51
N LYS H 417 27.86 53.82 10.71
CA LYS H 417 26.78 54.43 11.47
C LYS H 417 26.30 55.72 10.80
N ILE H 418 27.23 56.57 10.37
CA ILE H 418 26.85 57.80 9.68
C ILE H 418 26.13 57.46 8.39
N SER H 419 26.64 56.50 7.62
CA SER H 419 26.01 56.12 6.36
C SER H 419 24.56 55.71 6.58
N ASN H 420 24.33 54.83 7.55
CA ASN H 420 22.99 54.29 7.80
C ASN H 420 22.05 55.29 8.46
N GLU H 421 22.58 56.34 9.09
CA GLU H 421 21.72 57.36 9.66
C GLU H 421 20.95 58.15 8.59
N SER H 422 21.39 58.10 7.33
CA SER H 422 20.66 58.76 6.27
C SER H 422 19.30 58.11 6.10
N GLU H 423 18.31 58.92 5.70
CA GLU H 423 17.03 58.37 5.31
C GLU H 423 17.07 57.71 3.95
N TYR H 424 18.12 57.94 3.17
CA TYR H 424 18.30 57.33 1.87
C TYR H 424 19.17 56.08 1.98
N GLY H 425 18.97 55.16 1.04
CA GLY H 425 19.75 53.95 1.02
C GLY H 425 19.79 53.36 -0.37
N LEU H 426 20.28 54.14 -1.33
CA LEU H 426 20.26 53.69 -2.72
C LEU H 426 21.48 52.82 -2.98
N GLN H 427 22.66 53.42 -3.01
CA GLN H 427 23.90 52.68 -3.20
C GLN H 427 24.99 53.26 -2.31
N ALA H 428 26.13 52.57 -2.30
CA ALA H 428 27.31 52.98 -1.57
C ALA H 428 28.54 52.45 -2.30
N SER H 429 29.67 53.11 -2.09
CA SER H 429 30.95 52.68 -2.62
C SER H 429 31.90 52.40 -1.46
N ILE H 430 32.74 51.37 -1.62
CA ILE H 430 33.76 51.05 -0.64
C ILE H 430 35.09 50.97 -1.36
N PHE H 431 36.06 51.78 -0.92
CA PHE H 431 37.38 51.82 -1.52
C PHE H 431 38.38 51.27 -0.49
N THR H 432 38.96 50.12 -0.81
CA THR H 432 39.89 49.42 0.06
C THR H 432 40.50 48.27 -0.72
N THR H 433 41.64 47.79 -0.22
CA THR H 433 42.30 46.61 -0.76
C THR H 433 41.85 45.33 -0.06
N ASN H 434 41.10 45.43 1.04
CA ASN H 434 40.66 44.28 1.81
C ASN H 434 39.21 43.95 1.42
N PHE H 435 39.04 43.02 0.49
CA PHE H 435 37.71 42.74 -0.03
C PHE H 435 36.85 41.93 0.94
N PRO H 436 37.41 40.98 1.69
CA PRO H 436 36.59 40.32 2.72
C PRO H 436 36.02 41.30 3.72
N LYS H 437 36.85 42.25 4.17
CA LYS H 437 36.36 43.32 5.03
C LYS H 437 35.32 44.17 4.32
N ALA H 438 35.59 44.54 3.06
CA ALA H 438 34.62 45.34 2.31
C ALA H 438 33.30 44.61 2.17
N PHE H 439 33.34 43.28 2.00
CA PHE H 439 32.11 42.51 1.92
C PHE H 439 31.34 42.53 3.25
N GLY H 440 32.06 42.42 4.37
CA GLY H 440 31.39 42.51 5.65
C GLY H 440 30.82 43.89 5.92
N ILE H 441 31.48 44.94 5.42
CA ILE H 441 30.90 46.27 5.52
C ILE H 441 29.63 46.36 4.67
N ALA H 442 29.68 45.82 3.44
CA ALA H 442 28.51 45.87 2.57
C ALA H 442 27.28 45.25 3.22
N GLU H 443 27.48 44.18 4.01
CA GLU H 443 26.36 43.52 4.67
C GLU H 443 25.69 44.44 5.68
N GLN H 444 26.44 45.35 6.28
CA GLN H 444 25.90 46.26 7.29
C GLN H 444 25.31 47.53 6.70
N LEU H 445 25.62 47.85 5.44
CA LEU H 445 25.14 49.09 4.84
C LEU H 445 23.71 48.91 4.36
N GLU H 446 22.83 49.81 4.79
CA GLU H 446 21.40 49.78 4.46
C GLU H 446 21.20 50.45 3.11
N VAL H 447 21.58 49.70 2.06
CA VAL H 447 21.52 50.16 0.69
C VAL H 447 21.17 48.98 -0.21
N GLY H 448 20.75 49.29 -1.43
CA GLY H 448 20.48 48.26 -2.41
C GLY H 448 21.72 47.66 -3.05
N THR H 449 22.70 48.48 -3.39
CA THR H 449 23.88 48.01 -4.10
C THR H 449 25.13 48.66 -3.53
N VAL H 450 26.17 47.85 -3.35
CA VAL H 450 27.47 48.31 -2.89
C VAL H 450 28.48 48.02 -4.00
N HIS H 451 29.21 49.04 -4.42
CA HIS H 451 30.25 48.92 -5.44
C HIS H 451 31.61 48.99 -4.75
N LEU H 452 32.45 47.99 -5.01
CA LEU H 452 33.78 47.93 -4.41
C LEU H 452 34.80 48.56 -5.36
N ASN H 453 35.55 49.53 -4.87
CA ASN H 453 36.56 50.24 -5.65
C ASN H 453 36.00 50.79 -6.95
N ASN H 454 34.77 51.32 -6.89
CA ASN H 454 34.17 51.95 -8.04
C ASN H 454 33.07 52.90 -7.57
N LYS H 455 32.82 53.94 -8.37
CA LYS H 455 31.70 54.82 -8.11
C LYS H 455 30.39 54.04 -8.10
N THR H 456 29.39 54.57 -7.40
CA THR H 456 28.06 54.01 -7.49
C THR H 456 27.50 54.26 -8.89
N GLN H 457 26.58 53.38 -9.32
CA GLN H 457 26.04 53.45 -10.66
C GLN H 457 24.88 52.48 -10.81
N ARG H 458 23.96 52.82 -11.71
CA ARG H 458 22.82 51.96 -12.01
C ARG H 458 23.22 50.76 -12.87
N GLY H 459 24.22 50.91 -13.73
CA GLY H 459 24.55 49.88 -14.69
C GLY H 459 25.40 48.76 -14.10
N THR H 460 25.57 47.70 -14.90
CA THR H 460 24.93 47.48 -16.19
C THR H 460 23.45 47.19 -15.98
N ASP H 461 22.63 47.56 -16.95
CA ASP H 461 21.19 47.57 -16.75
C ASP H 461 20.60 46.18 -16.57
N ASN H 462 21.40 45.12 -16.71
CA ASN H 462 20.93 43.80 -16.33
C ASN H 462 21.05 43.56 -14.83
N PHE H 463 21.90 44.31 -14.12
CA PHE H 463 22.03 44.17 -12.69
C PHE H 463 20.80 44.73 -11.98
N PRO H 464 20.49 44.23 -10.77
CA PRO H 464 19.39 44.83 -10.02
C PRO H 464 19.69 46.27 -9.66
N PHE H 465 18.65 47.09 -9.67
CA PHE H 465 18.74 48.48 -9.22
C PHE H 465 17.61 48.73 -8.23
N LEU H 466 17.97 48.97 -6.98
CA LEU H 466 16.99 49.17 -5.94
C LEU H 466 17.57 50.06 -4.85
N GLY H 467 16.67 50.65 -4.07
CA GLY H 467 17.07 51.44 -2.91
C GLY H 467 16.21 51.12 -1.70
N ALA H 468 16.87 51.15 -0.53
CA ALA H 468 16.18 50.94 0.74
C ALA H 468 15.63 52.26 1.29
N LYS H 469 14.81 52.15 2.34
CA LYS H 469 14.28 53.31 3.07
C LYS H 469 13.60 54.24 2.08
N LYS H 470 13.88 55.53 2.10
CA LYS H 470 13.17 56.48 1.26
C LYS H 470 13.72 56.56 -0.17
N SER H 471 14.67 55.70 -0.54
CA SER H 471 15.21 55.72 -1.88
C SER H 471 14.32 55.00 -2.89
N GLY H 472 13.25 54.36 -2.47
CA GLY H 472 12.27 53.86 -3.41
C GLY H 472 11.63 52.56 -2.96
N ALA H 473 11.03 51.89 -3.93
CA ALA H 473 10.30 50.65 -3.69
C ALA H 473 10.35 49.80 -4.95
N GLY H 474 10.54 48.50 -4.78
CA GLY H 474 10.66 47.59 -5.89
C GLY H 474 12.09 47.48 -6.41
N VAL H 475 12.30 46.49 -7.26
CA VAL H 475 13.62 46.17 -7.78
C VAL H 475 13.60 46.34 -9.29
N GLN H 476 14.46 47.21 -9.81
CA GLN H 476 14.55 47.45 -11.24
C GLN H 476 15.83 46.79 -11.78
N GLY H 477 16.24 47.21 -12.96
CA GLY H 477 17.06 46.31 -13.78
C GLY H 477 16.16 45.40 -14.60
N VAL H 478 16.65 45.00 -15.79
CA VAL H 478 15.75 44.54 -16.85
C VAL H 478 14.88 43.39 -16.38
N LYS H 479 15.51 42.25 -16.03
CA LYS H 479 14.69 41.08 -15.69
C LYS H 479 13.87 41.33 -14.43
N TYR H 480 14.38 42.13 -13.50
CA TYR H 480 13.66 42.40 -12.27
C TYR H 480 12.45 43.29 -12.53
N SER H 481 12.57 44.23 -13.48
CA SER H 481 11.43 45.08 -13.82
CA SER H 481 11.42 45.08 -13.81
C SER H 481 10.35 44.29 -14.55
N ILE H 482 10.76 43.32 -15.38
CA ILE H 482 9.79 42.45 -16.05
C ILE H 482 9.01 41.65 -15.00
N GLU H 483 9.72 40.96 -14.11
CA GLU H 483 9.04 40.19 -13.08
C GLU H 483 8.12 41.06 -12.24
N ALA H 484 8.51 42.32 -11.99
CA ALA H 484 7.68 43.20 -11.16
C ALA H 484 6.35 43.50 -11.83
N MET H 485 6.34 43.69 -13.16
CA MET H 485 5.13 44.04 -13.89
C MET H 485 4.47 42.83 -14.51
N THR H 486 4.75 41.64 -13.98
CA THR H 486 4.01 40.45 -14.35
C THR H 486 3.37 39.87 -13.10
N THR H 487 2.31 39.13 -13.29
CA THR H 487 1.73 38.32 -12.22
C THR H 487 1.71 36.87 -12.70
N VAL H 488 0.96 36.04 -12.00
CA VAL H 488 0.96 34.60 -12.20
C VAL H 488 -0.47 34.11 -12.35
N LYS H 489 -0.64 33.06 -13.14
CA LYS H 489 -1.92 32.40 -13.36
C LYS H 489 -1.68 30.91 -13.21
N SER H 490 -2.25 30.32 -12.17
CA SER H 490 -2.04 28.93 -11.83
C SER H 490 -3.23 28.09 -12.28
N VAL H 491 -2.97 27.01 -13.01
CA VAL H 491 -3.99 26.05 -13.42
C VAL H 491 -3.64 24.72 -12.75
N VAL H 492 -4.53 24.24 -11.89
CA VAL H 492 -4.29 23.04 -11.09
C VAL H 492 -5.25 21.94 -11.50
N PHE H 493 -4.71 20.72 -11.64
CA PHE H 493 -5.54 19.59 -12.03
C PHE H 493 -4.90 18.30 -11.50
N ASP H 494 -5.67 17.23 -11.52
CA ASP H 494 -5.23 15.95 -10.97
C ASP H 494 -4.92 14.99 -12.10
N ILE H 495 -3.72 14.39 -12.05
CA ILE H 495 -3.35 13.36 -13.00
C ILE H 495 -4.12 12.08 -12.66
N GLN H 496 -4.61 11.41 -13.69
CA GLN H 496 -5.34 10.16 -13.54
C GLN H 496 -4.64 9.04 -14.33
#